data_9J1L
#
_entry.id   9J1L
#
_cell.length_a   1.00
_cell.length_b   1.00
_cell.length_c   1.00
_cell.angle_alpha   90.00
_cell.angle_beta   90.00
_cell.angle_gamma   90.00
#
_symmetry.space_group_name_H-M   'P 1'
#
loop_
_entity.id
_entity.type
_entity.pdbx_description
1 polymer Alpha-amylase
2 polymer FtbP
3 polymer FtbO
4 polymer FtbO
5 non-polymer 'FE (III) ION'
#
loop_
_entity_poly.entity_id
_entity_poly.type
_entity_poly.pdbx_seq_one_letter_code
_entity_poly.pdbx_strand_id
1 'polypeptide(L)'
;MKLDLWKWEMLLQGREFRNKTNDNWQKLMDWSDFISTGLSAIYVYVNKADATLNNKIDTVDKAVNARVNELISGTEQLSE
VVDARSDAFGARYPVLRERLNQEQLNFSKKSTIQFDASTIISMEKQDIGLLTSKKISEAQTVCFLNISSLDEEADIVLEK
TGETSFSDNLTSLVFAKIGTNERYQMEPVGA
;
1,N,n
2 'polypeptide(L)'
;MTKIVKMSEKNEHGTLEQFYPETHAEAVKGLVSVSEEEKTIWDQKESTAGAEQKANTALNSAKDYVDTIGEGTVIFKGAN
LMGAGQSFKWDASKLKFGMTLLFSRYDAANNTPQDYYYHSVFLSKAQLVELAGKGILVQMPSTTYGDRKYLYVSTTGLSG
HFDNSNYAAWALRQVTIM
;
2,A,B,C,I,P,Q,R,p
3 'polypeptide(L)'
;MTEIKRMLQTKEDNSKEQFYPETHVAGIVGLTEYVSGQLPTGVVSVNGKAGRVLLDAEDVHAAKKSHTHEVATYTTDGFM
SSFDKQKIDQLVSPEAGVTSINGKTGIVDLFASDLDAAEINHTHAEATTTESGFLSIDDKEKLDAIQVIALETIKEVIE
;
3,o
4 'polypeptide(L)'
;MTEIKRMLQTKEDNSKEQFYPETHVAGIVGLTEYVSGQLPTGVVSVNGKAGRVLLDAEDVHAAKKSHTHEVATYTTDGFM
SSFDKQKIDQLVSPEAGVTSINGKTGIVDLFASDLDAAEINHTHAEATTTESGFLSIDDKEKLDAI
;
O
#
# COMPACT_ATOMS: atom_id res chain seq x y z
N MET A 1 -49.14 -2.48 21.47
CA MET A 1 -47.97 -2.02 22.22
C MET A 1 -48.32 -0.83 23.09
N LYS A 2 -47.51 -0.60 24.12
CA LYS A 2 -47.72 0.53 25.01
C LYS A 2 -47.40 1.84 24.28
N LEU A 3 -48.30 2.81 24.41
CA LEU A 3 -48.09 4.12 23.83
C LEU A 3 -47.08 4.89 24.66
N ASP A 4 -45.91 5.15 24.08
CA ASP A 4 -44.85 5.91 24.75
C ASP A 4 -44.59 7.17 23.93
N LEU A 5 -44.63 8.32 24.59
CA LEU A 5 -44.50 9.60 23.92
C LEU A 5 -43.36 10.40 24.53
N TRP A 6 -42.99 11.48 23.86
CA TRP A 6 -41.87 12.33 24.26
C TRP A 6 -42.38 13.68 24.73
N LYS A 7 -41.88 14.12 25.89
CA LYS A 7 -42.29 15.39 26.47
C LYS A 7 -41.44 16.52 25.88
N TRP A 8 -41.69 17.76 26.32
CA TRP A 8 -41.14 18.93 25.65
C TRP A 8 -40.48 19.95 26.57
N GLU A 9 -40.45 19.72 27.89
CA GLU A 9 -40.25 20.82 28.83
C GLU A 9 -38.91 21.51 28.67
N MET A 10 -37.93 20.89 28.02
CA MET A 10 -36.68 21.59 27.74
C MET A 10 -36.92 22.70 26.75
N LEU A 11 -36.31 23.87 27.00
CA LEU A 11 -36.48 25.00 26.10
C LEU A 11 -35.64 24.81 24.84
N LEU A 12 -36.24 24.22 23.81
CA LEU A 12 -35.54 23.95 22.56
C LEU A 12 -36.55 23.89 21.43
N GLN A 13 -36.21 24.53 20.30
CA GLN A 13 -36.93 24.36 19.03
C GLN A 13 -35.86 24.18 17.95
N GLY A 14 -35.44 22.93 17.73
CA GLY A 14 -34.36 22.65 16.80
C GLY A 14 -34.61 21.46 15.91
N ARG A 15 -33.57 20.64 15.69
CA ARG A 15 -33.68 19.50 14.80
C ARG A 15 -34.15 18.25 15.55
N GLU A 16 -33.55 17.98 16.71
CA GLU A 16 -33.98 16.84 17.50
C GLU A 16 -35.40 17.01 18.00
N PHE A 17 -35.81 18.25 18.30
CA PHE A 17 -37.21 18.51 18.65
C PHE A 17 -38.14 18.07 17.53
N ARG A 18 -37.85 18.47 16.29
CA ARG A 18 -38.67 18.06 15.16
C ARG A 18 -38.66 16.55 15.00
N ASN A 19 -37.48 15.93 15.13
CA ASN A 19 -37.38 14.48 14.93
C ASN A 19 -38.21 13.73 15.96
N LYS A 20 -38.12 14.12 17.23
CA LYS A 20 -38.85 13.39 18.26
C LYS A 20 -40.35 13.68 18.20
N THR A 21 -40.75 14.87 17.76
CA THR A 21 -42.18 15.11 17.57
C THR A 21 -42.73 14.29 16.42
N ASN A 22 -41.97 14.18 15.32
CA ASN A 22 -42.38 13.31 14.23
C ASN A 22 -42.47 11.86 14.67
N ASP A 23 -41.53 11.43 15.52
CA ASP A 23 -41.59 10.09 16.09
C ASP A 23 -42.83 9.93 16.96
N ASN A 24 -43.22 10.98 17.70
CA ASN A 24 -44.45 10.94 18.48
C ASN A 24 -45.65 10.70 17.59
N TRP A 25 -45.73 11.44 16.48
CA TRP A 25 -46.83 11.25 15.54
C TRP A 25 -46.84 9.84 14.97
N GLN A 26 -45.66 9.32 14.61
CA GLN A 26 -45.58 7.98 14.04
C GLN A 26 -46.00 6.92 15.05
N LYS A 27 -45.60 7.08 16.32
CA LYS A 27 -46.00 6.14 17.35
C LYS A 27 -47.50 6.18 17.58
N LEU A 28 -48.09 7.38 17.52
CA LEU A 28 -49.54 7.49 17.63
C LEU A 28 -50.23 6.73 16.50
N MET A 29 -49.73 6.90 15.27
CA MET A 29 -50.31 6.20 14.13
C MET A 29 -50.21 4.68 14.31
N ASP A 30 -49.04 4.21 14.75
CA ASP A 30 -48.86 2.77 14.92
C ASP A 30 -49.77 2.22 16.01
N TRP A 31 -49.93 2.95 17.11
CA TRP A 31 -50.82 2.50 18.17
C TRP A 31 -52.26 2.48 17.69
N SER A 32 -52.65 3.44 16.85
CA SER A 32 -53.99 3.43 16.29
C SER A 32 -54.21 2.19 15.43
N ASP A 33 -53.23 1.84 14.60
CA ASP A 33 -53.34 0.63 13.79
C ASP A 33 -53.46 -0.60 14.68
N PHE A 34 -52.66 -0.67 15.75
CA PHE A 34 -52.73 -1.81 16.66
C PHE A 34 -54.11 -1.92 17.31
N ILE A 35 -54.69 -0.78 17.72
CA ILE A 35 -56.00 -0.80 18.35
C ILE A 35 -57.06 -1.27 17.37
N SER A 36 -57.00 -0.81 16.13
CA SER A 36 -57.97 -1.25 15.14
C SER A 36 -57.85 -2.75 14.90
N THR A 37 -56.62 -3.27 14.82
CA THR A 37 -56.43 -4.71 14.66
C THR A 37 -57.00 -5.47 15.85
N GLY A 38 -56.80 -4.95 17.07
CA GLY A 38 -57.37 -5.59 18.24
C GLY A 38 -58.89 -5.62 18.20
N LEU A 39 -59.51 -4.54 17.74
CA LEU A 39 -60.96 -4.49 17.62
C LEU A 39 -61.47 -5.55 16.65
N SER A 40 -60.81 -5.66 15.48
CA SER A 40 -61.21 -6.68 14.51
C SER A 40 -61.01 -8.08 15.08
N ALA A 41 -59.94 -8.28 15.83
CA ALA A 41 -59.71 -9.59 16.46
C ALA A 41 -60.81 -9.91 17.48
N ILE A 42 -61.27 -8.90 18.22
CA ILE A 42 -62.39 -9.09 19.14
C ILE A 42 -63.60 -9.60 18.38
N TYR A 43 -63.93 -8.93 17.27
CA TYR A 43 -65.11 -9.33 16.50
C TYR A 43 -64.97 -10.77 16.01
N VAL A 44 -63.79 -11.11 15.48
CA VAL A 44 -63.57 -12.45 14.92
C VAL A 44 -63.68 -13.50 16.01
N TYR A 45 -63.06 -13.26 17.16
CA TYR A 45 -63.09 -14.22 18.25
C TYR A 45 -64.50 -14.45 18.75
N VAL A 46 -65.27 -13.38 18.93
CA VAL A 46 -66.66 -13.50 19.38
C VAL A 46 -67.47 -14.32 18.38
N ASN A 47 -67.32 -14.00 17.09
CA ASN A 47 -68.07 -14.71 16.07
C ASN A 47 -67.73 -16.19 16.05
N LYS A 48 -66.44 -16.52 16.16
CA LYS A 48 -66.03 -17.93 16.14
C LYS A 48 -66.61 -18.70 17.33
N ALA A 49 -66.53 -18.11 18.52
CA ALA A 49 -67.06 -18.79 19.70
C ALA A 49 -68.57 -18.99 19.59
N ASP A 50 -69.30 -17.97 19.13
CA ASP A 50 -70.75 -18.10 19.01
C ASP A 50 -71.13 -19.13 17.95
N ALA A 51 -70.38 -19.18 16.85
CA ALA A 51 -70.64 -20.19 15.83
C ALA A 51 -70.39 -21.59 16.38
N THR A 52 -69.34 -21.76 17.18
CA THR A 52 -69.10 -23.07 17.79
C THR A 52 -70.26 -23.47 18.70
N LEU A 53 -70.75 -22.54 19.51
CA LEU A 53 -71.88 -22.86 20.39
C LEU A 53 -73.12 -23.22 19.58
N ASN A 54 -73.38 -22.48 18.50
CA ASN A 54 -74.54 -22.76 17.67
C ASN A 54 -74.44 -24.14 17.02
N ASN A 55 -73.24 -24.50 16.53
CA ASN A 55 -73.08 -25.85 15.99
C ASN A 55 -73.28 -26.90 17.06
N LYS A 56 -72.81 -26.65 18.29
CA LYS A 56 -72.97 -27.61 19.36
C LYS A 56 -74.45 -27.86 19.64
N ILE A 57 -75.25 -26.80 19.76
CA ILE A 57 -76.67 -26.99 20.01
C ILE A 57 -77.35 -27.67 18.82
N ASP A 58 -76.91 -27.36 17.59
CA ASP A 58 -77.48 -28.01 16.42
C ASP A 58 -77.27 -29.52 16.47
N THR A 59 -76.04 -29.96 16.80
CA THR A 59 -75.79 -31.41 16.89
C THR A 59 -76.56 -32.02 18.04
N VAL A 60 -76.71 -31.30 19.16
CA VAL A 60 -77.52 -31.82 20.27
C VAL A 60 -78.94 -32.10 19.78
N ASP A 61 -79.56 -31.12 19.13
CA ASP A 61 -80.94 -31.28 18.68
C ASP A 61 -81.05 -32.43 17.69
N LYS A 62 -80.17 -32.46 16.69
CA LYS A 62 -80.27 -33.49 15.67
C LYS A 62 -80.06 -34.88 16.25
N ALA A 63 -79.08 -35.03 17.14
CA ALA A 63 -78.80 -36.34 17.72
C ALA A 63 -79.97 -36.84 18.56
N VAL A 64 -80.51 -35.98 19.43
CA VAL A 64 -81.60 -36.43 20.29
C VAL A 64 -82.85 -36.71 19.47
N ASN A 65 -83.10 -35.91 18.43
CA ASN A 65 -84.26 -36.15 17.58
C ASN A 65 -84.12 -37.48 16.84
N ALA A 66 -82.93 -37.76 16.32
CA ALA A 66 -82.71 -39.04 15.64
C ALA A 66 -82.88 -40.21 16.60
N ARG A 67 -82.39 -40.07 17.82
CA ARG A 67 -82.53 -41.17 18.78
C ARG A 67 -84.00 -41.43 19.09
N VAL A 68 -84.78 -40.38 19.33
CA VAL A 68 -86.19 -40.60 19.65
C VAL A 68 -86.93 -41.17 18.43
N ASN A 69 -86.58 -40.70 17.23
CA ASN A 69 -87.22 -41.23 16.02
C ASN A 69 -86.90 -42.69 15.82
N GLU A 70 -85.65 -43.09 16.08
CA GLU A 70 -85.28 -44.50 15.97
C GLU A 70 -86.00 -45.34 17.00
N LEU A 71 -86.15 -44.82 18.22
CA LEU A 71 -86.91 -45.56 19.23
C LEU A 71 -88.37 -45.72 18.84
N ILE A 72 -88.97 -44.68 18.26
CA ILE A 72 -90.38 -44.76 17.86
C ILE A 72 -90.58 -45.80 16.76
N SER A 73 -89.70 -45.78 15.75
CA SER A 73 -89.87 -46.59 14.56
C SER A 73 -88.74 -47.61 14.42
N GLY A 74 -88.40 -48.29 15.51
CA GLY A 74 -87.35 -49.29 15.47
C GLY A 74 -87.79 -50.66 15.93
N THR A 75 -87.06 -51.69 15.53
CA THR A 75 -87.35 -53.06 15.93
C THR A 75 -86.05 -53.83 16.05
N GLU A 76 -86.04 -54.81 16.95
CA GLU A 76 -84.87 -55.64 17.20
C GLU A 76 -84.90 -56.86 16.30
N GLN A 77 -83.79 -57.13 15.63
CA GLN A 77 -83.68 -58.32 14.80
C GLN A 77 -83.61 -59.57 15.67
N LEU A 78 -83.94 -60.71 15.06
CA LEU A 78 -83.88 -61.97 15.79
C LEU A 78 -82.47 -62.30 16.23
N SER A 79 -81.48 -62.07 15.37
CA SER A 79 -80.07 -62.25 15.70
C SER A 79 -79.35 -60.96 15.37
N GLU A 80 -79.33 -60.04 16.34
CA GLU A 80 -78.67 -58.76 16.17
C GLU A 80 -77.36 -58.63 16.94
N VAL A 81 -77.25 -59.28 18.09
CA VAL A 81 -76.03 -59.20 18.91
C VAL A 81 -75.03 -60.26 18.51
N VAL A 82 -75.51 -61.49 18.29
CA VAL A 82 -74.60 -62.60 17.99
C VAL A 82 -73.86 -62.35 16.68
N ASP A 83 -74.56 -61.89 15.65
CA ASP A 83 -73.91 -61.63 14.38
C ASP A 83 -73.14 -60.32 14.38
N ALA A 84 -73.37 -59.46 15.36
CA ALA A 84 -72.59 -58.23 15.50
C ALA A 84 -71.39 -58.42 16.41
N ARG A 85 -70.60 -59.46 16.10
CA ARG A 85 -69.36 -59.72 16.81
C ARG A 85 -68.18 -59.88 15.86
N SER A 86 -68.40 -59.79 14.56
CA SER A 86 -67.33 -59.82 13.56
C SER A 86 -67.09 -58.40 13.07
N ASP A 87 -65.85 -57.95 13.16
CA ASP A 87 -65.49 -56.59 12.76
C ASP A 87 -65.34 -56.52 11.25
N ALA A 88 -64.77 -55.41 10.76
CA ALA A 88 -64.66 -55.21 9.32
C ALA A 88 -63.72 -56.21 8.67
N PHE A 89 -62.81 -56.79 9.43
CA PHE A 89 -61.81 -57.71 8.89
C PHE A 89 -62.04 -59.15 9.30
N GLY A 90 -63.24 -59.50 9.77
CA GLY A 90 -63.60 -60.88 10.03
C GLY A 90 -63.11 -61.45 11.33
N ALA A 91 -62.47 -60.67 12.19
CA ALA A 91 -61.97 -61.17 13.47
C ALA A 91 -63.15 -61.35 14.42
N ARG A 92 -63.61 -62.59 14.55
CA ARG A 92 -64.74 -62.88 15.42
C ARG A 92 -64.34 -62.79 16.88
N TYR A 93 -65.24 -62.24 17.70
CA TYR A 93 -65.05 -62.13 19.13
C TYR A 93 -66.09 -62.98 19.88
N PRO A 94 -65.74 -63.50 21.05
CA PRO A 94 -66.73 -64.30 21.80
C PRO A 94 -67.93 -63.50 22.24
N VAL A 95 -67.71 -62.36 22.91
CA VAL A 95 -68.79 -61.55 23.46
C VAL A 95 -68.61 -60.13 22.96
N LEU A 96 -69.74 -59.40 22.87
CA LEU A 96 -69.70 -58.01 22.43
C LEU A 96 -68.86 -57.16 23.37
N ARG A 97 -68.90 -57.46 24.66
CA ARG A 97 -68.12 -56.67 25.63
C ARG A 97 -66.63 -56.75 25.33
N GLU A 98 -66.13 -57.95 25.04
CA GLU A 98 -64.71 -58.11 24.74
C GLU A 98 -64.35 -57.37 23.46
N ARG A 99 -65.21 -57.44 22.45
CA ARG A 99 -64.96 -56.74 21.20
C ARG A 99 -64.88 -55.23 21.42
N LEU A 100 -65.83 -54.68 22.18
CA LEU A 100 -65.83 -53.25 22.43
C LEU A 100 -64.62 -52.83 23.27
N ASN A 101 -64.25 -53.64 24.26
CA ASN A 101 -63.09 -53.32 25.08
C ASN A 101 -61.82 -53.32 24.24
N GLN A 102 -61.66 -54.32 23.37
CA GLN A 102 -60.48 -54.37 22.52
C GLN A 102 -60.45 -53.21 21.53
N GLU A 103 -61.61 -52.85 20.98
CA GLU A 103 -61.68 -51.72 20.06
C GLU A 103 -61.31 -50.42 20.77
N GLN A 104 -61.80 -50.23 22.00
CA GLN A 104 -61.46 -49.03 22.75
C GLN A 104 -59.97 -48.99 23.08
N LEU A 105 -59.41 -50.13 23.48
CA LEU A 105 -57.98 -50.16 23.79
C LEU A 105 -57.13 -49.89 22.55
N ASN A 106 -57.60 -50.34 21.40
CA ASN A 106 -56.85 -50.11 20.17
C ASN A 106 -56.97 -48.66 19.71
N PHE A 107 -58.15 -48.06 19.84
CA PHE A 107 -58.37 -46.71 19.34
C PHE A 107 -57.86 -45.64 20.30
N SER A 108 -57.80 -45.94 21.59
CA SER A 108 -57.37 -44.93 22.56
C SER A 108 -55.92 -44.55 22.38
N LYS A 109 -55.13 -45.40 21.74
CA LYS A 109 -53.71 -45.11 21.55
C LYS A 109 -53.48 -44.06 20.47
N LYS A 110 -54.48 -43.78 19.63
CA LYS A 110 -54.31 -42.83 18.54
C LYS A 110 -54.02 -41.44 19.08
N SER A 111 -53.49 -40.60 18.21
CA SER A 111 -52.97 -39.28 18.60
C SER A 111 -53.90 -38.18 18.12
N THR A 112 -53.67 -36.98 18.67
CA THR A 112 -54.38 -35.78 18.27
C THR A 112 -53.37 -34.64 18.15
N ILE A 113 -53.70 -33.66 17.33
CA ILE A 113 -52.85 -32.49 17.10
C ILE A 113 -53.62 -31.26 17.56
N GLN A 114 -53.04 -30.53 18.50
CA GLN A 114 -53.69 -29.37 19.13
C GLN A 114 -53.04 -28.10 18.63
N PHE A 115 -53.84 -27.22 18.03
CA PHE A 115 -53.33 -25.98 17.46
C PHE A 115 -53.46 -24.78 18.41
N ASP A 116 -54.05 -24.96 19.59
CA ASP A 116 -54.33 -23.86 20.49
C ASP A 116 -53.63 -24.09 21.82
N ALA A 117 -53.01 -23.04 22.35
CA ALA A 117 -52.31 -23.13 23.63
C ALA A 117 -53.27 -23.53 24.75
N SER A 118 -54.54 -23.17 24.63
CA SER A 118 -55.53 -23.59 25.62
C SER A 118 -55.78 -25.08 25.59
N THR A 119 -55.37 -25.76 24.52
CA THR A 119 -55.56 -27.20 24.42
C THR A 119 -54.26 -27.99 24.61
N ILE A 120 -53.10 -27.35 24.47
CA ILE A 120 -51.85 -28.01 24.84
C ILE A 120 -51.82 -28.30 26.33
N ILE A 121 -52.44 -27.44 27.14
CA ILE A 121 -52.55 -27.68 28.57
C ILE A 121 -53.34 -28.95 28.86
N SER A 122 -54.38 -29.24 28.08
CA SER A 122 -55.21 -30.43 28.25
C SER A 122 -54.80 -31.52 27.29
N MET A 123 -53.50 -31.66 27.04
CA MET A 123 -52.95 -32.59 26.07
C MET A 123 -53.18 -34.04 26.50
N GLU A 124 -52.80 -34.95 25.62
CA GLU A 124 -52.67 -36.35 25.92
C GLU A 124 -51.19 -36.73 25.85
N LYS A 125 -50.88 -37.95 26.30
CA LYS A 125 -49.48 -38.38 26.32
C LYS A 125 -48.93 -38.57 24.91
N GLN A 126 -49.77 -39.02 23.99
CA GLN A 126 -49.35 -39.31 22.62
C GLN A 126 -49.65 -38.18 21.65
N ASP A 127 -50.04 -37.00 22.14
CA ASP A 127 -50.41 -35.90 21.28
C ASP A 127 -49.20 -35.06 20.89
N ILE A 128 -49.39 -34.18 19.92
CA ILE A 128 -48.38 -33.21 19.49
C ILE A 128 -49.05 -31.86 19.33
N GLY A 129 -48.25 -30.80 19.45
CA GLY A 129 -48.75 -29.44 19.46
C GLY A 129 -48.17 -28.62 18.32
N LEU A 130 -48.93 -27.62 17.88
CA LEU A 130 -48.57 -26.78 16.76
C LEU A 130 -48.86 -25.31 17.07
N LEU A 131 -48.46 -24.87 18.26
CA LEU A 131 -48.62 -23.47 18.62
C LEU A 131 -47.78 -22.60 17.68
N THR A 132 -48.31 -21.45 17.32
CA THR A 132 -47.71 -20.60 16.28
C THR A 132 -46.84 -19.51 16.90
N SER A 133 -45.74 -19.20 16.21
CA SER A 133 -44.76 -18.24 16.72
C SER A 133 -44.69 -16.97 15.88
N LYS A 134 -44.47 -17.08 14.58
CA LYS A 134 -44.31 -15.90 13.73
C LYS A 134 -45.13 -16.08 12.46
N LYS A 135 -45.07 -15.07 11.59
CA LYS A 135 -45.77 -15.09 10.30
C LYS A 135 -44.89 -14.33 9.31
N ILE A 136 -44.10 -15.05 8.54
CA ILE A 136 -43.25 -14.45 7.52
C ILE A 136 -44.12 -14.00 6.35
N SER A 137 -43.65 -13.01 5.60
CA SER A 137 -44.43 -12.46 4.50
C SER A 137 -44.51 -13.45 3.34
N GLU A 138 -43.37 -13.76 2.72
CA GLU A 138 -43.27 -14.76 1.65
C GLU A 138 -44.14 -14.40 0.44
N ALA A 139 -44.06 -15.18 -0.63
CA ALA A 139 -44.91 -15.05 -1.80
C ALA A 139 -45.56 -16.40 -2.04
N GLN A 140 -46.88 -16.47 -1.81
CA GLN A 140 -47.58 -17.74 -1.88
C GLN A 140 -47.68 -18.25 -3.32
N THR A 141 -47.82 -19.55 -3.45
CA THR A 141 -48.22 -20.19 -4.69
C THR A 141 -49.47 -20.99 -4.44
N VAL A 142 -50.52 -20.72 -5.22
CA VAL A 142 -51.82 -21.31 -5.00
C VAL A 142 -52.00 -22.48 -5.95
N CYS A 143 -52.89 -23.39 -5.57
CA CYS A 143 -53.19 -24.61 -6.31
C CYS A 143 -54.68 -24.72 -6.59
N PHE A 144 -55.24 -23.66 -7.19
CA PHE A 144 -56.67 -23.56 -7.46
C PHE A 144 -57.24 -24.86 -8.03
N LEU A 145 -58.19 -25.44 -7.30
CA LEU A 145 -58.75 -26.72 -7.73
C LEU A 145 -59.74 -26.54 -8.88
N ASN A 146 -60.52 -25.46 -8.85
CA ASN A 146 -61.49 -25.23 -9.91
C ASN A 146 -60.84 -24.71 -11.19
N ILE A 147 -59.60 -24.22 -11.12
CA ILE A 147 -58.86 -23.88 -12.31
C ILE A 147 -58.43 -25.17 -13.01
N SER A 148 -58.76 -25.29 -14.29
CA SER A 148 -58.47 -26.50 -15.03
C SER A 148 -58.07 -26.14 -16.45
N SER A 149 -57.19 -26.96 -17.03
CA SER A 149 -56.76 -26.80 -18.41
C SER A 149 -57.20 -27.95 -19.31
N LEU A 150 -57.81 -28.99 -18.75
CA LEU A 150 -58.24 -30.15 -19.52
C LEU A 150 -59.65 -30.59 -19.19
N ASP A 151 -60.41 -29.78 -18.44
CA ASP A 151 -61.78 -30.15 -18.08
C ASP A 151 -62.81 -29.66 -19.09
N GLU A 152 -62.57 -28.52 -19.73
CA GLU A 152 -63.41 -27.92 -20.76
C GLU A 152 -64.76 -27.43 -20.22
N GLU A 153 -65.04 -27.61 -18.93
CA GLU A 153 -66.30 -27.13 -18.36
C GLU A 153 -66.11 -26.46 -17.01
N ALA A 154 -64.87 -26.33 -16.52
CA ALA A 154 -64.64 -25.69 -15.24
C ALA A 154 -65.04 -24.22 -15.31
N ASP A 155 -65.24 -23.62 -14.12
CA ASP A 155 -65.68 -22.24 -14.06
C ASP A 155 -64.65 -21.29 -14.67
N ILE A 156 -63.38 -21.71 -14.72
CA ILE A 156 -62.35 -21.02 -15.47
C ILE A 156 -61.57 -22.06 -16.25
N VAL A 157 -61.36 -21.81 -17.54
CA VAL A 157 -60.71 -22.76 -18.44
C VAL A 157 -59.41 -22.15 -18.93
N LEU A 158 -58.32 -22.91 -18.79
CA LEU A 158 -57.01 -22.49 -19.27
C LEU A 158 -56.82 -22.92 -20.73
N GLU A 159 -55.78 -22.38 -21.36
CA GLU A 159 -55.42 -22.77 -22.71
C GLU A 159 -53.99 -22.31 -22.97
N LYS A 160 -53.12 -23.23 -23.37
CA LYS A 160 -51.71 -22.93 -23.53
C LYS A 160 -51.47 -22.04 -24.74
N THR A 161 -50.46 -21.16 -24.63
CA THR A 161 -50.03 -20.31 -25.73
C THR A 161 -48.54 -20.42 -26.03
N GLY A 162 -47.70 -20.53 -25.01
CA GLY A 162 -46.27 -20.63 -25.25
C GLY A 162 -45.56 -21.14 -24.02
N GLU A 163 -44.23 -21.06 -24.04
CA GLU A 163 -43.41 -21.52 -22.93
C GLU A 163 -42.40 -20.43 -22.59
N THR A 164 -41.52 -20.73 -21.63
CA THR A 164 -40.53 -19.78 -21.15
C THR A 164 -39.13 -20.36 -21.04
N SER A 165 -38.98 -21.68 -21.06
CA SER A 165 -37.69 -22.35 -20.88
C SER A 165 -37.07 -22.00 -19.53
N PHE A 166 -37.90 -21.80 -18.52
CA PHE A 166 -37.44 -21.51 -17.17
C PHE A 166 -38.56 -21.83 -16.19
N SER A 167 -38.18 -22.14 -14.96
CA SER A 167 -39.14 -22.48 -13.92
C SER A 167 -38.52 -22.13 -12.57
N ASP A 168 -39.35 -22.11 -11.53
CA ASP A 168 -38.90 -21.80 -10.19
C ASP A 168 -39.60 -22.73 -9.21
N ASN A 169 -38.98 -22.88 -8.04
CA ASN A 169 -39.56 -23.72 -7.01
C ASN A 169 -40.83 -23.09 -6.45
N LEU A 170 -41.76 -23.94 -6.04
CA LEU A 170 -43.03 -23.48 -5.49
C LEU A 170 -42.87 -23.26 -3.98
N THR A 171 -43.14 -22.05 -3.53
CA THR A 171 -42.88 -21.65 -2.15
C THR A 171 -44.19 -21.40 -1.43
N SER A 172 -44.40 -22.08 -0.30
CA SER A 172 -45.58 -21.95 0.53
C SER A 172 -46.86 -22.28 -0.26
N LEU A 173 -46.96 -23.55 -0.66
CA LEU A 173 -48.10 -24.00 -1.44
C LEU A 173 -49.40 -23.86 -0.67
N VAL A 174 -50.46 -23.45 -1.36
CA VAL A 174 -51.78 -23.27 -0.78
C VAL A 174 -52.81 -23.91 -1.69
N PHE A 175 -53.72 -24.68 -1.12
CA PHE A 175 -54.85 -25.24 -1.84
C PHE A 175 -56.09 -24.41 -1.54
N ALA A 176 -56.75 -23.92 -2.58
CA ALA A 176 -57.92 -23.06 -2.40
C ALA A 176 -58.77 -23.13 -3.66
N LYS A 177 -59.75 -22.24 -3.76
CA LYS A 177 -60.66 -22.19 -4.89
C LYS A 177 -60.94 -20.73 -5.23
N ILE A 178 -61.00 -20.42 -6.52
CA ILE A 178 -61.28 -19.07 -7.00
C ILE A 178 -62.74 -19.00 -7.44
N GLY A 179 -63.45 -18.03 -6.90
CA GLY A 179 -64.87 -17.90 -7.16
C GLY A 179 -65.50 -16.91 -6.18
N THR A 180 -66.81 -17.05 -6.03
CA THR A 180 -67.54 -16.17 -5.12
C THR A 180 -67.39 -16.64 -3.68
N ASN A 181 -67.44 -15.67 -2.76
CA ASN A 181 -67.39 -15.85 -1.30
C ASN A 181 -66.41 -16.93 -0.86
N GLU A 182 -65.23 -16.96 -1.46
CA GLU A 182 -64.20 -17.93 -1.13
C GLU A 182 -62.94 -17.19 -0.68
N ARG A 183 -61.87 -17.94 -0.43
CA ARG A 183 -60.60 -17.32 -0.03
C ARG A 183 -60.07 -16.40 -1.12
N TYR A 184 -60.11 -16.84 -2.37
CA TYR A 184 -59.65 -16.06 -3.50
C TYR A 184 -60.83 -15.76 -4.40
N GLN A 185 -61.07 -14.48 -4.67
CA GLN A 185 -62.21 -14.04 -5.46
C GLN A 185 -61.75 -13.08 -6.55
N MET A 186 -62.45 -13.14 -7.69
CA MET A 186 -62.18 -12.26 -8.82
C MET A 186 -63.28 -11.22 -8.93
N GLU A 187 -62.91 -10.05 -9.45
CA GLU A 187 -63.84 -8.94 -9.55
C GLU A 187 -63.50 -8.11 -10.79
N PRO A 188 -64.47 -7.76 -11.62
CA PRO A 188 -64.18 -7.00 -12.84
C PRO A 188 -64.23 -5.50 -12.63
N VAL A 189 -63.38 -4.79 -13.38
CA VAL A 189 -63.35 -3.34 -13.34
C VAL A 189 -63.77 -2.71 -14.67
N GLY A 190 -63.62 -3.41 -15.79
CA GLY A 190 -64.01 -2.88 -17.08
C GLY A 190 -64.72 -3.89 -17.96
N THR B 2 -41.78 -21.86 -17.41
CA THR B 2 -43.07 -22.53 -17.33
C THR B 2 -43.97 -22.08 -18.46
N LYS B 3 -45.11 -22.73 -18.61
CA LYS B 3 -46.01 -22.44 -19.72
C LYS B 3 -46.68 -21.09 -19.54
N ILE B 4 -46.98 -20.45 -20.67
CA ILE B 4 -47.72 -19.19 -20.71
C ILE B 4 -49.12 -19.50 -21.19
N VAL B 5 -50.13 -19.05 -20.43
CA VAL B 5 -51.50 -19.49 -20.62
C VAL B 5 -52.40 -18.28 -20.86
N LYS B 6 -53.31 -18.43 -21.82
CA LYS B 6 -54.49 -17.57 -21.88
C LYS B 6 -55.60 -18.29 -21.14
N MET B 7 -56.19 -17.63 -20.14
CA MET B 7 -57.19 -18.24 -19.29
C MET B 7 -58.50 -17.47 -19.41
N SER B 8 -59.58 -18.18 -19.68
CA SER B 8 -60.85 -17.59 -20.05
C SER B 8 -61.95 -18.09 -19.12
N GLU B 9 -62.93 -17.23 -18.88
CA GLU B 9 -64.08 -17.57 -18.06
C GLU B 9 -65.29 -17.88 -18.95
N LYS B 10 -66.29 -18.51 -18.34
CA LYS B 10 -67.47 -18.97 -19.06
C LYS B 10 -68.55 -17.89 -18.98
N ASN B 11 -68.65 -17.10 -20.04
CA ASN B 11 -69.70 -16.10 -20.16
C ASN B 11 -71.06 -16.78 -20.37
N GLU B 12 -72.09 -16.17 -19.79
CA GLU B 12 -73.41 -16.80 -19.63
C GLU B 12 -74.05 -17.17 -20.96
N HIS B 13 -73.61 -16.59 -22.06
CA HIS B 13 -74.08 -17.13 -23.34
C HIS B 13 -73.40 -18.44 -23.70
N GLY B 14 -72.73 -19.06 -22.73
CA GLY B 14 -72.05 -20.32 -22.96
C GLY B 14 -70.75 -20.20 -23.70
N THR B 15 -70.06 -19.06 -23.56
CA THR B 15 -68.85 -18.81 -24.33
C THR B 15 -67.63 -18.76 -23.41
N LEU B 16 -66.46 -18.75 -24.02
CA LEU B 16 -65.19 -18.62 -23.30
C LEU B 16 -64.59 -17.26 -23.67
N GLU B 17 -64.61 -16.33 -22.71
CA GLU B 17 -64.04 -15.01 -22.90
C GLU B 17 -62.72 -14.91 -22.14
N GLN B 18 -61.66 -14.55 -22.85
CA GLN B 18 -60.36 -14.37 -22.22
C GLN B 18 -60.31 -13.02 -21.51
N PHE B 19 -59.73 -13.02 -20.31
CA PHE B 19 -59.65 -11.81 -19.50
C PHE B 19 -58.26 -11.68 -18.93
N TYR B 20 -57.70 -10.48 -19.00
CA TYR B 20 -56.35 -10.23 -18.49
C TYR B 20 -56.42 -9.90 -17.02
N PRO B 21 -55.83 -10.70 -16.14
CA PRO B 21 -55.82 -10.36 -14.71
C PRO B 21 -54.99 -9.12 -14.43
N GLU B 22 -55.37 -8.39 -13.40
CA GLU B 22 -54.68 -7.17 -13.02
C GLU B 22 -53.44 -7.49 -12.21
N THR B 23 -52.27 -7.09 -12.71
CA THR B 23 -51.01 -7.43 -12.06
C THR B 23 -50.24 -6.18 -11.67
N HIS B 24 -49.01 -6.36 -11.19
CA HIS B 24 -48.16 -5.27 -10.75
C HIS B 24 -46.79 -5.40 -11.39
N ALA B 25 -46.02 -4.31 -11.33
CA ALA B 25 -44.74 -4.27 -12.01
C ALA B 25 -43.78 -5.33 -11.48
N GLU B 26 -43.69 -5.46 -10.15
CA GLU B 26 -42.80 -6.45 -9.57
C GLU B 26 -43.31 -7.87 -9.77
N ALA B 27 -44.59 -8.04 -10.09
CA ALA B 27 -45.15 -9.38 -10.26
C ALA B 27 -44.71 -10.04 -11.56
N VAL B 28 -44.33 -9.26 -12.57
CA VAL B 28 -43.96 -9.80 -13.87
C VAL B 28 -42.45 -9.96 -13.93
N LYS B 29 -41.99 -11.10 -14.42
CA LYS B 29 -40.56 -11.43 -14.43
C LYS B 29 -39.92 -10.91 -15.70
N GLY B 30 -38.68 -10.42 -15.58
CA GLY B 30 -37.98 -9.85 -16.72
C GLY B 30 -38.63 -8.61 -17.27
N LEU B 31 -39.18 -7.76 -16.38
CA LEU B 31 -39.86 -6.55 -16.83
C LEU B 31 -38.87 -5.50 -17.35
N VAL B 32 -37.64 -5.52 -16.86
CA VAL B 32 -36.64 -4.50 -17.16
C VAL B 32 -37.20 -3.17 -16.65
N SER B 33 -36.98 -2.89 -15.36
CA SER B 33 -37.64 -1.76 -14.73
C SER B 33 -37.00 -0.45 -15.15
N VAL B 34 -37.85 0.54 -15.41
CA VAL B 34 -37.44 1.92 -15.61
C VAL B 34 -37.95 2.71 -14.42
N SER B 35 -37.04 3.36 -13.69
CA SER B 35 -37.35 3.86 -12.37
C SER B 35 -38.16 5.15 -12.35
N GLU B 36 -38.43 5.74 -13.52
CA GLU B 36 -39.13 7.02 -13.64
C GLU B 36 -38.25 8.16 -13.13
N GLU B 37 -37.08 7.81 -12.58
CA GLU B 37 -36.03 8.78 -12.31
C GLU B 37 -34.89 8.69 -13.32
N GLU B 38 -34.62 7.49 -13.84
CA GLU B 38 -33.64 7.36 -14.90
C GLU B 38 -34.12 7.99 -16.20
N LYS B 39 -35.43 8.10 -16.39
CA LYS B 39 -35.96 8.75 -17.58
C LYS B 39 -35.56 10.22 -17.63
N THR B 40 -35.73 10.92 -16.51
CA THR B 40 -35.32 12.33 -16.46
C THR B 40 -33.82 12.47 -16.65
N ILE B 41 -33.04 11.57 -16.04
CA ILE B 41 -31.59 11.63 -16.18
C ILE B 41 -31.19 11.46 -17.63
N TRP B 42 -31.79 10.48 -18.32
CA TRP B 42 -31.50 10.27 -19.73
C TRP B 42 -31.96 11.44 -20.58
N ASP B 43 -33.06 12.09 -20.20
CA ASP B 43 -33.51 13.25 -20.95
C ASP B 43 -32.54 14.41 -20.80
N GLN B 44 -31.98 14.60 -19.60
CA GLN B 44 -30.99 15.66 -19.40
C GLN B 44 -29.74 15.42 -20.24
N LYS B 45 -29.00 14.36 -19.92
CA LYS B 45 -27.72 13.98 -20.51
C LYS B 45 -27.05 15.07 -21.33
N GLU B 46 -26.83 14.83 -22.61
CA GLU B 46 -26.17 15.79 -23.50
C GLU B 46 -26.59 15.54 -24.93
N SER B 47 -26.93 16.62 -25.63
CA SER B 47 -27.18 16.55 -27.06
C SER B 47 -25.88 16.52 -27.83
N THR B 48 -25.95 16.08 -29.09
CA THR B 48 -24.75 16.02 -29.92
C THR B 48 -24.22 17.42 -30.18
N ALA B 49 -25.10 18.39 -30.45
CA ALA B 49 -24.69 19.77 -30.60
C ALA B 49 -24.42 20.44 -29.27
N GLY B 50 -24.92 19.88 -28.17
CA GLY B 50 -24.67 20.47 -26.86
C GLY B 50 -23.22 20.41 -26.43
N ALA B 51 -22.55 19.30 -26.71
CA ALA B 51 -21.12 19.19 -26.46
C ALA B 51 -20.31 19.58 -27.70
N GLU B 52 -20.64 20.71 -28.28
CA GLU B 52 -19.88 21.30 -29.37
C GLU B 52 -19.47 22.74 -29.07
N GLN B 53 -20.38 23.54 -28.51
CA GLN B 53 -20.01 24.90 -28.15
C GLN B 53 -19.09 24.92 -26.95
N LYS B 54 -19.10 23.88 -26.11
CA LYS B 54 -18.14 23.79 -25.03
C LYS B 54 -16.72 23.62 -25.58
N ALA B 55 -16.55 22.72 -26.55
CA ALA B 55 -15.24 22.55 -27.18
C ALA B 55 -14.83 23.81 -27.93
N ASN B 56 -15.77 24.45 -28.64
CA ASN B 56 -15.45 25.68 -29.32
C ASN B 56 -15.05 26.77 -28.35
N THR B 57 -15.72 26.84 -27.20
CA THR B 57 -15.36 27.82 -26.16
C THR B 57 -13.98 27.53 -25.60
N ALA B 58 -13.65 26.26 -25.40
CA ALA B 58 -12.31 25.91 -24.93
C ALA B 58 -11.26 26.33 -25.95
N LEU B 59 -11.51 26.09 -27.23
CA LEU B 59 -10.58 26.51 -28.27
C LEU B 59 -10.42 28.03 -28.30
N ASN B 60 -11.54 28.75 -28.19
CA ASN B 60 -11.48 30.21 -28.19
C ASN B 60 -10.75 30.72 -26.96
N SER B 61 -10.95 30.09 -25.80
CA SER B 61 -10.23 30.50 -24.60
C SER B 61 -8.74 30.26 -24.74
N ALA B 62 -8.35 29.13 -25.35
CA ALA B 62 -6.93 28.89 -25.61
C ALA B 62 -6.34 29.94 -26.53
N LYS B 63 -7.08 30.28 -27.59
CA LYS B 63 -6.61 31.33 -28.50
C LYS B 63 -6.48 32.67 -27.78
N ASP B 64 -7.46 33.02 -26.96
CA ASP B 64 -7.43 34.27 -26.22
C ASP B 64 -6.25 34.30 -25.25
N TYR B 65 -5.98 33.18 -24.58
CA TYR B 65 -4.83 33.10 -23.69
C TYR B 65 -3.52 33.28 -24.47
N VAL B 66 -3.42 32.65 -25.65
CA VAL B 66 -2.22 32.79 -26.46
C VAL B 66 -2.01 34.23 -26.87
N ASP B 67 -3.07 34.90 -27.35
CA ASP B 67 -2.94 36.31 -27.73
C ASP B 67 -2.65 37.21 -26.54
N THR B 68 -3.24 36.94 -25.37
CA THR B 68 -2.95 37.74 -24.19
C THR B 68 -1.48 37.60 -23.79
N ILE B 69 -0.94 36.39 -23.85
CA ILE B 69 0.49 36.21 -23.63
C ILE B 69 1.28 36.98 -24.68
N GLY B 70 0.82 36.96 -25.93
CA GLY B 70 1.55 37.63 -26.99
C GLY B 70 1.63 39.12 -26.81
N GLU B 71 0.53 39.76 -26.40
CA GLU B 71 0.52 41.20 -26.21
C GLU B 71 1.48 41.65 -25.12
N GLY B 72 1.52 40.93 -23.99
CA GLY B 72 2.43 41.27 -22.92
C GLY B 72 1.95 42.43 -22.08
N THR B 73 2.59 42.58 -20.92
CA THR B 73 2.26 43.65 -19.98
C THR B 73 3.50 44.52 -19.80
N VAL B 74 3.31 45.83 -19.93
CA VAL B 74 4.41 46.77 -19.76
C VAL B 74 4.66 46.97 -18.27
N ILE B 75 5.89 46.71 -17.84
CA ILE B 75 6.26 46.88 -16.44
C ILE B 75 6.63 48.32 -16.14
N PHE B 76 7.41 48.95 -17.02
CA PHE B 76 7.82 50.34 -16.82
C PHE B 76 7.91 51.02 -18.18
N LYS B 77 7.30 52.20 -18.30
CA LYS B 77 7.39 53.01 -19.50
C LYS B 77 7.72 54.44 -19.09
N GLY B 78 8.73 55.01 -19.73
CA GLY B 78 9.19 56.35 -19.37
C GLY B 78 10.62 56.59 -19.76
N ALA B 79 11.43 57.07 -18.82
CA ALA B 79 12.85 57.32 -19.08
C ALA B 79 13.59 57.29 -17.76
N ASN B 80 14.47 56.31 -17.59
CA ASN B 80 15.27 56.18 -16.37
C ASN B 80 16.69 55.82 -16.77
N LEU B 81 17.66 56.38 -16.03
CA LEU B 81 19.06 56.12 -16.31
C LEU B 81 19.55 54.79 -15.74
N MET B 82 18.76 54.14 -14.90
CA MET B 82 19.14 52.88 -14.26
C MET B 82 20.45 53.01 -13.50
N GLY B 83 20.59 54.10 -12.74
CA GLY B 83 21.79 54.35 -11.98
C GLY B 83 21.89 53.50 -10.72
N ALA B 84 22.40 54.09 -9.64
CA ALA B 84 22.57 53.36 -8.40
C ALA B 84 21.29 53.44 -7.56
N GLY B 85 20.65 52.30 -7.34
CA GLY B 85 19.55 52.21 -6.42
C GLY B 85 18.21 51.78 -6.98
N GLN B 86 17.83 52.30 -8.15
CA GLN B 86 16.51 52.02 -8.69
C GLN B 86 16.39 50.58 -9.15
N SER B 87 15.20 50.02 -9.01
CA SER B 87 14.94 48.64 -9.39
C SER B 87 13.45 48.46 -9.67
N PHE B 88 13.12 47.35 -10.31
CA PHE B 88 11.75 47.00 -10.63
C PHE B 88 11.49 45.56 -10.21
N LYS B 89 10.25 45.29 -9.80
CA LYS B 89 9.86 43.97 -9.32
C LYS B 89 8.49 43.61 -9.87
N TRP B 90 8.24 42.32 -9.99
CA TRP B 90 6.96 41.81 -10.45
C TRP B 90 6.77 40.39 -9.91
N ASP B 91 5.72 39.72 -10.37
CA ASP B 91 5.44 38.34 -9.98
C ASP B 91 5.99 37.41 -11.06
N ALA B 92 6.69 36.36 -10.63
CA ALA B 92 7.28 35.43 -11.57
C ALA B 92 6.21 34.69 -12.38
N SER B 93 5.00 34.57 -11.83
CA SER B 93 3.94 33.89 -12.54
C SER B 93 3.37 34.75 -13.66
N LYS B 94 3.62 36.06 -13.63
CA LYS B 94 3.20 36.91 -14.74
C LYS B 94 4.10 36.74 -15.95
N LEU B 95 5.40 36.53 -15.71
CA LEU B 95 6.33 36.29 -16.80
C LEU B 95 6.13 34.89 -17.36
N LYS B 96 5.85 34.81 -18.67
CA LYS B 96 5.58 33.51 -19.28
C LYS B 96 6.55 33.21 -20.41
N PHE B 97 6.97 34.23 -21.15
CA PHE B 97 7.87 34.03 -22.27
C PHE B 97 9.23 34.68 -22.08
N GLY B 98 9.27 35.96 -21.77
CA GLY B 98 10.55 36.63 -21.59
C GLY B 98 10.38 38.09 -21.27
N MET B 99 11.51 38.79 -21.23
CA MET B 99 11.56 40.20 -20.87
C MET B 99 12.19 41.00 -22.00
N THR B 100 11.63 42.18 -22.26
CA THR B 100 12.08 43.05 -23.33
C THR B 100 12.50 44.40 -22.75
N LEU B 101 13.68 44.85 -23.16
CA LEU B 101 14.22 46.15 -22.75
C LEU B 101 14.35 47.04 -23.98
N LEU B 102 14.05 48.32 -23.80
CA LEU B 102 14.08 49.30 -24.89
C LEU B 102 14.73 50.56 -24.38
N PHE B 103 15.83 50.96 -25.02
CA PHE B 103 16.63 52.12 -24.65
C PHE B 103 16.53 53.19 -25.73
N SER B 104 17.00 54.39 -25.40
CA SER B 104 17.05 55.50 -26.33
C SER B 104 18.03 56.55 -25.81
N ARG B 105 18.11 57.66 -26.54
CA ARG B 105 19.02 58.73 -26.18
C ARG B 105 18.43 59.60 -25.08
N TYR B 106 19.29 60.03 -24.15
CA TYR B 106 18.88 60.87 -23.02
C TYR B 106 19.82 62.07 -22.98
N ASP B 107 19.29 63.26 -23.26
CA ASP B 107 20.08 64.48 -23.25
C ASP B 107 20.37 64.87 -21.82
N ALA B 108 21.60 64.60 -21.36
CA ALA B 108 21.98 64.91 -19.98
C ALA B 108 21.99 66.41 -19.71
N ALA B 109 22.25 67.23 -20.75
CA ALA B 109 22.29 68.68 -20.54
C ALA B 109 20.93 69.22 -20.13
N ASN B 110 19.86 68.76 -20.77
CA ASN B 110 18.52 69.23 -20.49
C ASN B 110 17.69 68.25 -19.69
N ASN B 111 18.24 67.09 -19.33
CA ASN B 111 17.54 66.08 -18.54
C ASN B 111 16.22 65.67 -19.20
N THR B 112 16.24 65.56 -20.53
CA THR B 112 15.04 65.22 -21.29
C THR B 112 15.31 64.05 -22.22
N PRO B 113 14.37 63.12 -22.36
CA PRO B 113 14.59 61.96 -23.24
C PRO B 113 14.23 62.21 -24.70
N GLN B 114 15.15 62.73 -25.50
CA GLN B 114 14.90 62.87 -26.93
C GLN B 114 14.56 61.50 -27.52
N ASP B 115 13.48 61.46 -28.30
CA ASP B 115 12.84 60.19 -28.67
C ASP B 115 13.32 59.76 -30.05
N TYR B 116 14.53 59.24 -30.10
CA TYR B 116 15.04 58.56 -31.29
C TYR B 116 16.25 57.72 -30.90
N TYR B 117 16.80 57.01 -31.88
CA TYR B 117 17.93 56.10 -31.68
C TYR B 117 17.62 55.04 -30.62
N TYR B 118 16.44 54.44 -30.71
CA TYR B 118 16.06 53.38 -29.79
C TYR B 118 16.94 52.16 -29.99
N HIS B 119 16.80 51.20 -29.07
CA HIS B 119 17.54 49.94 -29.15
C HIS B 119 16.78 48.90 -28.34
N SER B 120 16.74 47.67 -28.84
CA SER B 120 15.92 46.61 -28.26
C SER B 120 16.77 45.42 -27.82
N VAL B 121 16.37 44.82 -26.70
CA VAL B 121 17.03 43.64 -26.15
C VAL B 121 15.94 42.68 -25.67
N PHE B 122 16.11 41.39 -25.97
CA PHE B 122 15.15 40.37 -25.57
C PHE B 122 15.86 39.25 -24.83
N LEU B 123 15.31 38.85 -23.69
CA LEU B 123 15.85 37.72 -22.93
C LEU B 123 14.71 36.77 -22.60
N SER B 124 14.84 35.53 -23.08
CA SER B 124 13.82 34.51 -22.87
C SER B 124 13.76 34.10 -21.41
N LYS B 125 12.70 33.36 -21.07
CA LYS B 125 12.50 32.94 -19.69
C LYS B 125 13.60 31.98 -19.23
N ALA B 126 14.15 31.17 -20.13
CA ALA B 126 15.17 30.21 -19.73
C ALA B 126 16.41 30.91 -19.20
N GLN B 127 16.95 31.86 -19.98
CA GLN B 127 18.09 32.61 -19.51
C GLN B 127 17.73 33.52 -18.35
N LEU B 128 16.45 33.90 -18.24
CA LEU B 128 16.00 34.67 -17.09
C LEU B 128 16.14 33.84 -15.82
N VAL B 129 15.81 32.54 -15.90
CA VAL B 129 15.99 31.66 -14.76
C VAL B 129 17.47 31.40 -14.49
N GLU B 130 18.26 31.10 -15.53
CA GLU B 130 19.67 30.83 -15.32
C GLU B 130 20.49 32.09 -15.06
N LEU B 131 19.86 33.26 -15.05
CA LEU B 131 20.51 34.54 -14.81
C LEU B 131 19.99 35.18 -13.53
N ALA B 132 19.87 34.39 -12.46
CA ALA B 132 19.36 34.89 -11.20
C ALA B 132 20.32 35.88 -10.56
N GLY B 133 19.97 37.17 -10.58
CA GLY B 133 20.77 38.18 -9.92
C GLY B 133 21.97 38.66 -10.72
N LYS B 134 22.64 37.73 -11.39
CA LYS B 134 23.81 38.08 -12.19
C LYS B 134 23.42 39.05 -13.30
N GLY B 135 24.25 40.08 -13.49
CA GLY B 135 23.90 41.14 -14.41
C GLY B 135 24.31 40.86 -15.84
N ILE B 136 23.75 41.66 -16.75
CA ILE B 136 24.05 41.60 -18.17
C ILE B 136 24.51 42.98 -18.62
N LEU B 137 25.39 43.00 -19.62
CA LEU B 137 25.93 44.22 -20.19
C LEU B 137 25.46 44.35 -21.62
N VAL B 138 24.90 45.51 -21.96
CA VAL B 138 24.38 45.77 -23.30
C VAL B 138 25.12 46.97 -23.89
N GLN B 139 25.62 46.81 -25.11
CA GLN B 139 26.15 47.92 -25.87
C GLN B 139 25.08 48.46 -26.79
N MET B 140 25.02 49.78 -26.90
CA MET B 140 24.03 50.49 -27.70
C MET B 140 24.76 51.39 -28.68
N PRO B 141 24.12 51.74 -29.79
CA PRO B 141 24.79 52.58 -30.79
C PRO B 141 25.25 53.91 -30.21
N SER B 142 26.18 54.54 -30.92
CA SER B 142 26.75 55.82 -30.54
C SER B 142 27.69 56.27 -31.66
N THR B 143 28.04 57.55 -31.64
CA THR B 143 29.00 58.06 -32.61
C THR B 143 30.35 57.37 -32.46
N THR B 144 30.80 57.16 -31.24
CA THR B 144 32.01 56.42 -30.94
C THR B 144 31.64 55.20 -30.09
N TYR B 145 32.49 54.19 -30.14
CA TYR B 145 32.22 52.95 -29.42
C TYR B 145 32.22 53.18 -27.92
N GLY B 146 31.38 52.41 -27.21
CA GLY B 146 31.25 52.51 -25.78
C GLY B 146 29.80 52.74 -25.37
N ASP B 147 29.63 53.51 -24.30
CA ASP B 147 28.31 53.84 -23.75
C ASP B 147 27.52 52.57 -23.43
N ARG B 148 28.11 51.72 -22.60
CA ARG B 148 27.47 50.47 -22.22
C ARG B 148 26.43 50.72 -21.12
N LYS B 149 25.59 49.70 -20.89
CA LYS B 149 24.64 49.72 -19.79
C LYS B 149 24.68 48.37 -19.09
N TYR B 150 24.89 48.39 -17.78
CA TYR B 150 25.00 47.18 -16.97
C TYR B 150 23.75 47.11 -16.09
N LEU B 151 23.04 45.99 -16.16
CA LEU B 151 21.79 45.83 -15.43
C LEU B 151 21.75 44.45 -14.78
N TYR B 152 21.56 44.40 -13.47
CA TYR B 152 21.33 43.13 -12.81
C TYR B 152 19.91 42.67 -13.09
N VAL B 153 19.78 41.43 -13.53
CA VAL B 153 18.54 40.92 -14.12
C VAL B 153 18.15 39.64 -13.38
N SER B 154 16.84 39.43 -13.23
CA SER B 154 16.32 38.22 -12.60
C SER B 154 14.89 38.00 -13.08
N THR B 155 14.39 36.78 -12.83
CA THR B 155 13.02 36.46 -13.21
C THR B 155 12.01 37.36 -12.50
N THR B 156 12.22 37.59 -11.20
CA THR B 156 11.27 38.35 -10.41
C THR B 156 11.65 39.81 -10.24
N GLY B 157 12.74 40.26 -10.86
CA GLY B 157 13.12 41.66 -10.71
C GLY B 157 14.31 42.02 -11.57
N LEU B 158 14.54 43.33 -11.64
CA LEU B 158 15.66 43.91 -12.37
C LEU B 158 16.20 45.09 -11.57
N SER B 159 17.50 45.37 -11.73
CA SER B 159 18.13 46.44 -10.96
C SER B 159 19.29 47.03 -11.74
N GLY B 160 19.70 48.23 -11.33
CA GLY B 160 20.77 48.94 -11.98
C GLY B 160 22.12 48.78 -11.28
N HIS B 161 23.09 49.55 -11.76
CA HIS B 161 24.46 49.49 -11.28
C HIS B 161 25.07 50.88 -11.33
N PHE B 162 26.03 51.15 -10.45
CA PHE B 162 26.57 52.50 -10.28
C PHE B 162 27.69 52.81 -11.29
N ASP B 163 27.41 52.54 -12.54
CA ASP B 163 28.35 52.92 -13.59
C ASP B 163 27.68 53.54 -14.80
N ASN B 164 26.45 53.14 -15.12
CA ASN B 164 25.74 53.71 -16.27
C ASN B 164 25.40 55.18 -16.05
N SER B 165 25.49 55.67 -14.81
CA SER B 165 25.28 57.09 -14.57
C SER B 165 26.34 57.93 -15.26
N ASN B 166 27.54 57.38 -15.43
CA ASN B 166 28.55 58.05 -16.25
C ASN B 166 28.09 58.16 -17.69
N TYR B 167 27.49 57.10 -18.22
CA TYR B 167 26.93 57.12 -19.58
C TYR B 167 25.51 57.69 -19.52
N ALA B 168 25.45 59.00 -19.28
CA ALA B 168 24.18 59.69 -19.14
C ALA B 168 23.52 60.02 -20.46
N ALA B 169 24.19 59.76 -21.59
CA ALA B 169 23.61 60.06 -22.89
C ALA B 169 22.51 59.09 -23.28
N TRP B 170 22.41 57.94 -22.62
CA TRP B 170 21.42 56.91 -22.95
C TRP B 170 20.72 56.45 -21.68
N ALA B 171 19.41 56.25 -21.78
CA ALA B 171 18.60 55.84 -20.64
C ALA B 171 17.62 54.76 -21.08
N LEU B 172 17.38 53.81 -20.18
CA LEU B 172 16.38 52.78 -20.44
C LEU B 172 15.00 53.42 -20.51
N ARG B 173 14.26 53.11 -21.56
CA ARG B 173 12.96 53.73 -21.81
C ARG B 173 11.78 52.82 -21.52
N GLN B 174 11.93 51.51 -21.67
CA GLN B 174 10.78 50.62 -21.50
C GLN B 174 11.25 49.23 -21.08
N VAL B 175 10.56 48.68 -20.07
CA VAL B 175 10.77 47.29 -19.65
C VAL B 175 9.41 46.61 -19.67
N THR B 176 9.30 45.54 -20.46
CA THR B 176 8.05 44.79 -20.57
C THR B 176 8.32 43.30 -20.33
N ILE B 177 7.26 42.60 -19.94
CA ILE B 177 7.29 41.15 -19.84
C ILE B 177 6.15 40.59 -20.69
N MET B 178 6.32 39.35 -21.14
CA MET B 178 5.34 38.72 -22.01
C MET B 178 5.41 37.20 -21.92
N THR C 2 -32.65 -37.55 1.78
CA THR C 2 -33.52 -38.68 1.43
C THR C 2 -34.88 -38.19 0.95
N GLU C 3 -35.52 -37.34 1.74
CA GLU C 3 -36.90 -36.94 1.48
C GLU C 3 -37.19 -35.66 2.24
N ILE C 4 -37.58 -34.61 1.53
CA ILE C 4 -38.02 -33.37 2.16
C ILE C 4 -39.45 -33.09 1.76
N LYS C 5 -40.29 -32.78 2.73
CA LYS C 5 -41.73 -32.76 2.57
C LYS C 5 -42.32 -31.41 2.99
N ARG C 6 -43.56 -31.17 2.58
CA ARG C 6 -44.29 -29.95 2.88
C ARG C 6 -45.37 -30.26 3.91
N MET C 7 -45.40 -29.47 4.98
CA MET C 7 -46.40 -29.65 6.03
C MET C 7 -47.61 -28.77 5.72
N LEU C 8 -48.68 -29.39 5.26
CA LEU C 8 -49.94 -28.69 5.05
C LEU C 8 -50.77 -28.71 6.32
N GLN C 9 -51.61 -27.69 6.48
CA GLN C 9 -52.55 -27.62 7.59
C GLN C 9 -53.84 -26.99 7.08
N THR C 10 -54.96 -27.39 7.68
CA THR C 10 -56.26 -26.88 7.26
C THR C 10 -56.48 -25.52 7.91
N LYS C 11 -56.71 -24.50 7.08
CA LYS C 11 -56.92 -23.15 7.58
C LYS C 11 -58.34 -23.04 8.15
N GLU C 12 -58.76 -21.82 8.47
CA GLU C 12 -60.01 -21.64 9.19
C GLU C 12 -61.21 -22.05 8.35
N ASP C 13 -61.30 -21.55 7.11
CA ASP C 13 -62.51 -21.81 6.32
C ASP C 13 -62.46 -23.16 5.64
N ASN C 14 -61.61 -23.31 4.62
CA ASN C 14 -61.35 -24.63 4.05
C ASN C 14 -59.94 -24.80 3.51
N SER C 15 -59.07 -23.80 3.60
CA SER C 15 -57.84 -23.79 2.83
C SER C 15 -56.80 -24.75 3.41
N LYS C 16 -55.93 -25.24 2.55
CA LYS C 16 -54.82 -26.09 2.93
C LYS C 16 -53.54 -25.31 2.70
N GLU C 17 -52.99 -24.72 3.76
CA GLU C 17 -51.85 -23.83 3.69
C GLU C 17 -50.64 -24.50 4.32
N GLN C 18 -49.48 -24.32 3.71
CA GLN C 18 -48.25 -24.91 4.23
C GLN C 18 -47.67 -24.01 5.31
N PHE C 19 -47.46 -24.57 6.49
CA PHE C 19 -46.78 -23.88 7.58
C PHE C 19 -45.34 -24.34 7.67
N TYR C 20 -44.55 -23.59 8.43
CA TYR C 20 -43.15 -23.94 8.63
C TYR C 20 -42.92 -24.28 10.10
N PRO C 21 -42.01 -25.22 10.38
CA PRO C 21 -41.73 -25.57 11.78
C PRO C 21 -40.59 -24.75 12.35
N GLU C 22 -40.40 -24.80 13.65
CA GLU C 22 -39.29 -24.13 14.32
C GLU C 22 -38.13 -25.12 14.44
N THR C 23 -36.99 -24.78 13.84
CA THR C 23 -35.84 -25.65 13.79
C THR C 23 -34.64 -24.98 14.45
N HIS C 24 -33.67 -25.80 14.84
CA HIS C 24 -32.48 -25.34 15.55
C HIS C 24 -31.25 -25.46 14.64
N VAL C 25 -30.28 -24.59 14.88
CA VAL C 25 -29.02 -24.64 14.15
C VAL C 25 -28.30 -25.96 14.40
N ALA C 26 -28.34 -26.43 15.65
CA ALA C 26 -27.72 -27.70 15.99
C ALA C 26 -28.47 -28.90 15.43
N GLY C 27 -29.50 -28.68 14.62
CA GLY C 27 -30.27 -29.76 14.05
C GLY C 27 -30.20 -29.84 12.54
N ILE C 28 -29.82 -28.73 11.90
CA ILE C 28 -29.69 -28.72 10.45
C ILE C 28 -28.53 -29.61 10.05
N VAL C 29 -28.74 -30.42 9.01
CA VAL C 29 -27.80 -31.49 8.69
C VAL C 29 -26.48 -30.94 8.15
N GLY C 30 -26.55 -30.21 7.03
CA GLY C 30 -25.34 -29.75 6.38
C GLY C 30 -25.10 -28.26 6.50
N LEU C 31 -25.32 -27.70 7.69
CA LEU C 31 -25.16 -26.26 7.87
C LEU C 31 -23.69 -25.86 7.87
N THR C 32 -22.84 -26.63 8.53
CA THR C 32 -21.43 -26.25 8.69
C THR C 32 -20.72 -26.20 7.34
N GLU C 33 -20.89 -27.24 6.52
CA GLU C 33 -20.27 -27.24 5.20
C GLU C 33 -20.80 -26.12 4.34
N TYR C 34 -22.11 -25.87 4.39
CA TYR C 34 -22.70 -24.85 3.54
C TYR C 34 -22.20 -23.46 3.92
N VAL C 35 -22.17 -23.16 5.22
CA VAL C 35 -21.66 -21.86 5.65
C VAL C 35 -20.16 -21.73 5.40
N SER C 36 -19.42 -22.84 5.43
CA SER C 36 -18.04 -22.80 4.97
C SER C 36 -17.94 -22.57 3.47
N GLY C 37 -18.97 -22.90 2.72
CA GLY C 37 -19.01 -22.64 1.29
C GLY C 37 -19.74 -21.37 0.93
N GLN C 38 -19.94 -20.50 1.91
CA GLN C 38 -20.59 -19.22 1.66
C GLN C 38 -19.69 -18.32 0.82
N LEU C 39 -20.30 -17.62 -0.13
CA LEU C 39 -19.55 -16.79 -1.08
C LEU C 39 -18.75 -15.66 -0.43
N PRO C 40 -19.24 -14.96 0.59
CA PRO C 40 -18.41 -13.90 1.19
C PRO C 40 -17.21 -14.49 1.92
N THR C 41 -16.01 -14.14 1.48
CA THR C 41 -14.79 -14.58 2.13
C THR C 41 -13.93 -13.39 2.52
N GLY C 42 -14.04 -12.30 1.78
CA GLY C 42 -13.20 -11.15 2.04
C GLY C 42 -11.75 -11.41 1.63
N VAL C 43 -10.84 -10.67 2.26
CA VAL C 43 -9.41 -10.80 2.01
C VAL C 43 -8.79 -11.39 3.26
N VAL C 44 -8.41 -12.67 3.18
CA VAL C 44 -7.81 -13.32 4.35
C VAL C 44 -6.41 -12.79 4.62
N SER C 45 -5.63 -12.54 3.56
CA SER C 45 -4.26 -12.07 3.73
C SER C 45 -3.75 -11.54 2.39
N VAL C 46 -2.82 -10.59 2.45
CA VAL C 46 -2.14 -10.07 1.28
C VAL C 46 -0.64 -10.25 1.46
N ASN C 47 0.00 -10.87 0.46
CA ASN C 47 1.45 -11.09 0.46
C ASN C 47 1.91 -11.79 1.74
N GLY C 48 1.07 -12.68 2.26
CA GLY C 48 1.37 -13.36 3.50
C GLY C 48 1.10 -12.55 4.75
N LYS C 49 0.53 -11.36 4.62
CA LYS C 49 0.23 -10.49 5.75
C LYS C 49 -1.28 -10.35 5.91
N ALA C 50 -1.77 -10.53 7.13
CA ALA C 50 -3.18 -10.40 7.44
C ALA C 50 -3.40 -9.28 8.46
N GLY C 51 -4.66 -8.96 8.70
CA GLY C 51 -4.99 -7.90 9.62
C GLY C 51 -4.46 -6.56 9.15
N ARG C 52 -3.88 -5.80 10.07
CA ARG C 52 -3.29 -4.51 9.73
C ARG C 52 -2.08 -4.73 8.84
N VAL C 53 -2.14 -4.22 7.61
CA VAL C 53 -1.07 -4.39 6.63
C VAL C 53 -0.68 -3.03 6.07
N LEU C 54 0.62 -2.76 6.04
CA LEU C 54 1.18 -1.61 5.36
C LEU C 54 2.13 -2.09 4.28
N LEU C 55 2.01 -1.52 3.08
CA LEU C 55 2.77 -1.98 1.93
C LEU C 55 3.63 -0.85 1.37
N ASP C 56 4.85 -1.22 0.99
CA ASP C 56 5.78 -0.34 0.30
C ASP C 56 6.37 -1.10 -0.88
N ALA C 57 7.29 -0.47 -1.61
CA ALA C 57 7.69 -0.95 -2.92
C ALA C 57 8.34 -2.33 -2.86
N GLU C 58 9.07 -2.61 -1.78
CA GLU C 58 9.75 -3.90 -1.66
C GLU C 58 8.76 -5.06 -1.56
N ASP C 59 7.68 -4.90 -0.79
CA ASP C 59 6.72 -5.99 -0.62
C ASP C 59 6.04 -6.33 -1.94
N VAL C 60 5.69 -5.31 -2.74
CA VAL C 60 5.07 -5.54 -4.04
C VAL C 60 6.11 -5.85 -5.12
N HIS C 61 7.40 -5.90 -4.76
CA HIS C 61 8.48 -6.20 -5.68
C HIS C 61 8.51 -5.20 -6.84
N ALA C 62 8.68 -3.93 -6.48
CA ALA C 62 8.72 -2.85 -7.44
C ALA C 62 9.83 -1.88 -7.07
N ALA C 63 10.31 -1.15 -8.08
CA ALA C 63 11.36 -0.16 -7.85
C ALA C 63 10.84 1.00 -7.02
N LYS C 64 11.76 1.67 -6.32
CA LYS C 64 11.40 2.77 -5.46
C LYS C 64 11.00 4.00 -6.29
N LYS C 65 10.36 4.96 -5.61
CA LYS C 65 9.99 6.21 -6.26
C LYS C 65 11.22 6.97 -6.74
N SER C 66 12.26 7.01 -5.92
CA SER C 66 13.56 7.56 -6.29
C SER C 66 14.58 6.44 -6.33
N HIS C 67 15.23 6.26 -7.47
CA HIS C 67 16.14 5.14 -7.66
C HIS C 67 17.09 5.45 -8.81
N THR C 68 18.18 4.69 -8.85
CA THR C 68 19.21 4.83 -9.87
C THR C 68 19.39 3.52 -10.63
N HIS C 69 19.86 3.63 -11.87
CA HIS C 69 20.05 2.49 -12.76
C HIS C 69 21.52 2.25 -13.10
N GLU C 70 22.44 2.85 -12.36
CA GLU C 70 23.87 2.72 -12.59
C GLU C 70 24.29 3.30 -13.93
N VAL C 71 25.58 3.35 -14.19
CA VAL C 71 26.08 3.93 -15.43
C VAL C 71 26.09 2.87 -16.53
N ALA C 72 26.22 3.33 -17.77
CA ALA C 72 26.29 2.44 -18.92
C ALA C 72 27.74 2.08 -19.22
N THR C 73 28.03 0.79 -19.29
CA THR C 73 29.37 0.29 -19.48
C THR C 73 29.56 -0.13 -20.95
N TYR C 74 30.72 -0.73 -21.25
CA TYR C 74 31.03 -1.15 -22.61
C TYR C 74 30.09 -2.25 -23.10
N THR C 75 29.46 -2.99 -22.18
CA THR C 75 28.55 -4.06 -22.55
C THR C 75 27.17 -3.92 -21.92
N THR C 76 26.93 -2.87 -21.14
CA THR C 76 25.65 -2.70 -20.45
C THR C 76 25.14 -1.28 -20.69
N ASP C 77 23.82 -1.16 -20.74
CA ASP C 77 23.18 0.13 -20.92
C ASP C 77 23.05 0.83 -19.57
N GLY C 78 22.40 1.98 -19.53
CA GLY C 78 22.25 2.74 -18.30
C GLY C 78 22.43 4.23 -18.50
N PHE C 79 22.75 4.93 -17.42
CA PHE C 79 22.94 6.38 -17.48
C PHE C 79 24.32 6.70 -18.02
N MET C 80 24.69 7.98 -17.96
CA MET C 80 26.05 8.42 -18.26
C MET C 80 26.61 9.12 -17.04
N SER C 81 27.88 8.84 -16.75
CA SER C 81 28.54 9.51 -15.64
C SER C 81 28.59 11.01 -15.88
N SER C 82 28.62 11.78 -14.80
CA SER C 82 28.75 13.23 -14.91
C SER C 82 29.97 13.62 -15.73
N PHE C 83 31.06 12.84 -15.60
CA PHE C 83 32.23 13.08 -16.42
C PHE C 83 31.91 12.91 -17.90
N ASP C 84 31.10 11.90 -18.24
CA ASP C 84 30.71 11.70 -19.63
C ASP C 84 29.95 12.90 -20.17
N LYS C 85 29.00 13.43 -19.39
CA LYS C 85 28.23 14.59 -19.81
C LYS C 85 29.13 15.81 -19.98
N GLN C 86 30.08 16.00 -19.06
CA GLN C 86 31.04 17.09 -19.21
C GLN C 86 31.95 16.89 -20.42
N LYS C 87 32.20 15.66 -20.81
CA LYS C 87 33.04 15.36 -21.97
C LYS C 87 32.32 15.61 -23.29
N ILE C 88 31.06 15.18 -23.42
CA ILE C 88 30.43 15.14 -24.73
C ILE C 88 30.13 16.54 -25.24
N ASP C 89 29.67 17.44 -24.36
CA ASP C 89 29.21 18.75 -24.81
C ASP C 89 30.34 19.55 -25.44
N GLN C 90 31.54 19.47 -24.87
CA GLN C 90 32.69 20.14 -25.45
C GLN C 90 33.50 19.25 -26.38
N LEU C 91 33.10 18.00 -26.57
CA LEU C 91 33.81 17.10 -27.47
C LEU C 91 33.73 17.61 -28.91
N VAL C 92 34.87 17.53 -29.61
CA VAL C 92 35.00 18.14 -30.93
C VAL C 92 35.23 17.04 -31.95
N SER C 93 34.94 17.32 -33.23
CA SER C 93 34.96 16.31 -34.28
C SER C 93 36.37 15.96 -34.76
N PRO C 94 37.25 16.93 -35.09
CA PRO C 94 38.57 16.57 -35.63
C PRO C 94 39.40 15.70 -34.69
N GLU C 95 39.92 14.59 -35.21
CA GLU C 95 40.87 13.75 -34.49
C GLU C 95 42.19 13.58 -35.23
N ALA C 96 42.29 14.08 -36.46
CA ALA C 96 43.52 14.06 -37.25
C ALA C 96 44.22 12.71 -37.26
N GLY C 97 45.54 12.72 -37.31
CA GLY C 97 46.34 11.52 -37.39
C GLY C 97 47.02 11.38 -38.73
N VAL C 98 47.62 10.21 -38.94
CA VAL C 98 48.28 9.86 -40.19
C VAL C 98 47.44 8.78 -40.87
N THR C 99 47.02 9.07 -42.10
CA THR C 99 46.10 8.17 -42.81
C THR C 99 46.82 7.09 -43.60
N SER C 100 48.01 7.38 -44.15
CA SER C 100 48.73 6.42 -44.95
C SER C 100 50.17 6.87 -45.10
N ILE C 101 51.10 5.91 -45.04
CA ILE C 101 52.52 6.17 -45.22
C ILE C 101 53.05 5.16 -46.24
N ASN C 102 53.62 5.68 -47.34
CA ASN C 102 54.24 4.85 -48.37
C ASN C 102 53.26 3.82 -48.94
N GLY C 103 52.00 4.20 -49.05
CA GLY C 103 51.00 3.31 -49.61
C GLY C 103 50.61 2.15 -48.72
N LYS C 104 50.84 2.25 -47.42
CA LYS C 104 50.51 1.19 -46.47
C LYS C 104 49.79 1.79 -45.27
N THR C 105 48.78 1.09 -44.79
CA THR C 105 47.99 1.48 -43.62
C THR C 105 48.07 0.39 -42.55
N GLY C 106 47.39 0.64 -41.44
CA GLY C 106 47.38 -0.35 -40.37
C GLY C 106 48.67 -0.28 -39.59
N ILE C 107 49.20 -1.45 -39.24
CA ILE C 107 50.46 -1.56 -38.50
C ILE C 107 51.57 -1.58 -39.55
N VAL C 108 52.02 -0.39 -39.93
CA VAL C 108 53.04 -0.23 -40.97
C VAL C 108 54.40 -0.35 -40.28
N ASP C 109 54.90 -1.59 -40.20
CA ASP C 109 56.20 -1.86 -39.59
C ASP C 109 57.26 -1.69 -40.67
N LEU C 110 57.70 -0.45 -40.85
CA LEU C 110 58.68 -0.14 -41.88
C LEU C 110 60.05 -0.68 -41.49
N PHE C 111 60.83 -1.05 -42.50
CA PHE C 111 62.17 -1.59 -42.28
C PHE C 111 63.12 -1.03 -43.33
N ALA C 112 64.41 -1.06 -42.99
CA ALA C 112 65.43 -0.50 -43.87
C ALA C 112 65.57 -1.26 -45.18
N SER C 113 65.14 -2.52 -45.22
CA SER C 113 65.29 -3.31 -46.44
C SER C 113 64.49 -2.72 -47.59
N ASP C 114 63.26 -2.28 -47.33
CA ASP C 114 62.40 -1.72 -48.35
C ASP C 114 62.43 -0.19 -48.38
N LEU C 115 63.30 0.44 -47.58
CA LEU C 115 63.37 1.89 -47.52
C LEU C 115 64.74 2.40 -47.97
N ASP C 116 65.37 1.67 -48.91
CA ASP C 116 66.68 1.98 -49.47
C ASP C 116 67.67 2.49 -48.43
N ALA C 117 67.68 1.88 -47.26
CA ALA C 117 68.54 2.27 -46.16
C ALA C 117 69.54 1.16 -45.87
N ALA C 118 70.82 1.52 -45.80
CA ALA C 118 71.87 0.54 -45.52
C ALA C 118 71.69 -0.02 -44.11
N GLU C 119 71.81 -1.33 -43.99
CA GLU C 119 71.59 -2.00 -42.71
C GLU C 119 72.74 -1.72 -41.74
N ILE C 120 72.48 -1.95 -40.45
CA ILE C 120 73.54 -1.83 -39.46
C ILE C 120 74.63 -2.86 -39.73
N ASN C 121 74.23 -4.11 -39.99
CA ASN C 121 75.16 -5.19 -40.31
C ASN C 121 75.13 -5.41 -41.82
N HIS C 122 75.89 -4.60 -42.54
CA HIS C 122 75.98 -4.72 -44.00
C HIS C 122 77.41 -4.49 -44.44
N THR C 123 77.78 -5.13 -45.55
CA THR C 123 79.13 -5.08 -46.09
C THR C 123 79.13 -4.32 -47.42
N HIS C 124 80.31 -4.15 -48.00
CA HIS C 124 80.47 -3.47 -49.28
C HIS C 124 81.30 -4.35 -50.21
N ALA C 125 81.11 -4.14 -51.51
CA ALA C 125 81.82 -4.93 -52.52
C ALA C 125 83.30 -4.64 -52.47
N GLU C 126 84.10 -5.65 -52.84
CA GLU C 126 85.55 -5.52 -52.84
C GLU C 126 85.98 -4.51 -53.90
N ALA C 127 87.02 -3.75 -53.58
CA ALA C 127 87.52 -2.73 -54.49
C ALA C 127 88.09 -3.37 -55.76
N THR C 128 87.79 -2.76 -56.89
CA THR C 128 88.25 -3.23 -58.20
C THR C 128 89.13 -2.15 -58.85
N THR C 129 89.51 -2.40 -60.11
CA THR C 129 90.36 -1.46 -60.83
C THR C 129 89.60 -0.22 -61.29
N THR C 130 88.27 -0.19 -61.17
CA THR C 130 87.48 0.95 -61.58
C THR C 130 86.59 1.53 -60.49
N GLU C 131 86.30 0.78 -59.43
CA GLU C 131 85.43 1.26 -58.37
C GLU C 131 86.05 0.93 -57.02
N SER C 132 85.88 1.83 -56.06
CA SER C 132 86.40 1.63 -54.72
C SER C 132 85.47 0.73 -53.91
N GLY C 133 85.98 0.25 -52.77
CA GLY C 133 85.18 -0.59 -51.90
C GLY C 133 86.04 -1.19 -50.80
N PHE C 134 85.53 -2.27 -50.21
CA PHE C 134 86.24 -2.93 -49.13
C PHE C 134 87.51 -3.60 -49.65
N LEU C 135 88.51 -3.72 -48.77
CA LEU C 135 89.76 -4.37 -49.12
C LEU C 135 89.57 -5.88 -49.15
N SER C 136 90.04 -6.51 -50.22
CA SER C 136 89.88 -7.95 -50.37
C SER C 136 90.84 -8.70 -49.46
N ILE C 137 90.49 -9.96 -49.19
CA ILE C 137 91.35 -10.82 -48.37
C ILE C 137 92.69 -11.05 -49.05
N ASP C 138 92.66 -11.32 -50.36
CA ASP C 138 93.90 -11.57 -51.09
C ASP C 138 94.82 -10.35 -51.09
N ASP C 139 94.24 -9.15 -51.25
CA ASP C 139 95.05 -7.94 -51.22
C ASP C 139 95.71 -7.75 -49.85
N LYS C 140 94.96 -7.98 -48.77
CA LYS C 140 95.53 -7.87 -47.44
C LYS C 140 96.63 -8.89 -47.21
N GLU C 141 96.42 -10.13 -47.67
CA GLU C 141 97.46 -11.15 -47.52
C GLU C 141 98.72 -10.79 -48.30
N LYS C 142 98.54 -10.28 -49.53
CA LYS C 142 99.70 -9.87 -50.33
C LYS C 142 100.44 -8.71 -49.68
N LEU C 143 99.70 -7.75 -49.14
CA LEU C 143 100.34 -6.62 -48.47
C LEU C 143 101.11 -7.07 -47.22
N ASP C 144 100.52 -7.99 -46.45
CA ASP C 144 101.21 -8.50 -45.26
C ASP C 144 102.45 -9.30 -45.64
N ALA C 145 102.36 -10.11 -46.69
CA ALA C 145 103.51 -10.91 -47.11
C ALA C 145 104.64 -10.03 -47.63
N ILE C 146 104.31 -8.98 -48.38
CA ILE C 146 105.32 -8.08 -48.93
C ILE C 146 105.98 -7.28 -47.82
N THR D 2 -17.24 -46.69 14.22
CA THR D 2 -16.96 -46.94 15.63
C THR D 2 -16.48 -48.36 15.87
N LYS D 3 -17.28 -49.33 15.42
CA LYS D 3 -17.09 -50.73 15.75
C LYS D 3 -16.83 -51.54 14.48
N ILE D 4 -15.76 -52.33 14.48
CA ILE D 4 -15.50 -53.29 13.42
C ILE D 4 -16.23 -54.59 13.77
N VAL D 5 -16.82 -55.23 12.77
CA VAL D 5 -17.61 -56.43 12.98
C VAL D 5 -17.30 -57.41 11.85
N LYS D 6 -17.05 -58.67 12.20
CA LYS D 6 -16.85 -59.74 11.23
C LYS D 6 -18.16 -60.50 11.12
N MET D 7 -19.12 -59.87 10.44
CA MET D 7 -20.50 -60.36 10.44
C MET D 7 -20.67 -61.54 9.48
N SER D 8 -21.59 -62.43 9.84
CA SER D 8 -21.70 -63.74 9.23
C SER D 8 -23.17 -64.11 9.07
N GLU D 9 -23.42 -65.11 8.23
CA GLU D 9 -24.77 -65.62 8.01
C GLU D 9 -24.79 -67.13 8.23
N LYS D 10 -25.96 -67.64 8.56
CA LYS D 10 -26.11 -69.07 8.84
C LYS D 10 -26.12 -69.86 7.53
N ASN D 11 -25.34 -70.94 7.50
CA ASN D 11 -25.26 -71.79 6.32
C ASN D 11 -26.45 -72.73 6.23
N GLU D 12 -26.45 -73.54 5.16
CA GLU D 12 -27.47 -74.57 5.00
C GLU D 12 -27.22 -75.78 5.90
N HIS D 13 -26.02 -75.91 6.45
CA HIS D 13 -25.67 -77.03 7.31
C HIS D 13 -25.72 -76.69 8.79
N GLY D 14 -26.54 -75.70 9.17
CA GLY D 14 -26.67 -75.33 10.56
C GLY D 14 -25.39 -74.79 11.17
N THR D 15 -24.62 -74.04 10.40
CA THR D 15 -23.38 -73.44 10.88
C THR D 15 -23.31 -71.99 10.41
N LEU D 16 -22.51 -71.20 11.13
CA LEU D 16 -22.39 -69.77 10.88
C LEU D 16 -21.13 -69.51 10.06
N GLU D 17 -21.31 -69.19 8.78
CA GLU D 17 -20.21 -68.92 7.87
C GLU D 17 -20.10 -67.41 7.66
N GLN D 18 -18.87 -66.90 7.69
CA GLN D 18 -18.64 -65.48 7.60
C GLN D 18 -18.41 -65.06 6.15
N PHE D 19 -18.62 -63.77 5.87
CA PHE D 19 -18.51 -63.27 4.50
C PHE D 19 -18.10 -61.81 4.50
N TYR D 20 -17.58 -61.37 3.36
CA TYR D 20 -17.14 -59.99 3.14
C TYR D 20 -18.10 -59.30 2.17
N PRO D 21 -18.72 -58.18 2.55
CA PRO D 21 -19.55 -57.45 1.59
C PRO D 21 -18.72 -56.74 0.54
N GLU D 22 -19.37 -56.42 -0.58
CA GLU D 22 -18.74 -55.68 -1.66
C GLU D 22 -18.81 -54.18 -1.37
N THR D 23 -17.66 -53.53 -1.35
CA THR D 23 -17.60 -52.09 -1.11
C THR D 23 -16.80 -51.39 -2.19
N HIS D 24 -16.53 -50.10 -2.01
CA HIS D 24 -15.84 -49.29 -3.00
C HIS D 24 -14.85 -48.39 -2.29
N ALA D 25 -13.87 -47.89 -3.04
CA ALA D 25 -12.74 -47.17 -2.44
C ALA D 25 -13.19 -45.94 -1.65
N GLU D 26 -14.14 -45.17 -2.18
CA GLU D 26 -14.57 -43.98 -1.48
C GLU D 26 -15.43 -44.30 -0.26
N ALA D 27 -15.95 -45.53 -0.17
CA ALA D 27 -16.74 -45.91 0.99
C ALA D 27 -15.86 -46.05 2.23
N VAL D 28 -14.74 -46.75 2.11
CA VAL D 28 -13.82 -46.90 3.23
C VAL D 28 -13.09 -45.58 3.45
N LYS D 29 -13.09 -45.13 4.70
CA LYS D 29 -12.48 -43.85 5.07
C LYS D 29 -11.08 -44.06 5.62
N GLY D 30 -10.21 -43.10 5.37
CA GLY D 30 -8.82 -43.20 5.80
C GLY D 30 -8.08 -44.36 5.16
N LEU D 31 -8.32 -44.61 3.88
CA LEU D 31 -7.72 -45.73 3.17
C LEU D 31 -6.40 -45.37 2.50
N VAL D 32 -5.99 -44.10 2.53
CA VAL D 32 -4.77 -43.64 1.88
C VAL D 32 -4.87 -43.96 0.39
N SER D 33 -5.66 -43.18 -0.33
CA SER D 33 -5.97 -43.47 -1.73
C SER D 33 -4.76 -43.24 -2.63
N VAL D 34 -4.63 -44.10 -3.64
CA VAL D 34 -3.65 -43.96 -4.70
C VAL D 34 -4.39 -43.85 -6.01
N SER D 35 -4.04 -42.84 -6.81
CA SER D 35 -4.80 -42.50 -8.01
C SER D 35 -4.38 -43.28 -9.25
N GLU D 36 -3.35 -44.13 -9.15
CA GLU D 36 -2.80 -44.96 -10.22
C GLU D 36 -2.10 -44.13 -11.29
N GLU D 37 -2.16 -42.81 -11.21
CA GLU D 37 -1.30 -41.93 -12.01
C GLU D 37 -0.05 -41.52 -11.26
N GLU D 38 -0.19 -41.27 -9.95
CA GLU D 38 0.96 -41.03 -9.10
C GLU D 38 1.89 -42.25 -9.09
N LYS D 39 1.36 -43.44 -9.38
CA LYS D 39 2.19 -44.63 -9.51
C LYS D 39 3.21 -44.46 -10.63
N THR D 40 2.78 -43.93 -11.78
CA THR D 40 3.71 -43.74 -12.90
C THR D 40 4.79 -42.73 -12.55
N ILE D 41 4.42 -41.63 -11.90
CA ILE D 41 5.39 -40.63 -11.51
C ILE D 41 6.37 -41.20 -10.49
N TRP D 42 5.92 -42.15 -9.68
CA TRP D 42 6.82 -42.77 -8.72
C TRP D 42 7.76 -43.76 -9.40
N ASP D 43 7.25 -44.54 -10.35
CA ASP D 43 8.10 -45.57 -10.97
C ASP D 43 9.02 -45.02 -12.05
N GLN D 44 8.78 -43.80 -12.54
CA GLN D 44 9.68 -43.23 -13.55
C GLN D 44 11.07 -42.97 -12.96
N LYS D 45 11.14 -42.07 -11.98
CA LYS D 45 12.31 -41.65 -11.20
C LYS D 45 13.65 -42.25 -11.65
N GLU D 46 14.32 -42.95 -10.73
CA GLU D 46 15.58 -43.64 -11.01
C GLU D 46 16.03 -44.44 -9.79
N SER D 47 16.71 -45.56 -10.01
CA SER D 47 17.19 -46.41 -8.92
C SER D 47 18.59 -45.98 -8.49
N THR D 48 19.06 -46.59 -7.40
CA THR D 48 20.42 -46.30 -6.91
C THR D 48 21.45 -46.68 -7.96
N ALA D 49 21.33 -47.87 -8.54
CA ALA D 49 22.21 -48.27 -9.64
C ALA D 49 21.83 -47.55 -10.93
N GLY D 50 20.53 -47.27 -11.11
CA GLY D 50 20.10 -46.53 -12.27
C GLY D 50 20.65 -45.11 -12.32
N ALA D 51 20.81 -44.49 -11.14
CA ALA D 51 21.35 -43.14 -11.07
C ALA D 51 22.87 -43.15 -10.92
N GLU D 52 23.53 -43.86 -11.81
CA GLU D 52 24.98 -43.93 -11.82
C GLU D 52 25.56 -43.59 -13.19
N GLN D 53 24.89 -43.99 -14.27
CA GLN D 53 25.46 -43.79 -15.61
C GLN D 53 25.54 -42.32 -15.99
N LYS D 54 24.72 -41.46 -15.37
CA LYS D 54 24.82 -40.04 -15.67
C LYS D 54 26.09 -39.43 -15.07
N ALA D 55 26.42 -39.76 -13.82
CA ALA D 55 27.66 -39.28 -13.23
C ALA D 55 28.87 -39.86 -13.95
N ASN D 56 28.80 -41.14 -14.32
CA ASN D 56 29.90 -41.75 -15.06
C ASN D 56 30.08 -41.08 -16.42
N THR D 57 28.98 -40.78 -17.12
CA THR D 57 29.10 -40.09 -18.40
C THR D 57 29.59 -38.66 -18.23
N ALA D 58 29.22 -38.00 -17.13
CA ALA D 58 29.73 -36.67 -16.86
C ALA D 58 31.25 -36.69 -16.67
N LEU D 59 31.75 -37.62 -15.87
CA LEU D 59 33.20 -37.70 -15.70
C LEU D 59 33.89 -38.16 -16.98
N ASN D 60 33.24 -39.01 -17.78
CA ASN D 60 33.80 -39.41 -19.06
C ASN D 60 33.92 -38.20 -19.99
N SER D 61 32.89 -37.34 -20.03
CA SER D 61 32.99 -36.11 -20.81
C SER D 61 34.03 -35.16 -20.23
N ALA D 62 34.26 -35.22 -18.92
CA ALA D 62 35.34 -34.42 -18.33
C ALA D 62 36.69 -34.85 -18.86
N LYS D 63 37.01 -36.16 -18.78
CA LYS D 63 38.23 -36.64 -19.42
C LYS D 63 38.24 -36.37 -20.92
N ASP D 64 37.06 -36.38 -21.55
CA ASP D 64 37.00 -36.09 -22.99
C ASP D 64 37.44 -34.67 -23.29
N TYR D 65 36.97 -33.71 -22.49
CA TYR D 65 37.42 -32.32 -22.65
C TYR D 65 38.90 -32.20 -22.35
N VAL D 66 39.39 -32.93 -21.34
CA VAL D 66 40.80 -32.88 -21.01
C VAL D 66 41.66 -33.39 -22.17
N ASP D 67 41.27 -34.51 -22.77
CA ASP D 67 42.05 -35.00 -23.91
C ASP D 67 41.81 -34.16 -25.16
N THR D 68 40.68 -33.45 -25.23
CA THR D 68 40.46 -32.53 -26.34
C THR D 68 41.43 -31.38 -26.29
N ILE D 69 41.63 -30.79 -25.10
CA ILE D 69 42.63 -29.73 -24.97
C ILE D 69 44.04 -30.33 -25.10
N GLY D 70 44.24 -31.55 -24.60
CA GLY D 70 45.55 -32.19 -24.78
C GLY D 70 45.93 -32.39 -26.23
N GLU D 71 44.96 -32.72 -27.08
CA GLU D 71 45.23 -32.92 -28.50
C GLU D 71 45.37 -31.59 -29.23
N GLY D 72 44.29 -30.80 -29.24
CA GLY D 72 44.30 -29.56 -29.98
C GLY D 72 44.19 -29.79 -31.47
N THR D 73 44.42 -28.70 -32.21
CA THR D 73 44.40 -28.74 -33.67
C THR D 73 45.50 -27.84 -34.21
N VAL D 74 45.90 -28.10 -35.45
CA VAL D 74 46.99 -27.37 -36.10
C VAL D 74 46.39 -26.59 -37.26
N ILE D 75 46.55 -25.27 -37.23
CA ILE D 75 46.02 -24.43 -38.31
C ILE D 75 46.81 -24.65 -39.59
N PHE D 76 48.15 -24.65 -39.49
CA PHE D 76 49.00 -24.77 -40.66
C PHE D 76 50.20 -25.65 -40.35
N LYS D 77 50.53 -26.54 -41.29
CA LYS D 77 51.76 -27.30 -41.26
C LYS D 77 52.42 -27.23 -42.63
N GLY D 78 53.73 -27.01 -42.65
CA GLY D 78 54.44 -26.84 -43.90
C GLY D 78 55.67 -25.97 -43.79
N ALA D 79 55.76 -24.94 -44.63
CA ALA D 79 56.87 -24.01 -44.59
C ALA D 79 56.43 -22.66 -45.14
N ASN D 80 56.96 -21.59 -44.56
CA ASN D 80 56.66 -20.23 -45.01
C ASN D 80 57.75 -19.29 -44.53
N LEU D 81 58.19 -18.40 -45.42
CA LEU D 81 59.30 -17.50 -45.15
C LEU D 81 58.89 -16.26 -44.34
N MET D 82 57.59 -16.01 -44.18
CA MET D 82 57.09 -14.80 -43.53
C MET D 82 57.67 -13.54 -44.17
N GLY D 83 57.34 -13.36 -45.45
CA GLY D 83 57.73 -12.16 -46.15
C GLY D 83 56.79 -11.01 -45.85
N ALA D 84 56.34 -10.30 -46.87
CA ALA D 84 55.38 -9.22 -46.72
C ALA D 84 54.01 -9.68 -47.18
N GLY D 85 53.06 -9.75 -46.25
CA GLY D 85 51.70 -10.08 -46.59
C GLY D 85 51.28 -11.51 -46.31
N GLN D 86 51.68 -12.05 -45.16
CA GLN D 86 51.26 -13.38 -44.73
C GLN D 86 50.79 -13.31 -43.29
N SER D 87 49.64 -13.93 -43.02
CA SER D 87 49.05 -13.91 -41.69
C SER D 87 48.08 -15.07 -41.57
N PHE D 88 47.55 -15.24 -40.35
CA PHE D 88 46.58 -16.29 -40.06
C PHE D 88 45.63 -15.81 -38.99
N LYS D 89 44.44 -16.40 -38.94
CA LYS D 89 43.43 -16.05 -37.95
C LYS D 89 42.72 -17.30 -37.48
N TRP D 90 42.26 -17.28 -36.24
CA TRP D 90 41.54 -18.40 -35.65
C TRP D 90 40.50 -17.84 -34.69
N ASP D 91 39.95 -18.73 -33.85
CA ASP D 91 38.84 -18.39 -32.96
C ASP D 91 39.34 -18.38 -31.52
N ALA D 92 38.92 -17.34 -30.76
CA ALA D 92 39.30 -17.26 -29.36
C ALA D 92 38.70 -18.40 -28.55
N SER D 93 37.45 -18.76 -28.84
CA SER D 93 36.82 -19.86 -28.11
C SER D 93 37.53 -21.18 -28.38
N LYS D 94 38.03 -21.37 -29.61
CA LYS D 94 38.84 -22.55 -29.90
C LYS D 94 40.11 -22.56 -29.06
N LEU D 95 40.75 -21.41 -28.90
CA LEU D 95 41.98 -21.32 -28.14
C LEU D 95 41.69 -21.40 -26.64
N LYS D 96 42.39 -22.30 -25.95
CA LYS D 96 42.22 -22.46 -24.51
C LYS D 96 43.49 -22.14 -23.74
N PHE D 97 44.62 -22.76 -24.08
CA PHE D 97 45.89 -22.51 -23.41
C PHE D 97 46.83 -21.61 -24.21
N GLY D 98 46.41 -21.16 -25.38
CA GLY D 98 47.29 -20.35 -26.22
C GLY D 98 47.77 -21.09 -27.45
N MET D 99 49.02 -20.86 -27.86
CA MET D 99 49.55 -21.51 -29.05
C MET D 99 51.03 -21.79 -28.87
N THR D 100 51.58 -22.50 -29.87
CA THR D 100 52.99 -22.82 -29.92
C THR D 100 53.46 -22.74 -31.36
N LEU D 101 54.76 -22.54 -31.53
CA LEU D 101 55.39 -22.38 -32.83
C LEU D 101 56.56 -23.36 -32.93
N LEU D 102 56.60 -24.11 -34.03
CA LEU D 102 57.65 -25.09 -34.29
C LEU D 102 58.45 -24.64 -35.50
N PHE D 103 59.77 -24.60 -35.33
CA PHE D 103 60.68 -23.83 -36.18
C PHE D 103 61.81 -24.73 -36.66
N SER D 104 62.32 -24.45 -37.85
CA SER D 104 63.47 -25.19 -38.38
C SER D 104 64.18 -24.31 -39.40
N ARG D 105 65.35 -24.79 -39.85
CA ARG D 105 66.15 -24.03 -40.78
C ARG D 105 65.50 -23.97 -42.15
N TYR D 106 65.45 -22.77 -42.72
CA TYR D 106 64.88 -22.54 -44.04
C TYR D 106 66.00 -22.15 -44.98
N ASP D 107 66.14 -22.88 -46.08
CA ASP D 107 67.20 -22.60 -47.03
C ASP D 107 66.98 -21.25 -47.70
N ALA D 108 68.09 -20.62 -48.10
CA ALA D 108 68.02 -19.32 -48.74
C ALA D 108 67.28 -19.39 -50.08
N ALA D 109 67.54 -20.42 -50.87
CA ALA D 109 66.93 -20.53 -52.18
C ALA D 109 66.34 -21.91 -52.45
N ASN D 110 66.81 -22.92 -51.71
CA ASN D 110 66.34 -24.28 -51.95
C ASN D 110 64.87 -24.45 -51.60
N ASN D 111 64.35 -23.63 -50.68
CA ASN D 111 62.94 -23.63 -50.32
C ASN D 111 62.47 -25.01 -49.84
N THR D 112 63.29 -25.65 -48.99
CA THR D 112 62.96 -26.98 -48.52
C THR D 112 62.81 -27.00 -47.00
N PRO D 113 61.77 -27.66 -46.49
CA PRO D 113 61.62 -27.82 -45.02
C PRO D 113 62.44 -28.99 -44.48
N GLN D 114 63.73 -28.73 -44.27
CA GLN D 114 64.64 -29.77 -43.78
C GLN D 114 64.27 -30.17 -42.35
N ASP D 115 64.34 -31.48 -42.09
CA ASP D 115 63.81 -32.06 -40.87
C ASP D 115 64.88 -32.22 -39.80
N TYR D 116 65.50 -31.10 -39.43
CA TYR D 116 66.45 -31.06 -38.33
C TYR D 116 66.72 -29.60 -37.96
N TYR D 117 67.33 -29.41 -36.78
CA TYR D 117 67.56 -28.09 -36.21
C TYR D 117 66.24 -27.33 -36.00
N TYR D 118 65.39 -27.90 -35.14
CA TYR D 118 64.09 -27.34 -34.82
C TYR D 118 64.15 -26.52 -33.54
N HIS D 119 63.00 -25.93 -33.17
CA HIS D 119 62.87 -25.16 -31.96
C HIS D 119 61.39 -24.97 -31.66
N SER D 120 61.03 -24.98 -30.38
CA SER D 120 59.64 -24.86 -29.95
C SER D 120 59.49 -23.64 -29.06
N VAL D 121 58.48 -22.82 -29.34
CA VAL D 121 58.15 -21.65 -28.53
C VAL D 121 56.69 -21.75 -28.12
N PHE D 122 56.38 -21.36 -26.88
CA PHE D 122 55.03 -21.44 -26.35
C PHE D 122 54.56 -20.08 -25.85
N LEU D 123 53.30 -19.76 -26.12
CA LEU D 123 52.67 -18.54 -25.63
C LEU D 123 51.31 -18.90 -25.06
N SER D 124 51.01 -18.40 -23.87
CA SER D 124 49.83 -18.82 -23.13
C SER D 124 48.71 -17.78 -23.23
N LYS D 125 47.57 -18.12 -22.61
CA LYS D 125 46.39 -17.26 -22.68
C LYS D 125 46.61 -15.95 -21.94
N ALA D 126 47.13 -16.02 -20.71
CA ALA D 126 47.40 -14.79 -19.97
C ALA D 126 48.45 -13.94 -20.68
N GLN D 127 49.51 -14.58 -21.17
CA GLN D 127 50.51 -13.87 -21.96
C GLN D 127 49.91 -13.34 -23.26
N LEU D 128 48.93 -14.06 -23.83
CA LEU D 128 48.25 -13.56 -25.02
C LEU D 128 47.48 -12.28 -24.73
N VAL D 129 46.71 -12.27 -23.64
CA VAL D 129 45.93 -11.10 -23.29
C VAL D 129 46.84 -9.92 -22.96
N GLU D 130 47.90 -10.17 -22.19
CA GLU D 130 48.86 -9.11 -21.89
C GLU D 130 49.69 -8.72 -23.11
N LEU D 131 49.68 -9.54 -24.16
CA LEU D 131 50.45 -9.28 -25.37
C LEU D 131 49.58 -9.02 -26.59
N ALA D 132 48.26 -9.12 -26.46
CA ALA D 132 47.37 -8.85 -27.58
C ALA D 132 47.59 -7.44 -28.11
N GLY D 133 47.74 -7.33 -29.43
CA GLY D 133 48.09 -6.07 -30.05
C GLY D 133 49.57 -5.74 -30.02
N LYS D 134 50.40 -6.64 -29.52
CA LYS D 134 51.84 -6.42 -29.42
C LYS D 134 52.58 -7.53 -30.14
N GLY D 135 53.90 -7.37 -30.26
CA GLY D 135 54.74 -8.30 -30.97
C GLY D 135 55.78 -8.96 -30.08
N ILE D 136 56.35 -10.05 -30.61
CA ILE D 136 57.34 -10.85 -29.91
C ILE D 136 58.39 -11.29 -30.91
N LEU D 137 59.66 -11.28 -30.48
CA LEU D 137 60.76 -11.76 -31.29
C LEU D 137 61.46 -12.91 -30.57
N VAL D 138 61.96 -13.85 -31.36
CA VAL D 138 62.61 -15.06 -30.87
C VAL D 138 64.03 -15.14 -31.42
N GLN D 139 64.93 -15.72 -30.64
CA GLN D 139 66.37 -15.82 -30.94
C GLN D 139 66.61 -17.25 -31.36
N MET D 140 67.35 -17.41 -32.42
CA MET D 140 67.55 -18.72 -33.00
C MET D 140 68.76 -19.41 -32.39
N PRO D 141 68.61 -20.65 -31.90
CA PRO D 141 69.79 -21.42 -31.49
C PRO D 141 70.67 -21.78 -32.69
N SER D 142 71.92 -21.32 -32.67
CA SER D 142 72.82 -21.49 -33.80
C SER D 142 74.25 -21.37 -33.29
N THR D 143 75.19 -21.18 -34.22
CA THR D 143 76.59 -20.93 -33.88
C THR D 143 76.95 -19.45 -33.88
N THR D 144 76.07 -18.58 -34.37
CA THR D 144 76.32 -17.14 -34.37
C THR D 144 75.06 -16.41 -33.95
N TYR D 145 75.23 -15.28 -33.27
CA TYR D 145 74.10 -14.51 -32.80
C TYR D 145 73.40 -13.82 -33.96
N GLY D 146 72.09 -13.72 -33.87
CA GLY D 146 71.26 -13.13 -34.91
C GLY D 146 70.03 -13.98 -35.15
N ASP D 147 69.47 -13.84 -36.35
CA ASP D 147 68.31 -14.61 -36.77
C ASP D 147 67.13 -14.44 -35.81
N ARG D 148 66.88 -13.19 -35.42
CA ARG D 148 65.75 -12.89 -34.54
C ARG D 148 64.49 -12.74 -35.38
N LYS D 149 63.48 -13.57 -35.10
CA LYS D 149 62.23 -13.57 -35.84
C LYS D 149 61.19 -12.79 -35.04
N TYR D 150 60.71 -11.69 -35.61
CA TYR D 150 59.79 -10.78 -34.94
C TYR D 150 58.43 -10.84 -35.64
N LEU D 151 57.38 -11.14 -34.90
CA LEU D 151 56.03 -11.17 -35.44
C LEU D 151 55.06 -10.67 -34.38
N TYR D 152 53.93 -10.12 -34.83
CA TYR D 152 52.98 -9.50 -33.92
C TYR D 152 51.77 -10.42 -33.77
N VAL D 153 51.85 -11.36 -32.84
CA VAL D 153 50.79 -12.33 -32.63
C VAL D 153 49.87 -11.84 -31.52
N SER D 154 48.56 -11.90 -31.77
CA SER D 154 47.56 -11.57 -30.78
C SER D 154 46.53 -12.68 -30.74
N THR D 155 45.65 -12.63 -29.73
CA THR D 155 44.65 -13.67 -29.55
C THR D 155 43.73 -13.78 -30.76
N THR D 156 43.62 -12.72 -31.56
CA THR D 156 42.80 -12.75 -32.76
C THR D 156 43.52 -13.30 -33.98
N GLY D 157 44.84 -13.26 -34.01
CA GLY D 157 45.56 -13.77 -35.18
C GLY D 157 47.00 -13.33 -35.19
N LEU D 158 47.49 -13.01 -36.39
CA LEU D 158 48.89 -12.69 -36.61
C LEU D 158 49.01 -11.47 -37.51
N SER D 159 49.98 -10.61 -37.20
CA SER D 159 50.34 -9.46 -38.02
C SER D 159 51.82 -9.56 -38.36
N GLY D 160 52.14 -9.40 -39.64
CA GLY D 160 53.47 -9.65 -40.15
C GLY D 160 54.46 -8.51 -39.97
N HIS D 161 55.39 -8.68 -39.03
CA HIS D 161 56.53 -7.79 -38.86
C HIS D 161 57.67 -8.34 -39.72
N PHE D 162 57.73 -7.91 -40.98
CA PHE D 162 58.64 -8.54 -41.92
C PHE D 162 60.07 -8.00 -41.80
N ASP D 163 60.60 -7.98 -40.58
CA ASP D 163 62.02 -7.74 -40.38
C ASP D 163 62.82 -9.04 -40.33
N ASN D 164 62.15 -10.18 -40.28
CA ASN D 164 62.79 -11.49 -40.35
C ASN D 164 62.89 -12.01 -41.78
N SER D 165 62.35 -11.29 -42.75
CA SER D 165 62.46 -11.70 -44.16
C SER D 165 63.91 -11.73 -44.61
N ASN D 166 64.70 -10.73 -44.17
CA ASN D 166 66.13 -10.75 -44.46
C ASN D 166 66.80 -11.95 -43.81
N TYR D 167 66.29 -12.38 -42.66
CA TYR D 167 66.80 -13.55 -41.95
C TYR D 167 66.20 -14.82 -42.53
N ALA D 168 66.41 -14.99 -43.84
CA ALA D 168 65.85 -16.13 -44.57
C ALA D 168 66.47 -17.46 -44.18
N ALA D 169 67.57 -17.45 -43.43
CA ALA D 169 68.20 -18.70 -43.02
C ALA D 169 67.30 -19.54 -42.13
N TRP D 170 66.31 -18.93 -41.47
CA TRP D 170 65.40 -19.65 -40.61
C TRP D 170 64.00 -19.07 -40.74
N ALA D 171 63.01 -19.95 -40.80
CA ALA D 171 61.62 -19.55 -40.93
C ALA D 171 60.74 -20.58 -40.24
N LEU D 172 59.46 -20.25 -40.06
CA LEU D 172 58.56 -21.13 -39.35
C LEU D 172 58.32 -22.42 -40.12
N ARG D 173 58.03 -23.48 -39.38
CA ARG D 173 57.56 -24.73 -39.96
C ARG D 173 56.08 -24.95 -39.69
N GLN D 174 55.61 -24.71 -38.47
CA GLN D 174 54.19 -24.83 -38.20
C GLN D 174 53.81 -24.05 -36.95
N VAL D 175 52.52 -23.79 -36.81
CA VAL D 175 51.95 -23.17 -35.63
C VAL D 175 50.76 -24.01 -35.19
N THR D 176 50.67 -24.28 -33.89
CA THR D 176 49.60 -25.08 -33.33
C THR D 176 48.84 -24.29 -32.27
N ILE D 177 47.52 -24.37 -32.32
CA ILE D 177 46.64 -23.75 -31.33
C ILE D 177 46.22 -24.82 -30.34
N MET D 178 46.50 -24.58 -29.06
CA MET D 178 46.34 -25.61 -28.06
C MET D 178 44.90 -25.75 -27.61
N THR E 2 -22.97 -43.07 -6.36
CA THR E 2 -22.35 -43.93 -5.38
C THR E 2 -23.26 -44.13 -4.15
N LYS E 3 -24.00 -45.23 -4.15
CA LYS E 3 -24.87 -45.55 -3.02
C LYS E 3 -24.06 -46.09 -1.87
N ILE E 4 -23.68 -45.21 -0.94
CA ILE E 4 -22.89 -45.59 0.23
C ILE E 4 -23.77 -45.43 1.46
N VAL E 5 -23.85 -46.49 2.28
CA VAL E 5 -24.63 -46.48 3.50
C VAL E 5 -23.73 -46.84 4.66
N LYS E 6 -24.18 -46.54 5.87
CA LYS E 6 -23.45 -46.79 7.09
C LYS E 6 -24.25 -47.78 7.94
N MET E 7 -23.81 -49.03 7.97
CA MET E 7 -24.55 -50.07 8.67
C MET E 7 -24.60 -49.77 10.17
N SER E 8 -25.65 -50.26 10.81
CA SER E 8 -25.85 -50.00 12.24
C SER E 8 -26.65 -51.13 12.84
N GLU E 9 -26.57 -51.24 14.17
CA GLU E 9 -27.28 -52.27 14.92
C GLU E 9 -27.90 -51.65 16.15
N LYS E 10 -29.12 -52.09 16.49
CA LYS E 10 -29.82 -51.61 17.67
C LYS E 10 -29.79 -52.69 18.74
N ASN E 11 -29.36 -52.31 19.94
CA ASN E 11 -29.24 -53.24 21.06
C ASN E 11 -30.57 -53.28 21.82
N GLU E 12 -30.56 -53.91 23.00
CA GLU E 12 -31.80 -54.10 23.74
C GLU E 12 -32.35 -52.77 24.27
N HIS E 13 -31.47 -51.81 24.57
CA HIS E 13 -31.94 -50.50 24.98
C HIS E 13 -32.55 -49.69 23.85
N GLY E 14 -32.39 -50.13 22.60
CA GLY E 14 -32.85 -49.40 21.46
C GLY E 14 -31.87 -48.41 20.90
N THR E 15 -30.73 -48.20 21.56
CA THR E 15 -29.70 -47.31 21.04
C THR E 15 -29.10 -47.88 19.76
N LEU E 16 -28.71 -46.99 18.87
CA LEU E 16 -28.17 -47.37 17.56
C LEU E 16 -26.66 -47.20 17.57
N GLU E 17 -25.95 -48.27 17.23
CA GLU E 17 -24.50 -48.26 17.15
C GLU E 17 -24.08 -48.48 15.71
N GLN E 18 -23.35 -47.52 15.16
CA GLN E 18 -22.77 -47.68 13.83
C GLN E 18 -21.67 -48.74 13.87
N PHE E 19 -21.62 -49.57 12.85
CA PHE E 19 -20.62 -50.64 12.76
C PHE E 19 -20.19 -50.82 11.31
N TYR E 20 -18.91 -51.07 11.12
CA TYR E 20 -18.42 -51.42 9.79
C TYR E 20 -18.33 -52.93 9.65
N PRO E 21 -18.57 -53.46 8.46
CA PRO E 21 -18.38 -54.89 8.23
C PRO E 21 -16.95 -55.20 7.78
N GLU E 22 -16.58 -56.46 7.95
CA GLU E 22 -15.26 -56.93 7.55
C GLU E 22 -15.26 -57.21 6.06
N THR E 23 -14.31 -56.60 5.34
CA THR E 23 -14.21 -56.79 3.89
C THR E 23 -12.84 -57.30 3.51
N HIS E 24 -12.56 -57.38 2.21
CA HIS E 24 -11.27 -57.83 1.72
C HIS E 24 -10.86 -56.96 0.52
N ALA E 25 -9.56 -56.99 0.22
CA ALA E 25 -9.03 -56.15 -0.85
C ALA E 25 -9.57 -56.56 -2.21
N GLU E 26 -9.90 -57.84 -2.38
CA GLU E 26 -10.45 -58.29 -3.66
C GLU E 26 -11.92 -57.89 -3.80
N ALA E 27 -12.64 -57.79 -2.68
CA ALA E 27 -14.06 -57.45 -2.74
C ALA E 27 -14.26 -55.98 -3.09
N VAL E 28 -13.44 -55.09 -2.51
CA VAL E 28 -13.56 -53.67 -2.78
C VAL E 28 -13.27 -53.39 -4.25
N LYS E 29 -13.92 -52.37 -4.79
CA LYS E 29 -13.82 -52.02 -6.20
C LYS E 29 -13.21 -50.64 -6.36
N GLY E 30 -12.29 -50.53 -7.33
CA GLY E 30 -11.62 -49.27 -7.56
C GLY E 30 -10.54 -48.93 -6.58
N LEU E 31 -9.96 -49.93 -5.90
CA LEU E 31 -8.92 -49.66 -4.91
C LEU E 31 -7.57 -49.49 -5.56
N VAL E 32 -7.08 -50.52 -6.24
CA VAL E 32 -5.76 -50.54 -6.86
C VAL E 32 -4.69 -50.15 -5.84
N SER E 33 -4.35 -51.08 -4.95
CA SER E 33 -3.42 -50.82 -3.86
C SER E 33 -2.05 -51.42 -4.18
N VAL E 34 -1.14 -51.32 -3.22
CA VAL E 34 0.22 -51.82 -3.38
C VAL E 34 0.31 -53.19 -2.72
N SER E 35 1.01 -54.12 -3.39
CA SER E 35 1.12 -55.51 -2.93
C SER E 35 2.43 -55.77 -2.20
N GLU E 36 2.96 -54.76 -1.49
CA GLU E 36 4.06 -54.91 -0.55
C GLU E 36 5.37 -55.11 -1.31
N GLU E 37 5.31 -55.24 -2.62
CA GLU E 37 6.52 -55.41 -3.42
C GLU E 37 6.91 -54.18 -4.22
N GLU E 38 5.96 -53.38 -4.69
CA GLU E 38 6.32 -52.10 -5.30
C GLU E 38 6.85 -51.13 -4.25
N LYS E 39 6.25 -51.14 -3.06
CA LYS E 39 6.64 -50.18 -2.03
C LYS E 39 8.07 -50.38 -1.56
N THR E 40 8.50 -51.63 -1.36
CA THR E 40 9.86 -51.86 -0.89
C THR E 40 10.89 -51.48 -1.96
N ILE E 41 10.63 -51.82 -3.22
CA ILE E 41 11.47 -51.37 -4.31
C ILE E 41 11.48 -49.84 -4.36
N TRP E 42 10.39 -49.24 -3.89
CA TRP E 42 10.11 -47.83 -4.08
C TRP E 42 10.66 -46.96 -2.95
N ASP E 43 10.94 -47.54 -1.78
CA ASP E 43 11.57 -46.78 -0.70
C ASP E 43 12.92 -46.21 -1.16
N GLN E 44 13.88 -47.09 -1.45
CA GLN E 44 15.23 -46.58 -1.71
C GLN E 44 15.31 -45.77 -3.00
N LYS E 45 14.76 -46.29 -4.11
CA LYS E 45 14.75 -45.61 -5.41
C LYS E 45 16.05 -44.86 -5.63
N GLU E 46 16.02 -43.53 -5.58
CA GLU E 46 17.23 -42.74 -5.46
C GLU E 46 16.85 -41.37 -4.95
N SER E 47 17.22 -41.06 -3.71
CA SER E 47 16.95 -39.76 -3.14
C SER E 47 17.85 -38.69 -3.77
N THR E 48 17.45 -37.43 -3.62
CA THR E 48 18.26 -36.33 -4.13
C THR E 48 19.62 -36.28 -3.44
N ALA E 49 19.71 -36.81 -2.22
CA ALA E 49 20.99 -36.89 -1.53
C ALA E 49 21.97 -37.75 -2.32
N GLY E 50 21.51 -38.88 -2.85
CA GLY E 50 22.36 -39.69 -3.71
C GLY E 50 22.76 -38.98 -4.98
N ALA E 51 21.85 -38.19 -5.55
CA ALA E 51 22.20 -37.40 -6.73
C ALA E 51 23.29 -36.40 -6.43
N GLU E 52 23.19 -35.71 -5.29
CA GLU E 52 24.26 -34.80 -4.89
C GLU E 52 25.56 -35.56 -4.65
N GLN E 53 25.47 -36.74 -4.03
CA GLN E 53 26.66 -37.54 -3.76
C GLN E 53 27.38 -37.90 -5.05
N LYS E 54 26.64 -38.40 -6.04
CA LYS E 54 27.27 -38.79 -7.30
C LYS E 54 27.76 -37.57 -8.07
N ALA E 55 27.03 -36.46 -8.00
CA ALA E 55 27.46 -35.25 -8.69
C ALA E 55 28.79 -34.74 -8.13
N ASN E 56 28.90 -34.64 -6.81
CA ASN E 56 30.16 -34.18 -6.23
C ASN E 56 31.27 -35.22 -6.39
N THR E 57 30.92 -36.51 -6.43
CA THR E 57 31.92 -37.54 -6.71
C THR E 57 32.52 -37.35 -8.09
N ALA E 58 31.66 -37.15 -9.10
CA ALA E 58 32.15 -36.90 -10.45
C ALA E 58 32.96 -35.61 -10.51
N LEU E 59 32.49 -34.58 -9.82
CA LEU E 59 33.20 -33.29 -9.83
C LEU E 59 34.60 -33.43 -9.26
N ASN E 60 34.73 -34.05 -8.08
CA ASN E 60 36.04 -34.17 -7.47
C ASN E 60 36.93 -35.15 -8.23
N SER E 61 36.35 -36.20 -8.83
CA SER E 61 37.14 -37.09 -9.66
C SER E 61 37.71 -36.34 -10.86
N ALA E 62 36.88 -35.51 -11.51
CA ALA E 62 37.37 -34.72 -12.64
C ALA E 62 38.46 -33.75 -12.20
N LYS E 63 38.25 -33.07 -11.07
CA LYS E 63 39.24 -32.11 -10.60
C LYS E 63 40.56 -32.79 -10.25
N ASP E 64 40.49 -33.96 -9.58
CA ASP E 64 41.70 -34.67 -9.21
C ASP E 64 42.43 -35.19 -10.44
N TYR E 65 41.69 -35.68 -11.44
CA TYR E 65 42.34 -36.15 -12.66
C TYR E 65 43.00 -34.99 -13.40
N VAL E 66 42.34 -33.82 -13.44
CA VAL E 66 42.95 -32.65 -14.06
C VAL E 66 44.22 -32.26 -13.32
N ASP E 67 44.18 -32.26 -11.99
CA ASP E 67 45.38 -31.90 -11.22
C ASP E 67 46.50 -32.90 -11.46
N THR E 68 46.19 -34.19 -11.47
CA THR E 68 47.24 -35.20 -11.61
C THR E 68 47.77 -35.30 -13.03
N ILE E 69 47.00 -34.85 -14.03
CA ILE E 69 47.57 -34.78 -15.37
C ILE E 69 48.36 -33.48 -15.56
N GLY E 70 48.01 -32.44 -14.80
CA GLY E 70 48.83 -31.24 -14.80
C GLY E 70 50.14 -31.44 -14.08
N GLU E 71 50.18 -32.34 -13.09
CA GLU E 71 51.42 -32.63 -12.39
C GLU E 71 52.45 -33.23 -13.33
N GLY E 72 52.15 -34.40 -13.89
CA GLY E 72 53.08 -35.11 -14.73
C GLY E 72 53.95 -36.08 -13.94
N THR E 73 54.45 -37.08 -14.66
CA THR E 73 55.31 -38.11 -14.07
C THR E 73 56.72 -37.91 -14.61
N VAL E 74 57.68 -37.69 -13.71
CA VAL E 74 59.07 -37.51 -14.09
C VAL E 74 59.63 -38.86 -14.50
N ILE E 75 60.03 -38.98 -15.76
CA ILE E 75 60.54 -40.25 -16.25
C ILE E 75 62.07 -40.30 -16.23
N PHE E 76 62.74 -39.15 -16.27
CA PHE E 76 64.20 -39.11 -16.18
C PHE E 76 64.61 -38.13 -15.10
N LYS E 77 65.43 -38.61 -14.17
CA LYS E 77 65.91 -37.79 -13.05
C LYS E 77 67.39 -38.06 -12.84
N GLY E 78 68.08 -37.07 -12.29
CA GLY E 78 69.50 -37.18 -12.04
C GLY E 78 70.35 -36.41 -13.03
N ALA E 79 71.31 -37.10 -13.67
CA ALA E 79 72.19 -36.45 -14.63
C ALA E 79 72.60 -37.47 -15.69
N ASN E 80 72.94 -36.96 -16.87
CA ASN E 80 73.36 -37.81 -17.98
C ASN E 80 74.07 -36.94 -19.01
N LEU E 81 75.06 -37.53 -19.68
CA LEU E 81 75.82 -36.84 -20.72
C LEU E 81 75.13 -36.86 -22.08
N MET E 82 73.98 -37.54 -22.18
CA MET E 82 73.15 -37.57 -23.40
C MET E 82 73.99 -37.88 -24.65
N GLY E 83 74.92 -38.81 -24.50
CA GLY E 83 75.77 -39.20 -25.61
C GLY E 83 75.02 -39.98 -26.67
N ALA E 84 75.74 -40.30 -27.74
CA ALA E 84 75.15 -41.02 -28.86
C ALA E 84 74.62 -42.38 -28.40
N GLY E 85 73.39 -42.69 -28.82
CA GLY E 85 72.77 -43.95 -28.47
C GLY E 85 71.78 -43.89 -27.32
N GLN E 86 71.83 -42.85 -26.50
CA GLN E 86 70.90 -42.73 -25.39
C GLN E 86 69.49 -42.50 -25.89
N SER E 87 68.52 -42.99 -25.12
CA SER E 87 67.11 -42.86 -25.49
C SER E 87 66.25 -42.99 -24.24
N PHE E 88 65.26 -42.12 -24.13
CA PHE E 88 64.26 -42.16 -23.06
C PHE E 88 62.91 -42.40 -23.72
N LYS E 89 62.37 -43.60 -23.54
CA LYS E 89 61.13 -44.01 -24.19
C LYS E 89 60.00 -44.12 -23.17
N TRP E 90 58.77 -43.98 -23.65
CA TRP E 90 57.61 -43.99 -22.77
C TRP E 90 56.38 -44.43 -23.55
N ASP E 91 55.33 -44.79 -22.81
CA ASP E 91 54.07 -45.17 -23.42
C ASP E 91 53.35 -43.94 -24.00
N ALA E 92 52.63 -44.16 -25.08
CA ALA E 92 51.87 -43.08 -25.71
C ALA E 92 50.63 -42.71 -24.94
N SER E 93 50.03 -43.66 -24.19
CA SER E 93 48.82 -43.37 -23.44
C SER E 93 49.07 -42.36 -22.34
N LYS E 94 50.20 -42.47 -21.64
CA LYS E 94 50.51 -41.52 -20.57
C LYS E 94 50.67 -40.11 -21.13
N LEU E 95 51.29 -39.97 -22.29
CA LEU E 95 51.54 -38.67 -22.88
C LEU E 95 50.23 -37.98 -23.27
N LYS E 96 49.86 -36.93 -22.55
CA LYS E 96 48.61 -36.24 -22.75
C LYS E 96 48.77 -34.79 -23.18
N PHE E 97 49.83 -34.12 -22.76
CA PHE E 97 50.07 -32.74 -23.15
C PHE E 97 51.43 -32.51 -23.80
N GLY E 98 52.47 -33.16 -23.31
CA GLY E 98 53.79 -32.97 -23.89
C GLY E 98 54.88 -33.37 -22.90
N MET E 99 56.04 -32.75 -23.08
CA MET E 99 57.20 -33.07 -22.26
C MET E 99 57.96 -31.81 -21.90
N THR E 100 58.63 -31.87 -20.75
CA THR E 100 59.50 -30.80 -20.27
C THR E 100 60.92 -31.32 -20.13
N LEU E 101 61.89 -30.53 -20.60
CA LEU E 101 63.29 -30.88 -20.61
C LEU E 101 64.09 -29.81 -19.86
N LEU E 102 65.14 -30.26 -19.16
CA LEU E 102 65.93 -29.43 -18.29
C LEU E 102 67.40 -29.51 -18.70
N PHE E 103 68.14 -28.46 -18.36
CA PHE E 103 69.57 -28.40 -18.66
C PHE E 103 70.27 -27.59 -17.58
N SER E 104 71.57 -27.81 -17.43
CA SER E 104 72.38 -27.08 -16.46
C SER E 104 73.85 -27.35 -16.75
N ARG E 105 74.71 -26.83 -15.88
CA ARG E 105 76.15 -26.99 -16.02
C ARG E 105 76.56 -28.43 -15.69
N TYR E 106 77.56 -28.93 -16.42
CA TYR E 106 78.01 -30.29 -16.25
C TYR E 106 79.52 -30.37 -16.48
N ASP E 107 80.12 -31.42 -15.97
CA ASP E 107 81.54 -31.70 -16.14
C ASP E 107 81.70 -33.08 -16.76
N ALA E 108 82.51 -33.15 -17.83
CA ALA E 108 82.74 -34.44 -18.48
C ALA E 108 83.53 -35.39 -17.58
N ALA E 109 84.65 -34.91 -17.04
CA ALA E 109 85.48 -35.76 -16.19
C ALA E 109 84.87 -35.98 -14.81
N ASN E 110 84.34 -34.92 -14.21
CA ASN E 110 83.81 -35.03 -12.85
C ASN E 110 82.47 -35.76 -12.82
N ASN E 111 81.67 -35.63 -13.88
CA ASN E 111 80.33 -36.23 -13.96
C ASN E 111 79.44 -35.76 -12.82
N THR E 112 79.70 -34.54 -12.31
CA THR E 112 78.94 -34.00 -11.19
C THR E 112 77.87 -33.06 -11.70
N PRO E 113 76.60 -33.26 -11.33
CA PRO E 113 75.55 -32.36 -11.80
C PRO E 113 75.59 -31.01 -11.12
N GLN E 114 76.45 -30.12 -11.58
CA GLN E 114 76.54 -28.78 -11.01
C GLN E 114 75.20 -28.07 -11.17
N ASP E 115 74.67 -27.57 -10.05
CA ASP E 115 73.31 -27.06 -10.01
C ASP E 115 73.30 -25.54 -10.14
N TYR E 116 73.51 -25.09 -11.37
CA TYR E 116 73.37 -23.67 -11.70
C TYR E 116 73.30 -23.54 -13.23
N TYR E 117 72.84 -22.37 -13.67
CA TYR E 117 72.68 -22.05 -15.09
C TYR E 117 71.74 -23.05 -15.78
N TYR E 118 70.49 -23.04 -15.32
CA TYR E 118 69.50 -24.01 -15.76
C TYR E 118 68.67 -23.49 -16.92
N HIS E 119 68.43 -24.35 -17.90
CA HIS E 119 67.63 -24.03 -19.08
C HIS E 119 66.41 -24.94 -19.11
N SER E 120 65.25 -24.36 -19.42
CA SER E 120 63.99 -25.09 -19.44
C SER E 120 63.38 -25.04 -20.83
N VAL E 121 62.90 -26.18 -21.33
CA VAL E 121 62.30 -26.29 -22.64
C VAL E 121 61.00 -27.08 -22.52
N PHE E 122 59.96 -26.62 -23.19
CA PHE E 122 58.68 -27.32 -23.22
C PHE E 122 58.32 -27.69 -24.66
N LEU E 123 57.76 -28.88 -24.82
CA LEU E 123 57.29 -29.35 -26.12
C LEU E 123 55.91 -29.94 -25.94
N SER E 124 55.04 -29.75 -26.93
CA SER E 124 53.67 -30.26 -26.85
C SER E 124 53.56 -31.60 -27.57
N LYS E 125 52.66 -32.44 -27.08
CA LYS E 125 52.41 -33.72 -27.74
C LYS E 125 51.72 -33.53 -29.09
N ALA E 126 51.04 -32.40 -29.27
CA ALA E 126 50.47 -32.09 -30.58
C ALA E 126 51.54 -31.89 -31.64
N GLN E 127 52.71 -31.40 -31.25
CA GLN E 127 53.83 -31.22 -32.16
C GLN E 127 54.61 -32.50 -32.35
N LEU E 128 54.28 -33.57 -31.62
CA LEU E 128 55.02 -34.83 -31.70
C LEU E 128 54.84 -35.52 -33.04
N VAL E 129 53.63 -35.46 -33.59
CA VAL E 129 53.37 -36.08 -34.88
C VAL E 129 54.21 -35.42 -35.96
N GLU E 130 54.29 -34.09 -35.94
CA GLU E 130 55.14 -33.36 -36.87
C GLU E 130 56.62 -33.46 -36.53
N LEU E 131 56.97 -33.83 -35.31
CA LEU E 131 58.36 -33.96 -34.88
C LEU E 131 58.67 -35.39 -34.44
N ALA E 132 58.18 -36.38 -35.17
CA ALA E 132 58.46 -37.77 -34.86
C ALA E 132 59.83 -38.13 -35.42
N GLY E 133 60.80 -38.33 -34.54
CA GLY E 133 62.15 -38.67 -34.96
C GLY E 133 62.93 -37.54 -35.58
N LYS E 134 62.56 -36.29 -35.28
CA LYS E 134 63.20 -35.12 -35.87
C LYS E 134 64.18 -34.51 -34.90
N GLY E 135 65.15 -33.77 -35.45
CA GLY E 135 66.20 -33.19 -34.63
C GLY E 135 65.94 -31.75 -34.21
N ILE E 136 65.53 -31.56 -32.97
CA ILE E 136 65.35 -30.22 -32.42
C ILE E 136 66.69 -29.70 -31.93
N LEU E 137 66.86 -28.38 -31.97
CA LEU E 137 68.08 -27.72 -31.55
C LEU E 137 67.75 -26.65 -30.52
N VAL E 138 68.36 -26.75 -29.34
CA VAL E 138 68.12 -25.78 -28.27
C VAL E 138 69.45 -25.25 -27.78
N GLN E 139 69.59 -23.93 -27.73
CA GLN E 139 70.79 -23.28 -27.21
C GLN E 139 70.50 -22.75 -25.82
N MET E 140 71.24 -23.21 -24.82
CA MET E 140 71.07 -22.74 -23.47
C MET E 140 71.81 -21.43 -23.26
N PRO E 141 71.34 -20.60 -22.34
CA PRO E 141 72.07 -19.36 -22.01
C PRO E 141 73.47 -19.66 -21.49
N SER E 142 74.42 -18.82 -21.88
CA SER E 142 75.82 -18.98 -21.51
C SER E 142 76.54 -17.66 -21.75
N THR E 143 77.80 -17.62 -21.34
CA THR E 143 78.61 -16.42 -21.54
C THR E 143 79.01 -16.24 -23.01
N THR E 144 79.18 -17.34 -23.74
CA THR E 144 79.53 -17.30 -25.15
C THR E 144 78.45 -17.98 -25.97
N TYR E 145 78.22 -17.46 -27.17
CA TYR E 145 77.25 -18.07 -28.07
C TYR E 145 77.71 -19.46 -28.51
N GLY E 146 76.75 -20.37 -28.66
CA GLY E 146 77.04 -21.73 -29.06
C GLY E 146 76.64 -22.72 -27.97
N ASP E 147 77.38 -23.83 -27.91
CA ASP E 147 77.13 -24.91 -26.97
C ASP E 147 75.74 -25.50 -27.12
N ARG E 148 75.14 -25.36 -28.30
CA ARG E 148 73.77 -25.81 -28.52
C ARG E 148 73.68 -27.33 -28.49
N LYS E 149 72.52 -27.83 -28.08
CA LYS E 149 72.26 -29.25 -27.97
C LYS E 149 71.26 -29.68 -29.04
N TYR E 150 71.54 -30.82 -29.67
CA TYR E 150 70.74 -31.36 -30.77
C TYR E 150 70.12 -32.67 -30.30
N LEU E 151 68.81 -32.69 -30.14
CA LEU E 151 68.10 -33.80 -29.54
C LEU E 151 67.10 -34.39 -30.53
N TYR E 152 67.10 -35.71 -30.68
CA TYR E 152 66.09 -36.37 -31.49
C TYR E 152 64.82 -36.55 -30.68
N VAL E 153 63.67 -36.26 -31.30
CA VAL E 153 62.37 -36.35 -30.64
C VAL E 153 61.46 -37.23 -31.48
N SER E 154 60.59 -37.97 -30.80
CA SER E 154 59.58 -38.78 -31.44
C SER E 154 58.44 -38.99 -30.46
N THR E 155 57.28 -39.39 -30.99
CA THR E 155 56.09 -39.54 -30.16
C THR E 155 56.30 -40.54 -29.04
N THR E 156 57.21 -41.50 -29.23
CA THR E 156 57.47 -42.51 -28.22
C THR E 156 58.63 -42.15 -27.29
N GLY E 157 59.34 -41.06 -27.54
CA GLY E 157 60.38 -40.66 -26.62
C GLY E 157 61.46 -39.82 -27.28
N LEU E 158 62.47 -39.50 -26.48
CA LEU E 158 63.60 -38.70 -26.91
C LEU E 158 64.83 -39.57 -27.10
N SER E 159 65.81 -39.02 -27.80
CA SER E 159 67.06 -39.73 -28.08
C SER E 159 68.18 -38.71 -28.28
N GLY E 160 69.42 -39.19 -28.11
CA GLY E 160 70.59 -38.37 -28.27
C GLY E 160 71.19 -38.46 -29.67
N HIS E 161 72.31 -37.77 -29.84
CA HIS E 161 73.01 -37.74 -31.11
C HIS E 161 74.47 -37.37 -30.86
N PHE E 162 75.31 -37.63 -31.86
CA PHE E 162 76.73 -37.29 -31.74
C PHE E 162 76.95 -35.84 -32.15
N ASP E 163 76.18 -34.92 -31.57
CA ASP E 163 76.31 -33.50 -31.85
C ASP E 163 76.23 -32.63 -30.60
N ASN E 164 75.82 -33.17 -29.45
CA ASN E 164 75.69 -32.40 -28.23
C ASN E 164 76.56 -32.90 -27.08
N SER E 165 77.06 -34.14 -27.16
CA SER E 165 77.94 -34.64 -26.11
C SER E 165 79.28 -33.93 -26.11
N ASN E 166 79.67 -33.30 -27.22
CA ASN E 166 80.91 -32.53 -27.24
C ASN E 166 80.83 -31.35 -26.27
N TYR E 167 79.68 -30.68 -26.23
CA TYR E 167 79.46 -29.60 -25.25
C TYR E 167 79.10 -30.19 -23.88
N ALA E 168 80.06 -30.93 -23.34
CA ALA E 168 79.87 -31.59 -22.05
C ALA E 168 79.85 -30.60 -20.89
N ALA E 169 80.20 -29.34 -21.13
CA ALA E 169 80.11 -28.33 -20.08
C ALA E 169 78.67 -28.13 -19.59
N TRP E 170 77.69 -28.51 -20.40
CA TRP E 170 76.29 -28.45 -20.02
C TRP E 170 75.62 -29.76 -20.38
N ALA E 171 74.73 -30.24 -19.52
CA ALA E 171 74.00 -31.48 -19.73
C ALA E 171 72.61 -31.38 -19.12
N LEU E 172 71.76 -32.33 -19.46
CA LEU E 172 70.36 -32.35 -19.05
C LEU E 172 70.23 -33.01 -17.68
N ARG E 173 69.21 -32.58 -16.93
CA ARG E 173 68.94 -33.09 -15.59
C ARG E 173 67.73 -34.02 -15.54
N GLN E 174 66.58 -33.55 -16.02
CA GLN E 174 65.34 -34.31 -15.92
C GLN E 174 64.59 -34.26 -17.24
N VAL E 175 63.75 -35.27 -17.45
CA VAL E 175 62.78 -35.28 -18.54
C VAL E 175 61.44 -35.73 -17.96
N THR E 176 60.42 -34.91 -18.14
CA THR E 176 59.10 -35.18 -17.57
C THR E 176 58.05 -35.20 -18.69
N ILE E 177 57.03 -36.04 -18.52
CA ILE E 177 55.99 -36.22 -19.51
C ILE E 177 54.64 -36.05 -18.84
N MET E 178 53.74 -35.32 -19.50
CA MET E 178 52.36 -35.19 -19.01
C MET E 178 51.38 -34.99 -20.17
N THR F 2 -13.43 -65.12 3.45
CA THR F 2 -14.19 -66.27 2.99
C THR F 2 -15.03 -65.92 1.75
N LYS F 3 -16.32 -66.22 1.82
CA LYS F 3 -17.22 -65.99 0.69
C LYS F 3 -17.41 -64.49 0.46
N ILE F 4 -17.49 -64.10 -0.80
CA ILE F 4 -17.73 -62.71 -1.17
C ILE F 4 -19.20 -62.56 -1.56
N VAL F 5 -19.89 -61.62 -0.91
CA VAL F 5 -21.32 -61.41 -1.11
C VAL F 5 -21.56 -59.96 -1.53
N LYS F 6 -22.49 -59.78 -2.46
CA LYS F 6 -22.88 -58.47 -2.99
C LYS F 6 -24.25 -58.12 -2.43
N MET F 7 -24.42 -56.86 -2.01
CA MET F 7 -25.66 -56.39 -1.43
C MET F 7 -26.16 -55.15 -2.18
N SER F 8 -27.46 -55.10 -2.45
CA SER F 8 -28.07 -54.05 -3.23
C SER F 8 -29.37 -53.59 -2.58
N GLU F 9 -29.83 -52.42 -2.98
CA GLU F 9 -31.06 -51.83 -2.50
C GLU F 9 -32.10 -51.82 -3.61
N LYS F 10 -33.34 -52.15 -3.26
CA LYS F 10 -34.44 -52.16 -4.22
C LYS F 10 -35.07 -50.77 -4.30
N ASN F 11 -35.31 -50.30 -5.53
CA ASN F 11 -35.92 -49.00 -5.74
C ASN F 11 -37.42 -49.06 -5.50
N GLU F 12 -38.04 -47.89 -5.42
CA GLU F 12 -39.50 -47.82 -5.30
C GLU F 12 -40.18 -48.32 -6.57
N HIS F 13 -39.49 -48.26 -7.70
CA HIS F 13 -40.03 -48.84 -8.93
C HIS F 13 -39.93 -50.36 -8.92
N GLY F 14 -38.86 -50.89 -8.32
CA GLY F 14 -38.66 -52.33 -8.29
C GLY F 14 -37.31 -52.75 -8.85
N THR F 15 -36.47 -51.79 -9.17
CA THR F 15 -35.13 -52.05 -9.69
C THR F 15 -34.14 -52.14 -8.53
N LEU F 16 -33.05 -52.85 -8.78
CA LEU F 16 -32.02 -53.11 -7.78
C LEU F 16 -30.74 -52.38 -8.17
N GLU F 17 -30.20 -51.59 -7.24
CA GLU F 17 -28.93 -50.90 -7.43
C GLU F 17 -27.98 -51.27 -6.31
N GLN F 18 -26.75 -51.63 -6.67
CA GLN F 18 -25.80 -52.10 -5.67
C GLN F 18 -25.35 -50.95 -4.77
N PHE F 19 -25.37 -51.18 -3.46
CA PHE F 19 -24.92 -50.22 -2.48
C PHE F 19 -23.67 -50.74 -1.80
N TYR F 20 -22.75 -49.83 -1.47
CA TYR F 20 -21.48 -50.20 -0.87
C TYR F 20 -21.47 -49.81 0.59
N PRO F 21 -21.36 -50.76 1.52
CA PRO F 21 -21.24 -50.40 2.93
C PRO F 21 -19.98 -49.57 3.18
N GLU F 22 -20.08 -48.67 4.14
CA GLU F 22 -18.96 -47.80 4.48
C GLU F 22 -18.20 -48.42 5.65
N THR F 23 -16.87 -48.44 5.53
CA THR F 23 -16.01 -49.13 6.50
C THR F 23 -14.78 -48.28 6.75
N HIS F 24 -13.79 -48.88 7.41
CA HIS F 24 -12.55 -48.21 7.77
C HIS F 24 -11.37 -49.09 7.36
N ALA F 25 -10.18 -48.50 7.34
CA ALA F 25 -9.00 -49.22 6.92
C ALA F 25 -8.44 -50.07 8.06
N GLU F 26 -9.31 -50.87 8.69
CA GLU F 26 -8.91 -51.83 9.70
C GLU F 26 -9.58 -53.18 9.56
N ALA F 27 -10.70 -53.27 8.84
CA ALA F 27 -11.39 -54.54 8.62
C ALA F 27 -11.00 -55.21 7.32
N VAL F 28 -10.68 -54.44 6.29
CA VAL F 28 -10.31 -55.00 5.00
C VAL F 28 -8.96 -55.70 5.13
N LYS F 29 -8.88 -56.92 4.60
CA LYS F 29 -7.66 -57.72 4.65
C LYS F 29 -6.84 -57.49 3.40
N GLY F 30 -5.54 -57.27 3.58
CA GLY F 30 -4.65 -57.08 2.46
C GLY F 30 -4.62 -55.68 1.87
N LEU F 31 -5.13 -54.68 2.60
CA LEU F 31 -5.07 -53.31 2.10
C LEU F 31 -3.63 -52.85 1.92
N VAL F 32 -2.82 -53.01 2.96
CA VAL F 32 -1.44 -52.51 3.00
C VAL F 32 -1.46 -51.01 2.70
N SER F 33 -2.12 -50.24 3.56
CA SER F 33 -1.96 -48.79 3.49
C SER F 33 -0.50 -48.44 3.74
N VAL F 34 0.04 -47.52 2.94
CA VAL F 34 1.48 -47.38 2.91
C VAL F 34 1.98 -46.67 4.18
N SER F 35 1.75 -45.37 4.32
CA SER F 35 1.74 -44.76 5.65
C SER F 35 0.89 -43.51 5.76
N GLU F 36 0.27 -43.03 4.67
CA GLU F 36 -0.38 -41.72 4.60
C GLU F 36 0.65 -40.60 4.78
N GLU F 37 1.91 -40.96 5.00
CA GLU F 37 2.98 -40.01 5.23
C GLU F 37 4.19 -40.23 4.32
N GLU F 38 4.53 -41.49 4.04
CA GLU F 38 5.66 -41.77 3.16
C GLU F 38 5.37 -41.45 1.70
N LYS F 39 4.12 -41.14 1.37
CA LYS F 39 3.79 -40.77 -0.01
C LYS F 39 4.51 -39.49 -0.43
N THR F 40 4.55 -38.49 0.46
CA THR F 40 5.28 -37.28 0.13
C THR F 40 6.78 -37.52 0.06
N ILE F 41 7.30 -38.45 0.87
CA ILE F 41 8.70 -38.82 0.77
C ILE F 41 8.99 -39.42 -0.59
N TRP F 42 8.10 -40.29 -1.07
CA TRP F 42 8.25 -40.83 -2.42
C TRP F 42 8.14 -39.73 -3.46
N ASP F 43 7.26 -38.75 -3.22
CA ASP F 43 7.10 -37.64 -4.16
C ASP F 43 8.38 -36.83 -4.29
N GLN F 44 9.06 -36.56 -3.18
CA GLN F 44 10.27 -35.76 -3.22
C GLN F 44 11.34 -36.46 -4.06
N LYS F 45 11.81 -37.62 -3.59
CA LYS F 45 12.83 -38.45 -4.22
C LYS F 45 13.69 -37.71 -5.24
N GLU F 46 13.62 -38.12 -6.50
CA GLU F 46 14.28 -37.44 -7.61
C GLU F 46 13.81 -38.08 -8.91
N SER F 47 13.59 -37.26 -9.91
CA SER F 47 13.16 -37.73 -11.23
C SER F 47 14.36 -37.89 -12.16
N THR F 48 14.13 -38.63 -13.25
CA THR F 48 15.21 -38.88 -14.19
C THR F 48 15.67 -37.59 -14.88
N ALA F 49 14.72 -36.73 -15.25
CA ALA F 49 15.08 -35.46 -15.88
C ALA F 49 15.85 -34.57 -14.91
N GLY F 50 15.39 -34.48 -13.66
CA GLY F 50 16.10 -33.69 -12.67
C GLY F 50 17.49 -34.20 -12.39
N ALA F 51 17.64 -35.54 -12.31
CA ALA F 51 18.95 -36.12 -12.08
C ALA F 51 19.87 -35.90 -13.28
N GLU F 52 19.34 -35.98 -14.49
CA GLU F 52 20.13 -35.67 -15.68
C GLU F 52 20.58 -34.22 -15.67
N GLN F 53 19.68 -33.31 -15.26
CA GLN F 53 20.06 -31.90 -15.14
C GLN F 53 21.14 -31.72 -14.09
N LYS F 54 21.06 -32.45 -12.99
CA LYS F 54 22.10 -32.38 -11.95
C LYS F 54 23.45 -32.85 -12.51
N ALA F 55 23.45 -33.95 -13.26
CA ALA F 55 24.68 -34.44 -13.85
C ALA F 55 25.25 -33.44 -14.85
N ASN F 56 24.39 -32.84 -15.67
CA ASN F 56 24.84 -31.82 -16.62
C ASN F 56 25.42 -30.61 -15.90
N THR F 57 24.78 -30.20 -14.80
CA THR F 57 25.30 -29.08 -14.01
C THR F 57 26.67 -29.42 -13.42
N ALA F 58 26.85 -30.65 -12.95
CA ALA F 58 28.16 -31.06 -12.44
C ALA F 58 29.21 -31.02 -13.54
N LEU F 59 28.85 -31.49 -14.74
CA LEU F 59 29.79 -31.44 -15.86
C LEU F 59 30.14 -30.01 -16.23
N ASN F 60 29.15 -29.12 -16.21
CA ASN F 60 29.42 -27.71 -16.50
C ASN F 60 30.29 -27.09 -15.42
N SER F 61 30.11 -27.50 -14.16
CA SER F 61 30.98 -27.01 -13.09
C SER F 61 32.42 -27.49 -13.30
N ALA F 62 32.59 -28.74 -13.73
CA ALA F 62 33.93 -29.23 -14.05
C ALA F 62 34.54 -28.45 -15.21
N LYS F 63 33.74 -28.14 -16.22
CA LYS F 63 34.22 -27.33 -17.33
C LYS F 63 34.62 -25.93 -16.87
N ASP F 64 33.84 -25.35 -15.95
CA ASP F 64 34.21 -24.07 -15.37
C ASP F 64 35.53 -24.16 -14.63
N TYR F 65 35.72 -25.22 -13.84
CA TYR F 65 36.96 -25.40 -13.10
C TYR F 65 38.15 -25.48 -14.06
N VAL F 66 38.02 -26.27 -15.12
CA VAL F 66 39.14 -26.43 -16.06
C VAL F 66 39.40 -25.13 -16.83
N ASP F 67 38.35 -24.35 -17.14
CA ASP F 67 38.61 -23.13 -17.90
C ASP F 67 39.18 -22.02 -17.02
N THR F 68 38.82 -21.95 -15.74
CA THR F 68 39.51 -21.00 -14.87
C THR F 68 40.95 -21.43 -14.60
N ILE F 69 41.22 -22.74 -14.62
CA ILE F 69 42.61 -23.20 -14.61
C ILE F 69 43.33 -22.70 -15.86
N GLY F 70 42.68 -22.84 -17.02
CA GLY F 70 43.31 -22.45 -18.27
C GLY F 70 43.55 -20.96 -18.40
N GLU F 71 42.63 -20.15 -17.85
CA GLU F 71 42.77 -18.70 -17.98
C GLU F 71 44.03 -18.20 -17.28
N GLY F 72 44.31 -18.72 -16.09
CA GLY F 72 45.50 -18.30 -15.36
C GLY F 72 45.29 -17.02 -14.57
N THR F 73 45.70 -17.03 -13.31
CA THR F 73 45.61 -15.85 -12.46
C THR F 73 46.86 -15.02 -12.64
N VAL F 74 46.75 -13.92 -13.39
CA VAL F 74 47.88 -13.03 -13.61
C VAL F 74 48.26 -12.38 -12.28
N ILE F 75 49.50 -12.59 -11.86
CA ILE F 75 49.94 -12.10 -10.56
C ILE F 75 50.71 -10.80 -10.71
N PHE F 76 51.20 -10.52 -11.92
CA PHE F 76 51.87 -9.24 -12.14
C PHE F 76 51.79 -8.84 -13.61
N LYS F 77 51.48 -7.57 -13.83
CA LYS F 77 51.58 -6.94 -15.14
C LYS F 77 52.09 -5.52 -14.98
N GLY F 78 53.08 -5.16 -15.77
CA GLY F 78 53.63 -3.81 -15.71
C GLY F 78 55.15 -3.75 -15.81
N ALA F 79 55.78 -3.11 -14.83
CA ALA F 79 57.22 -2.93 -14.83
C ALA F 79 57.79 -3.36 -13.49
N ASN F 80 58.89 -4.11 -13.54
CA ASN F 80 59.57 -4.58 -12.33
C ASN F 80 60.98 -5.00 -12.69
N LEU F 81 61.95 -4.67 -11.83
CA LEU F 81 63.32 -5.11 -12.06
C LEU F 81 63.70 -6.30 -11.19
N MET F 82 63.14 -6.37 -9.98
CA MET F 82 63.32 -7.48 -9.02
C MET F 82 64.79 -7.90 -8.91
N GLY F 83 65.57 -6.96 -8.38
CA GLY F 83 66.95 -7.25 -8.07
C GLY F 83 67.08 -7.98 -6.75
N ALA F 84 67.94 -7.48 -5.87
CA ALA F 84 68.16 -8.11 -4.56
C ALA F 84 67.11 -7.59 -3.59
N GLY F 85 65.98 -8.29 -3.52
CA GLY F 85 64.96 -7.96 -2.54
C GLY F 85 63.53 -8.11 -2.99
N GLN F 86 63.28 -8.11 -4.30
CA GLN F 86 61.93 -8.21 -4.84
C GLN F 86 61.67 -9.62 -5.35
N SER F 87 60.57 -10.22 -4.91
CA SER F 87 60.22 -11.57 -5.30
C SER F 87 58.71 -11.71 -5.35
N PHE F 88 58.25 -12.74 -6.06
CA PHE F 88 56.84 -13.06 -6.18
C PHE F 88 56.57 -14.45 -5.62
N LYS F 89 55.56 -14.55 -4.77
CA LYS F 89 55.24 -15.78 -4.07
C LYS F 89 53.93 -16.37 -4.58
N TRP F 90 53.73 -17.65 -4.28
CA TRP F 90 52.54 -18.38 -4.67
C TRP F 90 52.19 -19.37 -3.57
N ASP F 91 51.30 -20.32 -3.88
CA ASP F 91 50.88 -21.35 -2.94
C ASP F 91 51.04 -22.73 -3.58
N ALA F 92 51.25 -23.73 -2.74
CA ALA F 92 51.42 -25.09 -3.23
C ALA F 92 50.14 -25.60 -3.89
N SER F 93 48.98 -25.15 -3.42
CA SER F 93 47.73 -25.55 -4.06
C SER F 93 47.51 -24.77 -5.36
N LYS F 94 47.96 -23.51 -5.40
CA LYS F 94 47.77 -22.68 -6.58
C LYS F 94 48.52 -23.20 -7.80
N LEU F 95 49.57 -23.98 -7.58
CA LEU F 95 50.38 -24.50 -8.69
C LEU F 95 49.75 -25.79 -9.20
N LYS F 96 49.27 -25.77 -10.44
CA LYS F 96 48.72 -26.95 -11.09
C LYS F 96 49.46 -27.31 -12.37
N PHE F 97 49.68 -26.33 -13.25
CA PHE F 97 50.32 -26.56 -14.54
C PHE F 97 51.66 -25.86 -14.68
N GLY F 98 51.78 -24.62 -14.22
CA GLY F 98 53.02 -23.88 -14.29
C GLY F 98 52.75 -22.40 -14.37
N MET F 99 53.82 -21.64 -14.61
CA MET F 99 53.73 -20.20 -14.77
C MET F 99 54.16 -19.76 -16.16
N THR F 100 53.61 -18.62 -16.57
CA THR F 100 53.93 -17.96 -17.82
C THR F 100 54.59 -16.62 -17.53
N LEU F 101 55.77 -16.41 -18.09
CA LEU F 101 56.56 -15.19 -17.84
C LEU F 101 56.84 -14.50 -19.17
N LEU F 102 56.48 -13.21 -19.24
CA LEU F 102 56.62 -12.41 -20.44
C LEU F 102 57.54 -11.23 -20.14
N PHE F 103 58.58 -11.07 -20.97
CA PHE F 103 59.62 -10.08 -20.79
C PHE F 103 59.66 -9.13 -21.99
N SER F 104 60.16 -7.92 -21.75
CA SER F 104 60.36 -6.96 -22.83
C SER F 104 61.39 -5.92 -22.38
N ARG F 105 61.61 -4.92 -23.22
CA ARG F 105 62.61 -3.90 -22.97
C ARG F 105 62.17 -2.94 -21.86
N TYR F 106 63.15 -2.27 -21.28
CA TYR F 106 62.95 -1.28 -20.23
C TYR F 106 63.70 0.01 -20.60
N ASP F 107 63.75 0.94 -19.65
CA ASP F 107 64.53 2.16 -19.80
C ASP F 107 65.29 2.40 -18.50
N ALA F 108 66.62 2.57 -18.63
CA ALA F 108 67.45 2.75 -17.44
C ALA F 108 67.12 4.04 -16.70
N ALA F 109 66.91 5.12 -17.44
CA ALA F 109 66.60 6.42 -16.85
C ALA F 109 65.12 6.77 -16.91
N ASN F 110 64.49 6.60 -18.07
CA ASN F 110 63.07 6.93 -18.19
C ASN F 110 62.20 5.97 -17.40
N ASN F 111 62.64 4.72 -17.22
CA ASN F 111 61.87 3.68 -16.53
C ASN F 111 60.51 3.47 -17.17
N THR F 112 60.44 3.55 -18.49
CA THR F 112 59.19 3.39 -19.22
C THR F 112 59.12 2.02 -19.89
N PRO F 113 57.93 1.42 -19.91
CA PRO F 113 57.79 0.09 -20.53
C PRO F 113 57.82 0.13 -22.05
N GLN F 114 59.02 0.10 -22.63
CA GLN F 114 59.17 0.02 -24.08
C GLN F 114 58.33 -1.11 -24.66
N ASP F 115 57.37 -0.76 -25.51
CA ASP F 115 56.33 -1.70 -25.94
C ASP F 115 56.74 -2.42 -27.23
N TYR F 116 57.84 -3.15 -27.15
CA TYR F 116 58.30 -4.01 -28.23
C TYR F 116 59.34 -4.97 -27.67
N TYR F 117 59.76 -5.91 -28.53
CA TYR F 117 60.80 -6.89 -28.21
C TYR F 117 60.41 -7.73 -26.99
N TYR F 118 59.35 -8.51 -27.18
CA TYR F 118 58.80 -9.39 -26.15
C TYR F 118 59.47 -10.76 -26.20
N HIS F 119 59.26 -11.53 -25.13
CA HIS F 119 59.71 -12.92 -25.08
C HIS F 119 58.87 -13.67 -24.06
N SER F 120 58.37 -14.84 -24.45
CA SER F 120 57.48 -15.65 -23.62
C SER F 120 58.18 -16.93 -23.20
N VAL F 121 58.05 -17.28 -21.91
CA VAL F 121 58.56 -18.54 -21.40
C VAL F 121 57.51 -19.17 -20.50
N PHE F 122 57.56 -20.49 -20.39
CA PHE F 122 56.64 -21.26 -19.56
C PHE F 122 57.43 -22.23 -18.71
N LEU F 123 57.12 -22.28 -17.42
CA LEU F 123 57.80 -23.15 -16.46
C LEU F 123 56.77 -24.11 -15.87
N SER F 124 57.14 -25.39 -15.80
CA SER F 124 56.22 -26.46 -15.43
C SER F 124 56.46 -26.92 -14.00
N LYS F 125 55.62 -27.86 -13.55
CA LYS F 125 55.59 -28.26 -12.15
C LYS F 125 56.80 -29.11 -11.76
N ALA F 126 57.24 -30.00 -12.67
CA ALA F 126 58.31 -30.94 -12.31
C ALA F 126 59.61 -30.22 -12.00
N GLN F 127 59.96 -29.22 -12.81
CA GLN F 127 61.15 -28.43 -12.52
C GLN F 127 60.99 -27.58 -11.28
N LEU F 128 59.76 -27.31 -10.86
CA LEU F 128 59.53 -26.65 -9.58
C LEU F 128 59.81 -27.60 -8.42
N VAL F 129 59.30 -28.82 -8.50
CA VAL F 129 59.44 -29.77 -7.40
C VAL F 129 60.84 -30.39 -7.36
N GLU F 130 61.61 -30.27 -8.43
CA GLU F 130 62.99 -30.76 -8.44
C GLU F 130 64.00 -29.67 -8.12
N LEU F 131 63.81 -28.46 -8.64
CA LEU F 131 64.75 -27.35 -8.43
C LEU F 131 64.20 -26.32 -7.45
N ALA F 132 63.53 -26.77 -6.40
CA ALA F 132 63.00 -25.85 -5.40
C ALA F 132 64.13 -25.05 -4.76
N GLY F 133 64.03 -23.73 -4.85
CA GLY F 133 65.06 -22.84 -4.34
C GLY F 133 66.37 -22.91 -5.09
N LYS F 134 66.33 -22.94 -6.41
CA LYS F 134 67.54 -22.98 -7.22
C LYS F 134 67.35 -22.10 -8.45
N GLY F 135 68.46 -21.83 -9.15
CA GLY F 135 68.44 -20.84 -10.21
C GLY F 135 68.12 -21.43 -11.58
N ILE F 136 67.38 -20.65 -12.36
CA ILE F 136 67.00 -21.00 -13.73
C ILE F 136 67.48 -19.86 -14.64
N LEU F 137 68.08 -20.22 -15.76
CA LEU F 137 68.69 -19.25 -16.66
C LEU F 137 67.88 -19.10 -17.94
N VAL F 138 67.78 -17.86 -18.42
CA VAL F 138 67.00 -17.51 -19.60
C VAL F 138 67.85 -16.63 -20.51
N GLN F 139 67.84 -16.94 -21.81
CA GLN F 139 68.55 -16.15 -22.82
C GLN F 139 67.51 -15.67 -23.83
N MET F 140 66.96 -14.48 -23.58
CA MET F 140 65.89 -13.95 -24.52
C MET F 140 66.53 -13.31 -25.82
N PRO F 141 65.86 -13.11 -26.98
CA PRO F 141 66.46 -12.34 -28.06
C PRO F 141 66.71 -10.88 -27.63
N SER F 142 67.77 -10.26 -28.13
CA SER F 142 68.20 -8.89 -27.88
C SER F 142 69.11 -8.40 -29.00
N THR F 143 69.62 -7.17 -28.83
CA THR F 143 70.51 -6.57 -29.84
C THR F 143 71.77 -7.40 -30.02
N THR F 144 72.37 -7.85 -28.92
CA THR F 144 73.58 -8.66 -28.92
C THR F 144 73.43 -9.79 -27.91
N TYR F 145 74.40 -10.71 -27.92
CA TYR F 145 74.40 -11.78 -26.93
C TYR F 145 74.72 -11.22 -25.55
N GLY F 146 74.54 -12.07 -24.55
CA GLY F 146 74.47 -11.62 -23.18
C GLY F 146 73.01 -11.51 -22.79
N ASP F 147 72.63 -10.46 -22.08
CA ASP F 147 71.25 -10.15 -21.74
C ASP F 147 70.61 -11.25 -20.89
N ARG F 148 71.39 -12.23 -20.48
CA ARG F 148 70.92 -13.39 -19.73
C ARG F 148 70.22 -12.95 -18.44
N LYS F 149 69.26 -13.77 -18.00
CA LYS F 149 68.55 -13.54 -16.75
C LYS F 149 68.65 -14.78 -15.87
N TYR F 150 69.03 -14.56 -14.61
CA TYR F 150 69.13 -15.60 -13.59
C TYR F 150 68.00 -15.39 -12.60
N LEU F 151 67.16 -16.42 -12.43
CA LEU F 151 65.98 -16.31 -11.56
C LEU F 151 65.98 -17.49 -10.60
N TYR F 152 66.03 -17.21 -9.30
CA TYR F 152 65.91 -18.29 -8.32
C TYR F 152 64.44 -18.66 -8.19
N VAL F 153 64.05 -19.82 -8.71
CA VAL F 153 62.69 -20.29 -8.58
C VAL F 153 62.66 -21.37 -7.51
N SER F 154 61.47 -21.56 -6.95
CA SER F 154 61.21 -22.61 -5.98
C SER F 154 59.85 -23.23 -6.30
N THR F 155 59.36 -24.08 -5.40
CA THR F 155 58.00 -24.57 -5.54
C THR F 155 57.00 -23.43 -5.45
N THR F 156 57.22 -22.48 -4.54
CA THR F 156 56.23 -21.45 -4.25
C THR F 156 56.83 -20.05 -4.21
N GLY F 157 57.81 -19.76 -5.07
CA GLY F 157 58.39 -18.44 -5.08
C GLY F 157 59.33 -18.26 -6.26
N LEU F 158 59.62 -16.98 -6.54
CA LEU F 158 60.57 -16.62 -7.58
C LEU F 158 61.22 -15.29 -7.23
N SER F 159 62.55 -15.28 -7.16
CA SER F 159 63.32 -14.12 -6.77
C SER F 159 64.41 -13.85 -7.79
N GLY F 160 64.98 -12.64 -7.71
CA GLY F 160 65.94 -12.17 -8.69
C GLY F 160 67.39 -12.36 -8.28
N HIS F 161 68.28 -12.20 -9.25
CA HIS F 161 69.70 -12.36 -9.09
C HIS F 161 70.41 -11.05 -9.44
N PHE F 162 71.69 -10.98 -9.11
CA PHE F 162 72.50 -9.81 -9.44
C PHE F 162 72.81 -9.82 -10.94
N ASP F 163 71.76 -9.68 -11.77
CA ASP F 163 71.94 -9.49 -13.20
C ASP F 163 71.06 -8.41 -13.80
N ASN F 164 69.92 -8.07 -13.19
CA ASN F 164 69.14 -6.92 -13.63
C ASN F 164 69.75 -5.61 -13.16
N SER F 165 70.55 -5.66 -12.09
CA SER F 165 71.34 -4.49 -11.72
C SER F 165 72.51 -4.29 -12.67
N ASN F 166 73.08 -5.39 -13.19
CA ASN F 166 74.14 -5.28 -14.19
C ASN F 166 73.62 -4.62 -15.46
N TYR F 167 72.44 -5.03 -15.92
CA TYR F 167 71.79 -4.41 -17.08
C TYR F 167 70.31 -4.26 -16.75
N ALA F 168 69.79 -3.04 -16.91
CA ALA F 168 68.42 -2.73 -16.57
C ALA F 168 67.54 -2.51 -17.80
N ALA F 169 68.06 -2.80 -19.00
CA ALA F 169 67.31 -2.55 -20.22
C ALA F 169 66.22 -3.58 -20.49
N TRP F 170 66.31 -4.77 -19.89
CA TRP F 170 65.31 -5.82 -20.11
C TRP F 170 64.89 -6.39 -18.76
N ALA F 171 63.59 -6.53 -18.56
CA ALA F 171 63.06 -7.13 -17.34
C ALA F 171 61.64 -7.62 -17.62
N LEU F 172 60.90 -7.94 -16.56
CA LEU F 172 59.61 -8.59 -16.72
C LEU F 172 58.58 -7.62 -17.29
N ARG F 173 57.57 -8.19 -17.95
CA ARG F 173 56.35 -7.47 -18.29
C ARG F 173 55.12 -8.11 -17.66
N GLN F 174 55.11 -9.43 -17.52
CA GLN F 174 54.00 -10.08 -16.83
C GLN F 174 54.45 -11.43 -16.28
N VAL F 175 53.85 -11.81 -15.15
CA VAL F 175 54.03 -13.11 -14.55
C VAL F 175 52.65 -13.63 -14.15
N THR F 176 52.31 -14.84 -14.61
CA THR F 176 51.03 -15.46 -14.32
C THR F 176 51.25 -16.87 -13.80
N ILE F 177 50.54 -17.25 -12.75
CA ILE F 177 50.60 -18.58 -12.17
C ILE F 177 49.34 -19.34 -12.55
N MET F 178 49.53 -20.59 -12.96
CA MET F 178 48.40 -21.43 -13.36
C MET F 178 48.79 -22.91 -13.34
N THR G 2 -43.83 -8.35 29.25
CA THR G 2 -43.40 -6.98 29.02
C THR G 2 -44.06 -6.02 29.99
N LYS G 3 -44.83 -6.55 30.94
CA LYS G 3 -45.47 -5.76 31.97
C LYS G 3 -44.96 -6.20 33.33
N ILE G 4 -44.51 -5.25 34.14
CA ILE G 4 -44.02 -5.57 35.48
C ILE G 4 -45.21 -5.78 36.40
N VAL G 5 -45.19 -6.90 37.13
CA VAL G 5 -46.31 -7.32 37.96
C VAL G 5 -45.82 -7.52 39.38
N LYS G 6 -46.78 -7.64 40.29
CA LYS G 6 -46.51 -7.86 41.71
C LYS G 6 -47.12 -9.21 42.09
N MET G 7 -46.28 -10.23 42.16
CA MET G 7 -46.77 -11.58 42.44
C MET G 7 -46.94 -11.80 43.93
N SER G 8 -48.07 -12.39 44.31
CA SER G 8 -48.40 -12.65 45.69
C SER G 8 -49.02 -14.04 45.81
N GLU G 9 -48.91 -14.62 47.00
CA GLU G 9 -49.44 -15.95 47.26
C GLU G 9 -50.34 -15.92 48.49
N LYS G 10 -51.30 -16.84 48.52
CA LYS G 10 -52.30 -16.88 49.58
C LYS G 10 -51.68 -17.45 50.85
N ASN G 11 -51.62 -16.63 51.89
CA ASN G 11 -51.03 -17.04 53.16
C ASN G 11 -52.01 -17.91 53.95
N GLU G 12 -51.54 -18.45 55.07
CA GLU G 12 -52.38 -19.30 55.90
C GLU G 12 -53.48 -18.52 56.62
N HIS G 13 -53.38 -17.20 56.66
CA HIS G 13 -54.42 -16.37 57.25
C HIS G 13 -55.45 -15.90 56.24
N GLY G 14 -55.33 -16.32 54.98
CA GLY G 14 -56.26 -15.91 53.94
C GLY G 14 -55.89 -14.62 53.24
N THR G 15 -54.84 -13.94 53.67
CA THR G 15 -54.42 -12.70 53.04
C THR G 15 -53.41 -12.98 51.94
N LEU G 16 -53.55 -12.27 50.82
CA LEU G 16 -52.66 -12.44 49.66
C LEU G 16 -51.34 -11.75 49.98
N GLU G 17 -50.45 -12.49 50.63
CA GLU G 17 -49.17 -11.93 51.06
C GLU G 17 -48.23 -11.82 49.87
N GLN G 18 -47.59 -10.67 49.73
CA GLN G 18 -46.70 -10.44 48.60
C GLN G 18 -45.32 -11.01 48.88
N PHE G 19 -44.72 -11.62 47.85
CA PHE G 19 -43.41 -12.23 47.96
C PHE G 19 -42.50 -11.72 46.85
N TYR G 20 -41.20 -11.77 47.09
CA TYR G 20 -40.20 -11.23 46.18
C TYR G 20 -39.40 -12.35 45.56
N PRO G 21 -39.49 -12.58 44.26
CA PRO G 21 -38.61 -13.56 43.61
C PRO G 21 -37.16 -13.11 43.65
N GLU G 22 -36.27 -14.08 43.73
CA GLU G 22 -34.83 -13.83 43.76
C GLU G 22 -34.24 -14.07 42.37
N THR G 23 -33.41 -13.13 41.92
CA THR G 23 -32.93 -13.12 40.54
C THR G 23 -31.45 -12.73 40.54
N HIS G 24 -30.93 -12.43 39.36
CA HIS G 24 -29.52 -12.15 39.14
C HIS G 24 -29.37 -10.85 38.35
N ALA G 25 -28.21 -10.22 38.52
CA ALA G 25 -27.96 -8.93 37.85
C ALA G 25 -27.96 -9.08 36.34
N GLU G 26 -27.38 -10.16 35.83
CA GLU G 26 -27.40 -10.40 34.39
C GLU G 26 -28.82 -10.63 33.89
N ALA G 27 -29.66 -11.23 34.72
CA ALA G 27 -31.04 -11.50 34.32
C ALA G 27 -31.82 -10.22 34.06
N VAL G 28 -31.64 -9.21 34.90
CA VAL G 28 -32.42 -8.00 34.78
C VAL G 28 -32.03 -7.25 33.50
N LYS G 29 -33.04 -6.87 32.72
CA LYS G 29 -32.82 -6.18 31.46
C LYS G 29 -32.80 -4.68 31.68
N GLY G 30 -31.91 -4.00 30.96
CA GLY G 30 -31.70 -2.58 31.18
C GLY G 30 -31.12 -2.26 32.54
N LEU G 31 -30.13 -3.04 32.97
CA LEU G 31 -29.62 -2.94 34.34
C LEU G 31 -28.71 -1.73 34.50
N VAL G 32 -27.64 -1.65 33.70
CA VAL G 32 -26.60 -0.64 33.81
C VAL G 32 -25.87 -0.82 35.14
N SER G 33 -24.67 -1.38 35.08
CA SER G 33 -23.95 -1.78 36.29
C SER G 33 -22.53 -1.25 36.25
N VAL G 34 -21.98 -1.00 37.43
CA VAL G 34 -20.56 -0.69 37.60
C VAL G 34 -19.80 -2.00 37.75
N SER G 35 -18.48 -1.95 37.58
CA SER G 35 -17.67 -3.17 37.52
C SER G 35 -16.73 -3.30 38.72
N GLU G 36 -17.13 -2.76 39.87
CA GLU G 36 -16.38 -2.90 41.12
C GLU G 36 -14.99 -2.30 41.02
N GLU G 37 -14.12 -2.89 40.20
CA GLU G 37 -12.82 -2.27 39.95
C GLU G 37 -12.98 -0.93 39.25
N GLU G 38 -13.92 -0.84 38.31
CA GLU G 38 -14.31 0.45 37.77
C GLU G 38 -14.85 1.35 38.87
N LYS G 39 -15.67 0.79 39.76
CA LYS G 39 -16.11 1.52 40.95
C LYS G 39 -14.94 1.89 41.85
N THR G 40 -13.92 1.02 41.93
CA THR G 40 -12.77 1.32 42.77
C THR G 40 -12.00 2.53 42.27
N ILE G 41 -11.65 2.55 40.97
CA ILE G 41 -11.00 3.72 40.41
C ILE G 41 -11.93 4.92 40.38
N TRP G 42 -13.24 4.68 40.38
CA TRP G 42 -14.21 5.76 40.50
C TRP G 42 -14.08 6.45 41.85
N ASP G 43 -14.01 5.67 42.92
CA ASP G 43 -13.95 6.24 44.27
C ASP G 43 -12.59 6.83 44.59
N GLN G 44 -11.49 6.14 44.24
CA GLN G 44 -10.18 6.59 44.66
C GLN G 44 -9.83 7.94 44.05
N LYS G 45 -10.12 8.12 42.76
CA LYS G 45 -9.90 9.32 41.95
C LYS G 45 -9.05 10.39 42.61
N GLU G 46 -9.70 11.40 43.22
CA GLU G 46 -9.00 12.50 43.86
C GLU G 46 -9.99 13.24 44.74
N SER G 47 -9.47 14.06 45.64
CA SER G 47 -10.30 14.84 46.54
C SER G 47 -11.06 15.93 45.77
N THR G 48 -12.06 16.51 46.43
CA THR G 48 -12.86 17.54 45.80
C THR G 48 -12.02 18.77 45.47
N ALA G 49 -11.06 19.10 46.32
CA ALA G 49 -10.10 20.18 46.07
C ALA G 49 -8.76 19.65 45.61
N GLY G 50 -8.75 18.50 44.93
CA GLY G 50 -7.49 17.92 44.49
C GLY G 50 -6.74 18.82 43.52
N ALA G 51 -7.46 19.42 42.58
CA ALA G 51 -6.85 20.38 41.66
C ALA G 51 -6.90 21.80 42.21
N GLU G 52 -6.48 21.95 43.45
CA GLU G 52 -6.29 23.25 44.09
C GLU G 52 -4.91 23.38 44.73
N GLN G 53 -4.43 22.31 45.39
CA GLN G 53 -3.08 22.34 45.95
C GLN G 53 -2.03 22.39 44.86
N LYS G 54 -2.31 21.83 43.69
CA LYS G 54 -1.38 21.93 42.57
C LYS G 54 -1.18 23.38 42.14
N ALA G 55 -2.28 24.13 42.01
CA ALA G 55 -2.18 25.54 41.65
C ALA G 55 -1.55 26.34 42.78
N ASN G 56 -1.86 25.98 44.03
CA ASN G 56 -1.25 26.67 45.16
C ASN G 56 0.25 26.48 45.19
N THR G 57 0.74 25.26 44.93
CA THR G 57 2.17 25.03 44.93
C THR G 57 2.84 25.63 43.70
N ALA G 58 2.12 25.70 42.57
CA ALA G 58 2.66 26.42 41.42
C ALA G 58 2.86 27.90 41.73
N LEU G 59 1.86 28.51 42.39
CA LEU G 59 2.00 29.91 42.80
C LEU G 59 3.11 30.08 43.82
N ASN G 60 3.25 29.13 44.75
CA ASN G 60 4.33 29.19 45.73
C ASN G 60 5.70 29.12 45.05
N SER G 61 5.84 28.24 44.07
CA SER G 61 7.09 28.16 43.32
C SER G 61 7.37 29.45 42.56
N ALA G 62 6.32 30.04 41.98
CA ALA G 62 6.48 31.31 41.29
C ALA G 62 6.96 32.40 42.24
N LYS G 63 6.36 32.47 43.43
CA LYS G 63 6.77 33.48 44.41
C LYS G 63 8.20 33.24 44.89
N ASP G 64 8.57 31.97 45.09
CA ASP G 64 9.93 31.66 45.50
C ASP G 64 10.93 32.05 44.43
N TYR G 65 10.61 31.80 43.16
CA TYR G 65 11.52 32.18 42.09
C TYR G 65 11.62 33.69 41.97
N VAL G 66 10.50 34.41 42.19
CA VAL G 66 10.55 35.87 42.19
C VAL G 66 11.47 36.35 43.31
N ASP G 67 11.36 35.75 44.49
CA ASP G 67 12.21 36.14 45.61
C ASP G 67 13.69 35.87 45.30
N THR G 68 13.99 34.72 44.70
CA THR G 68 15.40 34.39 44.48
C THR G 68 15.98 35.17 43.31
N ILE G 69 15.17 35.53 42.31
CA ILE G 69 15.66 36.39 41.24
C ILE G 69 15.87 37.80 41.75
N GLY G 70 15.01 38.28 42.66
CA GLY G 70 15.26 39.56 43.30
C GLY G 70 16.51 39.54 44.15
N GLU G 71 16.74 38.43 44.85
CA GLU G 71 17.86 38.36 45.79
C GLU G 71 19.19 38.21 45.06
N GLY G 72 19.24 37.35 44.05
CA GLY G 72 20.49 37.08 43.37
C GLY G 72 21.38 36.12 44.15
N THR G 73 22.58 35.90 43.60
CA THR G 73 23.58 35.03 44.21
C THR G 73 24.91 35.77 44.23
N VAL G 74 25.45 35.96 45.43
CA VAL G 74 26.74 36.64 45.58
C VAL G 74 27.85 35.70 45.10
N ILE G 75 28.72 36.21 44.22
CA ILE G 75 29.76 35.38 43.62
C ILE G 75 31.10 35.69 44.28
N PHE G 76 31.54 36.95 44.19
CA PHE G 76 32.81 37.36 44.78
C PHE G 76 32.64 38.64 45.57
N LYS G 77 33.34 38.71 46.70
CA LYS G 77 33.31 39.85 47.61
C LYS G 77 34.72 40.04 48.15
N GLY G 78 35.32 41.19 47.87
CA GLY G 78 36.70 41.42 48.26
C GLY G 78 37.30 42.68 47.68
N ALA G 79 38.49 42.57 47.09
CA ALA G 79 39.16 43.71 46.48
C ALA G 79 39.90 43.26 45.22
N ASN G 80 39.79 44.07 44.17
CA ASN G 80 40.47 43.79 42.91
C ASN G 80 40.51 45.07 42.10
N LEU G 81 41.70 45.43 41.61
CA LEU G 81 41.93 46.70 40.92
C LEU G 81 41.57 46.64 39.44
N MET G 82 40.80 45.63 39.03
CA MET G 82 40.37 45.42 37.63
C MET G 82 41.48 45.75 36.63
N GLY G 83 42.66 45.23 36.92
CA GLY G 83 43.81 45.47 36.06
C GLY G 83 43.77 44.63 34.79
N ALA G 84 44.78 44.85 33.95
CA ALA G 84 44.88 44.12 32.70
C ALA G 84 45.13 42.63 32.96
N GLY G 85 44.54 41.79 32.11
CA GLY G 85 44.67 40.36 32.27
C GLY G 85 43.71 39.74 33.26
N GLN G 86 42.77 40.51 33.80
CA GLN G 86 41.81 40.01 34.78
C GLN G 86 40.44 39.89 34.14
N SER G 87 39.83 38.71 34.29
CA SER G 87 38.50 38.45 33.77
C SER G 87 37.68 37.69 34.81
N PHE G 88 36.36 37.87 34.75
CA PHE G 88 35.43 37.21 35.66
C PHE G 88 34.36 36.53 34.81
N LYS G 89 34.61 35.29 34.41
CA LYS G 89 33.70 34.54 33.54
C LYS G 89 32.85 33.61 34.39
N TRP G 90 31.57 33.50 34.03
CA TRP G 90 30.63 32.64 34.73
C TRP G 90 29.70 31.99 33.70
N ASP G 91 28.60 31.43 34.18
CA ASP G 91 27.59 30.84 33.32
C ASP G 91 26.42 31.81 33.16
N ALA G 92 25.93 31.93 31.93
CA ALA G 92 24.83 32.85 31.63
C ALA G 92 23.47 32.27 31.98
N SER G 93 23.40 31.01 32.40
CA SER G 93 22.11 30.40 32.73
C SER G 93 21.48 31.06 33.95
N LYS G 94 22.29 31.59 34.86
CA LYS G 94 21.79 32.25 36.06
C LYS G 94 21.59 33.74 35.87
N LEU G 95 21.75 34.26 34.65
CA LEU G 95 21.56 35.67 34.36
C LEU G 95 20.19 35.89 33.73
N LYS G 96 19.36 36.71 34.36
CA LYS G 96 18.05 37.07 33.83
C LYS G 96 17.78 38.56 33.81
N PHE G 97 18.40 39.36 34.68
CA PHE G 97 18.26 40.81 34.64
C PHE G 97 19.57 41.51 34.31
N GLY G 98 20.64 41.21 35.01
CA GLY G 98 21.92 41.82 34.70
C GLY G 98 22.91 41.63 35.84
N MET G 99 24.03 42.34 35.72
CA MET G 99 25.07 42.34 36.73
C MET G 99 24.89 43.50 37.69
N THR G 100 25.46 43.35 38.89
CA THR G 100 25.52 44.41 39.88
C THR G 100 26.96 44.48 40.41
N LEU G 101 27.54 45.67 40.38
CA LEU G 101 28.91 45.88 40.82
C LEU G 101 28.93 46.85 41.99
N LEU G 102 29.76 46.56 43.00
CA LEU G 102 29.86 47.40 44.19
C LEU G 102 31.32 47.76 44.41
N PHE G 103 31.60 49.05 44.46
CA PHE G 103 32.93 49.64 44.65
C PHE G 103 32.97 50.32 46.01
N SER G 104 34.18 50.44 46.56
CA SER G 104 34.36 51.19 47.81
C SER G 104 35.79 51.72 47.88
N ARG G 105 36.10 52.41 48.97
CA ARG G 105 37.38 53.10 49.11
C ARG G 105 38.54 52.11 49.15
N TYR G 106 39.68 52.55 48.64
CA TYR G 106 40.88 51.73 48.56
C TYR G 106 42.08 52.60 48.88
N ASP G 107 43.18 51.95 49.27
CA ASP G 107 44.45 52.62 49.50
C ASP G 107 45.55 51.94 48.71
N ALA G 108 46.45 52.74 48.16
CA ALA G 108 47.56 52.19 47.38
C ALA G 108 48.59 51.50 48.26
N ALA G 109 48.89 52.06 49.43
CA ALA G 109 49.89 51.48 50.32
C ALA G 109 49.26 50.53 51.34
N ASN G 110 48.18 50.96 51.99
CA ASN G 110 47.51 50.10 52.97
C ASN G 110 46.88 48.88 52.31
N ASN G 111 46.40 49.03 51.08
CA ASN G 111 45.77 47.95 50.32
C ASN G 111 44.55 47.38 51.07
N THR G 112 43.87 48.23 51.85
CA THR G 112 42.68 47.79 52.56
C THR G 112 41.43 48.25 51.83
N PRO G 113 40.49 47.35 51.54
CA PRO G 113 39.23 47.78 50.93
C PRO G 113 38.34 48.48 51.93
N GLN G 114 38.60 49.77 52.16
CA GLN G 114 37.84 50.53 53.14
C GLN G 114 36.36 50.54 52.80
N ASP G 115 35.53 50.27 53.79
CA ASP G 115 34.08 50.19 53.60
C ASP G 115 33.42 51.57 53.72
N TYR G 116 33.94 52.52 52.95
CA TYR G 116 33.45 53.89 52.97
C TYR G 116 33.21 54.35 51.54
N TYR G 117 32.31 55.34 51.40
CA TYR G 117 32.05 56.02 50.13
C TYR G 117 31.70 55.02 49.03
N TYR G 118 30.79 54.10 49.36
CA TYR G 118 30.45 53.02 48.46
C TYR G 118 29.80 53.54 47.18
N HIS G 119 29.97 52.79 46.09
CA HIS G 119 29.40 53.12 44.80
C HIS G 119 28.76 51.87 44.20
N SER G 120 27.66 52.05 43.48
CA SER G 120 26.92 50.94 42.88
C SER G 120 26.78 51.16 41.38
N VAL G 121 26.98 50.09 40.62
CA VAL G 121 26.81 50.10 39.17
C VAL G 121 25.81 49.00 38.81
N PHE G 122 24.77 49.37 38.08
CA PHE G 122 23.70 48.46 37.69
C PHE G 122 23.80 48.15 36.20
N LEU G 123 23.42 46.91 35.85
CA LEU G 123 23.48 46.44 34.48
C LEU G 123 22.18 45.74 34.12
N SER G 124 21.83 45.77 32.84
CA SER G 124 20.57 45.22 32.35
C SER G 124 20.82 44.24 31.22
N LYS G 125 19.94 43.24 31.12
CA LYS G 125 20.09 42.22 30.09
C LYS G 125 19.95 42.84 28.69
N ALA G 126 18.97 43.72 28.51
CA ALA G 126 18.87 44.45 27.24
C ALA G 126 20.11 45.31 27.01
N GLN G 127 20.72 45.78 28.10
CA GLN G 127 21.99 46.50 27.98
C GLN G 127 23.16 45.54 27.87
N LEU G 128 23.04 44.34 28.46
CA LEU G 128 24.15 43.40 28.45
C LEU G 128 24.33 42.76 27.07
N VAL G 129 23.25 42.57 26.32
CA VAL G 129 23.34 41.86 25.05
C VAL G 129 24.13 42.67 24.03
N GLU G 130 23.93 43.98 24.00
CA GLU G 130 24.65 44.84 23.06
C GLU G 130 26.06 45.17 23.54
N LEU G 131 26.34 45.02 24.84
CA LEU G 131 27.63 45.37 25.41
C LEU G 131 28.57 44.18 25.52
N ALA G 132 28.43 43.18 24.65
CA ALA G 132 29.32 42.03 24.68
C ALA G 132 30.71 42.42 24.21
N GLY G 133 31.68 42.40 25.12
CA GLY G 133 33.05 42.73 24.78
C GLY G 133 33.39 44.19 24.99
N LYS G 134 32.56 45.09 24.48
CA LYS G 134 32.84 46.52 24.60
C LYS G 134 32.75 46.96 26.06
N GLY G 135 33.62 47.91 26.43
CA GLY G 135 33.69 48.39 27.80
C GLY G 135 32.73 49.54 28.07
N ILE G 136 32.70 49.95 29.34
CA ILE G 136 31.86 51.04 29.81
C ILE G 136 32.72 52.00 30.63
N LEU G 137 32.29 53.25 30.68
CA LEU G 137 32.92 54.29 31.47
C LEU G 137 31.94 54.77 32.53
N VAL G 138 32.39 54.83 33.78
CA VAL G 138 31.54 55.21 34.91
C VAL G 138 32.23 56.32 35.69
N GLN G 139 31.56 57.45 35.85
CA GLN G 139 32.02 58.47 36.78
C GLN G 139 31.60 58.08 38.20
N MET G 140 32.49 58.34 39.16
CA MET G 140 32.36 57.74 40.47
C MET G 140 32.49 58.81 41.56
N PRO G 141 31.75 58.67 42.66
CA PRO G 141 31.94 59.57 43.81
C PRO G 141 33.35 59.49 44.36
N SER G 142 34.07 60.60 44.25
CA SER G 142 35.42 60.72 44.77
C SER G 142 35.59 62.12 45.35
N THR G 143 36.77 62.37 45.93
CA THR G 143 37.04 63.69 46.50
C THR G 143 37.08 64.77 45.43
N THR G 144 37.55 64.42 44.23
CA THR G 144 37.57 65.33 43.09
C THR G 144 37.11 64.58 41.86
N TYR G 145 36.65 65.33 40.85
CA TYR G 145 36.17 64.71 39.63
C TYR G 145 37.31 63.98 38.93
N GLY G 146 37.02 62.78 38.45
CA GLY G 146 38.00 61.91 37.86
C GLY G 146 37.85 60.51 38.42
N ASP G 147 38.88 59.70 38.20
CA ASP G 147 38.86 58.31 38.63
C ASP G 147 37.63 57.63 38.06
N ARG G 148 37.36 57.89 36.78
CA ARG G 148 36.21 57.31 36.10
C ARG G 148 36.59 55.93 35.57
N LYS G 149 36.00 54.89 36.17
CA LYS G 149 36.39 53.52 35.85
C LYS G 149 35.97 53.17 34.43
N TYR G 150 36.96 52.81 33.61
CA TYR G 150 36.72 52.24 32.28
C TYR G 150 36.94 50.74 32.42
N LEU G 151 35.85 49.98 32.45
CA LEU G 151 35.91 48.55 32.70
C LEU G 151 35.06 47.81 31.67
N TYR G 152 35.55 46.65 31.25
CA TYR G 152 34.86 45.84 30.25
C TYR G 152 33.89 44.91 30.95
N VAL G 153 32.61 45.02 30.62
CA VAL G 153 31.56 44.17 31.16
C VAL G 153 30.75 43.60 30.00
N SER G 154 30.12 42.46 30.24
CA SER G 154 29.34 41.79 29.21
C SER G 154 28.38 40.81 29.87
N THR G 155 27.43 40.32 29.08
CA THR G 155 26.48 39.32 29.57
C THR G 155 27.16 37.98 29.85
N THR G 156 28.34 37.74 29.29
CA THR G 156 29.07 36.50 29.51
C THR G 156 30.12 36.60 30.59
N GLY G 157 30.62 37.80 30.86
CA GLY G 157 31.64 37.95 31.88
C GLY G 157 32.14 39.37 31.93
N LEU G 158 33.28 39.54 32.60
CA LEU G 158 33.92 40.83 32.76
C LEU G 158 35.37 40.75 32.29
N SER G 159 35.93 41.90 31.94
CA SER G 159 37.33 41.99 31.54
C SER G 159 37.93 43.26 32.12
N GLY G 160 39.25 43.23 32.33
CA GLY G 160 39.95 44.35 32.93
C GLY G 160 40.56 45.29 31.91
N HIS G 161 41.23 46.32 32.42
CA HIS G 161 41.89 47.32 31.59
C HIS G 161 43.01 47.96 32.38
N PHE G 162 43.98 48.52 31.66
CA PHE G 162 45.12 49.16 32.28
C PHE G 162 44.84 50.60 32.71
N ASP G 163 43.76 51.20 32.25
CA ASP G 163 43.45 52.58 32.62
C ASP G 163 43.03 52.72 34.08
N ASN G 164 42.38 51.71 34.65
CA ASN G 164 41.88 51.77 36.01
C ASN G 164 42.91 51.36 37.05
N SER G 165 44.06 50.84 36.63
CA SER G 165 45.09 50.43 37.58
C SER G 165 45.74 51.63 38.26
N ASN G 166 45.84 52.76 37.56
CA ASN G 166 46.47 53.94 38.15
C ASN G 166 45.63 54.51 39.29
N TYR G 167 44.30 54.35 39.23
CA TYR G 167 43.43 54.72 40.35
C TYR G 167 43.36 53.57 41.35
N ALA G 168 44.46 53.41 42.11
CA ALA G 168 44.52 52.39 43.14
C ALA G 168 43.66 52.72 44.36
N ALA G 169 43.14 53.94 44.46
CA ALA G 169 42.31 54.33 45.59
C ALA G 169 40.85 53.96 45.41
N TRP G 170 40.50 53.28 44.32
CA TRP G 170 39.13 52.92 44.01
C TRP G 170 39.14 51.63 43.21
N ALA G 171 38.38 50.63 43.67
CA ALA G 171 38.39 49.32 43.02
C ALA G 171 37.11 48.58 43.36
N LEU G 172 36.98 47.38 42.81
CA LEU G 172 35.76 46.60 42.98
C LEU G 172 35.74 45.90 44.34
N ARG G 173 34.55 45.84 44.94
CA ARG G 173 34.35 45.13 46.19
C ARG G 173 33.46 43.91 46.05
N GLN G 174 32.39 44.00 45.29
CA GLN G 174 31.45 42.89 45.22
C GLN G 174 30.88 42.78 43.82
N VAL G 175 30.73 41.55 43.33
CA VAL G 175 30.09 41.28 42.04
C VAL G 175 28.93 40.33 42.29
N THR G 176 27.76 40.66 41.75
CA THR G 176 26.58 39.85 42.00
C THR G 176 25.71 39.82 40.75
N ILE G 177 24.82 38.82 40.71
CA ILE G 177 23.82 38.73 39.67
C ILE G 177 22.51 39.30 40.21
N MET G 178 21.58 39.58 39.32
CA MET G 178 20.30 40.18 39.71
C MET G 178 19.18 39.56 38.89
N MET H 1 -61.88 7.34 30.14
CA MET H 1 -62.27 8.74 30.21
C MET H 1 -62.37 9.35 28.81
N LYS H 2 -63.25 10.33 28.66
CA LYS H 2 -63.39 11.03 27.38
C LYS H 2 -62.15 11.87 27.13
N LEU H 3 -61.62 11.78 25.91
CA LEU H 3 -60.43 12.55 25.56
C LEU H 3 -60.76 14.04 25.50
N ASP H 4 -59.84 14.86 26.02
CA ASP H 4 -60.02 16.31 26.02
C ASP H 4 -58.63 16.92 25.84
N LEU H 5 -58.29 17.23 24.59
CA LEU H 5 -57.02 17.86 24.28
C LEU H 5 -57.15 19.38 24.35
N TRP H 6 -56.00 20.04 24.42
CA TRP H 6 -55.94 21.50 24.45
C TRP H 6 -55.33 21.96 23.13
N LYS H 7 -56.17 22.48 22.25
CA LYS H 7 -55.69 23.01 20.98
C LYS H 7 -54.92 24.30 21.21
N TRP H 8 -54.00 24.61 20.29
CA TRP H 8 -53.15 25.78 20.44
C TRP H 8 -53.95 27.03 20.13
N GLU H 9 -54.23 27.82 21.17
CA GLU H 9 -55.01 29.05 21.04
C GLU H 9 -54.18 30.31 21.21
N MET H 10 -52.85 30.19 21.30
CA MET H 10 -51.99 31.35 21.49
C MET H 10 -50.67 31.11 20.77
N LEU H 11 -50.10 32.19 20.22
CA LEU H 11 -48.89 32.09 19.43
C LEU H 11 -47.61 32.17 20.25
N LEU H 12 -47.71 32.51 21.54
CA LEU H 12 -46.51 32.66 22.36
C LEU H 12 -45.89 31.30 22.63
N GLN H 13 -44.58 31.18 22.39
CA GLN H 13 -43.84 29.95 22.64
C GLN H 13 -43.24 29.96 24.05
N GLY H 14 -44.13 30.19 25.03
CA GLY H 14 -43.73 30.35 26.41
C GLY H 14 -43.77 29.06 27.19
N ARG H 15 -43.76 29.22 28.52
CA ARG H 15 -43.74 28.06 29.41
C ARG H 15 -45.08 27.33 29.40
N GLU H 16 -46.18 28.08 29.43
CA GLU H 16 -47.50 27.46 29.45
C GLU H 16 -47.77 26.67 28.18
N PHE H 17 -47.20 27.10 27.05
CA PHE H 17 -47.30 26.34 25.82
C PHE H 17 -46.77 24.92 26.00
N ARG H 18 -45.54 24.81 26.50
CA ARG H 18 -44.95 23.50 26.71
C ARG H 18 -45.69 22.72 27.78
N ASN H 19 -46.15 23.40 28.83
CA ASN H 19 -46.90 22.72 29.88
C ASN H 19 -48.16 22.08 29.33
N LYS H 20 -48.92 22.83 28.53
CA LYS H 20 -50.18 22.32 28.02
C LYS H 20 -49.95 21.26 26.95
N THR H 21 -48.89 21.39 26.16
CA THR H 21 -48.61 20.35 25.16
C THR H 21 -48.19 19.05 25.85
N ASN H 22 -47.39 19.14 26.91
CA ASN H 22 -47.05 17.94 27.68
C ASN H 22 -48.29 17.36 28.36
N ASP H 23 -49.22 18.22 28.78
CA ASP H 23 -50.50 17.74 29.29
C ASP H 23 -51.24 16.94 28.23
N ASN H 24 -51.23 17.43 26.98
CA ASN H 24 -51.87 16.69 25.90
C ASN H 24 -51.21 15.33 25.69
N TRP H 25 -49.88 15.29 25.73
CA TRP H 25 -49.18 14.01 25.57
C TRP H 25 -49.57 13.05 26.69
N GLN H 26 -49.58 13.53 27.93
CA GLN H 26 -49.91 12.67 29.07
C GLN H 26 -51.34 12.17 28.98
N LYS H 27 -52.25 13.04 28.53
CA LYS H 27 -53.64 12.62 28.35
C LYS H 27 -53.75 11.54 27.28
N LEU H 28 -52.99 11.67 26.20
CA LEU H 28 -52.95 10.60 25.20
C LEU H 28 -52.49 9.29 25.84
N MET H 29 -51.44 9.34 26.65
CA MET H 29 -50.92 8.13 27.28
C MET H 29 -51.96 7.47 28.18
N ASP H 30 -52.60 8.25 29.05
CA ASP H 30 -53.54 7.66 29.99
C ASP H 30 -54.80 7.18 29.28
N TRP H 31 -55.22 7.86 28.21
CA TRP H 31 -56.35 7.37 27.43
C TRP H 31 -56.01 6.06 26.75
N SER H 32 -54.77 5.91 26.27
CA SER H 32 -54.35 4.64 25.70
C SER H 32 -54.42 3.52 26.73
N ASP H 33 -53.92 3.79 27.95
CA ASP H 33 -54.01 2.79 29.01
C ASP H 33 -55.45 2.42 29.30
N PHE H 34 -56.33 3.41 29.38
CA PHE H 34 -57.75 3.14 29.64
C PHE H 34 -58.36 2.29 28.54
N ILE H 35 -58.04 2.57 27.29
CA ILE H 35 -58.62 1.82 26.19
C ILE H 35 -58.13 0.37 26.21
N SER H 36 -56.85 0.16 26.50
CA SER H 36 -56.35 -1.22 26.61
C SER H 36 -57.04 -1.97 27.74
N THR H 37 -57.23 -1.32 28.88
CA THR H 37 -57.94 -1.96 29.98
C THR H 37 -59.37 -2.31 29.58
N GLY H 38 -60.04 -1.41 28.87
CA GLY H 38 -61.38 -1.70 28.41
C GLY H 38 -61.43 -2.88 27.46
N LEU H 39 -60.45 -2.99 26.57
CA LEU H 39 -60.39 -4.13 25.66
C LEU H 39 -60.22 -5.44 26.42
N SER H 40 -59.34 -5.45 27.43
CA SER H 40 -59.18 -6.64 28.25
C SER H 40 -60.48 -7.00 28.96
N ALA H 41 -61.18 -6.01 29.50
CA ALA H 41 -62.46 -6.27 30.15
C ALA H 41 -63.48 -6.82 29.17
N ILE H 42 -63.44 -6.35 27.92
CA ILE H 42 -64.35 -6.87 26.90
C ILE H 42 -64.09 -8.35 26.68
N TYR H 43 -62.81 -8.72 26.54
CA TYR H 43 -62.47 -10.14 26.38
C TYR H 43 -62.97 -10.97 27.56
N VAL H 44 -62.76 -10.47 28.78
CA VAL H 44 -63.14 -11.22 29.97
C VAL H 44 -64.65 -11.41 30.03
N TYR H 45 -65.40 -10.35 29.74
CA TYR H 45 -66.86 -10.43 29.76
C TYR H 45 -67.38 -11.40 28.71
N VAL H 46 -66.80 -11.37 27.51
CA VAL H 46 -67.21 -12.30 26.46
C VAL H 46 -66.95 -13.73 26.90
N ASN H 47 -65.78 -13.99 27.48
CA ASN H 47 -65.45 -15.34 27.93
C ASN H 47 -66.42 -15.82 29.00
N LYS H 48 -66.76 -14.94 29.96
CA LYS H 48 -67.69 -15.33 31.02
C LYS H 48 -69.06 -15.68 30.46
N ALA H 49 -69.58 -14.84 29.58
CA ALA H 49 -70.91 -15.10 29.01
C ALA H 49 -70.91 -16.38 28.18
N ASP H 50 -69.87 -16.60 27.39
CA ASP H 50 -69.80 -17.82 26.59
C ASP H 50 -69.68 -19.06 27.48
N ALA H 51 -68.95 -18.96 28.59
CA ALA H 51 -68.86 -20.07 29.51
C ALA H 51 -70.21 -20.40 30.13
N THR H 52 -70.98 -19.37 30.51
CA THR H 52 -72.31 -19.62 31.04
C THR H 52 -73.21 -20.30 30.01
N LEU H 53 -73.17 -19.81 28.76
CA LEU H 53 -73.99 -20.42 27.71
C LEU H 53 -73.57 -21.87 27.46
N ASN H 54 -72.26 -22.13 27.47
CA ASN H 54 -71.78 -23.48 27.25
C ASN H 54 -72.19 -24.42 28.37
N ASN H 55 -72.16 -23.94 29.61
CA ASN H 55 -72.62 -24.77 30.72
C ASN H 55 -74.11 -25.06 30.59
N LYS H 56 -74.90 -24.07 30.15
CA LYS H 56 -76.33 -24.30 29.97
C LYS H 56 -76.59 -25.33 28.88
N ILE H 57 -75.89 -25.23 27.74
CA ILE H 57 -76.13 -26.20 26.68
C ILE H 57 -75.60 -27.58 27.08
N ASP H 58 -74.56 -27.64 27.89
CA ASP H 58 -74.10 -28.93 28.41
C ASP H 58 -75.14 -29.55 29.33
N THR H 59 -75.73 -28.76 30.22
CA THR H 59 -76.67 -29.33 31.18
C THR H 59 -78.04 -29.62 30.58
N VAL H 60 -78.42 -28.96 29.47
CA VAL H 60 -79.72 -29.25 28.90
C VAL H 60 -79.75 -30.63 28.25
N ASP H 61 -78.68 -31.02 27.57
CA ASP H 61 -78.64 -32.36 26.99
C ASP H 61 -78.04 -33.38 27.97
N LYS H 62 -78.49 -33.32 29.18
CA LYS H 62 -78.25 -34.34 30.19
C LYS H 62 -79.54 -34.78 30.86
N ALA H 63 -80.47 -33.85 31.10
CA ALA H 63 -81.77 -34.23 31.64
C ALA H 63 -82.54 -35.11 30.66
N VAL H 64 -82.53 -34.74 29.37
CA VAL H 64 -83.23 -35.54 28.37
C VAL H 64 -82.62 -36.93 28.27
N ASN H 65 -81.29 -36.99 28.23
CA ASN H 65 -80.62 -38.29 28.14
C ASN H 65 -80.88 -39.13 29.38
N ALA H 66 -80.88 -38.51 30.57
CA ALA H 66 -81.17 -39.23 31.79
C ALA H 66 -82.60 -39.77 31.78
N ARG H 67 -83.55 -38.96 31.32
CA ARG H 67 -84.95 -39.40 31.25
C ARG H 67 -85.10 -40.60 30.32
N VAL H 68 -84.56 -40.49 29.10
CA VAL H 68 -84.72 -41.58 28.15
C VAL H 68 -83.97 -42.83 28.63
N ASN H 69 -82.83 -42.63 29.29
CA ASN H 69 -82.06 -43.78 29.79
C ASN H 69 -82.79 -44.49 30.91
N GLU H 70 -83.28 -43.74 31.91
CA GLU H 70 -84.03 -44.37 32.99
C GLU H 70 -85.32 -44.99 32.46
N LEU H 71 -85.83 -44.49 31.33
CA LEU H 71 -86.92 -45.19 30.67
C LEU H 71 -86.48 -46.53 30.11
N ILE H 72 -85.35 -46.55 29.40
CA ILE H 72 -84.95 -47.78 28.71
C ILE H 72 -84.21 -48.73 29.65
N SER H 73 -83.39 -48.19 30.55
CA SER H 73 -82.57 -49.03 31.41
C SER H 73 -83.43 -49.82 32.40
N GLY H 74 -83.03 -51.06 32.63
CA GLY H 74 -83.66 -51.90 33.63
C GLY H 74 -85.10 -52.29 33.38
N THR H 75 -85.45 -52.61 32.13
CA THR H 75 -86.78 -53.14 31.84
C THR H 75 -86.73 -54.58 31.35
N GLU H 76 -86.04 -54.85 30.23
CA GLU H 76 -85.90 -56.23 29.78
C GLU H 76 -84.56 -56.52 29.11
N GLN H 77 -83.56 -55.65 29.25
CA GLN H 77 -82.38 -55.72 28.39
C GLN H 77 -81.60 -57.00 28.62
N LEU H 78 -80.93 -57.46 27.56
CA LEU H 78 -80.21 -58.72 27.57
C LEU H 78 -79.01 -58.66 28.52
N SER H 79 -78.59 -59.84 28.98
CA SER H 79 -77.44 -59.93 29.86
C SER H 79 -76.16 -59.49 29.15
N GLU H 80 -76.01 -59.87 27.87
CA GLU H 80 -74.79 -59.55 27.15
C GLU H 80 -74.59 -58.06 27.02
N VAL H 81 -75.64 -57.32 26.67
CA VAL H 81 -75.50 -55.88 26.47
C VAL H 81 -75.29 -55.17 27.80
N VAL H 82 -76.02 -55.57 28.84
CA VAL H 82 -75.85 -54.91 30.14
C VAL H 82 -74.51 -55.24 30.77
N ASP H 83 -73.89 -56.36 30.38
CA ASP H 83 -72.51 -56.60 30.79
C ASP H 83 -71.53 -55.88 29.89
N ALA H 84 -71.95 -55.55 28.66
CA ALA H 84 -71.10 -54.83 27.72
C ALA H 84 -71.12 -53.33 27.95
N ARG H 85 -72.05 -52.82 28.76
CA ARG H 85 -72.05 -51.40 29.08
C ARG H 85 -70.86 -50.98 29.91
N SER H 86 -70.16 -51.93 30.55
CA SER H 86 -68.95 -51.61 31.29
C SER H 86 -67.76 -51.66 30.34
N ASP H 87 -67.01 -50.57 30.29
CA ASP H 87 -65.90 -50.44 29.36
C ASP H 87 -64.68 -51.23 29.86
N ALA H 88 -63.58 -51.10 29.13
CA ALA H 88 -62.37 -51.84 29.47
C ALA H 88 -61.81 -51.44 30.82
N PHE H 89 -61.85 -50.15 31.15
CA PHE H 89 -61.30 -49.65 32.40
C PHE H 89 -62.22 -49.81 33.59
N GLY H 90 -63.42 -50.35 33.40
CA GLY H 90 -64.33 -50.62 34.49
C GLY H 90 -65.27 -49.50 34.84
N ALA H 91 -65.18 -48.35 34.18
CA ALA H 91 -66.07 -47.23 34.45
C ALA H 91 -67.48 -47.59 34.02
N ARG H 92 -68.39 -47.72 34.99
CA ARG H 92 -69.76 -48.10 34.70
C ARG H 92 -70.46 -47.02 33.87
N TYR H 93 -71.42 -47.44 33.06
CA TYR H 93 -72.07 -46.61 32.07
C TYR H 93 -73.58 -46.77 32.12
N PRO H 94 -74.33 -45.81 31.57
CA PRO H 94 -75.74 -46.05 31.25
C PRO H 94 -75.86 -46.99 30.06
N VAL H 95 -77.07 -47.13 29.52
CA VAL H 95 -77.34 -48.05 28.41
C VAL H 95 -76.31 -47.89 27.31
N LEU H 96 -75.98 -49.01 26.66
CA LEU H 96 -74.85 -49.15 25.74
C LEU H 96 -74.70 -48.00 24.75
N ARG H 97 -75.81 -47.41 24.34
CA ARG H 97 -75.75 -46.29 23.39
C ARG H 97 -74.95 -45.13 23.96
N GLU H 98 -75.09 -44.88 25.26
CA GLU H 98 -74.30 -43.82 25.89
C GLU H 98 -72.81 -44.11 25.79
N ARG H 99 -72.41 -45.36 26.07
CA ARG H 99 -71.01 -45.73 25.95
C ARG H 99 -70.52 -45.54 24.53
N LEU H 100 -71.28 -46.02 23.54
CA LEU H 100 -70.87 -45.89 22.14
C LEU H 100 -70.76 -44.42 21.74
N ASN H 101 -71.72 -43.60 22.17
CA ASN H 101 -71.71 -42.20 21.79
C ASN H 101 -70.54 -41.46 22.40
N GLN H 102 -70.25 -41.70 23.68
CA GLN H 102 -69.11 -41.03 24.30
C GLN H 102 -67.79 -41.50 23.70
N GLU H 103 -67.67 -42.79 23.41
CA GLU H 103 -66.46 -43.28 22.76
C GLU H 103 -66.30 -42.67 21.38
N GLN H 104 -67.39 -42.54 20.62
CA GLN H 104 -67.31 -41.90 19.31
C GLN H 104 -66.93 -40.42 19.43
N LEU H 105 -67.50 -39.73 20.41
CA LEU H 105 -67.17 -38.32 20.61
C LEU H 105 -65.70 -38.15 20.96
N ASN H 106 -65.15 -39.07 21.75
CA ASN H 106 -63.74 -38.99 22.11
C ASN H 106 -62.84 -39.34 20.92
N PHE H 107 -63.18 -40.40 20.18
CA PHE H 107 -62.29 -40.90 19.15
C PHE H 107 -62.33 -40.06 17.88
N SER H 108 -63.50 -39.51 17.54
CA SER H 108 -63.62 -38.72 16.32
C SER H 108 -62.85 -37.41 16.39
N LYS H 109 -62.44 -36.99 17.59
CA LYS H 109 -61.64 -35.79 17.74
C LYS H 109 -60.17 -36.01 17.42
N LYS H 110 -59.75 -37.26 17.22
CA LYS H 110 -58.37 -37.55 16.87
C LYS H 110 -58.09 -37.12 15.43
N SER H 111 -56.85 -37.31 15.00
CA SER H 111 -56.39 -36.76 13.74
C SER H 111 -55.68 -37.82 12.91
N THR H 112 -55.82 -37.70 11.59
CA THR H 112 -55.08 -38.51 10.64
C THR H 112 -54.00 -37.66 9.99
N ILE H 113 -53.12 -38.31 9.24
CA ILE H 113 -52.07 -37.65 8.50
C ILE H 113 -52.16 -38.08 7.04
N GLN H 114 -52.32 -37.10 6.15
CA GLN H 114 -52.59 -37.34 4.74
C GLN H 114 -51.31 -37.18 3.94
N PHE H 115 -50.95 -38.21 3.18
CA PHE H 115 -49.71 -38.23 2.42
C PHE H 115 -49.91 -37.85 0.96
N ASP H 116 -50.99 -38.32 0.35
CA ASP H 116 -51.25 -38.03 -1.06
C ASP H 116 -51.91 -36.66 -1.21
N ALA H 117 -51.52 -35.94 -2.27
CA ALA H 117 -52.10 -34.63 -2.52
C ALA H 117 -53.59 -34.72 -2.82
N SER H 118 -54.05 -35.87 -3.31
CA SER H 118 -55.48 -36.03 -3.58
C SER H 118 -56.28 -36.05 -2.28
N THR H 119 -55.69 -36.56 -1.20
CA THR H 119 -56.37 -36.63 0.08
C THR H 119 -56.20 -35.36 0.91
N ILE H 120 -55.27 -34.48 0.53
CA ILE H 120 -55.15 -33.19 1.23
C ILE H 120 -56.40 -32.37 0.99
N ILE H 121 -57.04 -32.53 -0.17
CA ILE H 121 -58.28 -31.82 -0.45
C ILE H 121 -59.38 -32.25 0.50
N SER H 122 -59.45 -33.56 0.81
CA SER H 122 -60.47 -34.11 1.67
C SER H 122 -60.04 -34.15 3.13
N MET H 123 -59.24 -33.19 3.56
CA MET H 123 -58.77 -33.14 4.94
C MET H 123 -59.92 -32.91 5.90
N GLU H 124 -59.69 -33.25 7.17
CA GLU H 124 -60.53 -32.78 8.25
C GLU H 124 -59.94 -31.50 8.81
N LYS H 125 -60.50 -31.00 9.91
CA LYS H 125 -60.01 -29.75 10.48
C LYS H 125 -58.71 -29.97 11.26
N GLN H 126 -58.59 -31.09 11.97
CA GLN H 126 -57.49 -31.34 12.87
C GLN H 126 -56.36 -32.13 12.25
N ASP H 127 -56.36 -32.29 10.92
CA ASP H 127 -55.35 -33.09 10.26
C ASP H 127 -54.21 -32.23 9.74
N ILE H 128 -53.07 -32.87 9.49
CA ILE H 128 -51.92 -32.26 8.85
C ILE H 128 -51.49 -33.16 7.71
N GLY H 129 -50.82 -32.59 6.71
CA GLY H 129 -50.45 -33.30 5.51
C GLY H 129 -48.96 -33.24 5.24
N LEU H 130 -48.45 -34.23 4.52
CA LEU H 130 -47.05 -34.31 4.15
C LEU H 130 -46.96 -34.47 2.63
N LEU H 131 -46.63 -33.38 1.94
CA LEU H 131 -46.54 -33.37 0.49
C LEU H 131 -45.08 -33.25 0.08
N THR H 132 -44.60 -34.20 -0.71
CA THR H 132 -43.22 -34.19 -1.16
C THR H 132 -42.98 -33.04 -2.13
N SER H 133 -41.85 -32.35 -1.96
CA SER H 133 -41.42 -31.29 -2.86
C SER H 133 -40.27 -31.72 -3.76
N LYS H 134 -39.19 -32.24 -3.20
CA LYS H 134 -38.04 -32.69 -3.96
C LYS H 134 -37.30 -33.75 -3.16
N LYS H 135 -36.41 -34.48 -3.83
CA LYS H 135 -35.63 -35.54 -3.21
C LYS H 135 -34.17 -35.15 -3.12
N ILE H 136 -33.52 -35.60 -2.05
CA ILE H 136 -32.09 -35.40 -1.81
C ILE H 136 -31.43 -36.77 -1.74
N SER H 137 -30.30 -36.93 -2.43
CA SER H 137 -29.68 -38.25 -2.50
C SER H 137 -28.94 -38.59 -1.21
N GLU H 138 -27.90 -37.82 -0.89
CA GLU H 138 -27.07 -37.97 0.31
C GLU H 138 -26.71 -39.43 0.64
N ALA H 139 -26.31 -39.69 1.88
CA ALA H 139 -25.93 -41.03 2.32
C ALA H 139 -26.77 -41.43 3.53
N GLN H 140 -27.17 -42.69 3.56
CA GLN H 140 -28.03 -43.20 4.62
C GLN H 140 -27.22 -43.99 5.65
N THR H 141 -27.89 -44.34 6.75
CA THR H 141 -27.29 -45.10 7.84
C THR H 141 -28.24 -46.21 8.28
N VAL H 142 -28.69 -47.01 7.30
CA VAL H 142 -29.74 -48.01 7.49
C VAL H 142 -29.50 -48.83 8.76
N CYS H 143 -30.56 -49.02 9.54
CA CYS H 143 -30.54 -49.84 10.73
C CYS H 143 -31.36 -51.09 10.46
N PHE H 144 -30.72 -52.25 10.51
CA PHE H 144 -31.31 -53.52 10.11
C PHE H 144 -31.98 -54.20 11.29
N LEU H 145 -33.27 -54.53 11.14
CA LEU H 145 -33.99 -55.23 12.20
C LEU H 145 -33.54 -56.69 12.30
N ASN H 146 -33.37 -57.38 11.16
CA ASN H 146 -32.95 -58.77 11.18
C ASN H 146 -31.43 -58.87 11.15
N ILE H 147 -30.80 -58.11 12.03
CA ILE H 147 -29.36 -58.13 12.24
C ILE H 147 -29.12 -57.79 13.71
N SER H 148 -28.53 -58.72 14.45
CA SER H 148 -28.32 -58.53 15.87
C SER H 148 -27.23 -59.49 16.34
N SER H 149 -26.60 -59.16 17.46
CA SER H 149 -25.52 -59.96 18.04
C SER H 149 -25.79 -60.29 19.50
N LEU H 150 -27.06 -60.39 19.89
CA LEU H 150 -27.37 -60.64 21.29
C LEU H 150 -26.84 -62.00 21.74
N ASP H 151 -27.40 -63.10 21.24
CA ASP H 151 -26.73 -64.40 21.31
C ASP H 151 -26.62 -65.06 19.95
N GLU H 152 -27.74 -65.36 19.29
CA GLU H 152 -27.73 -66.01 17.99
C GLU H 152 -28.81 -65.53 17.02
N GLU H 153 -29.75 -64.69 17.44
CA GLU H 153 -30.95 -64.42 16.67
C GLU H 153 -30.61 -63.70 15.37
N ALA H 154 -31.66 -63.46 14.58
CA ALA H 154 -31.59 -62.83 13.26
C ALA H 154 -30.88 -63.72 12.25
N ASP H 155 -31.22 -63.56 10.97
CA ASP H 155 -30.64 -64.40 9.93
C ASP H 155 -29.15 -64.13 9.76
N ILE H 156 -28.68 -62.96 10.19
CA ILE H 156 -27.27 -62.61 10.15
C ILE H 156 -26.79 -62.37 11.59
N VAL H 157 -25.71 -63.04 11.96
CA VAL H 157 -25.16 -62.97 13.31
C VAL H 157 -23.85 -62.20 13.25
N LEU H 158 -23.67 -61.27 14.20
CA LEU H 158 -22.52 -60.38 14.21
C LEU H 158 -21.46 -60.89 15.17
N GLU H 159 -20.19 -60.70 14.82
CA GLU H 159 -19.06 -61.16 15.62
C GLU H 159 -18.20 -59.96 16.02
N LYS H 160 -17.82 -59.91 17.29
CA LYS H 160 -17.03 -58.81 17.82
C LYS H 160 -15.56 -59.00 17.51
N THR H 161 -14.95 -57.99 16.87
CA THR H 161 -13.54 -58.05 16.51
C THR H 161 -12.70 -56.98 17.19
N GLY H 162 -13.05 -55.71 17.02
CA GLY H 162 -12.27 -54.63 17.61
C GLY H 162 -12.93 -53.29 17.36
N GLU H 163 -12.38 -52.27 18.03
CA GLU H 163 -12.90 -50.92 17.96
C GLU H 163 -11.81 -49.96 17.48
N THR H 164 -12.24 -48.77 17.09
CA THR H 164 -11.35 -47.66 16.76
C THR H 164 -11.76 -46.42 17.54
N SER H 165 -10.96 -45.37 17.43
CA SER H 165 -11.34 -44.05 17.90
C SER H 165 -12.15 -43.36 16.79
N PHE H 166 -12.41 -42.07 16.96
CA PHE H 166 -13.12 -41.27 15.96
C PHE H 166 -14.54 -41.83 15.74
N SER H 167 -15.36 -41.64 16.77
CA SER H 167 -16.77 -41.98 16.68
C SER H 167 -17.50 -40.97 15.80
N ASP H 168 -18.51 -41.44 15.08
CA ASP H 168 -19.30 -40.61 14.19
C ASP H 168 -20.78 -40.70 14.55
N ASN H 169 -21.59 -39.89 13.89
CA ASN H 169 -23.01 -39.77 14.19
C ASN H 169 -23.85 -40.19 12.99
N LEU H 170 -24.98 -40.82 13.27
CA LEU H 170 -25.87 -41.28 12.21
C LEU H 170 -26.55 -40.09 11.54
N THR H 171 -27.00 -40.30 10.31
CA THR H 171 -27.53 -39.21 9.50
C THR H 171 -29.02 -39.35 9.20
N SER H 172 -29.44 -40.44 8.56
CA SER H 172 -30.80 -40.54 8.03
C SER H 172 -31.36 -41.96 8.19
N LEU H 173 -31.26 -42.53 9.39
CA LEU H 173 -31.55 -43.95 9.61
C LEU H 173 -32.84 -44.40 8.93
N VAL H 174 -32.77 -45.59 8.35
CA VAL H 174 -33.68 -46.08 7.31
C VAL H 174 -34.26 -47.42 7.78
N PHE H 175 -34.76 -47.47 9.02
CA PHE H 175 -35.23 -48.73 9.62
C PHE H 175 -35.85 -49.67 8.60
N ALA H 176 -35.32 -50.89 8.52
CA ALA H 176 -35.68 -51.83 7.46
C ALA H 176 -35.02 -53.18 7.70
N LYS H 177 -35.25 -54.13 6.80
CA LYS H 177 -34.76 -55.50 6.95
C LYS H 177 -34.00 -55.92 5.70
N ILE H 178 -33.13 -56.91 5.88
CA ILE H 178 -32.32 -57.46 4.80
C ILE H 178 -32.76 -58.90 4.56
N GLY H 179 -32.50 -59.39 3.35
CA GLY H 179 -32.85 -60.74 2.99
C GLY H 179 -33.54 -60.89 1.66
N THR H 180 -34.68 -61.58 1.63
CA THR H 180 -35.41 -61.83 0.40
C THR H 180 -36.66 -60.95 0.32
N ASN H 181 -36.88 -60.36 -0.84
CA ASN H 181 -38.01 -59.50 -1.15
C ASN H 181 -38.00 -58.19 -0.37
N GLU H 182 -36.99 -57.96 0.46
CA GLU H 182 -36.89 -56.72 1.20
C GLU H 182 -36.22 -55.64 0.34
N ARG H 183 -36.17 -54.42 0.86
CA ARG H 183 -35.57 -53.32 0.11
C ARG H 183 -34.09 -53.56 -0.13
N TYR H 184 -33.37 -54.04 0.88
CA TYR H 184 -31.97 -54.39 0.77
C TYR H 184 -31.85 -55.91 0.77
N GLN H 185 -31.27 -56.46 -0.30
CA GLN H 185 -31.23 -57.90 -0.52
C GLN H 185 -29.79 -58.37 -0.50
N MET H 186 -29.61 -59.67 -0.74
CA MET H 186 -28.29 -60.31 -0.73
C MET H 186 -28.08 -61.05 -2.04
N GLU H 187 -26.87 -60.90 -2.60
CA GLU H 187 -26.52 -61.55 -3.86
C GLU H 187 -25.10 -62.11 -3.77
N PRO H 188 -24.91 -63.41 -3.93
CA PRO H 188 -23.56 -63.98 -3.83
C PRO H 188 -22.80 -63.94 -5.14
N VAL H 189 -21.61 -63.34 -5.12
CA VAL H 189 -20.73 -63.27 -6.29
C VAL H 189 -19.34 -63.69 -5.86
N GLY H 190 -18.81 -64.73 -6.48
CA GLY H 190 -17.50 -65.23 -6.16
C GLY H 190 -17.50 -66.28 -5.06
N THR I 2 -33.69 -28.09 25.60
CA THR I 2 -34.63 -28.83 24.78
C THR I 2 -33.91 -29.89 23.94
N GLU I 3 -34.67 -30.84 23.42
CA GLU I 3 -34.13 -31.89 22.59
C GLU I 3 -34.75 -31.82 21.20
N ILE I 4 -33.98 -32.27 20.21
CA ILE I 4 -34.39 -32.24 18.81
C ILE I 4 -34.67 -33.66 18.36
N LYS I 5 -35.70 -33.83 17.54
CA LYS I 5 -36.11 -35.13 17.04
C LYS I 5 -36.03 -35.15 15.52
N ARG I 6 -36.06 -36.34 14.97
CA ARG I 6 -36.11 -36.56 13.52
C ARG I 6 -37.35 -37.36 13.18
N MET I 7 -38.08 -36.90 12.16
CA MET I 7 -39.40 -37.43 11.84
C MET I 7 -39.29 -38.50 10.78
N LEU I 8 -39.61 -39.74 11.16
CA LEU I 8 -39.63 -40.86 10.24
C LEU I 8 -41.01 -40.98 9.59
N GLN I 9 -41.11 -41.90 8.64
CA GLN I 9 -42.38 -42.20 8.01
C GLN I 9 -42.30 -43.57 7.37
N THR I 10 -43.41 -44.30 7.40
CA THR I 10 -43.47 -45.62 6.80
C THR I 10 -43.50 -45.50 5.29
N LYS I 11 -42.54 -46.10 4.61
CA LYS I 11 -42.46 -46.05 3.17
C LYS I 11 -43.42 -47.08 2.58
N GLU I 12 -43.28 -47.35 1.29
CA GLU I 12 -44.26 -48.16 0.58
C GLU I 12 -44.40 -49.55 1.21
N ASP I 13 -43.32 -50.33 1.22
CA ASP I 13 -43.43 -51.74 1.63
C ASP I 13 -43.38 -51.90 3.14
N ASN I 14 -42.22 -51.67 3.75
CA ASN I 14 -42.11 -51.72 5.21
C ASN I 14 -41.15 -50.70 5.80
N SER I 15 -40.27 -50.08 5.03
CA SER I 15 -39.14 -49.35 5.61
C SER I 15 -39.61 -48.08 6.29
N LYS I 16 -39.11 -47.85 7.50
CA LYS I 16 -39.37 -46.61 8.24
C LYS I 16 -38.26 -45.63 7.89
N GLU I 17 -38.48 -44.87 6.82
CA GLU I 17 -37.46 -43.98 6.27
C GLU I 17 -37.65 -42.58 6.81
N GLN I 18 -36.53 -41.93 7.17
CA GLN I 18 -36.58 -40.57 7.66
C GLN I 18 -36.88 -39.60 6.52
N PHE I 19 -37.71 -38.59 6.81
CA PHE I 19 -37.96 -37.51 5.88
C PHE I 19 -37.66 -36.20 6.57
N TYR I 20 -37.32 -35.19 5.79
CA TYR I 20 -37.02 -33.91 6.41
C TYR I 20 -38.15 -32.93 6.17
N PRO I 21 -38.53 -32.16 7.18
CA PRO I 21 -39.45 -31.04 6.93
C PRO I 21 -38.69 -29.84 6.40
N GLU I 22 -39.27 -29.13 5.43
CA GLU I 22 -38.64 -27.92 4.94
C GLU I 22 -39.14 -26.72 5.73
N THR I 23 -38.24 -25.79 6.01
CA THR I 23 -38.51 -24.68 6.90
C THR I 23 -38.01 -23.39 6.26
N HIS I 24 -37.97 -22.33 7.05
CA HIS I 24 -37.62 -21.00 6.58
C HIS I 24 -36.49 -20.44 7.44
N VAL I 25 -35.77 -19.47 6.88
CA VAL I 25 -34.65 -18.86 7.61
C VAL I 25 -35.17 -18.13 8.85
N ALA I 26 -36.38 -17.59 8.77
CA ALA I 26 -36.98 -16.93 9.93
C ALA I 26 -37.36 -17.90 11.03
N GLY I 27 -37.36 -19.20 10.77
CA GLY I 27 -37.71 -20.20 11.74
C GLY I 27 -36.55 -20.88 12.43
N ILE I 28 -35.32 -20.43 12.19
CA ILE I 28 -34.13 -20.99 12.80
C ILE I 28 -33.70 -20.09 13.95
N VAL I 29 -33.49 -20.68 15.12
CA VAL I 29 -33.42 -19.91 16.35
C VAL I 29 -32.18 -19.02 16.38
N GLY I 30 -31.01 -19.57 16.08
CA GLY I 30 -29.78 -18.82 16.22
C GLY I 30 -28.87 -18.86 15.02
N LEU I 31 -29.45 -18.91 13.83
CA LEU I 31 -28.62 -18.96 12.63
C LEU I 31 -28.00 -17.61 12.33
N THR I 32 -28.68 -16.52 12.70
CA THR I 32 -28.08 -15.19 12.54
C THR I 32 -26.81 -15.06 13.37
N GLU I 33 -26.87 -15.44 14.64
CA GLU I 33 -25.69 -15.37 15.50
C GLU I 33 -24.61 -16.33 15.04
N TYR I 34 -24.99 -17.53 14.60
CA TYR I 34 -24.01 -18.50 14.13
C TYR I 34 -23.28 -18.00 12.89
N VAL I 35 -24.02 -17.38 11.97
CA VAL I 35 -23.40 -16.85 10.76
C VAL I 35 -22.54 -15.63 11.09
N SER I 36 -23.01 -14.75 11.97
CA SER I 36 -22.22 -13.57 12.33
C SER I 36 -20.93 -13.96 13.02
N GLY I 37 -20.98 -14.99 13.88
CA GLY I 37 -19.76 -15.47 14.51
C GLY I 37 -18.79 -16.07 13.51
N GLN I 38 -19.32 -16.68 12.45
CA GLN I 38 -18.50 -17.27 11.40
C GLN I 38 -18.26 -16.32 10.24
N LEU I 39 -18.61 -15.05 10.39
CA LEU I 39 -18.35 -14.06 9.37
C LEU I 39 -16.84 -13.94 9.16
N PRO I 40 -16.34 -14.13 7.93
CA PRO I 40 -14.89 -14.24 7.74
C PRO I 40 -14.16 -12.90 7.86
N THR I 41 -13.85 -12.51 9.09
CA THR I 41 -13.08 -11.29 9.34
C THR I 41 -11.64 -11.54 8.95
N GLY I 42 -11.28 -11.16 7.74
CA GLY I 42 -9.93 -11.34 7.25
C GLY I 42 -9.04 -10.14 7.52
N VAL I 43 -8.50 -9.54 6.46
CA VAL I 43 -7.68 -8.35 6.63
C VAL I 43 -8.55 -7.18 7.03
N VAL I 44 -8.21 -6.53 8.14
CA VAL I 44 -9.00 -5.41 8.62
C VAL I 44 -8.87 -4.22 7.68
N SER I 45 -7.68 -4.01 7.12
CA SER I 45 -7.43 -2.90 6.20
C SER I 45 -6.07 -3.11 5.54
N VAL I 46 -5.97 -2.64 4.29
CA VAL I 46 -4.72 -2.65 3.55
C VAL I 46 -4.25 -1.21 3.42
N ASN I 47 -3.05 -0.94 3.92
CA ASN I 47 -2.50 0.42 3.97
C ASN I 47 -3.45 1.37 4.71
N GLY I 48 -4.18 0.83 5.70
CA GLY I 48 -5.13 1.61 6.45
C GLY I 48 -6.48 1.80 5.81
N LYS I 49 -6.75 1.15 4.68
CA LYS I 49 -8.00 1.30 3.96
C LYS I 49 -8.72 -0.04 3.86
N ALA I 50 -10.03 -0.01 4.03
CA ALA I 50 -10.87 -1.19 3.98
C ALA I 50 -11.87 -1.06 2.83
N GLY I 51 -12.79 -2.03 2.74
CA GLY I 51 -13.72 -2.05 1.64
C GLY I 51 -13.02 -2.38 0.33
N ARG I 52 -13.57 -1.86 -0.77
CA ARG I 52 -12.93 -2.00 -2.08
C ARG I 52 -11.78 -1.01 -2.16
N VAL I 53 -10.56 -1.53 -2.22
CA VAL I 53 -9.36 -0.71 -2.18
C VAL I 53 -8.69 -0.74 -3.55
N LEU I 54 -8.38 0.44 -4.08
CA LEU I 54 -7.65 0.58 -5.33
C LEU I 54 -6.20 0.89 -5.00
N LEU I 55 -5.30 0.01 -5.42
CA LEU I 55 -3.88 0.14 -5.11
C LEU I 55 -3.09 0.37 -6.38
N ASP I 56 -2.31 1.46 -6.40
CA ASP I 56 -1.39 1.71 -7.50
C ASP I 56 0.00 1.95 -6.93
N ALA I 57 0.92 2.43 -7.77
CA ALA I 57 2.30 2.64 -7.34
C ALA I 57 2.44 3.75 -6.32
N GLU I 58 1.41 4.55 -6.11
CA GLU I 58 1.51 5.68 -5.20
C GLU I 58 1.49 5.24 -3.74
N ASP I 59 0.45 4.52 -3.34
CA ASP I 59 0.33 4.12 -1.94
C ASP I 59 1.44 3.17 -1.50
N VAL I 60 2.08 2.49 -2.44
CA VAL I 60 3.27 1.70 -2.11
C VAL I 60 4.56 2.47 -2.35
N HIS I 61 4.47 3.73 -2.80
CA HIS I 61 5.63 4.57 -3.06
C HIS I 61 6.60 3.90 -4.03
N ALA I 62 6.08 3.44 -5.16
CA ALA I 62 6.86 2.77 -6.19
C ALA I 62 6.84 3.58 -7.47
N ALA I 63 7.88 3.42 -8.28
CA ALA I 63 7.96 4.12 -9.55
C ALA I 63 6.92 3.57 -10.53
N LYS I 64 6.33 4.47 -11.31
CA LYS I 64 5.38 4.07 -12.33
C LYS I 64 6.07 3.28 -13.44
N LYS I 65 5.30 2.46 -14.14
CA LYS I 65 5.86 1.77 -15.30
C LYS I 65 6.31 2.76 -16.36
N SER I 66 5.51 3.80 -16.59
CA SER I 66 5.85 4.86 -17.54
C SER I 66 6.41 6.04 -16.76
N HIS I 67 7.67 5.89 -16.33
CA HIS I 67 8.35 6.93 -15.59
C HIS I 67 9.74 7.15 -16.18
N THR I 68 10.20 8.40 -16.10
CA THR I 68 11.50 8.79 -16.65
C THR I 68 12.24 9.63 -15.61
N HIS I 69 13.56 9.51 -15.63
CA HIS I 69 14.42 10.25 -14.73
C HIS I 69 14.98 11.49 -15.43
N GLU I 70 15.44 12.44 -14.62
CA GLU I 70 15.99 13.68 -15.14
C GLU I 70 17.27 13.42 -15.91
N VAL I 71 17.51 14.28 -16.91
CA VAL I 71 18.71 14.16 -17.73
C VAL I 71 19.94 14.48 -16.87
N ALA I 72 21.03 13.76 -17.12
CA ALA I 72 22.26 13.98 -16.36
C ALA I 72 22.80 15.38 -16.57
N THR I 73 23.33 15.96 -15.51
CA THR I 73 23.93 17.28 -15.53
C THR I 73 25.44 17.16 -15.29
N TYR I 74 26.09 18.30 -15.11
CA TYR I 74 27.54 18.29 -14.87
C TYR I 74 27.90 17.59 -13.57
N THR I 75 26.98 17.57 -12.60
CA THR I 75 27.24 16.94 -11.31
C THR I 75 26.16 15.93 -10.95
N THR I 76 25.29 15.57 -11.89
CA THR I 76 24.19 14.65 -11.62
C THR I 76 24.22 13.51 -12.64
N ASP I 77 23.73 12.36 -12.21
CA ASP I 77 23.69 11.15 -13.03
C ASP I 77 22.26 10.86 -13.42
N GLY I 78 22.01 10.70 -14.72
CA GLY I 78 20.67 10.46 -15.20
C GLY I 78 20.61 10.06 -16.67
N PHE I 79 19.42 10.14 -17.26
CA PHE I 79 19.23 9.74 -18.65
C PHE I 79 20.15 10.51 -19.59
N MET I 80 20.42 9.90 -20.74
CA MET I 80 21.16 10.55 -21.80
C MET I 80 20.17 11.26 -22.71
N SER I 81 20.43 12.53 -22.99
CA SER I 81 19.47 13.36 -23.70
C SER I 81 19.42 13.01 -25.18
N SER I 82 18.27 13.29 -25.80
CA SER I 82 18.08 12.97 -27.22
C SER I 82 19.09 13.72 -28.09
N PHE I 83 19.26 15.02 -27.84
CA PHE I 83 20.20 15.78 -28.63
C PHE I 83 21.65 15.41 -28.35
N ASP I 84 21.93 14.83 -27.18
CA ASP I 84 23.26 14.28 -26.96
C ASP I 84 23.56 13.16 -27.94
N LYS I 85 22.60 12.25 -28.14
CA LYS I 85 22.78 11.19 -29.14
C LYS I 85 22.79 11.75 -30.55
N GLN I 86 21.97 12.78 -30.80
CA GLN I 86 21.97 13.42 -32.11
C GLN I 86 23.33 14.05 -32.41
N LYS I 87 24.03 14.52 -31.40
CA LYS I 87 25.40 14.99 -31.58
C LYS I 87 26.38 13.83 -31.71
N ILE I 88 26.16 12.75 -30.94
CA ILE I 88 27.10 11.64 -30.91
C ILE I 88 27.16 10.92 -32.25
N ASP I 89 25.99 10.59 -32.81
CA ASP I 89 25.98 9.71 -33.98
C ASP I 89 26.65 10.37 -35.18
N GLN I 90 26.36 11.66 -35.40
CA GLN I 90 26.97 12.38 -36.52
C GLN I 90 28.48 12.54 -36.33
N LEU I 91 28.96 12.44 -35.09
CA LEU I 91 30.39 12.56 -34.83
C LEU I 91 31.12 11.37 -35.43
N VAL I 92 31.92 11.63 -36.47
CA VAL I 92 32.58 10.54 -37.19
C VAL I 92 33.63 9.87 -36.30
N SER I 93 33.69 8.55 -36.42
CA SER I 93 34.67 7.78 -35.66
C SER I 93 36.08 8.13 -36.11
N PRO I 94 37.06 8.07 -35.20
CA PRO I 94 38.43 8.41 -35.58
C PRO I 94 38.95 7.51 -36.69
N GLU I 95 39.69 8.12 -37.61
CA GLU I 95 40.23 7.40 -38.76
C GLU I 95 41.50 6.65 -38.36
N ALA I 96 41.54 5.36 -38.65
CA ALA I 96 42.68 4.51 -38.30
C ALA I 96 43.55 4.35 -39.54
N GLY I 97 44.67 5.04 -39.56
CA GLY I 97 45.63 4.93 -40.65
C GLY I 97 46.83 4.10 -40.28
N VAL I 98 47.94 4.76 -39.98
CA VAL I 98 49.15 4.08 -39.52
C VAL I 98 48.98 3.85 -38.01
N THR I 99 48.61 2.63 -37.62
CA THR I 99 48.35 2.35 -36.21
C THR I 99 49.64 2.38 -35.40
N SER I 100 50.68 1.71 -35.88
CA SER I 100 51.95 1.68 -35.15
C SER I 100 53.07 1.30 -36.12
N ILE I 101 54.28 1.72 -35.76
CA ILE I 101 55.49 1.39 -36.51
C ILE I 101 56.49 0.81 -35.53
N ASN I 102 56.84 -0.46 -35.73
CA ASN I 102 57.83 -1.14 -34.90
C ASN I 102 57.45 -1.11 -33.42
N GLY I 103 56.15 -1.12 -33.15
CA GLY I 103 55.65 -1.08 -31.79
C GLY I 103 55.59 0.31 -31.17
N LYS I 104 55.68 1.36 -31.97
CA LYS I 104 55.67 2.73 -31.49
C LYS I 104 54.39 3.42 -31.95
N THR I 105 53.73 4.14 -31.04
CA THR I 105 52.47 4.80 -31.31
C THR I 105 52.52 6.22 -30.80
N GLY I 106 51.68 7.08 -31.39
CA GLY I 106 51.65 8.47 -31.00
C GLY I 106 52.76 9.28 -31.67
N ILE I 107 53.23 10.31 -30.96
CA ILE I 107 54.30 11.16 -31.46
C ILE I 107 55.60 10.36 -31.43
N VAL I 108 56.03 9.87 -32.58
CA VAL I 108 57.17 8.97 -32.69
C VAL I 108 58.14 9.53 -33.72
N ASP I 109 59.43 9.55 -33.36
CA ASP I 109 60.50 9.92 -34.28
C ASP I 109 61.38 8.69 -34.48
N LEU I 110 61.41 8.17 -35.69
CA LEU I 110 62.21 7.00 -36.02
C LEU I 110 63.51 7.41 -36.69
N PHE I 111 64.56 6.63 -36.45
CA PHE I 111 65.89 6.90 -36.99
C PHE I 111 66.42 5.62 -37.64
N ALA I 112 67.70 5.69 -38.05
CA ALA I 112 68.31 4.54 -38.72
C ALA I 112 68.41 3.34 -37.79
N SER I 113 68.92 3.55 -36.58
CA SER I 113 69.03 2.44 -35.63
C SER I 113 67.66 1.94 -35.20
N ASP I 114 66.64 2.78 -35.29
CA ASP I 114 65.27 2.33 -34.99
C ASP I 114 64.78 1.33 -36.03
N LEU I 115 65.22 1.46 -37.27
CA LEU I 115 64.89 0.52 -38.34
C LEU I 115 66.04 -0.42 -38.66
N ASP I 116 66.99 -0.57 -37.74
CA ASP I 116 68.18 -1.39 -37.96
C ASP I 116 68.95 -0.95 -39.21
N ALA I 117 69.07 0.36 -39.39
CA ALA I 117 69.76 0.95 -40.52
C ALA I 117 71.00 1.70 -40.05
N ALA I 118 71.91 1.93 -40.99
CA ALA I 118 73.17 2.60 -40.70
C ALA I 118 73.04 4.11 -40.93
N GLU I 119 73.83 4.88 -40.18
CA GLU I 119 73.85 6.32 -40.33
C GLU I 119 74.65 6.72 -41.55
N ILE I 120 74.54 8.01 -41.92
CA ILE I 120 75.34 8.53 -43.03
C ILE I 120 76.82 8.46 -42.70
N ASN I 121 77.19 8.91 -41.50
CA ASN I 121 78.58 8.86 -41.03
C ASN I 121 78.72 7.66 -40.10
N HIS I 122 78.78 6.47 -40.71
CA HIS I 122 78.94 5.23 -39.98
C HIS I 122 80.20 4.50 -40.46
N THR I 123 80.84 3.80 -39.54
CA THR I 123 82.08 3.08 -39.82
C THR I 123 81.82 1.58 -39.80
N HIS I 124 82.54 0.86 -40.65
CA HIS I 124 82.44 -0.59 -40.74
C HIS I 124 83.62 -1.25 -40.05
N ALA I 125 83.55 -2.58 -39.98
CA ALA I 125 84.65 -3.35 -39.42
C ALA I 125 85.89 -3.24 -40.30
N GLU I 126 87.05 -3.08 -39.68
CA GLU I 126 88.29 -2.93 -40.43
C GLU I 126 88.63 -4.24 -41.14
N ALA I 127 89.25 -4.10 -42.31
CA ALA I 127 89.60 -5.27 -43.12
C ALA I 127 90.64 -6.13 -42.40
N THR I 128 90.39 -7.44 -42.36
CA THR I 128 91.28 -8.41 -41.76
C THR I 128 91.62 -9.49 -42.79
N THR I 129 92.33 -10.53 -42.32
CA THR I 129 92.69 -11.64 -43.20
C THR I 129 91.50 -12.55 -43.51
N THR I 130 90.36 -12.37 -42.83
CA THR I 130 89.20 -13.21 -43.05
C THR I 130 87.94 -12.45 -43.47
N GLU I 131 87.89 -11.14 -43.24
CA GLU I 131 86.73 -10.34 -43.60
C GLU I 131 87.16 -9.07 -44.32
N SER I 132 86.41 -8.71 -45.35
CA SER I 132 86.65 -7.45 -46.06
C SER I 132 86.15 -6.27 -45.24
N GLY I 133 86.83 -5.13 -45.40
CA GLY I 133 86.45 -3.95 -44.66
C GLY I 133 87.30 -2.76 -45.04
N PHE I 134 87.21 -1.73 -44.20
CA PHE I 134 87.99 -0.51 -44.43
C PHE I 134 89.48 -0.79 -44.34
N LEU I 135 90.25 -0.12 -45.20
CA LEU I 135 91.70 -0.26 -45.18
C LEU I 135 92.26 0.43 -43.93
N SER I 136 93.11 -0.28 -43.21
CA SER I 136 93.67 0.25 -41.97
C SER I 136 94.69 1.34 -42.26
N ILE I 137 94.94 2.17 -41.24
CA ILE I 137 95.93 3.24 -41.37
C ILE I 137 97.32 2.66 -41.57
N ASP I 138 97.66 1.61 -40.84
CA ASP I 138 98.97 0.98 -40.98
C ASP I 138 99.16 0.40 -42.38
N ASP I 139 98.12 -0.23 -42.92
CA ASP I 139 98.22 -0.78 -44.27
C ASP I 139 98.44 0.32 -45.30
N LYS I 140 97.71 1.44 -45.16
CA LYS I 140 97.89 2.55 -46.09
C LYS I 140 99.29 3.14 -45.98
N GLU I 141 99.80 3.28 -44.75
CA GLU I 141 101.16 3.80 -44.57
C GLU I 141 102.19 2.87 -45.18
N LYS I 142 102.02 1.56 -44.99
CA LYS I 142 102.95 0.60 -45.58
C LYS I 142 102.91 0.63 -47.10
N LEU I 143 101.70 0.74 -47.67
CA LEU I 143 101.58 0.81 -49.12
C LEU I 143 102.22 2.09 -49.66
N ASP I 144 102.03 3.21 -48.97
CA ASP I 144 102.63 4.47 -49.41
C ASP I 144 104.16 4.42 -49.31
N ALA I 145 104.67 3.81 -48.23
CA ALA I 145 106.13 3.74 -48.05
C ALA I 145 106.78 2.81 -49.07
N ILE I 146 106.08 1.75 -49.47
CA ILE I 146 106.62 0.79 -50.43
C ILE I 146 106.64 1.42 -51.83
N THR J 2 -45.24 -6.27 -1.77
CA THR J 2 -46.56 -6.40 -2.34
C THR J 2 -47.07 -7.84 -2.21
N LYS J 3 -48.37 -8.02 -2.41
CA LYS J 3 -48.98 -9.35 -2.30
C LYS J 3 -48.91 -10.02 -3.66
N ILE J 4 -47.86 -10.80 -3.88
CA ILE J 4 -47.61 -11.48 -5.13
C ILE J 4 -47.95 -12.96 -4.96
N VAL J 5 -48.81 -13.48 -5.82
CA VAL J 5 -49.25 -14.87 -5.76
C VAL J 5 -48.77 -15.58 -7.01
N LYS J 6 -48.04 -16.67 -6.81
CA LYS J 6 -47.55 -17.52 -7.91
C LYS J 6 -48.65 -18.54 -8.25
N MET J 7 -49.61 -18.09 -9.04
CA MET J 7 -50.72 -18.96 -9.40
C MET J 7 -50.21 -20.21 -10.10
N SER J 8 -50.79 -21.35 -9.75
CA SER J 8 -50.43 -22.63 -10.35
C SER J 8 -51.71 -23.41 -10.60
N GLU J 9 -51.54 -24.66 -11.01
CA GLU J 9 -52.66 -25.53 -11.33
C GLU J 9 -52.28 -26.96 -10.97
N LYS J 10 -53.28 -27.74 -10.59
CA LYS J 10 -53.08 -29.14 -10.22
C LYS J 10 -53.38 -30.01 -11.41
N ASN J 11 -52.37 -30.74 -11.88
CA ASN J 11 -52.55 -31.67 -12.98
C ASN J 11 -53.25 -32.93 -12.47
N GLU J 12 -53.92 -33.64 -13.39
CA GLU J 12 -54.74 -34.78 -12.99
C GLU J 12 -53.92 -35.90 -12.38
N HIS J 13 -52.60 -35.93 -12.62
CA HIS J 13 -51.74 -36.89 -11.96
C HIS J 13 -51.52 -36.58 -10.49
N GLY J 14 -51.95 -35.42 -10.02
CA GLY J 14 -51.61 -34.94 -8.70
C GLY J 14 -50.40 -34.02 -8.65
N THR J 15 -49.75 -33.79 -9.80
CA THR J 15 -48.60 -32.91 -9.86
C THR J 15 -49.03 -31.46 -10.00
N LEU J 16 -48.09 -30.56 -9.79
CA LEU J 16 -48.34 -29.13 -9.80
C LEU J 16 -47.60 -28.48 -10.96
N GLU J 17 -48.23 -27.47 -11.57
CA GLU J 17 -47.65 -26.76 -12.69
C GLU J 17 -47.92 -25.28 -12.54
N GLN J 18 -46.86 -24.49 -12.45
CA GLN J 18 -47.00 -23.03 -12.42
C GLN J 18 -47.26 -22.51 -13.83
N PHE J 19 -48.15 -21.53 -13.95
CA PHE J 19 -48.52 -21.00 -15.25
C PHE J 19 -48.53 -19.47 -15.19
N TYR J 20 -48.29 -18.86 -16.35
CA TYR J 20 -48.32 -17.40 -16.48
C TYR J 20 -49.55 -16.98 -17.27
N PRO J 21 -50.51 -16.29 -16.66
CA PRO J 21 -51.67 -15.81 -17.42
C PRO J 21 -51.27 -14.68 -18.36
N GLU J 22 -52.01 -14.56 -19.47
CA GLU J 22 -51.76 -13.48 -20.42
C GLU J 22 -52.35 -12.18 -19.89
N THR J 23 -51.63 -11.09 -20.12
CA THR J 23 -52.00 -9.80 -19.56
C THR J 23 -51.77 -8.72 -20.61
N HIS J 24 -52.31 -7.53 -20.35
CA HIS J 24 -52.13 -6.36 -21.20
C HIS J 24 -51.30 -5.31 -20.46
N ALA J 25 -50.57 -4.51 -21.25
CA ALA J 25 -49.74 -3.47 -20.65
C ALA J 25 -50.58 -2.45 -19.88
N GLU J 26 -51.82 -2.21 -20.33
CA GLU J 26 -52.70 -1.30 -19.63
C GLU J 26 -53.18 -1.85 -18.31
N ALA J 27 -53.14 -3.17 -18.12
CA ALA J 27 -53.55 -3.76 -16.86
C ALA J 27 -52.48 -3.65 -15.78
N VAL J 28 -51.20 -3.75 -16.17
CA VAL J 28 -50.12 -3.72 -15.19
C VAL J 28 -50.05 -2.36 -14.50
N LYS J 29 -49.85 -2.38 -13.19
CA LYS J 29 -49.73 -1.17 -12.40
C LYS J 29 -48.26 -0.85 -12.16
N GLY J 30 -47.95 0.44 -12.10
CA GLY J 30 -46.56 0.86 -11.94
C GLY J 30 -45.68 0.45 -13.10
N LEU J 31 -46.23 0.43 -14.31
CA LEU J 31 -45.47 -0.04 -15.47
C LEU J 31 -44.34 0.92 -15.82
N VAL J 32 -44.66 2.22 -15.89
CA VAL J 32 -43.72 3.25 -16.33
C VAL J 32 -43.16 2.85 -17.69
N SER J 33 -43.99 2.99 -18.72
CA SER J 33 -43.63 2.50 -20.04
C SER J 33 -42.80 3.51 -20.80
N VAL J 34 -42.21 3.06 -21.90
CA VAL J 34 -41.44 3.90 -22.82
C VAL J 34 -42.24 4.06 -24.09
N SER J 35 -42.46 5.30 -24.50
CA SER J 35 -43.35 5.62 -25.62
C SER J 35 -42.69 5.43 -26.98
N GLU J 36 -41.51 4.81 -27.04
CA GLU J 36 -40.86 4.43 -28.29
C GLU J 36 -40.37 5.65 -29.06
N GLU J 37 -40.72 6.84 -28.60
CA GLU J 37 -40.27 8.08 -29.21
C GLU J 37 -39.10 8.72 -28.49
N GLU J 38 -39.16 8.80 -27.16
CA GLU J 38 -38.01 9.25 -26.40
C GLU J 38 -36.90 8.21 -26.37
N LYS J 39 -37.19 6.97 -26.77
CA LYS J 39 -36.15 5.97 -26.88
C LYS J 39 -35.14 6.34 -27.96
N THR J 40 -35.65 6.78 -29.12
CA THR J 40 -34.75 7.28 -30.16
C THR J 40 -34.03 8.54 -29.71
N ILE J 41 -34.69 9.38 -28.89
CA ILE J 41 -34.06 10.58 -28.37
C ILE J 41 -32.86 10.21 -27.50
N TRP J 42 -33.04 9.23 -26.61
CA TRP J 42 -31.92 8.76 -25.80
C TRP J 42 -30.89 8.05 -26.64
N ASP J 43 -31.29 7.49 -27.78
CA ASP J 43 -30.34 6.86 -28.68
C ASP J 43 -29.43 7.89 -29.34
N GLN J 44 -30.00 9.02 -29.77
CA GLN J 44 -29.22 10.08 -30.39
C GLN J 44 -28.20 10.66 -29.42
N LYS J 45 -28.70 11.32 -28.36
CA LYS J 45 -27.94 12.00 -27.32
C LYS J 45 -26.49 12.31 -27.67
N GLU J 46 -25.55 11.85 -26.83
CA GLU J 46 -24.13 12.12 -27.04
C GLU J 46 -23.33 11.06 -26.32
N SER J 47 -22.37 10.45 -27.02
CA SER J 47 -21.53 9.41 -26.45
C SER J 47 -20.25 10.00 -25.89
N THR J 48 -19.61 9.23 -25.00
CA THR J 48 -18.35 9.66 -24.43
C THR J 48 -17.25 9.77 -25.48
N ALA J 49 -17.21 8.81 -26.42
CA ALA J 49 -16.18 8.80 -27.43
C ALA J 49 -16.30 10.02 -28.34
N GLY J 50 -17.52 10.40 -28.71
CA GLY J 50 -17.69 11.58 -29.55
C GLY J 50 -17.22 12.84 -28.89
N ALA J 51 -17.55 13.02 -27.60
CA ALA J 51 -17.09 14.19 -26.87
C ALA J 51 -15.58 14.19 -26.73
N GLU J 52 -14.98 13.03 -26.47
CA GLU J 52 -13.52 12.94 -26.37
C GLU J 52 -12.88 13.33 -27.69
N GLN J 53 -13.44 12.86 -28.81
CA GLN J 53 -12.93 13.22 -30.12
C GLN J 53 -13.07 14.72 -30.38
N LYS J 54 -14.20 15.32 -30.01
CA LYS J 54 -14.38 16.75 -30.22
C LYS J 54 -13.41 17.56 -29.36
N ALA J 55 -13.21 17.15 -28.10
CA ALA J 55 -12.25 17.85 -27.25
C ALA J 55 -10.84 17.71 -27.78
N ASN J 56 -10.47 16.53 -28.27
CA ASN J 56 -9.14 16.37 -28.87
C ASN J 56 -9.00 17.20 -30.15
N THR J 57 -10.08 17.34 -30.91
CA THR J 57 -10.05 18.21 -32.08
C THR J 57 -9.84 19.66 -31.68
N ALA J 58 -10.52 20.12 -30.63
CA ALA J 58 -10.29 21.47 -30.14
C ALA J 58 -8.85 21.65 -29.66
N LEU J 59 -8.32 20.64 -28.96
CA LEU J 59 -6.95 20.71 -28.45
C LEU J 59 -5.94 20.80 -29.58
N ASN J 60 -6.10 19.95 -30.60
CA ASN J 60 -5.14 19.97 -31.69
C ASN J 60 -5.32 21.18 -32.59
N SER J 61 -6.53 21.75 -32.66
CA SER J 61 -6.72 23.03 -33.34
C SER J 61 -5.99 24.15 -32.61
N ALA J 62 -6.05 24.15 -31.28
CA ALA J 62 -5.28 25.11 -30.50
C ALA J 62 -3.79 24.93 -30.70
N LYS J 63 -3.33 23.67 -30.73
CA LYS J 63 -1.91 23.41 -30.97
C LYS J 63 -1.49 23.88 -32.37
N ASP J 64 -2.35 23.67 -33.37
CA ASP J 64 -2.05 24.15 -34.71
C ASP J 64 -1.99 25.68 -34.75
N TYR J 65 -2.90 26.33 -34.03
CA TYR J 65 -2.84 27.78 -33.92
C TYR J 65 -1.53 28.24 -33.30
N VAL J 66 -1.09 27.57 -32.23
CA VAL J 66 0.16 27.92 -31.58
C VAL J 66 1.34 27.72 -32.52
N ASP J 67 1.35 26.61 -33.25
CA ASP J 67 2.44 26.36 -34.20
C ASP J 67 2.46 27.41 -35.30
N THR J 68 1.28 27.76 -35.82
CA THR J 68 1.21 28.74 -36.90
C THR J 68 1.65 30.13 -36.44
N ILE J 69 1.23 30.54 -35.24
CA ILE J 69 1.67 31.84 -34.74
C ILE J 69 3.16 31.81 -34.42
N GLY J 70 3.69 30.67 -34.00
CA GLY J 70 5.11 30.56 -33.75
C GLY J 70 5.95 30.68 -35.02
N GLU J 71 5.55 29.99 -36.08
CA GLU J 71 6.36 30.01 -37.30
C GLU J 71 6.27 31.36 -38.01
N GLY J 72 5.10 32.00 -37.98
CA GLY J 72 4.96 33.35 -38.49
C GLY J 72 4.88 33.42 -40.00
N THR J 73 4.63 34.64 -40.48
CA THR J 73 4.54 34.93 -41.90
C THR J 73 5.67 35.87 -42.30
N VAL J 74 6.36 35.52 -43.40
CA VAL J 74 7.48 36.31 -43.89
C VAL J 74 6.92 37.49 -44.68
N ILE J 75 7.01 38.69 -44.10
CA ILE J 75 6.54 39.88 -44.79
C ILE J 75 7.41 40.15 -46.02
N PHE J 76 8.73 40.10 -45.85
CA PHE J 76 9.63 40.33 -46.96
C PHE J 76 10.83 39.42 -46.85
N LYS J 77 11.28 38.90 -47.99
CA LYS J 77 12.47 38.06 -48.07
C LYS J 77 13.21 38.42 -49.35
N GLY J 78 14.53 38.58 -49.25
CA GLY J 78 15.33 39.00 -50.38
C GLY J 78 16.49 39.88 -49.96
N ALA J 79 16.60 41.07 -50.56
CA ALA J 79 17.68 41.99 -50.22
C ALA J 79 17.24 43.41 -50.53
N ASN J 80 17.55 44.32 -49.61
CA ASN J 80 17.18 45.73 -49.79
C ASN J 80 18.10 46.58 -48.94
N LEU J 81 18.43 47.77 -49.45
CA LEU J 81 19.28 48.71 -48.74
C LEU J 81 18.51 49.56 -47.74
N MET J 82 17.18 49.57 -47.81
CA MET J 82 16.34 50.43 -46.98
C MET J 82 16.76 51.90 -47.08
N GLY J 83 16.82 52.38 -48.31
CA GLY J 83 17.09 53.78 -48.55
C GLY J 83 15.84 54.62 -48.39
N ALA J 84 15.92 55.84 -48.92
CA ALA J 84 14.78 56.75 -48.84
C ALA J 84 13.64 56.26 -49.73
N GLY J 85 12.44 56.18 -49.16
CA GLY J 85 11.26 55.78 -49.88
C GLY J 85 10.87 54.32 -49.75
N GLN J 86 11.79 53.46 -49.32
CA GLN J 86 11.48 52.05 -49.15
C GLN J 86 10.68 51.84 -47.87
N SER J 87 9.57 51.11 -47.97
CA SER J 87 8.71 50.88 -46.82
C SER J 87 7.89 49.62 -47.04
N PHE J 88 7.66 48.89 -45.96
CA PHE J 88 6.84 47.68 -45.97
C PHE J 88 5.64 47.86 -45.05
N LYS J 89 4.51 47.30 -45.47
CA LYS J 89 3.25 47.44 -44.74
C LYS J 89 2.56 46.08 -44.66
N TRP J 90 1.85 45.85 -43.56
CA TRP J 90 1.09 44.61 -43.37
C TRP J 90 -0.17 44.95 -42.57
N ASP J 91 -0.81 43.92 -42.03
CA ASP J 91 -2.03 44.06 -41.26
C ASP J 91 -1.72 43.93 -39.77
N ALA J 92 -2.36 44.79 -38.97
CA ALA J 92 -2.11 44.78 -37.52
C ALA J 92 -2.54 43.48 -36.88
N SER J 93 -3.68 42.93 -37.29
CA SER J 93 -4.19 41.71 -36.67
C SER J 93 -3.24 40.54 -36.90
N LYS J 94 -2.49 40.57 -38.00
CA LYS J 94 -1.51 39.51 -38.25
C LYS J 94 -0.35 39.57 -37.27
N LEU J 95 -0.02 40.77 -36.79
CA LEU J 95 1.01 40.93 -35.77
C LEU J 95 0.52 40.32 -34.47
N LYS J 96 1.17 39.25 -34.03
CA LYS J 96 0.72 38.51 -32.84
C LYS J 96 1.71 38.60 -31.69
N PHE J 97 2.96 38.19 -31.90
CA PHE J 97 4.00 38.31 -30.88
C PHE J 97 4.96 39.47 -31.15
N GLY J 98 5.44 39.59 -32.38
CA GLY J 98 6.38 40.65 -32.69
C GLY J 98 6.94 40.50 -34.09
N MET J 99 8.08 41.15 -34.31
CA MET J 99 8.74 41.18 -35.61
C MET J 99 10.23 40.85 -35.45
N THR J 100 10.78 40.17 -36.45
CA THR J 100 12.19 39.86 -36.54
C THR J 100 12.76 40.34 -37.87
N LEU J 101 13.94 40.93 -37.82
CA LEU J 101 14.60 41.48 -39.00
C LEU J 101 16.01 40.90 -39.13
N LEU J 102 16.40 40.62 -40.37
CA LEU J 102 17.69 40.02 -40.70
C LEU J 102 18.45 40.89 -41.67
N PHE J 103 19.76 41.03 -41.43
CA PHE J 103 20.62 41.83 -42.28
C PHE J 103 21.83 41.00 -42.69
N SER J 104 22.45 41.37 -43.82
CA SER J 104 23.61 40.64 -44.29
C SER J 104 24.48 41.57 -45.13
N ARG J 105 25.54 41.01 -45.70
CA ARG J 105 26.51 41.80 -46.46
C ARG J 105 25.99 42.09 -47.86
N TYR J 106 26.52 43.16 -48.46
CA TYR J 106 26.12 43.60 -49.78
C TYR J 106 27.21 44.47 -50.38
N ASP J 107 27.18 44.63 -51.70
CA ASP J 107 28.08 45.54 -52.42
C ASP J 107 27.26 46.32 -53.44
N ALA J 108 27.42 47.64 -53.44
CA ALA J 108 26.81 48.46 -54.47
C ALA J 108 27.52 48.31 -55.82
N ALA J 109 28.72 47.72 -55.83
CA ALA J 109 29.47 47.59 -57.07
C ALA J 109 28.83 46.56 -57.99
N ASN J 110 28.76 45.31 -57.56
CA ASN J 110 28.16 44.25 -58.37
C ASN J 110 26.69 44.00 -58.04
N ASN J 111 26.17 44.60 -56.98
CA ASN J 111 24.77 44.44 -56.57
C ASN J 111 24.42 42.97 -56.33
N THR J 112 25.37 42.22 -55.76
CA THR J 112 25.17 40.82 -55.44
C THR J 112 25.12 40.62 -53.94
N PRO J 113 23.95 40.29 -53.36
CA PRO J 113 23.87 40.10 -51.91
C PRO J 113 24.44 38.78 -51.43
N GLN J 114 25.74 38.72 -51.16
CA GLN J 114 26.32 37.47 -50.68
C GLN J 114 25.68 37.06 -49.35
N ASP J 115 25.83 35.77 -49.01
CA ASP J 115 25.21 35.20 -47.82
C ASP J 115 26.28 34.89 -46.79
N TYR J 116 26.60 35.89 -45.98
CA TYR J 116 27.38 35.70 -44.75
C TYR J 116 27.32 36.99 -43.96
N TYR J 117 27.77 36.91 -42.70
CA TYR J 117 27.75 38.02 -41.76
C TYR J 117 26.32 38.55 -41.56
N TYR J 118 25.45 37.66 -41.08
CA TYR J 118 24.06 38.00 -40.83
C TYR J 118 23.89 38.53 -39.41
N HIS J 119 22.95 39.46 -39.26
CA HIS J 119 22.64 40.08 -37.97
C HIS J 119 21.13 40.07 -37.77
N SER J 120 20.69 39.77 -36.55
CA SER J 120 19.28 39.62 -36.26
C SER J 120 18.85 40.64 -35.21
N VAL J 121 17.62 41.11 -35.34
CA VAL J 121 17.05 42.04 -34.35
C VAL J 121 15.57 41.71 -34.16
N PHE J 122 15.11 41.80 -32.91
CA PHE J 122 13.76 41.44 -32.53
C PHE J 122 13.06 42.63 -31.88
N LEU J 123 11.75 42.71 -32.10
CA LEU J 123 10.93 43.80 -31.55
C LEU J 123 9.55 43.24 -31.24
N SER J 124 9.22 43.09 -29.96
CA SER J 124 7.95 42.51 -29.57
C SER J 124 6.80 43.48 -29.87
N LYS J 125 5.57 42.98 -29.71
CA LYS J 125 4.40 43.82 -29.93
C LYS J 125 4.33 44.95 -28.91
N ALA J 126 4.67 44.66 -27.65
CA ALA J 126 4.75 45.71 -26.64
C ALA J 126 5.84 46.72 -26.99
N GLN J 127 6.93 46.24 -27.58
CA GLN J 127 7.95 47.15 -28.09
C GLN J 127 7.40 47.98 -29.24
N LEU J 128 6.52 47.40 -30.05
CA LEU J 128 6.12 48.05 -31.30
C LEU J 128 5.03 49.09 -31.07
N VAL J 129 4.13 48.85 -30.11
CA VAL J 129 3.06 49.81 -29.87
C VAL J 129 3.62 51.15 -29.40
N GLU J 130 4.60 51.11 -28.50
CA GLU J 130 5.29 52.32 -28.09
C GLU J 130 6.13 52.91 -29.21
N LEU J 131 6.71 52.07 -30.06
CA LEU J 131 7.58 52.52 -31.14
C LEU J 131 6.82 52.92 -32.39
N ALA J 132 5.54 53.26 -32.27
CA ALA J 132 4.73 53.61 -33.44
C ALA J 132 5.28 54.84 -34.14
N GLY J 133 5.79 54.63 -35.35
CA GLY J 133 6.34 55.73 -36.13
C GLY J 133 7.82 55.98 -35.88
N LYS J 134 8.16 56.26 -34.63
CA LYS J 134 9.54 56.54 -34.27
C LYS J 134 10.42 55.32 -34.52
N GLY J 135 11.62 55.56 -35.04
CA GLY J 135 12.50 54.51 -35.50
C GLY J 135 13.49 54.03 -34.45
N ILE J 136 14.22 52.99 -34.84
CA ILE J 136 15.25 52.38 -34.00
C ILE J 136 16.55 52.35 -34.78
N LEU J 137 17.65 52.30 -34.04
CA LEU J 137 18.99 52.29 -34.60
C LEU J 137 19.61 50.93 -34.32
N VAL J 138 20.05 50.24 -35.37
CA VAL J 138 20.66 48.92 -35.25
C VAL J 138 22.08 48.99 -35.79
N GLN J 139 23.04 48.57 -34.98
CA GLN J 139 24.45 48.54 -35.34
C GLN J 139 24.84 47.08 -35.54
N MET J 140 25.27 46.75 -36.74
CA MET J 140 25.64 45.39 -37.10
C MET J 140 27.15 45.21 -37.06
N PRO J 141 27.63 44.00 -36.77
CA PRO J 141 29.07 43.79 -36.63
C PRO J 141 29.81 44.08 -37.93
N SER J 142 31.01 44.64 -37.78
CA SER J 142 31.86 44.99 -38.92
C SER J 142 33.28 45.18 -38.42
N THR J 143 34.22 45.24 -39.37
CA THR J 143 35.63 45.42 -39.02
C THR J 143 35.85 46.80 -38.36
N THR J 144 35.21 47.83 -38.89
CA THR J 144 35.32 49.18 -38.35
C THR J 144 33.96 49.64 -37.85
N TYR J 145 33.97 50.46 -36.79
CA TYR J 145 32.73 50.85 -36.15
C TYR J 145 31.89 51.72 -37.09
N GLY J 146 30.57 51.57 -37.01
CA GLY J 146 29.65 52.24 -37.90
C GLY J 146 28.76 51.25 -38.62
N ASP J 147 28.37 51.61 -39.85
CA ASP J 147 27.53 50.78 -40.70
C ASP J 147 26.21 50.44 -40.00
N ARG J 148 25.45 51.50 -39.69
CA ARG J 148 24.22 51.36 -38.92
C ARG J 148 23.01 51.51 -39.83
N LYS J 149 21.86 51.08 -39.32
CA LYS J 149 20.59 51.22 -40.01
C LYS J 149 19.57 51.88 -39.09
N TYR J 150 18.91 52.92 -39.59
CA TYR J 150 17.86 53.63 -38.87
C TYR J 150 16.53 53.29 -39.53
N LEU J 151 15.62 52.68 -38.77
CA LEU J 151 14.39 52.15 -39.35
C LEU J 151 13.18 52.63 -38.57
N TYR J 152 12.26 53.29 -39.26
CA TYR J 152 10.99 53.74 -38.65
C TYR J 152 10.04 52.55 -38.59
N VAL J 153 10.22 51.73 -37.55
CA VAL J 153 9.46 50.49 -37.39
C VAL J 153 8.29 50.74 -36.46
N SER J 154 7.07 50.49 -36.95
CA SER J 154 5.84 50.65 -36.19
C SER J 154 5.13 49.31 -36.08
N THR J 155 3.92 49.34 -35.52
CA THR J 155 3.15 48.12 -35.32
C THR J 155 2.40 47.67 -36.56
N THR J 156 2.41 48.48 -37.63
CA THR J 156 1.78 48.10 -38.89
C THR J 156 2.68 48.25 -40.10
N GLY J 157 3.78 49.01 -40.00
CA GLY J 157 4.65 49.21 -41.14
C GLY J 157 6.00 49.73 -40.71
N LEU J 158 7.00 49.46 -41.55
CA LEU J 158 8.33 50.00 -41.36
C LEU J 158 8.75 50.75 -42.62
N SER J 159 9.78 51.57 -42.50
CA SER J 159 10.27 52.36 -43.63
C SER J 159 11.78 52.49 -43.53
N GLY J 160 12.34 53.29 -44.44
CA GLY J 160 13.76 53.53 -44.49
C GLY J 160 14.11 54.96 -44.11
N HIS J 161 15.33 55.35 -44.47
CA HIS J 161 15.82 56.69 -44.14
C HIS J 161 16.94 57.03 -45.11
N PHE J 162 17.25 58.32 -45.20
CA PHE J 162 18.29 58.80 -46.10
C PHE J 162 19.64 58.84 -45.38
N ASP J 163 19.97 57.69 -44.77
CA ASP J 163 21.31 57.45 -44.26
C ASP J 163 21.79 56.06 -44.68
N ASN J 164 20.86 55.12 -44.82
CA ASN J 164 21.23 53.74 -45.11
C ASN J 164 21.92 53.60 -46.47
N SER J 165 21.65 54.53 -47.39
CA SER J 165 22.32 54.48 -48.68
C SER J 165 23.82 54.69 -48.55
N ASN J 166 24.25 55.50 -47.58
CA ASN J 166 25.68 55.69 -47.37
C ASN J 166 26.36 54.40 -46.94
N TYR J 167 25.72 53.63 -46.06
CA TYR J 167 26.26 52.35 -45.62
C TYR J 167 25.70 51.22 -46.48
N ALA J 168 26.15 51.20 -47.74
CA ALA J 168 25.67 50.23 -48.72
C ALA J 168 26.39 48.89 -48.61
N ALA J 169 27.36 48.75 -47.71
CA ALA J 169 28.05 47.48 -47.54
C ALA J 169 27.15 46.42 -46.92
N TRP J 170 25.98 46.81 -46.41
CA TRP J 170 25.05 45.87 -45.80
C TRP J 170 23.66 46.10 -46.37
N ALA J 171 22.79 45.13 -46.16
CA ALA J 171 21.44 45.20 -46.70
C ALA J 171 20.50 44.36 -45.84
N LEU J 172 19.27 44.86 -45.67
CA LEU J 172 18.23 44.08 -45.02
C LEU J 172 17.91 42.86 -45.87
N ARG J 173 17.74 41.72 -45.21
CA ARG J 173 17.46 40.47 -45.91
C ARG J 173 16.00 40.06 -45.83
N GLN J 174 15.46 39.94 -44.62
CA GLN J 174 14.07 39.54 -44.48
C GLN J 174 13.47 40.14 -43.21
N VAL J 175 12.19 40.48 -43.30
CA VAL J 175 11.40 40.93 -42.17
C VAL J 175 10.20 40.00 -42.03
N THR J 176 9.98 39.49 -40.82
CA THR J 176 8.90 38.56 -40.54
C THR J 176 8.12 39.01 -39.32
N ILE J 177 6.83 38.67 -39.29
CA ILE J 177 5.97 38.90 -38.14
C ILE J 177 5.56 37.54 -37.59
N MET J 178 5.28 37.51 -36.29
CA MET J 178 4.90 36.27 -35.64
C MET J 178 4.21 36.53 -34.30
N THR K 2 -26.36 -18.54 32.58
CA THR K 2 -27.00 -19.35 33.61
C THR K 2 -28.44 -19.70 33.23
N LYS K 3 -29.18 -20.26 34.18
CA LYS K 3 -30.57 -20.67 33.93
C LYS K 3 -31.46 -19.45 34.05
N ILE K 4 -31.64 -18.74 32.94
CA ILE K 4 -32.52 -17.60 32.85
C ILE K 4 -33.75 -18.01 32.05
N VAL K 5 -34.93 -17.82 32.64
CA VAL K 5 -36.19 -18.12 31.98
C VAL K 5 -36.97 -16.83 31.83
N LYS K 6 -37.78 -16.76 30.77
CA LYS K 6 -38.64 -15.62 30.51
C LYS K 6 -40.04 -15.98 31.00
N MET K 7 -40.35 -15.57 32.23
CA MET K 7 -41.65 -15.89 32.81
C MET K 7 -42.77 -15.38 31.93
N SER K 8 -43.72 -16.26 31.64
CA SER K 8 -44.86 -15.91 30.80
C SER K 8 -46.12 -16.51 31.39
N GLU K 9 -47.26 -15.91 31.04
CA GLU K 9 -48.55 -16.38 31.54
C GLU K 9 -49.56 -16.30 30.42
N LYS K 10 -50.58 -17.16 30.50
CA LYS K 10 -51.59 -17.24 29.46
C LYS K 10 -52.48 -16.01 29.48
N ASN K 11 -52.80 -15.49 28.29
CA ASN K 11 -53.61 -14.30 28.17
C ASN K 11 -55.07 -14.58 28.56
N GLU K 12 -55.87 -13.53 28.55
CA GLU K 12 -57.29 -13.65 28.81
C GLU K 12 -58.07 -14.15 27.60
N HIS K 13 -57.44 -14.18 26.42
CA HIS K 13 -58.08 -14.61 25.19
C HIS K 13 -57.33 -15.75 24.51
N GLY K 14 -56.63 -16.57 25.28
CA GLY K 14 -56.06 -17.79 24.75
C GLY K 14 -54.65 -17.67 24.18
N THR K 15 -53.94 -16.59 24.48
CA THR K 15 -52.55 -16.49 24.05
C THR K 15 -51.62 -16.41 25.25
N LEU K 16 -50.33 -16.18 25.01
CA LEU K 16 -49.33 -16.13 26.06
C LEU K 16 -48.56 -14.82 25.98
N GLU K 17 -48.30 -14.21 27.14
CA GLU K 17 -47.55 -12.96 27.19
C GLU K 17 -46.54 -13.03 28.32
N GLN K 18 -45.34 -12.50 28.08
CA GLN K 18 -44.28 -12.49 29.07
C GLN K 18 -44.52 -11.35 30.07
N PHE K 19 -44.18 -11.61 31.33
CA PHE K 19 -44.32 -10.61 32.40
C PHE K 19 -43.04 -10.56 33.21
N TYR K 20 -42.65 -9.36 33.62
CA TYR K 20 -41.56 -9.24 34.58
C TYR K 20 -42.12 -9.20 36.00
N PRO K 21 -41.52 -9.94 36.94
CA PRO K 21 -41.99 -9.87 38.32
C PRO K 21 -41.40 -8.68 39.06
N GLU K 22 -41.79 -8.50 40.32
CA GLU K 22 -41.30 -7.39 41.14
C GLU K 22 -40.40 -7.95 42.22
N THR K 23 -39.13 -7.53 42.20
CA THR K 23 -38.13 -8.00 43.15
C THR K 23 -37.60 -6.84 43.97
N HIS K 24 -36.58 -7.12 44.78
CA HIS K 24 -35.95 -6.14 45.65
C HIS K 24 -34.49 -6.00 45.28
N ALA K 25 -33.86 -4.91 45.75
CA ALA K 25 -32.44 -4.70 45.47
C ALA K 25 -31.59 -5.79 46.09
N GLU K 26 -31.90 -6.19 47.33
CA GLU K 26 -31.15 -7.28 47.96
C GLU K 26 -31.51 -8.63 47.33
N ALA K 27 -32.69 -8.73 46.70
CA ALA K 27 -33.05 -9.97 46.03
C ALA K 27 -32.11 -10.28 44.89
N VAL K 28 -31.75 -9.26 44.10
CA VAL K 28 -30.79 -9.46 43.02
C VAL K 28 -29.42 -9.83 43.61
N LYS K 29 -28.68 -10.65 42.87
CA LYS K 29 -27.37 -11.11 43.29
C LYS K 29 -26.30 -10.54 42.36
N GLY K 30 -25.23 -10.03 42.94
CA GLY K 30 -24.16 -9.43 42.16
C GLY K 30 -24.58 -8.17 41.43
N LEU K 31 -25.47 -7.38 42.04
CA LEU K 31 -25.96 -6.16 41.43
C LEU K 31 -25.10 -4.95 41.74
N VAL K 32 -24.13 -5.07 42.67
CA VAL K 32 -23.29 -3.99 43.19
C VAL K 32 -24.05 -2.67 43.20
N SER K 33 -24.78 -2.42 44.29
CA SER K 33 -25.69 -1.29 44.33
C SER K 33 -24.92 0.02 44.52
N VAL K 34 -25.65 1.12 44.35
CA VAL K 34 -25.13 2.47 44.55
C VAL K 34 -25.87 3.07 45.75
N SER K 35 -25.12 3.65 46.67
CA SER K 35 -25.67 4.10 47.95
C SER K 35 -26.57 5.31 47.83
N GLU K 36 -26.68 5.91 46.64
CA GLU K 36 -27.51 7.08 46.38
C GLU K 36 -26.87 8.32 47.00
N GLU K 37 -25.78 8.12 47.73
CA GLU K 37 -25.01 9.19 48.33
C GLU K 37 -23.58 9.25 47.80
N GLU K 38 -22.94 8.09 47.60
CA GLU K 38 -21.58 8.09 47.07
C GLU K 38 -21.52 8.69 45.67
N LYS K 39 -22.62 8.61 44.91
CA LYS K 39 -22.64 9.27 43.61
C LYS K 39 -22.48 10.78 43.76
N THR K 40 -23.13 11.37 44.76
CA THR K 40 -22.95 12.79 45.01
C THR K 40 -21.52 13.11 45.41
N ILE K 41 -20.91 12.27 46.25
CA ILE K 41 -19.56 12.56 46.73
C ILE K 41 -18.53 12.42 45.61
N TRP K 42 -18.76 11.53 44.65
CA TRP K 42 -17.83 11.41 43.54
C TRP K 42 -18.26 12.19 42.30
N ASP K 43 -19.37 12.93 42.37
CA ASP K 43 -19.72 13.83 41.28
C ASP K 43 -18.63 14.86 41.03
N GLN K 44 -18.11 15.46 42.11
CA GLN K 44 -17.12 16.52 41.96
C GLN K 44 -15.73 15.94 41.73
N LYS K 45 -15.20 15.22 42.72
CA LYS K 45 -13.84 14.69 42.69
C LYS K 45 -12.85 15.74 42.18
N GLU K 46 -12.05 15.39 41.19
CA GLU K 46 -11.17 16.34 40.51
C GLU K 46 -11.77 16.60 39.13
N SER K 47 -12.67 17.58 39.05
CA SER K 47 -13.35 17.86 37.80
C SER K 47 -12.39 18.42 36.76
N THR K 48 -12.76 18.26 35.49
CA THR K 48 -11.91 18.68 34.38
C THR K 48 -12.06 20.18 34.09
N ALA K 49 -13.29 20.67 33.97
CA ALA K 49 -13.49 22.10 33.76
C ALA K 49 -13.01 22.90 34.97
N GLY K 50 -13.27 22.39 36.17
CA GLY K 50 -12.79 23.07 37.37
C GLY K 50 -11.26 23.14 37.42
N ALA K 51 -10.59 22.10 36.93
CA ALA K 51 -9.13 22.14 36.88
C ALA K 51 -8.64 23.23 35.94
N GLU K 52 -9.26 23.35 34.76
CA GLU K 52 -8.88 24.40 33.83
C GLU K 52 -9.14 25.79 34.43
N GLN K 53 -10.28 25.95 35.09
CA GLN K 53 -10.59 27.25 35.71
C GLN K 53 -9.59 27.57 36.81
N LYS K 54 -9.22 26.56 37.62
CA LYS K 54 -8.24 26.79 38.68
C LYS K 54 -6.87 27.15 38.10
N ALA K 55 -6.46 26.49 37.03
CA ALA K 55 -5.19 26.83 36.39
C ALA K 55 -5.24 28.26 35.85
N ASN K 56 -6.34 28.64 35.21
CA ASN K 56 -6.46 30.00 34.68
C ASN K 56 -6.42 31.04 35.79
N THR K 57 -7.13 30.79 36.90
CA THR K 57 -7.14 31.77 37.98
C THR K 57 -5.82 31.79 38.73
N ALA K 58 -5.10 30.66 38.80
CA ALA K 58 -3.76 30.68 39.37
C ALA K 58 -2.82 31.50 38.50
N LEU K 59 -2.91 31.35 37.18
CA LEU K 59 -2.10 32.17 36.29
C LEU K 59 -2.45 33.65 36.45
N ASN K 60 -3.74 33.97 36.56
CA ASN K 60 -4.15 35.35 36.75
C ASN K 60 -3.63 35.92 38.07
N SER K 61 -3.67 35.11 39.15
CA SER K 61 -3.15 35.56 40.43
C SER K 61 -1.65 35.80 40.35
N ALA K 62 -0.92 34.92 39.66
CA ALA K 62 0.50 35.15 39.45
C ALA K 62 0.75 36.44 38.66
N LYS K 63 -0.07 36.69 37.64
CA LYS K 63 0.09 37.89 36.84
C LYS K 63 -0.12 39.15 37.68
N ASP K 64 -1.19 39.18 38.48
CA ASP K 64 -1.42 40.38 39.28
C ASP K 64 -0.40 40.51 40.41
N TYR K 65 0.12 39.39 40.92
CA TYR K 65 1.19 39.46 41.90
C TYR K 65 2.45 40.08 41.30
N VAL K 66 2.79 39.68 40.07
CA VAL K 66 3.94 40.28 39.38
C VAL K 66 3.69 41.75 39.12
N ASP K 67 2.48 42.11 38.70
CA ASP K 67 2.17 43.52 38.45
C ASP K 67 2.29 44.34 39.73
N THR K 68 1.78 43.82 40.85
CA THR K 68 1.88 44.55 42.12
C THR K 68 3.33 44.67 42.56
N ILE K 69 4.15 43.65 42.31
CA ILE K 69 5.58 43.77 42.60
C ILE K 69 6.19 44.88 41.75
N GLY K 70 5.86 44.90 40.46
CA GLY K 70 6.41 45.93 39.58
C GLY K 70 5.98 47.33 39.96
N GLU K 71 4.76 47.48 40.49
CA GLU K 71 4.30 48.79 40.93
C GLU K 71 5.20 49.35 42.03
N GLY K 72 5.58 48.51 42.98
CA GLY K 72 6.44 48.93 44.07
C GLY K 72 5.67 49.63 45.17
N THR K 73 6.33 49.75 46.33
CA THR K 73 5.76 50.40 47.50
C THR K 73 6.62 51.60 47.85
N VAL K 74 6.07 52.80 47.68
CA VAL K 74 6.78 54.03 48.02
C VAL K 74 6.70 54.23 49.52
N ILE K 75 7.84 54.45 50.16
CA ILE K 75 7.93 54.59 51.61
C ILE K 75 7.99 56.05 52.03
N PHE K 76 8.91 56.82 51.45
CA PHE K 76 9.08 58.22 51.84
C PHE K 76 8.84 59.12 50.65
N LYS K 77 7.95 60.11 50.83
CA LYS K 77 7.65 61.11 49.84
C LYS K 77 7.62 62.47 50.51
N GLY K 78 8.30 63.44 49.91
CA GLY K 78 8.40 64.76 50.48
C GLY K 78 9.70 65.46 50.15
N ALA K 79 10.33 66.09 51.14
CA ALA K 79 11.59 66.80 50.91
C ALA K 79 12.33 66.93 52.23
N ASN K 80 13.56 66.41 52.28
CA ASN K 80 14.41 66.56 53.45
C ASN K 80 15.86 66.34 53.03
N LEU K 81 16.78 66.79 53.89
CA LEU K 81 18.20 66.69 53.64
C LEU K 81 18.87 65.58 54.45
N MET K 82 18.08 64.74 55.10
CA MET K 82 18.55 63.67 55.99
C MET K 82 19.72 64.14 56.87
N GLY K 83 19.46 65.22 57.60
CA GLY K 83 20.46 65.79 58.48
C GLY K 83 20.94 64.85 59.57
N ALA K 84 21.89 65.31 60.38
CA ALA K 84 22.43 64.48 61.45
C ALA K 84 21.32 64.11 62.44
N GLY K 85 21.27 62.82 62.79
CA GLY K 85 20.27 62.32 63.71
C GLY K 85 18.95 61.90 63.07
N GLN K 86 18.83 61.99 61.76
CA GLN K 86 17.60 61.61 61.05
C GLN K 86 17.82 60.23 60.43
N SER K 87 16.91 59.31 60.72
CA SER K 87 16.99 57.93 60.23
C SER K 87 15.67 57.54 59.58
N PHE K 88 15.74 56.54 58.70
CA PHE K 88 14.59 56.06 57.95
C PHE K 88 14.44 54.56 58.13
N LYS K 89 13.19 54.10 58.07
CA LYS K 89 12.86 52.71 58.36
C LYS K 89 11.81 52.19 57.38
N TRP K 90 11.99 50.95 56.95
CA TRP K 90 10.98 50.23 56.17
C TRP K 90 11.00 48.76 56.61
N ASP K 91 10.34 47.91 55.83
CA ASP K 91 10.27 46.48 56.11
C ASP K 91 11.24 45.74 55.19
N ALA K 92 12.14 44.96 55.79
CA ALA K 92 13.11 44.21 55.00
C ALA K 92 12.46 43.07 54.23
N SER K 93 11.44 42.44 54.82
CA SER K 93 10.74 41.35 54.13
C SER K 93 10.05 41.85 52.86
N LYS K 94 9.41 43.02 52.94
CA LYS K 94 8.77 43.59 51.76
C LYS K 94 9.80 43.99 50.71
N LEU K 95 11.03 44.28 51.13
CA LEU K 95 12.10 44.54 50.18
C LEU K 95 12.39 43.29 49.38
N LYS K 96 12.24 43.38 48.05
CA LYS K 96 12.33 42.21 47.19
C LYS K 96 13.30 42.39 46.05
N PHE K 97 13.50 43.62 45.58
CA PHE K 97 14.38 43.85 44.44
C PHE K 97 15.49 44.86 44.70
N GLY K 98 15.24 45.93 45.47
CA GLY K 98 16.33 46.84 45.77
C GLY K 98 15.83 48.19 46.25
N MET K 99 16.71 49.17 46.12
CA MET K 99 16.49 50.51 46.64
C MET K 99 16.41 51.53 45.51
N THR K 100 15.53 52.50 45.66
CA THR K 100 15.37 53.58 44.68
C THR K 100 15.32 54.91 45.42
N LEU K 101 16.22 55.82 45.04
CA LEU K 101 16.36 57.10 45.70
C LEU K 101 16.25 58.23 44.70
N LEU K 102 15.61 59.32 45.11
CA LEU K 102 15.46 60.51 44.29
C LEU K 102 16.23 61.66 44.93
N PHE K 103 17.15 62.24 44.17
CA PHE K 103 17.92 63.38 44.59
C PHE K 103 17.53 64.56 43.71
N SER K 104 17.32 65.73 44.33
CA SER K 104 16.69 66.83 43.60
C SER K 104 17.17 68.18 44.13
N ARG K 105 16.79 69.22 43.41
CA ARG K 105 17.03 70.59 43.84
C ARG K 105 16.24 70.88 45.11
N TYR K 106 16.77 71.78 45.93
CA TYR K 106 16.08 72.21 47.14
C TYR K 106 16.41 73.66 47.43
N ASP K 107 15.54 74.31 48.19
CA ASP K 107 15.69 75.69 48.59
C ASP K 107 15.68 75.79 50.11
N ALA K 108 16.50 76.69 50.65
CA ALA K 108 16.62 76.82 52.09
C ALA K 108 15.47 77.65 52.68
N ALA K 109 15.35 78.90 52.25
CA ALA K 109 14.33 79.78 52.82
C ALA K 109 12.93 79.38 52.38
N ASN K 110 12.75 79.12 51.08
CA ASN K 110 11.41 78.86 50.55
C ASN K 110 10.90 77.47 50.92
N ASN K 111 11.79 76.53 51.22
CA ASN K 111 11.43 75.14 51.52
C ASN K 111 10.68 74.48 50.37
N THR K 112 10.86 74.97 49.15
CA THR K 112 10.21 74.39 47.97
C THR K 112 11.26 73.70 47.12
N PRO K 113 11.23 72.38 47.01
CA PRO K 113 12.21 71.68 46.14
C PRO K 113 11.96 72.01 44.68
N GLN K 114 12.92 72.70 44.07
CA GLN K 114 12.78 73.10 42.67
C GLN K 114 12.70 71.89 41.77
N ASP K 115 11.76 71.93 40.82
CA ASP K 115 11.53 70.81 39.90
C ASP K 115 12.49 70.89 38.71
N TYR K 116 13.79 70.84 39.03
CA TYR K 116 14.84 70.83 38.03
C TYR K 116 16.00 69.99 38.55
N TYR K 117 16.89 69.61 37.64
CA TYR K 117 18.13 68.91 37.98
C TYR K 117 17.87 67.68 38.85
N TYR K 118 16.82 66.93 38.51
CA TYR K 118 16.48 65.74 39.28
C TYR K 118 17.46 64.61 38.99
N HIS K 119 17.32 63.52 39.75
CA HIS K 119 18.13 62.33 39.55
C HIS K 119 17.50 61.16 40.29
N SER K 120 17.51 60.00 39.65
CA SER K 120 16.98 58.76 40.22
C SER K 120 18.09 57.71 40.22
N VAL K 121 18.29 57.07 41.37
CA VAL K 121 19.36 56.10 41.54
C VAL K 121 18.73 54.77 41.96
N PHE K 122 19.09 53.70 41.26
CA PHE K 122 18.61 52.36 41.53
C PHE K 122 19.78 51.49 41.97
N LEU K 123 19.63 50.84 43.12
CA LEU K 123 20.63 49.97 43.70
C LEU K 123 20.03 48.60 43.95
N SER K 124 20.73 47.55 43.55
CA SER K 124 20.22 46.20 43.76
C SER K 124 20.36 45.81 45.22
N LYS K 125 19.31 45.21 45.79
CA LYS K 125 19.40 44.76 47.18
C LYS K 125 20.45 43.67 47.32
N ALA K 126 20.72 42.94 46.23
CA ALA K 126 21.85 42.01 46.23
C ALA K 126 23.14 42.72 46.60
N GLN K 127 23.25 43.99 46.24
CA GLN K 127 24.34 44.82 46.76
C GLN K 127 24.06 45.31 48.17
N LEU K 128 22.78 45.36 48.58
CA LEU K 128 22.43 45.95 49.88
C LEU K 128 22.92 45.09 51.03
N VAL K 129 22.91 43.77 50.86
CA VAL K 129 23.40 42.87 51.91
C VAL K 129 24.86 43.16 52.20
N GLU K 130 25.64 43.53 51.18
CA GLU K 130 27.02 43.96 51.38
C GLU K 130 27.10 45.33 52.04
N LEU K 131 26.01 46.11 52.03
CA LEU K 131 25.99 47.45 52.58
C LEU K 131 25.26 47.49 53.92
N ALA K 132 25.40 46.44 54.72
CA ALA K 132 24.75 46.39 56.02
C ALA K 132 25.45 47.31 57.00
N GLY K 133 25.00 48.56 57.07
CA GLY K 133 25.59 49.55 57.95
C GLY K 133 26.82 50.25 57.41
N LYS K 134 27.22 49.96 56.18
CA LYS K 134 28.39 50.60 55.60
C LYS K 134 28.01 51.94 54.96
N GLY K 135 29.01 52.79 54.80
CA GLY K 135 28.77 54.13 54.26
C GLY K 135 28.82 54.13 52.74
N ILE K 136 27.93 54.93 52.15
CA ILE K 136 27.80 55.05 50.69
C ILE K 136 27.87 56.53 50.33
N LEU K 137 28.63 56.84 49.28
CA LEU K 137 28.71 58.20 48.76
C LEU K 137 27.99 58.26 47.42
N VAL K 138 27.15 59.27 47.25
CA VAL K 138 26.42 59.48 46.00
C VAL K 138 26.64 60.93 45.56
N GLN K 139 27.12 61.11 44.34
CA GLN K 139 27.35 62.43 43.77
C GLN K 139 26.30 62.65 42.68
N MET K 140 25.27 63.41 43.02
CA MET K 140 24.26 63.76 42.01
C MET K 140 24.91 64.60 40.92
N PRO K 141 24.56 64.39 39.66
CA PRO K 141 25.06 65.25 38.59
C PRO K 141 24.64 66.70 38.82
N SER K 142 25.58 67.62 38.59
CA SER K 142 25.33 69.03 38.82
C SER K 142 26.32 69.84 38.00
N THR K 143 26.03 71.14 37.86
CA THR K 143 26.93 72.03 37.13
C THR K 143 28.28 72.15 37.85
N THR K 144 28.25 72.22 39.17
CA THR K 144 29.46 72.32 39.99
C THR K 144 29.70 70.99 40.71
N TYR K 145 30.96 70.57 40.75
CA TYR K 145 31.30 69.30 41.36
C TYR K 145 31.28 69.41 42.89
N GLY K 146 31.25 68.24 43.54
CA GLY K 146 31.17 68.15 44.98
C GLY K 146 29.83 67.61 45.41
N ASP K 147 29.35 68.10 46.56
CA ASP K 147 28.01 67.80 47.06
C ASP K 147 27.80 66.29 47.22
N ARG K 148 28.85 65.60 47.66
CA ARG K 148 28.81 64.15 47.79
C ARG K 148 27.95 63.78 48.99
N LYS K 149 26.69 63.43 48.73
CA LYS K 149 25.79 63.03 49.81
C LYS K 149 26.25 61.71 50.41
N TYR K 150 26.27 61.64 51.72
CA TYR K 150 26.79 60.48 52.44
C TYR K 150 25.60 59.76 53.07
N LEU K 151 25.14 58.70 52.40
CA LEU K 151 23.99 57.94 52.84
C LEU K 151 24.43 56.63 53.47
N TYR K 152 23.83 56.30 54.60
CA TYR K 152 24.00 54.99 55.23
C TYR K 152 22.88 54.04 54.80
N VAL K 153 22.78 53.85 53.49
CA VAL K 153 21.71 53.02 52.93
C VAL K 153 21.98 51.56 53.29
N SER K 154 20.98 50.91 53.87
CA SER K 154 21.08 49.52 54.27
C SER K 154 19.84 48.76 53.82
N THR K 155 19.83 47.45 54.09
CA THR K 155 18.70 46.62 53.69
C THR K 155 17.42 47.02 54.44
N THR K 156 17.54 47.33 55.73
CA THR K 156 16.36 47.64 56.54
C THR K 156 16.00 49.12 56.50
N GLY K 157 16.98 50.00 56.63
CA GLY K 157 16.70 51.43 56.68
C GLY K 157 17.92 52.25 56.34
N LEU K 158 17.72 53.56 56.38
CA LEU K 158 18.76 54.53 56.08
C LEU K 158 19.11 55.36 57.31
N SER K 159 20.34 55.87 57.31
CA SER K 159 20.81 56.79 58.34
C SER K 159 21.52 57.96 57.68
N GLY K 160 21.38 59.13 58.28
CA GLY K 160 21.94 60.35 57.72
C GLY K 160 23.28 60.70 58.34
N HIS K 161 24.18 61.22 57.50
CA HIS K 161 25.48 61.69 57.93
C HIS K 161 25.46 63.21 58.09
N PHE K 162 26.38 63.72 58.90
CA PHE K 162 26.42 65.15 59.17
C PHE K 162 27.20 65.90 58.08
N ASP K 163 26.87 65.63 56.81
CA ASP K 163 27.40 66.41 55.70
C ASP K 163 26.35 66.78 54.66
N ASN K 164 25.24 66.06 54.57
CA ASN K 164 24.21 66.41 53.60
C ASN K 164 23.52 67.72 53.96
N SER K 165 23.32 67.97 55.26
CA SER K 165 22.66 69.19 55.71
C SER K 165 23.56 70.43 55.57
N ASN K 166 24.84 70.24 55.25
CA ASN K 166 25.73 71.39 55.09
C ASN K 166 25.28 72.28 53.94
N TYR K 167 24.80 71.68 52.85
CA TYR K 167 24.32 72.40 51.69
C TYR K 167 22.82 72.21 51.55
N ALA K 168 22.10 73.31 51.30
CA ALA K 168 20.65 73.28 51.16
C ALA K 168 20.18 73.30 49.71
N ALA K 169 21.10 73.32 48.75
CA ALA K 169 20.70 73.34 47.34
C ALA K 169 20.19 71.98 46.88
N TRP K 170 20.62 70.90 47.54
CA TRP K 170 20.30 69.55 47.13
C TRP K 170 19.61 68.82 48.28
N ALA K 171 18.64 67.97 47.95
CA ALA K 171 17.92 67.21 48.96
C ALA K 171 17.32 65.97 48.31
N LEU K 172 16.42 65.31 49.03
CA LEU K 172 15.80 64.05 48.61
C LEU K 172 14.30 64.22 48.49
N ARG K 173 13.70 63.50 47.54
CA ARG K 173 12.26 63.56 47.31
C ARG K 173 11.58 62.22 47.53
N GLN K 174 12.06 61.16 46.88
CA GLN K 174 11.39 59.87 46.91
C GLN K 174 12.35 58.79 47.39
N VAL K 175 11.87 57.98 48.34
CA VAL K 175 12.63 56.85 48.89
C VAL K 175 11.72 55.64 48.81
N THR K 176 12.04 54.70 47.92
CA THR K 176 11.13 53.61 47.59
C THR K 176 11.88 52.29 47.52
N ILE K 177 11.35 51.27 48.21
CA ILE K 177 11.88 49.92 48.05
C ILE K 177 11.22 49.24 46.85
N MET K 178 11.90 48.23 46.33
CA MET K 178 11.52 47.56 45.10
C MET K 178 11.47 46.07 45.34
N THR L 2 -41.24 -7.93 50.88
CA THR L 2 -41.49 -8.64 52.12
C THR L 2 -40.76 -9.98 52.14
N LYS L 3 -41.53 -11.07 52.07
CA LYS L 3 -40.93 -12.40 52.05
C LYS L 3 -40.10 -12.59 50.80
N ILE L 4 -38.96 -13.28 50.95
CA ILE L 4 -38.05 -13.56 49.85
C ILE L 4 -38.05 -15.06 49.60
N VAL L 5 -38.11 -15.45 48.33
CA VAL L 5 -38.16 -16.85 47.93
C VAL L 5 -37.21 -17.06 46.78
N LYS L 6 -36.78 -18.31 46.61
CA LYS L 6 -35.80 -18.69 45.60
C LYS L 6 -36.45 -19.65 44.60
N MET L 7 -36.39 -19.30 43.32
CA MET L 7 -36.99 -20.10 42.27
C MET L 7 -36.06 -21.26 41.91
N SER L 8 -36.59 -22.48 41.90
CA SER L 8 -35.83 -23.67 41.56
C SER L 8 -36.65 -24.57 40.66
N GLU L 9 -35.96 -25.35 39.85
CA GLU L 9 -36.59 -26.30 38.93
C GLU L 9 -35.81 -27.60 38.93
N LYS L 10 -36.50 -28.69 38.60
CA LYS L 10 -35.89 -30.02 38.60
C LYS L 10 -35.72 -30.52 37.18
N ASN L 11 -34.64 -31.26 36.95
CA ASN L 11 -34.36 -31.87 35.67
C ASN L 11 -34.95 -33.27 35.64
N GLU L 12 -34.62 -34.06 34.61
CA GLU L 12 -35.23 -35.37 34.48
C GLU L 12 -34.65 -36.38 35.48
N HIS L 13 -33.41 -36.16 35.93
CA HIS L 13 -32.86 -37.00 36.98
C HIS L 13 -33.63 -36.81 38.29
N GLY L 14 -33.98 -35.58 38.61
CA GLY L 14 -34.71 -35.26 39.82
C GLY L 14 -33.96 -34.43 40.85
N THR L 15 -32.98 -33.63 40.44
CA THR L 15 -32.23 -32.78 41.35
C THR L 15 -32.58 -31.32 41.10
N LEU L 16 -32.87 -30.60 42.17
CA LEU L 16 -33.26 -29.19 42.07
C LEU L 16 -32.05 -28.32 41.73
N GLU L 17 -32.30 -27.29 40.93
CA GLU L 17 -31.29 -26.28 40.63
C GLU L 17 -31.99 -24.94 40.49
N GLN L 18 -31.31 -23.88 40.93
CA GLN L 18 -31.91 -22.55 41.01
C GLN L 18 -31.92 -21.88 39.64
N PHE L 19 -33.04 -21.25 39.31
CA PHE L 19 -33.18 -20.52 38.05
C PHE L 19 -33.63 -19.10 38.33
N TYR L 20 -33.26 -18.20 37.42
CA TYR L 20 -33.40 -16.76 37.63
C TYR L 20 -34.51 -16.20 36.76
N PRO L 21 -35.60 -15.70 37.34
CA PRO L 21 -36.66 -15.10 36.51
C PRO L 21 -36.17 -13.87 35.78
N GLU L 22 -36.70 -13.68 34.58
CA GLU L 22 -36.38 -12.52 33.76
C GLU L 22 -37.10 -11.30 34.29
N THR L 23 -36.36 -10.23 34.56
CA THR L 23 -36.91 -9.05 35.21
C THR L 23 -36.42 -7.79 34.49
N HIS L 24 -37.15 -6.70 34.68
CA HIS L 24 -36.79 -5.41 34.11
C HIS L 24 -36.39 -4.45 35.22
N ALA L 25 -35.54 -3.49 34.89
CA ALA L 25 -35.05 -2.54 35.88
C ALA L 25 -36.05 -1.42 36.11
N GLU L 26 -37.31 -1.76 36.35
CA GLU L 26 -38.31 -0.80 36.79
C GLU L 26 -39.13 -1.37 37.93
N ALA L 27 -39.32 -2.69 37.94
CA ALA L 27 -40.05 -3.34 39.03
C ALA L 27 -39.19 -3.45 40.27
N VAL L 28 -37.89 -3.68 40.09
CA VAL L 28 -36.97 -3.83 41.22
C VAL L 28 -37.02 -2.58 42.07
N LYS L 29 -36.99 -2.76 43.39
CA LYS L 29 -37.05 -1.65 44.33
C LYS L 29 -35.66 -1.33 44.86
N GLY L 30 -35.24 -0.09 44.67
CA GLY L 30 -33.97 0.37 45.21
C GLY L 30 -32.76 0.16 44.34
N LEU L 31 -32.92 -0.01 43.03
CA LEU L 31 -31.76 -0.13 42.15
C LEU L 31 -30.97 1.18 42.10
N VAL L 32 -31.69 2.31 42.08
CA VAL L 32 -31.16 3.65 41.81
C VAL L 32 -30.07 3.60 40.75
N SER L 33 -30.43 3.22 39.52
CA SER L 33 -29.52 3.33 38.39
C SER L 33 -29.27 4.80 38.08
N VAL L 34 -28.22 5.08 37.30
CA VAL L 34 -27.84 6.47 37.15
C VAL L 34 -28.37 7.08 35.84
N SER L 35 -27.70 6.82 34.71
CA SER L 35 -28.32 7.11 33.42
C SER L 35 -27.76 6.27 32.28
N GLU L 36 -26.76 5.44 32.57
CA GLU L 36 -25.96 4.72 31.57
C GLU L 36 -25.09 5.72 30.79
N GLU L 37 -25.32 7.02 30.95
CA GLU L 37 -24.52 8.01 30.24
C GLU L 37 -23.92 9.04 31.21
N GLU L 38 -24.58 9.28 32.35
CA GLU L 38 -23.95 10.10 33.38
C GLU L 38 -22.83 9.36 34.11
N LYS L 39 -22.67 8.05 33.85
CA LYS L 39 -21.52 7.33 34.38
C LYS L 39 -20.22 7.85 33.79
N THR L 40 -20.20 8.15 32.49
CA THR L 40 -18.97 8.52 31.81
C THR L 40 -18.44 9.87 32.29
N ILE L 41 -19.34 10.83 32.52
CA ILE L 41 -18.91 12.18 32.89
C ILE L 41 -18.20 12.17 34.23
N TRP L 42 -18.48 11.19 35.08
CA TRP L 42 -17.70 10.99 36.29
C TRP L 42 -16.55 10.02 36.10
N ASP L 43 -16.65 9.13 35.11
CA ASP L 43 -15.57 8.18 34.85
C ASP L 43 -14.31 8.90 34.35
N GLN L 44 -14.49 9.92 33.50
CA GLN L 44 -13.34 10.61 32.94
C GLN L 44 -12.57 11.37 34.02
N LYS L 45 -13.23 12.37 34.64
CA LYS L 45 -12.66 13.16 35.73
C LYS L 45 -11.22 13.59 35.46
N GLU L 46 -10.36 13.45 36.45
CA GLU L 46 -8.95 13.83 36.32
C GLU L 46 -8.14 12.90 37.21
N SER L 47 -7.43 11.95 36.61
CA SER L 47 -6.73 10.91 37.36
C SER L 47 -5.33 11.35 37.77
N THR L 48 -5.24 12.51 38.44
CA THR L 48 -4.01 12.99 39.09
C THR L 48 -2.92 13.33 38.08
N ALA L 49 -3.18 13.04 36.79
CA ALA L 49 -2.18 13.30 35.76
C ALA L 49 -2.43 14.64 35.06
N GLY L 50 -3.67 14.91 34.67
CA GLY L 50 -3.96 16.16 33.99
C GLY L 50 -3.78 17.37 34.87
N ALA L 51 -4.24 17.29 36.13
CA ALA L 51 -4.16 18.44 37.02
C ALA L 51 -2.72 18.84 37.31
N GLU L 52 -1.87 17.86 37.62
CA GLU L 52 -0.47 18.17 37.94
C GLU L 52 0.25 18.76 36.74
N GLN L 53 0.04 18.20 35.55
CA GLN L 53 0.70 18.75 34.36
C GLN L 53 0.15 20.12 34.01
N LYS L 54 -1.15 20.36 34.25
CA LYS L 54 -1.70 21.69 34.07
C LYS L 54 -1.05 22.69 35.01
N ALA L 55 -0.85 22.30 36.27
CA ALA L 55 -0.17 23.18 37.22
C ALA L 55 1.25 23.46 36.78
N ASN L 56 1.97 22.43 36.33
CA ASN L 56 3.34 22.64 35.88
C ASN L 56 3.40 23.55 34.66
N THR L 57 2.49 23.37 33.70
CA THR L 57 2.46 24.22 32.52
C THR L 57 2.17 25.66 32.87
N ALA L 58 1.21 25.89 33.78
CA ALA L 58 0.93 27.24 34.25
C ALA L 58 2.15 27.82 34.96
N LEU L 59 2.87 26.98 35.72
CA LEU L 59 4.08 27.43 36.40
C LEU L 59 5.11 27.92 35.39
N ASN L 60 5.42 27.08 34.38
CA ASN L 60 6.41 27.50 33.39
C ASN L 60 5.93 28.70 32.58
N SER L 61 4.62 28.83 32.36
CA SER L 61 4.11 30.02 31.71
C SER L 61 4.38 31.26 32.54
N ALA L 62 4.20 31.15 33.86
CA ALA L 62 4.54 32.27 34.75
C ALA L 62 6.04 32.57 34.72
N LYS L 63 6.86 31.51 34.68
CA LYS L 63 8.31 31.71 34.60
C LYS L 63 8.66 32.51 33.35
N ASP L 64 8.10 32.11 32.21
CA ASP L 64 8.38 32.81 30.95
C ASP L 64 7.81 34.23 30.98
N TYR L 65 6.65 34.42 31.61
CA TYR L 65 6.07 35.75 31.70
C TYR L 65 6.99 36.69 32.46
N VAL L 66 7.55 36.22 33.58
CA VAL L 66 8.46 37.06 34.35
C VAL L 66 9.77 37.26 33.58
N ASP L 67 10.26 36.21 32.92
CA ASP L 67 11.52 36.30 32.19
C ASP L 67 11.42 37.24 31.00
N THR L 68 10.23 37.39 30.41
CA THR L 68 10.07 38.35 29.33
C THR L 68 10.33 39.78 29.81
N ILE L 69 9.79 40.13 30.97
CA ILE L 69 10.07 41.44 31.54
C ILE L 69 11.52 41.53 31.98
N GLY L 70 12.08 40.44 32.50
CA GLY L 70 13.48 40.44 32.89
C GLY L 70 14.40 40.75 31.73
N GLU L 71 14.15 40.13 30.58
CA GLU L 71 14.87 40.49 29.36
C GLU L 71 14.56 41.93 28.96
N GLY L 72 13.30 42.33 29.07
CA GLY L 72 12.88 43.68 28.76
C GLY L 72 12.39 43.82 27.33
N THR L 73 11.81 44.99 27.06
CA THR L 73 11.29 45.34 25.74
C THR L 73 12.13 46.47 25.17
N VAL L 74 12.63 46.27 23.95
CA VAL L 74 13.49 47.24 23.28
C VAL L 74 12.61 48.18 22.46
N ILE L 75 12.73 49.47 22.72
CA ILE L 75 11.94 50.48 22.02
C ILE L 75 12.78 51.34 21.09
N PHE L 76 14.02 51.67 21.49
CA PHE L 76 14.86 52.51 20.64
C PHE L 76 16.22 51.86 20.45
N LYS L 77 16.59 51.63 19.19
CA LYS L 77 17.91 51.17 18.80
C LYS L 77 18.43 52.10 17.71
N GLY L 78 19.65 52.59 17.88
CA GLY L 78 20.26 53.46 16.91
C GLY L 78 21.02 54.58 17.59
N ALA L 79 21.31 55.62 16.82
CA ALA L 79 22.06 56.78 17.30
C ALA L 79 21.25 58.05 17.09
N ASN L 80 21.24 58.92 18.09
CA ASN L 80 20.55 60.19 18.01
C ASN L 80 21.22 61.18 18.95
N LEU L 81 20.93 62.46 18.74
CA LEU L 81 21.55 63.54 19.51
C LEU L 81 20.74 63.92 20.74
N MET L 82 19.59 63.27 20.98
CA MET L 82 18.68 63.62 22.08
C MET L 82 18.28 65.09 22.00
N GLY L 83 18.09 65.60 20.78
CA GLY L 83 17.69 66.96 20.55
C GLY L 83 16.18 67.12 20.54
N ALA L 84 15.75 68.32 20.14
CA ALA L 84 14.33 68.63 20.06
C ALA L 84 13.76 68.03 18.78
N GLY L 85 12.73 67.19 18.92
CA GLY L 85 12.10 66.57 17.77
C GLY L 85 11.95 65.07 17.91
N GLN L 86 12.93 64.41 18.52
CA GLN L 86 12.88 62.98 18.72
C GLN L 86 11.94 62.67 19.89
N SER L 87 10.99 61.75 19.67
CA SER L 87 10.02 61.38 20.69
C SER L 87 9.90 59.88 20.77
N PHE L 88 9.78 59.37 21.99
CA PHE L 88 9.56 57.95 22.25
C PHE L 88 8.28 57.79 23.05
N LYS L 89 7.36 56.99 22.53
CA LYS L 89 6.05 56.78 23.14
C LYS L 89 5.87 55.30 23.43
N TRP L 90 5.33 55.00 24.61
CA TRP L 90 5.12 53.61 25.04
C TRP L 90 3.72 53.42 25.60
N ASP L 91 3.46 52.25 26.18
CA ASP L 91 2.18 51.91 26.76
C ASP L 91 2.34 51.68 28.26
N ALA L 92 1.28 51.98 29.01
CA ALA L 92 1.32 51.79 30.46
C ALA L 92 1.50 50.32 30.83
N SER L 93 0.89 49.41 30.05
CA SER L 93 1.02 47.98 30.35
C SER L 93 2.46 47.51 30.21
N LYS L 94 3.16 47.98 29.18
CA LYS L 94 4.54 47.57 28.97
C LYS L 94 5.44 48.01 30.12
N LEU L 95 5.24 49.23 30.62
CA LEU L 95 6.03 49.76 31.73
C LEU L 95 5.56 49.09 33.02
N LYS L 96 6.37 48.17 33.53
CA LYS L 96 6.10 47.51 34.81
C LYS L 96 7.23 47.67 35.80
N PHE L 97 8.48 47.61 35.36
CA PHE L 97 9.62 47.73 36.26
C PHE L 97 10.40 49.02 36.08
N GLY L 98 10.56 49.50 34.86
CA GLY L 98 11.21 50.78 34.66
C GLY L 98 11.83 50.90 33.28
N MET L 99 12.77 51.83 33.17
CA MET L 99 13.41 52.20 31.91
C MET L 99 14.92 52.06 32.04
N THR L 100 15.55 51.61 30.95
CA THR L 100 16.99 51.44 30.88
C THR L 100 17.54 52.23 29.71
N LEU L 101 18.59 53.01 29.96
CA LEU L 101 19.22 53.88 28.98
C LEU L 101 20.68 53.46 28.83
N LEU L 102 21.11 53.21 27.59
CA LEU L 102 22.51 52.92 27.29
C LEU L 102 23.04 53.95 26.31
N PHE L 103 24.16 54.57 26.68
CA PHE L 103 24.77 55.65 25.92
C PHE L 103 25.94 55.11 25.08
N SER L 104 26.53 56.00 24.28
CA SER L 104 27.66 55.66 23.43
C SER L 104 28.38 56.94 23.05
N ARG L 105 29.46 56.79 22.28
CA ARG L 105 30.25 57.93 21.84
C ARG L 105 29.72 58.48 20.52
N TYR L 106 30.37 59.54 20.03
CA TYR L 106 29.97 60.20 18.79
C TYR L 106 31.10 61.11 18.34
N ASP L 107 31.29 61.20 17.02
CA ASP L 107 32.20 62.16 16.42
C ASP L 107 31.41 63.04 15.46
N ALA L 108 31.53 64.36 15.64
CA ALA L 108 30.77 65.28 14.81
C ALA L 108 31.17 65.17 13.34
N ALA L 109 32.48 65.07 13.06
CA ALA L 109 32.93 64.94 11.68
C ALA L 109 32.61 63.55 11.12
N ASN L 110 32.88 62.51 11.90
CA ASN L 110 32.62 61.15 11.43
C ASN L 110 31.12 60.86 11.35
N ASN L 111 30.32 61.45 12.23
CA ASN L 111 28.87 61.23 12.28
C ASN L 111 28.53 59.75 12.40
N THR L 112 29.24 59.06 13.27
CA THR L 112 29.06 57.62 13.47
C THR L 112 28.92 57.31 14.95
N PRO L 113 28.15 56.27 15.30
CA PRO L 113 28.01 55.89 16.70
C PRO L 113 29.19 55.05 17.21
N GLN L 114 30.25 55.73 17.66
CA GLN L 114 31.43 55.03 18.16
C GLN L 114 31.07 54.14 19.33
N ASP L 115 31.77 53.01 19.45
CA ASP L 115 31.45 51.95 20.40
C ASP L 115 32.55 51.84 21.45
N TYR L 116 32.42 52.64 22.51
CA TYR L 116 33.27 52.54 23.68
C TYR L 116 32.74 53.50 24.75
N TYR L 117 33.32 53.40 25.95
CA TYR L 117 33.03 54.31 27.06
C TYR L 117 31.54 54.39 27.35
N TYR L 118 30.90 53.22 27.47
CA TYR L 118 29.45 53.19 27.60
C TYR L 118 29.01 53.65 28.99
N HIS L 119 27.77 54.16 29.05
CA HIS L 119 27.17 54.62 30.30
C HIS L 119 25.76 54.06 30.42
N SER L 120 25.33 53.86 31.66
CA SER L 120 24.05 53.22 31.95
C SER L 120 23.21 54.12 32.85
N VAL L 121 21.90 54.15 32.59
CA VAL L 121 20.94 54.88 33.40
C VAL L 121 19.74 53.98 33.66
N PHE L 122 19.29 53.95 34.92
CA PHE L 122 18.15 53.14 35.30
C PHE L 122 17.11 53.99 36.00
N LEU L 123 15.85 53.78 35.65
CA LEU L 123 14.73 54.41 36.34
C LEU L 123 13.69 53.35 36.68
N SER L 124 13.11 53.44 37.87
CA SER L 124 12.13 52.47 38.30
C SER L 124 10.71 52.99 38.05
N LYS L 125 9.75 52.07 38.17
CA LYS L 125 8.34 52.43 37.93
C LYS L 125 7.88 53.49 38.92
N ALA L 126 8.23 53.34 40.20
CA ALA L 126 7.87 54.35 41.18
C ALA L 126 8.52 55.70 40.87
N GLN L 127 9.80 55.67 40.51
CA GLN L 127 10.48 56.91 40.13
C GLN L 127 9.86 57.51 38.87
N LEU L 128 9.58 56.67 37.87
CA LEU L 128 9.00 57.17 36.62
C LEU L 128 7.63 57.80 36.86
N VAL L 129 6.83 57.21 37.76
CA VAL L 129 5.58 57.84 38.16
C VAL L 129 5.85 59.17 38.86
N GLU L 130 6.82 59.17 39.77
CA GLU L 130 7.21 60.43 40.43
C GLU L 130 7.82 61.41 39.44
N LEU L 131 8.68 60.92 38.54
CA LEU L 131 9.32 61.77 37.54
C LEU L 131 8.48 61.91 36.28
N ALA L 132 7.18 61.69 36.37
CA ALA L 132 6.31 61.86 35.20
C ALA L 132 6.26 63.33 34.81
N GLY L 133 6.50 63.61 33.54
CA GLY L 133 6.58 64.98 33.08
C GLY L 133 7.70 65.77 33.73
N LYS L 134 8.86 65.15 33.91
CA LYS L 134 9.98 65.77 34.60
C LYS L 134 11.24 65.65 33.75
N GLY L 135 12.07 66.68 33.81
CA GLY L 135 13.32 66.65 33.09
C GLY L 135 14.46 66.06 33.89
N ILE L 136 15.03 64.95 33.43
CA ILE L 136 16.19 64.33 34.06
C ILE L 136 17.44 64.85 33.37
N LEU L 137 18.37 65.35 34.18
CA LEU L 137 19.67 65.85 33.72
C LEU L 137 20.74 64.87 34.17
N VAL L 138 21.57 64.43 33.23
CA VAL L 138 22.61 63.45 33.48
C VAL L 138 23.97 64.08 33.18
N GLN L 139 24.91 63.94 34.12
CA GLN L 139 26.32 64.23 33.87
C GLN L 139 26.95 62.91 33.44
N MET L 140 27.02 62.74 32.13
CA MET L 140 27.65 61.55 31.57
C MET L 140 29.16 61.62 31.81
N PRO L 141 29.83 60.47 31.98
CA PRO L 141 31.26 60.47 32.32
C PRO L 141 32.13 60.80 31.12
N SER L 142 32.69 62.00 31.12
CA SER L 142 33.63 62.45 30.10
C SER L 142 34.96 62.81 30.74
N THR L 143 35.93 63.18 29.91
CA THR L 143 37.22 63.64 30.41
C THR L 143 37.08 64.87 31.31
N THR L 144 36.17 65.78 30.97
CA THR L 144 35.93 66.98 31.75
C THR L 144 34.52 66.95 32.32
N TYR L 145 34.32 67.66 33.43
CA TYR L 145 33.02 67.74 34.06
C TYR L 145 32.09 68.58 33.18
N GLY L 146 31.18 67.92 32.47
CA GLY L 146 30.29 68.63 31.58
C GLY L 146 29.52 67.68 30.67
N ASP L 147 29.19 68.18 29.49
CA ASP L 147 28.41 67.43 28.49
C ASP L 147 27.10 66.96 29.08
N ARG L 148 26.41 67.86 29.78
CA ARG L 148 25.16 67.54 30.45
C ARG L 148 24.08 67.21 29.43
N LYS L 149 23.30 66.17 29.72
CA LYS L 149 22.20 65.77 28.84
C LYS L 149 20.89 65.89 29.57
N TYR L 150 19.98 66.70 29.04
CA TYR L 150 18.65 66.92 29.60
C TYR L 150 17.61 66.25 28.72
N LEU L 151 16.82 65.35 29.31
CA LEU L 151 15.74 64.70 28.58
C LEU L 151 14.49 64.68 29.44
N TYR L 152 13.35 65.02 28.84
CA TYR L 152 12.08 65.09 29.55
C TYR L 152 11.41 63.73 29.48
N VAL L 153 11.22 63.10 30.63
CA VAL L 153 10.62 61.77 30.74
C VAL L 153 9.28 61.90 31.45
N SER L 154 8.27 61.22 30.91
CA SER L 154 6.96 61.12 31.51
C SER L 154 6.63 59.66 31.79
N THR L 155 5.40 59.39 32.20
CA THR L 155 4.97 58.01 32.40
C THR L 155 5.02 57.22 31.10
N THR L 156 4.62 57.86 29.99
CA THR L 156 4.61 57.19 28.69
C THR L 156 5.36 57.95 27.60
N GLY L 157 5.98 59.08 27.89
CA GLY L 157 6.64 59.89 26.88
C GLY L 157 8.08 60.22 27.24
N LEU L 158 8.94 60.21 26.22
CA LEU L 158 10.32 60.66 26.36
C LEU L 158 10.65 61.62 25.21
N SER L 159 11.26 62.75 25.55
CA SER L 159 11.63 63.75 24.57
C SER L 159 13.00 64.30 24.91
N GLY L 160 13.68 64.81 23.88
CA GLY L 160 15.00 65.38 24.05
C GLY L 160 14.95 66.90 24.12
N HIS L 161 15.45 67.44 25.23
CA HIS L 161 15.51 68.89 25.40
C HIS L 161 16.55 69.48 24.44
N PHE L 162 16.35 70.74 24.08
CA PHE L 162 17.20 71.40 23.09
C PHE L 162 18.50 71.88 23.72
N ASP L 163 19.19 70.99 24.44
CA ASP L 163 20.51 71.30 24.98
C ASP L 163 21.45 70.10 24.87
N ASN L 164 21.07 69.05 24.14
CA ASN L 164 21.92 67.88 23.96
C ASN L 164 22.47 67.74 22.55
N SER L 165 21.84 68.38 21.56
CA SER L 165 22.36 68.34 20.19
C SER L 165 23.61 69.20 20.03
N ASN L 166 23.78 70.22 20.88
CA ASN L 166 24.95 71.08 20.78
C ASN L 166 26.24 70.30 21.07
N TYR L 167 26.21 69.44 22.09
CA TYR L 167 27.36 68.60 22.41
C TYR L 167 27.22 67.30 21.63
N ALA L 168 27.96 67.19 20.52
CA ALA L 168 27.89 66.03 19.64
C ALA L 168 29.02 65.05 19.90
N ALA L 169 29.65 65.11 21.07
CA ALA L 169 30.72 64.18 21.40
C ALA L 169 30.20 62.79 21.77
N TRP L 170 28.93 62.66 22.13
CA TRP L 170 28.36 61.37 22.52
C TRP L 170 26.99 61.22 21.89
N ALA L 171 26.57 59.96 21.73
CA ALA L 171 25.30 59.62 21.12
C ALA L 171 24.66 58.46 21.88
N LEU L 172 23.34 58.52 22.04
CA LEU L 172 22.62 57.45 22.72
C LEU L 172 22.70 56.17 21.91
N ARG L 173 22.84 55.04 22.62
CA ARG L 173 22.89 53.73 21.99
C ARG L 173 21.54 53.03 21.97
N GLN L 174 20.87 52.92 23.11
CA GLN L 174 19.59 52.22 23.14
C GLN L 174 18.75 52.66 24.32
N VAL L 175 17.43 52.50 24.16
CA VAL L 175 16.44 52.76 25.20
C VAL L 175 15.51 51.56 25.26
N THR L 176 15.32 51.00 26.47
CA THR L 176 14.53 49.79 26.65
C THR L 176 13.61 49.94 27.85
N ILE L 177 12.55 49.14 27.85
CA ILE L 177 11.61 49.04 28.96
C ILE L 177 11.83 47.69 29.64
N MET L 178 12.13 47.73 30.93
CA MET L 178 12.32 46.51 31.70
C MET L 178 11.19 46.32 32.69
N MET M 1 -62.89 6.00 11.99
CA MET M 1 -62.17 6.32 10.77
C MET M 1 -60.68 6.03 10.93
N LYS M 2 -60.00 5.81 9.81
CA LYS M 2 -58.56 5.58 9.84
C LYS M 2 -57.84 6.87 10.22
N LEU M 3 -56.87 6.75 11.12
CA LEU M 3 -56.10 7.91 11.57
C LEU M 3 -55.03 8.25 10.55
N ASP M 4 -55.00 9.52 10.13
CA ASP M 4 -53.98 10.02 9.21
C ASP M 4 -53.51 11.36 9.75
N LEU M 5 -52.44 11.33 10.55
CA LEU M 5 -51.91 12.55 11.14
C LEU M 5 -51.01 13.27 10.13
N TRP M 6 -50.85 14.57 10.36
CA TRP M 6 -49.95 15.40 9.57
C TRP M 6 -48.56 15.36 10.18
N LYS M 7 -47.56 15.07 9.36
CA LYS M 7 -46.18 15.12 9.81
C LYS M 7 -45.66 16.55 9.78
N TRP M 8 -44.36 16.71 10.01
CA TRP M 8 -43.72 18.02 9.99
C TRP M 8 -42.60 17.98 8.95
N GLU M 9 -42.95 18.22 7.68
CA GLU M 9 -41.98 18.37 6.63
C GLU M 9 -41.71 19.83 6.29
N MET M 10 -42.29 20.76 7.03
CA MET M 10 -42.13 22.18 6.76
C MET M 10 -40.70 22.63 7.08
N LEU M 11 -40.43 23.90 6.79
CA LEU M 11 -39.11 24.49 7.00
C LEU M 11 -39.11 25.61 8.04
N LEU M 12 -40.14 26.45 8.05
CA LEU M 12 -40.26 27.53 9.01
C LEU M 12 -41.46 27.29 9.91
N GLN M 13 -41.32 27.57 11.19
CA GLN M 13 -42.43 27.45 12.13
C GLN M 13 -43.39 28.62 11.95
N GLY M 14 -44.46 28.41 11.18
CA GLY M 14 -45.39 29.48 10.90
C GLY M 14 -46.85 29.09 10.91
N ARG M 15 -47.63 29.66 9.99
CA ARG M 15 -49.07 29.41 9.96
C ARG M 15 -49.38 27.95 9.69
N GLU M 16 -48.67 27.35 8.73
CA GLU M 16 -48.92 25.95 8.41
C GLU M 16 -48.59 25.04 9.60
N PHE M 17 -47.55 25.40 10.36
CA PHE M 17 -47.17 24.63 11.54
C PHE M 17 -48.33 24.55 12.53
N ARG M 18 -48.87 25.70 12.93
CA ARG M 18 -49.98 25.73 13.86
C ARG M 18 -51.21 25.06 13.28
N ASN M 19 -51.51 25.31 12.00
CA ASN M 19 -52.70 24.73 11.39
C ASN M 19 -52.64 23.22 11.38
N LYS M 20 -51.50 22.65 10.99
CA LYS M 20 -51.37 21.20 10.94
C LYS M 20 -51.40 20.59 12.33
N THR M 21 -50.78 21.24 13.31
CA THR M 21 -50.81 20.69 14.66
C THR M 21 -52.22 20.70 15.23
N ASN M 22 -52.97 21.78 15.02
CA ASN M 22 -54.34 21.84 15.50
C ASN M 22 -55.23 20.84 14.77
N ASP M 23 -55.01 20.64 13.47
CA ASP M 23 -55.75 19.62 12.75
C ASP M 23 -55.43 18.23 13.28
N ASN M 24 -54.17 17.98 13.65
CA ASN M 24 -53.82 16.71 14.27
C ASN M 24 -54.56 16.50 15.58
N TRP M 25 -54.65 17.55 16.40
CA TRP M 25 -55.41 17.45 17.65
C TRP M 25 -56.87 17.12 17.38
N GLN M 26 -57.48 17.80 16.40
CA GLN M 26 -58.87 17.54 16.07
C GLN M 26 -59.07 16.10 15.59
N LYS M 27 -58.16 15.62 14.74
CA LYS M 27 -58.26 14.24 14.25
C LYS M 27 -58.13 13.25 15.39
N LEU M 28 -57.23 13.52 16.34
CA LEU M 28 -57.10 12.65 17.50
C LEU M 28 -58.39 12.59 18.30
N MET M 29 -59.03 13.76 18.53
CA MET M 29 -60.28 13.78 19.27
C MET M 29 -61.35 12.97 18.54
N ASP M 30 -61.47 13.16 17.23
CA ASP M 30 -62.48 12.44 16.47
C ASP M 30 -62.24 10.94 16.50
N TRP M 31 -60.98 10.52 16.36
CA TRP M 31 -60.67 9.09 16.39
C TRP M 31 -60.94 8.50 17.77
N SER M 32 -60.68 9.25 18.83
CA SER M 32 -60.99 8.75 20.17
C SER M 32 -62.48 8.52 20.35
N ASP M 33 -63.29 9.48 19.89
CA ASP M 33 -64.74 9.31 19.98
C ASP M 33 -65.19 8.09 19.16
N PHE M 34 -64.63 7.92 17.96
CA PHE M 34 -64.97 6.77 17.13
C PHE M 34 -64.63 5.46 17.82
N ILE M 35 -63.46 5.39 18.46
CA ILE M 35 -63.05 4.16 19.14
C ILE M 35 -63.99 3.85 20.30
N SER M 36 -64.38 4.86 21.07
CA SER M 36 -65.31 4.63 22.17
C SER M 36 -66.65 4.11 21.64
N THR M 37 -67.15 4.70 20.56
CA THR M 37 -68.39 4.21 19.97
C THR M 37 -68.25 2.78 19.49
N GLY M 38 -67.10 2.44 18.93
CA GLY M 38 -66.87 1.06 18.51
C GLY M 38 -66.90 0.08 19.66
N LEU M 39 -66.30 0.46 20.80
CA LEU M 39 -66.35 -0.40 21.98
C LEU M 39 -67.79 -0.61 22.44
N SER M 40 -68.59 0.45 22.48
CA SER M 40 -69.99 0.31 22.88
C SER M 40 -70.74 -0.60 21.91
N ALA M 41 -70.47 -0.46 20.61
CA ALA M 41 -71.11 -1.31 19.62
C ALA M 41 -70.73 -2.77 19.80
N ILE M 42 -69.47 -3.04 20.14
CA ILE M 42 -69.05 -4.42 20.39
C ILE M 42 -69.82 -4.99 21.58
N TYR M 43 -69.95 -4.21 22.65
CA TYR M 43 -70.68 -4.71 23.81
C TYR M 43 -72.12 -5.05 23.46
N VAL M 44 -72.82 -4.15 22.77
CA VAL M 44 -74.22 -4.42 22.46
C VAL M 44 -74.35 -5.58 21.48
N TYR M 45 -73.40 -5.73 20.54
CA TYR M 45 -73.43 -6.83 19.59
C TYR M 45 -73.30 -8.18 20.28
N VAL M 46 -72.32 -8.30 21.19
CA VAL M 46 -72.14 -9.58 21.87
C VAL M 46 -73.32 -9.87 22.78
N ASN M 47 -73.89 -8.83 23.40
CA ASN M 47 -75.07 -9.06 24.23
C ASN M 47 -76.23 -9.60 23.40
N LYS M 48 -76.48 -9.02 22.23
CA LYS M 48 -77.58 -9.49 21.39
C LYS M 48 -77.34 -10.93 20.93
N ALA M 49 -76.10 -11.25 20.55
CA ALA M 49 -75.80 -12.60 20.09
C ALA M 49 -76.02 -13.62 21.21
N ASP M 50 -75.59 -13.29 22.43
CA ASP M 50 -75.80 -14.22 23.54
C ASP M 50 -77.28 -14.35 23.86
N ALA M 51 -78.05 -13.27 23.75
CA ALA M 51 -79.48 -13.35 24.01
C ALA M 51 -80.18 -14.29 23.03
N THR M 52 -79.88 -14.15 21.73
CA THR M 52 -80.53 -15.04 20.78
C THR M 52 -80.06 -16.47 20.92
N LEU M 53 -78.80 -16.68 21.30
CA LEU M 53 -78.34 -18.04 21.58
C LEU M 53 -79.12 -18.66 22.74
N ASN M 54 -79.34 -17.89 23.80
CA ASN M 54 -80.11 -18.41 24.94
C ASN M 54 -81.55 -18.72 24.54
N ASN M 55 -82.16 -17.85 23.73
CA ASN M 55 -83.52 -18.12 23.28
C ASN M 55 -83.60 -19.40 22.45
N LYS M 56 -82.63 -19.61 21.56
CA LYS M 56 -82.59 -20.85 20.78
C LYS M 56 -82.44 -22.06 21.69
N ILE M 57 -81.58 -21.95 22.71
CA ILE M 57 -81.42 -23.05 23.65
C ILE M 57 -82.74 -23.37 24.33
N ASP M 58 -83.46 -22.35 24.79
CA ASP M 58 -84.71 -22.59 25.50
C ASP M 58 -85.74 -23.25 24.60
N THR M 59 -85.92 -22.75 23.38
CA THR M 59 -86.94 -23.33 22.52
C THR M 59 -86.57 -24.75 22.07
N VAL M 60 -85.29 -25.02 21.80
CA VAL M 60 -84.92 -26.38 21.44
C VAL M 60 -85.11 -27.32 22.63
N ASP M 61 -84.86 -26.85 23.86
CA ASP M 61 -85.12 -27.68 25.03
C ASP M 61 -86.61 -28.00 25.15
N LYS M 62 -87.47 -27.00 24.94
CA LYS M 62 -88.90 -27.24 24.99
C LYS M 62 -89.32 -28.28 23.96
N ALA M 63 -88.87 -28.12 22.71
CA ALA M 63 -89.26 -29.05 21.65
C ALA M 63 -88.75 -30.45 21.94
N VAL M 64 -87.51 -30.57 22.41
CA VAL M 64 -86.92 -31.89 22.65
C VAL M 64 -87.64 -32.59 23.80
N ASN M 65 -87.92 -31.86 24.88
CA ASN M 65 -88.63 -32.47 25.99
C ASN M 65 -90.07 -32.84 25.61
N ALA M 66 -90.68 -32.06 24.71
CA ALA M 66 -91.99 -32.44 24.19
C ALA M 66 -91.91 -33.72 23.39
N ARG M 67 -90.86 -33.88 22.58
CA ARG M 67 -90.65 -35.13 21.86
C ARG M 67 -90.52 -36.30 22.81
N VAL M 68 -89.73 -36.13 23.87
CA VAL M 68 -89.55 -37.22 24.84
C VAL M 68 -90.86 -37.53 25.55
N ASN M 69 -91.62 -36.50 25.94
CA ASN M 69 -92.92 -36.74 26.57
C ASN M 69 -93.87 -37.45 25.63
N GLU M 70 -93.76 -37.20 24.32
CA GLU M 70 -94.49 -38.00 23.35
C GLU M 70 -94.02 -39.44 23.38
N LEU M 71 -92.71 -39.66 23.54
CA LEU M 71 -92.18 -41.02 23.60
C LEU M 71 -92.73 -41.77 24.81
N ILE M 72 -92.75 -41.12 25.98
CA ILE M 72 -93.30 -41.77 27.16
C ILE M 72 -94.82 -41.84 27.04
N SER M 73 -95.40 -42.83 27.71
CA SER M 73 -96.83 -43.15 27.67
C SER M 73 -97.31 -43.47 26.26
N GLY M 74 -96.40 -43.67 25.32
CA GLY M 74 -96.75 -44.06 23.96
C GLY M 74 -96.30 -45.47 23.67
N THR M 75 -95.16 -45.61 22.99
CA THR M 75 -94.56 -46.93 22.80
C THR M 75 -94.07 -47.47 24.13
N GLU M 76 -94.23 -48.77 24.32
CA GLU M 76 -93.85 -49.43 25.57
C GLU M 76 -92.92 -50.60 25.26
N GLN M 77 -92.13 -50.97 26.28
CA GLN M 77 -91.19 -52.09 26.22
C GLN M 77 -90.20 -51.91 25.07
N LEU M 78 -89.41 -50.83 25.18
CA LEU M 78 -88.36 -50.58 24.21
C LEU M 78 -87.13 -51.42 24.54
N SER M 79 -86.23 -51.52 23.57
CA SER M 79 -85.03 -52.36 23.68
C SER M 79 -83.78 -51.51 23.61
N GLU M 80 -82.73 -51.93 24.32
CA GLU M 80 -81.49 -51.17 24.34
C GLU M 80 -80.75 -51.29 23.01
N VAL M 81 -80.79 -52.47 22.39
CA VAL M 81 -79.99 -52.70 21.18
C VAL M 81 -80.47 -51.82 20.04
N VAL M 82 -81.79 -51.73 19.83
CA VAL M 82 -82.30 -50.90 18.76
C VAL M 82 -82.02 -49.42 19.06
N ASP M 83 -82.05 -49.05 20.33
CA ASP M 83 -81.69 -47.69 20.72
C ASP M 83 -80.22 -47.40 20.45
N ALA M 84 -79.38 -48.44 20.48
CA ALA M 84 -77.93 -48.25 20.35
C ALA M 84 -77.49 -47.99 18.91
N ARG M 85 -78.39 -48.10 17.93
CA ARG M 85 -78.02 -47.94 16.54
C ARG M 85 -77.99 -46.49 16.08
N SER M 86 -78.23 -45.54 16.97
CA SER M 86 -78.19 -44.12 16.66
C SER M 86 -76.96 -43.51 17.32
N ASP M 87 -76.12 -42.86 16.52
CA ASP M 87 -74.85 -42.32 17.01
C ASP M 87 -75.07 -40.94 17.62
N ALA M 88 -73.98 -40.27 17.97
CA ALA M 88 -74.02 -39.00 18.68
C ALA M 88 -74.19 -37.80 17.75
N PHE M 89 -74.15 -38.00 16.44
CA PHE M 89 -74.36 -36.92 15.48
C PHE M 89 -75.67 -37.07 14.72
N GLY M 90 -76.59 -37.85 15.24
CA GLY M 90 -77.90 -38.02 14.61
C GLY M 90 -77.86 -38.72 13.27
N ALA M 91 -77.07 -39.78 13.15
CA ALA M 91 -77.00 -40.58 11.94
C ALA M 91 -77.51 -41.98 12.26
N ARG M 92 -78.69 -42.31 11.74
CA ARG M 92 -79.29 -43.61 12.00
C ARG M 92 -78.61 -44.69 11.18
N TYR M 93 -78.61 -45.91 11.71
CA TYR M 93 -78.03 -47.07 11.07
C TYR M 93 -79.05 -48.20 11.03
N PRO M 94 -78.96 -49.07 10.02
CA PRO M 94 -79.93 -50.17 9.93
C PRO M 94 -79.78 -51.17 11.07
N VAL M 95 -78.55 -51.64 11.31
CA VAL M 95 -78.27 -52.62 12.36
C VAL M 95 -77.11 -52.11 13.19
N LEU M 96 -77.05 -52.56 14.44
CA LEU M 96 -75.95 -52.18 15.32
C LEU M 96 -74.61 -52.65 14.76
N ARG M 97 -74.61 -53.81 14.08
CA ARG M 97 -73.40 -54.26 13.41
C ARG M 97 -72.95 -53.26 12.37
N GLU M 98 -73.88 -52.71 11.60
CA GLU M 98 -73.53 -51.70 10.61
C GLU M 98 -72.93 -50.47 11.28
N ARG M 99 -73.50 -50.03 12.40
CA ARG M 99 -72.96 -48.87 13.10
C ARG M 99 -71.54 -49.14 13.58
N LEU M 100 -71.31 -50.28 14.22
CA LEU M 100 -69.96 -50.59 14.69
C LEU M 100 -68.98 -50.72 13.53
N ASN M 101 -69.41 -51.32 12.43
CA ASN M 101 -68.55 -51.47 11.27
C ASN M 101 -68.15 -50.12 10.71
N GLN M 102 -69.11 -49.21 10.56
CA GLN M 102 -68.80 -47.89 10.03
C GLN M 102 -67.92 -47.11 10.99
N GLU M 103 -68.17 -47.23 12.30
CA GLU M 103 -67.32 -46.54 13.27
C GLU M 103 -65.89 -47.05 13.22
N GLN M 104 -65.71 -48.37 13.09
CA GLN M 104 -64.36 -48.91 12.98
C GLN M 104 -63.68 -48.43 11.71
N LEU M 105 -64.40 -48.46 10.58
CA LEU M 105 -63.80 -48.03 9.32
C LEU M 105 -63.45 -46.55 9.34
N ASN M 106 -64.23 -45.74 10.08
CA ASN M 106 -63.92 -44.32 10.19
C ASN M 106 -62.74 -44.09 11.13
N PHE M 107 -62.66 -44.83 12.23
CA PHE M 107 -61.65 -44.58 13.26
C PHE M 107 -60.33 -45.27 12.98
N SER M 108 -60.31 -46.35 12.21
CA SER M 108 -59.09 -47.12 12.02
C SER M 108 -58.07 -46.38 11.17
N LYS M 109 -58.45 -45.30 10.50
CA LYS M 109 -57.53 -44.56 9.65
C LYS M 109 -56.82 -43.43 10.38
N LYS M 110 -57.08 -43.23 11.66
CA LYS M 110 -56.43 -42.17 12.41
C LYS M 110 -54.97 -42.52 12.69
N SER M 111 -54.15 -41.48 12.90
CA SER M 111 -52.73 -41.65 13.09
C SER M 111 -52.41 -41.88 14.57
N THR M 112 -51.14 -42.18 14.84
CA THR M 112 -50.66 -42.41 16.21
C THR M 112 -49.19 -42.02 16.25
N ILE M 113 -48.89 -40.91 16.94
CA ILE M 113 -47.50 -40.48 17.06
C ILE M 113 -46.73 -41.47 17.93
N GLN M 114 -45.58 -41.91 17.43
CA GLN M 114 -44.74 -42.88 18.13
C GLN M 114 -43.42 -42.22 18.47
N PHE M 115 -43.19 -41.99 19.76
CA PHE M 115 -41.99 -41.32 20.24
C PHE M 115 -40.82 -42.28 20.46
N ASP M 116 -41.10 -43.45 21.03
CA ASP M 116 -40.04 -44.39 21.32
C ASP M 116 -39.53 -45.05 20.05
N ALA M 117 -38.27 -45.51 20.10
CA ALA M 117 -37.66 -46.13 18.92
C ALA M 117 -38.22 -47.51 18.67
N SER M 118 -38.51 -48.26 19.74
CA SER M 118 -38.96 -49.65 19.57
C SER M 118 -40.36 -49.73 18.98
N THR M 119 -41.23 -48.77 19.30
CA THR M 119 -42.59 -48.79 18.78
C THR M 119 -42.70 -48.26 17.37
N ILE M 120 -41.64 -47.64 16.84
CA ILE M 120 -41.69 -47.11 15.48
C ILE M 120 -41.74 -48.24 14.47
N ILE M 121 -40.98 -49.31 14.70
CA ILE M 121 -40.97 -50.45 13.78
C ILE M 121 -42.36 -51.06 13.66
N SER M 122 -43.14 -51.06 14.73
CA SER M 122 -44.47 -51.65 14.75
C SER M 122 -45.56 -50.61 14.54
N MET M 123 -45.29 -49.57 13.76
CA MET M 123 -46.25 -48.53 13.46
C MET M 123 -46.84 -48.75 12.07
N GLU M 124 -48.07 -48.31 11.87
CA GLU M 124 -48.81 -48.61 10.65
C GLU M 124 -48.40 -47.66 9.52
N LYS M 125 -49.15 -47.72 8.42
CA LYS M 125 -48.79 -46.98 7.23
C LYS M 125 -49.04 -45.48 7.39
N GLN M 126 -50.14 -45.11 8.04
CA GLN M 126 -50.54 -43.71 8.20
C GLN M 126 -49.92 -43.07 9.44
N ASP M 127 -48.81 -43.60 9.93
CA ASP M 127 -48.20 -43.13 11.16
C ASP M 127 -46.87 -42.45 10.88
N ILE M 128 -46.42 -41.65 11.84
CA ILE M 128 -45.09 -41.05 11.82
C ILE M 128 -44.44 -41.26 13.18
N GLY M 129 -43.13 -41.19 13.19
CA GLY M 129 -42.37 -41.39 14.41
C GLY M 129 -41.28 -40.36 14.56
N LEU M 130 -41.01 -39.97 15.79
CA LEU M 130 -39.98 -38.99 16.12
C LEU M 130 -39.17 -39.49 17.30
N LEU M 131 -37.89 -39.80 17.06
CA LEU M 131 -37.00 -40.28 18.10
C LEU M 131 -35.89 -39.26 18.32
N THR M 132 -35.42 -39.18 19.57
CA THR M 132 -34.46 -38.16 19.96
C THR M 132 -33.13 -38.36 19.24
N SER M 133 -32.49 -37.25 18.88
CA SER M 133 -31.17 -37.26 18.26
C SER M 133 -30.12 -36.60 19.15
N LYS M 134 -30.36 -35.38 19.59
CA LYS M 134 -29.47 -34.68 20.52
C LYS M 134 -30.29 -33.65 21.28
N LYS M 135 -29.70 -33.08 22.32
CA LYS M 135 -30.37 -32.16 23.22
C LYS M 135 -29.58 -30.87 23.36
N ILE M 136 -30.29 -29.75 23.34
CA ILE M 136 -29.69 -28.42 23.46
C ILE M 136 -30.21 -27.79 24.75
N SER M 137 -29.29 -27.22 25.54
CA SER M 137 -29.69 -26.56 26.78
C SER M 137 -30.62 -25.39 26.49
N GLU M 138 -30.11 -24.36 25.81
CA GLU M 138 -30.88 -23.21 25.36
C GLU M 138 -31.54 -22.45 26.52
N ALA M 139 -32.20 -21.34 26.19
CA ALA M 139 -32.95 -20.55 27.15
C ALA M 139 -34.43 -20.64 26.81
N GLN M 140 -35.25 -20.95 27.81
CA GLN M 140 -36.66 -21.30 27.59
C GLN M 140 -37.57 -20.36 28.36
N THR M 141 -38.74 -20.09 27.80
CA THR M 141 -39.79 -19.33 28.44
C THR M 141 -40.90 -20.25 28.91
N VAL M 142 -41.34 -20.06 30.15
CA VAL M 142 -42.26 -20.97 30.82
C VAL M 142 -43.61 -20.28 30.99
N CYS M 143 -44.68 -20.99 30.65
CA CYS M 143 -46.05 -20.54 30.85
C CYS M 143 -46.60 -21.27 32.05
N PHE M 144 -46.50 -20.66 33.23
CA PHE M 144 -46.95 -21.30 34.45
C PHE M 144 -48.45 -21.46 34.45
N LEU M 145 -48.92 -22.70 34.65
CA LEU M 145 -50.34 -22.98 34.58
C LEU M 145 -51.09 -22.35 35.75
N ASN M 146 -50.60 -22.56 36.97
CA ASN M 146 -51.23 -21.98 38.15
C ASN M 146 -50.61 -20.63 38.51
N ILE M 147 -50.51 -19.76 37.52
CA ILE M 147 -50.09 -18.37 37.71
C ILE M 147 -50.89 -17.53 36.72
N SER M 148 -51.78 -16.69 37.23
CA SER M 148 -52.70 -15.95 36.38
C SER M 148 -53.09 -14.65 37.05
N SER M 149 -53.18 -13.58 36.26
CA SER M 149 -53.56 -12.28 36.81
C SER M 149 -55.07 -12.09 36.76
N LEU M 150 -55.71 -12.51 35.68
CA LEU M 150 -57.14 -12.27 35.52
C LEU M 150 -57.97 -13.12 36.46
N ASP M 151 -57.45 -14.26 36.90
CA ASP M 151 -58.18 -15.19 37.75
C ASP M 151 -57.62 -15.14 39.16
N GLU M 152 -58.51 -15.00 40.15
CA GLU M 152 -58.14 -15.04 41.55
C GLU M 152 -58.08 -16.49 42.01
N GLU M 153 -57.96 -16.70 43.33
CA GLU M 153 -57.99 -18.01 43.98
C GLU M 153 -56.99 -19.01 43.38
N ALA M 154 -56.02 -18.51 42.62
CA ALA M 154 -54.99 -19.36 42.05
C ALA M 154 -53.88 -19.60 43.08
N ASP M 155 -52.97 -20.50 42.75
CA ASP M 155 -51.85 -20.77 43.65
C ASP M 155 -50.96 -19.54 43.82
N ILE M 156 -50.72 -18.81 42.73
CA ILE M 156 -50.03 -17.53 42.77
C ILE M 156 -50.87 -16.52 42.00
N VAL M 157 -51.10 -15.36 42.61
CA VAL M 157 -51.92 -14.30 42.04
C VAL M 157 -51.05 -13.08 41.85
N LEU M 158 -51.10 -12.48 40.66
CA LEU M 158 -50.32 -11.31 40.32
C LEU M 158 -51.22 -10.19 39.83
N GLU M 159 -50.91 -8.97 40.24
CA GLU M 159 -51.65 -7.78 39.82
C GLU M 159 -50.77 -6.90 38.95
N LYS M 160 -51.34 -6.35 37.88
CA LYS M 160 -50.58 -5.60 36.92
C LYS M 160 -50.12 -4.26 37.48
N THR M 161 -48.93 -3.84 37.06
CA THR M 161 -48.42 -2.51 37.36
C THR M 161 -48.01 -1.89 36.03
N GLY M 162 -47.48 -0.67 36.08
CA GLY M 162 -47.16 0.09 34.88
C GLY M 162 -46.32 -0.65 33.86
N GLU M 163 -46.91 -0.93 32.70
CA GLU M 163 -46.22 -1.68 31.65
C GLU M 163 -44.99 -0.92 31.18
N THR M 164 -43.95 -1.68 30.83
CA THR M 164 -42.71 -1.12 30.32
C THR M 164 -42.72 -1.18 28.80
N SER M 165 -42.31 -0.08 28.17
CA SER M 165 -42.32 -0.01 26.71
C SER M 165 -41.33 -1.00 26.12
N PHE M 166 -41.61 -1.44 24.89
CA PHE M 166 -40.78 -2.35 24.11
C PHE M 166 -40.86 -3.77 24.66
N SER M 167 -40.97 -4.75 23.77
CA SER M 167 -41.18 -6.14 24.16
C SER M 167 -40.34 -7.05 23.29
N ASP M 168 -40.14 -8.28 23.77
CA ASP M 168 -39.29 -9.25 23.09
C ASP M 168 -40.09 -10.45 22.61
N ASN M 169 -39.41 -11.46 22.08
CA ASN M 169 -40.04 -12.66 21.53
C ASN M 169 -39.76 -13.85 22.44
N LEU M 170 -40.80 -14.63 22.72
CA LEU M 170 -40.64 -15.83 23.53
C LEU M 170 -39.85 -16.89 22.77
N THR M 171 -38.98 -17.60 23.48
CA THR M 171 -38.09 -18.60 22.88
C THR M 171 -38.17 -19.91 23.64
N SER M 172 -38.22 -21.02 22.90
CA SER M 172 -38.21 -22.37 23.46
C SER M 172 -39.29 -22.53 24.52
N LEU M 173 -40.54 -22.42 24.07
CA LEU M 173 -41.67 -22.34 24.98
C LEU M 173 -41.88 -23.66 25.71
N VAL M 174 -42.35 -23.58 26.95
CA VAL M 174 -42.57 -24.73 27.81
C VAL M 174 -43.80 -24.47 28.68
N PHE M 175 -44.61 -25.50 28.89
CA PHE M 175 -45.72 -25.46 29.84
C PHE M 175 -45.40 -26.30 31.07
N ALA M 176 -45.72 -25.77 32.24
CA ALA M 176 -45.50 -26.50 33.49
C ALA M 176 -46.30 -25.83 34.60
N LYS M 177 -46.32 -26.49 35.75
CA LYS M 177 -46.93 -25.96 36.96
C LYS M 177 -45.86 -25.68 38.00
N ILE M 178 -46.15 -24.75 38.90
CA ILE M 178 -45.22 -24.34 39.95
C ILE M 178 -45.85 -24.62 41.30
N GLY M 179 -45.11 -25.26 42.19
CA GLY M 179 -45.60 -25.60 43.50
C GLY M 179 -44.84 -26.79 44.06
N THR M 180 -45.46 -27.43 45.04
CA THR M 180 -44.82 -28.57 45.70
C THR M 180 -44.81 -29.79 44.80
N ASN M 181 -43.65 -30.45 44.73
CA ASN M 181 -43.43 -31.69 43.99
C ASN M 181 -43.66 -31.53 42.49
N GLU M 182 -43.84 -30.31 42.00
CA GLU M 182 -44.01 -30.07 40.57
C GLU M 182 -42.62 -29.92 39.93
N ARG M 183 -42.60 -29.56 38.64
CA ARG M 183 -41.33 -29.33 37.97
C ARG M 183 -40.63 -28.10 38.52
N TYR M 184 -41.38 -27.05 38.87
CA TYR M 184 -40.83 -25.81 39.37
C TYR M 184 -41.26 -25.62 40.82
N GLN M 185 -40.30 -25.44 41.71
CA GLN M 185 -40.53 -25.47 43.14
C GLN M 185 -40.44 -24.07 43.74
N MET M 186 -40.95 -23.95 44.96
CA MET M 186 -40.88 -22.72 45.73
C MET M 186 -40.55 -23.04 47.18
N GLU M 187 -39.67 -22.23 47.78
CA GLU M 187 -39.35 -22.36 49.20
C GLU M 187 -38.76 -21.05 49.68
N PRO M 188 -39.07 -20.61 50.89
CA PRO M 188 -38.53 -19.35 51.40
C PRO M 188 -37.02 -19.45 51.64
N VAL M 189 -36.37 -18.28 51.57
CA VAL M 189 -34.94 -18.18 51.81
C VAL M 189 -34.74 -17.85 53.28
N GLY M 190 -33.98 -18.68 53.98
CA GLY M 190 -33.72 -18.49 55.39
C GLY M 190 -34.80 -19.10 56.27
N THR N 2 -48.00 -19.22 5.56
CA THR N 2 -46.59 -18.94 5.78
C THR N 2 -46.33 -18.52 7.22
N GLU N 3 -46.64 -19.41 8.15
CA GLU N 3 -46.41 -19.19 9.57
C GLU N 3 -45.36 -20.15 10.09
N ILE N 4 -44.67 -19.73 11.15
CA ILE N 4 -43.67 -20.56 11.82
C ILE N 4 -44.32 -21.09 13.09
N LYS N 5 -44.52 -22.41 13.13
CA LYS N 5 -45.19 -23.06 14.24
C LYS N 5 -44.17 -23.86 15.04
N ARG N 6 -44.16 -23.66 16.36
CA ARG N 6 -43.26 -24.37 17.25
C ARG N 6 -43.94 -25.66 17.70
N MET N 7 -43.28 -26.79 17.45
CA MET N 7 -43.85 -28.08 17.77
C MET N 7 -43.70 -28.39 19.26
N LEU N 8 -44.79 -28.76 19.91
CA LEU N 8 -44.83 -29.03 21.33
C LEU N 8 -44.99 -30.53 21.56
N GLN N 9 -44.25 -31.08 22.51
CA GLN N 9 -44.31 -32.49 22.85
C GLN N 9 -44.43 -32.66 24.35
N THR N 10 -45.21 -33.66 24.76
CA THR N 10 -45.53 -33.87 26.16
C THR N 10 -44.45 -34.73 26.80
N LYS N 11 -43.82 -34.21 27.86
CA LYS N 11 -42.80 -34.95 28.58
C LYS N 11 -43.45 -35.96 29.53
N GLU N 12 -42.61 -36.65 30.30
CA GLU N 12 -43.09 -37.80 31.05
C GLU N 12 -43.93 -37.39 32.26
N ASP N 13 -43.49 -36.37 33.01
CA ASP N 13 -44.16 -36.10 34.28
C ASP N 13 -45.41 -35.23 34.11
N ASN N 14 -45.24 -33.95 33.76
CA ASN N 14 -46.36 -33.04 33.58
C ASN N 14 -46.21 -32.10 32.40
N SER N 15 -45.02 -31.94 31.83
CA SER N 15 -44.70 -30.76 31.05
C SER N 15 -45.03 -30.93 29.57
N LYS N 16 -44.87 -29.84 28.83
CA LYS N 16 -45.05 -29.79 27.38
C LYS N 16 -43.97 -28.87 26.83
N GLU N 17 -42.87 -29.43 26.35
CA GLU N 17 -41.75 -28.64 25.90
C GLU N 17 -41.72 -28.54 24.38
N GLN N 18 -41.18 -27.43 23.88
CA GLN N 18 -40.95 -27.28 22.46
C GLN N 18 -39.79 -28.18 22.03
N PHE N 19 -39.95 -28.82 20.87
CA PHE N 19 -38.90 -29.63 20.29
C PHE N 19 -38.70 -29.21 18.84
N TYR N 20 -37.48 -29.45 18.34
CA TYR N 20 -37.13 -29.05 16.98
C TYR N 20 -36.97 -30.28 16.09
N PRO N 21 -37.42 -30.22 14.84
CA PRO N 21 -37.11 -31.30 13.90
C PRO N 21 -35.87 -30.98 13.07
N GLU N 22 -35.17 -32.03 12.67
CA GLU N 22 -33.99 -31.86 11.83
C GLU N 22 -34.38 -31.42 10.43
N THR N 23 -33.55 -30.59 9.83
CA THR N 23 -33.75 -30.13 8.46
C THR N 23 -32.45 -30.30 7.69
N HIS N 24 -32.58 -30.52 6.39
CA HIS N 24 -31.42 -30.57 5.50
C HIS N 24 -31.16 -29.20 4.92
N VAL N 25 -29.91 -28.95 4.53
CA VAL N 25 -29.53 -27.65 4.03
C VAL N 25 -30.25 -27.32 2.72
N ALA N 26 -30.78 -28.32 2.04
CA ALA N 26 -31.61 -28.12 0.87
C ALA N 26 -33.06 -27.86 1.22
N GLY N 27 -33.41 -27.91 2.50
CA GLY N 27 -34.78 -27.72 2.93
C GLY N 27 -35.16 -26.26 3.15
N ILE N 28 -34.29 -25.51 3.84
CA ILE N 28 -34.56 -24.10 4.08
C ILE N 28 -34.64 -23.37 2.75
N VAL N 29 -35.67 -22.53 2.61
CA VAL N 29 -35.99 -21.93 1.31
C VAL N 29 -35.28 -20.61 1.05
N GLY N 30 -34.79 -19.94 2.08
CA GLY N 30 -34.11 -18.68 1.88
C GLY N 30 -32.67 -18.67 2.34
N LEU N 31 -32.10 -19.86 2.53
CA LEU N 31 -30.75 -19.96 3.09
C LEU N 31 -29.70 -19.43 2.13
N THR N 32 -29.79 -19.78 0.85
CA THR N 32 -28.76 -19.39 -0.10
C THR N 32 -28.77 -17.88 -0.33
N GLU N 33 -29.94 -17.27 -0.44
CA GLU N 33 -29.97 -15.80 -0.50
C GLU N 33 -29.42 -15.19 0.77
N TYR N 34 -29.67 -15.82 1.92
CA TYR N 34 -29.19 -15.26 3.19
C TYR N 34 -27.67 -15.27 3.25
N VAL N 35 -27.05 -16.39 2.89
CA VAL N 35 -25.59 -16.45 2.93
C VAL N 35 -24.98 -15.60 1.83
N SER N 36 -25.67 -15.45 0.70
CA SER N 36 -25.20 -14.55 -0.35
C SER N 36 -25.21 -13.10 0.12
N GLY N 37 -26.25 -12.70 0.86
CA GLY N 37 -26.36 -11.33 1.33
C GLY N 37 -25.32 -10.95 2.36
N GLN N 38 -24.64 -11.92 2.96
CA GLN N 38 -23.59 -11.61 3.92
C GLN N 38 -22.41 -10.93 3.21
N LEU N 39 -21.87 -9.91 3.87
CA LEU N 39 -20.74 -9.16 3.32
C LEU N 39 -19.58 -9.19 4.30
N PRO N 40 -18.35 -9.31 3.80
CA PRO N 40 -17.19 -9.32 4.70
C PRO N 40 -17.03 -8.00 5.43
N THR N 41 -16.49 -8.07 6.64
CA THR N 41 -16.33 -6.87 7.47
C THR N 41 -15.23 -5.97 6.94
N GLY N 42 -14.01 -6.50 6.81
CA GLY N 42 -12.87 -5.72 6.38
C GLY N 42 -12.85 -5.48 4.88
N VAL N 43 -11.66 -5.45 4.32
CA VAL N 43 -11.48 -5.24 2.89
C VAL N 43 -12.12 -6.40 2.14
N VAL N 44 -13.14 -6.10 1.35
CA VAL N 44 -13.81 -7.15 0.58
C VAL N 44 -12.89 -7.71 -0.49
N SER N 45 -12.19 -6.83 -1.22
CA SER N 45 -11.27 -7.26 -2.26
C SER N 45 -10.20 -6.20 -2.44
N VAL N 46 -9.05 -6.63 -2.93
CA VAL N 46 -7.90 -5.75 -3.18
C VAL N 46 -7.64 -5.76 -4.68
N ASN N 47 -7.76 -4.61 -5.32
CA ASN N 47 -7.49 -4.46 -6.75
C ASN N 47 -8.33 -5.44 -7.57
N GLY N 48 -9.57 -5.65 -7.13
CA GLY N 48 -10.46 -6.57 -7.81
C GLY N 48 -10.18 -8.04 -7.57
N LYS N 49 -9.46 -8.40 -6.51
CA LYS N 49 -9.18 -9.78 -6.18
C LYS N 49 -9.15 -9.95 -4.67
N ALA N 50 -9.60 -11.10 -4.18
CA ALA N 50 -9.76 -11.36 -2.76
C ALA N 50 -9.23 -12.74 -2.42
N GLY N 51 -9.52 -13.19 -1.20
CA GLY N 51 -9.04 -14.48 -0.75
C GLY N 51 -7.54 -14.44 -0.54
N ARG N 52 -6.84 -15.47 -1.01
CA ARG N 52 -5.39 -15.48 -1.00
C ARG N 52 -4.88 -14.45 -2.00
N VAL N 53 -4.43 -13.30 -1.51
CA VAL N 53 -4.10 -12.16 -2.35
C VAL N 53 -2.59 -12.02 -2.41
N LEU N 54 -2.06 -11.96 -3.64
CA LEU N 54 -0.65 -11.75 -3.89
C LEU N 54 -0.49 -10.55 -4.81
N LEU N 55 0.49 -9.70 -4.50
CA LEU N 55 0.73 -8.47 -5.24
C LEU N 55 2.08 -8.53 -5.92
N ASP N 56 2.16 -7.93 -7.11
CA ASP N 56 3.42 -7.78 -7.84
C ASP N 56 3.45 -6.38 -8.46
N ALA N 57 4.56 -6.07 -9.11
CA ALA N 57 4.73 -4.73 -9.67
C ALA N 57 3.67 -4.42 -10.71
N GLU N 58 3.34 -5.40 -11.55
CA GLU N 58 2.30 -5.19 -12.56
C GLU N 58 0.94 -5.01 -11.91
N ASP N 59 0.66 -5.71 -10.81
CA ASP N 59 -0.66 -5.65 -10.20
C ASP N 59 -0.98 -4.27 -9.65
N VAL N 60 0.03 -3.45 -9.38
CA VAL N 60 -0.16 -2.12 -8.84
C VAL N 60 0.29 -1.04 -9.81
N HIS N 61 0.44 -1.38 -11.09
CA HIS N 61 0.88 -0.46 -12.12
C HIS N 61 2.17 0.25 -11.71
N ALA N 62 3.15 -0.55 -11.30
CA ALA N 62 4.44 -0.06 -10.84
C ALA N 62 5.56 -0.69 -11.63
N ALA N 63 6.66 0.06 -11.78
CA ALA N 63 7.82 -0.45 -12.49
C ALA N 63 8.45 -1.61 -11.71
N LYS N 64 8.91 -2.61 -12.45
CA LYS N 64 9.53 -3.78 -11.84
C LYS N 64 10.78 -3.37 -11.08
N LYS N 65 11.07 -4.10 -9.98
CA LYS N 65 12.25 -3.81 -9.18
C LYS N 65 13.51 -3.83 -10.02
N SER N 66 13.62 -4.77 -10.96
CA SER N 66 14.72 -4.83 -11.91
C SER N 66 14.14 -4.55 -13.29
N HIS N 67 14.05 -3.27 -13.65
CA HIS N 67 13.50 -2.85 -14.92
C HIS N 67 14.51 -2.02 -15.68
N THR N 68 14.38 -2.00 -17.00
CA THR N 68 15.27 -1.26 -17.87
C THR N 68 14.45 -0.39 -18.83
N HIS N 69 15.04 0.72 -19.25
CA HIS N 69 14.44 1.62 -20.22
C HIS N 69 15.10 1.44 -21.58
N GLU N 70 14.34 1.75 -22.63
CA GLU N 70 14.88 1.69 -23.98
C GLU N 70 15.95 2.75 -24.17
N VAL N 71 16.89 2.47 -25.07
CA VAL N 71 17.94 3.43 -25.36
C VAL N 71 17.33 4.69 -25.97
N ALA N 72 17.99 5.82 -25.75
CA ALA N 72 17.48 7.09 -26.24
C ALA N 72 17.49 7.11 -27.76
N THR N 73 16.56 7.88 -28.33
CA THR N 73 16.42 8.03 -29.77
C THR N 73 16.56 9.51 -30.14
N TYR N 74 16.25 9.82 -31.40
CA TYR N 74 16.33 11.20 -31.87
C TYR N 74 15.38 12.13 -31.14
N THR N 75 14.31 11.60 -30.53
CA THR N 75 13.30 12.43 -29.89
C THR N 75 13.07 12.12 -28.42
N THR N 76 13.27 10.88 -27.96
CA THR N 76 13.01 10.52 -26.58
C THR N 76 14.33 10.16 -25.89
N ASP N 77 14.42 10.49 -24.61
CA ASP N 77 15.62 10.27 -23.82
C ASP N 77 15.64 8.84 -23.30
N GLY N 78 16.59 8.54 -22.42
CA GLY N 78 16.74 7.20 -21.88
C GLY N 78 18.18 6.76 -21.78
N PHE N 79 18.41 5.45 -21.79
CA PHE N 79 19.77 4.91 -21.74
C PHE N 79 20.50 5.20 -23.04
N MET N 80 21.79 4.89 -23.05
CA MET N 80 22.57 4.85 -24.29
C MET N 80 23.05 3.43 -24.52
N SER N 81 23.16 3.07 -25.79
CA SER N 81 23.66 1.75 -26.15
C SER N 81 25.11 1.59 -25.69
N SER N 82 25.48 0.37 -25.34
CA SER N 82 26.82 0.12 -24.80
C SER N 82 27.90 0.45 -25.82
N PHE N 83 27.68 0.07 -27.09
CA PHE N 83 28.67 0.41 -28.11
C PHE N 83 28.72 1.91 -28.37
N ASP N 84 27.64 2.64 -28.08
CA ASP N 84 27.74 4.10 -28.09
C ASP N 84 28.67 4.59 -26.99
N LYS N 85 28.62 3.95 -25.81
CA LYS N 85 29.56 4.30 -24.75
C LYS N 85 30.99 4.00 -25.17
N GLN N 86 31.21 2.86 -25.83
CA GLN N 86 32.54 2.57 -26.37
C GLN N 86 32.96 3.63 -27.38
N LYS N 87 32.02 4.07 -28.22
CA LYS N 87 32.32 5.09 -29.21
C LYS N 87 32.77 6.39 -28.56
N ILE N 88 32.00 6.89 -27.58
CA ILE N 88 32.35 8.17 -26.97
C ILE N 88 33.65 8.04 -26.18
N ASP N 89 33.87 6.90 -25.52
CA ASP N 89 35.14 6.69 -24.85
C ASP N 89 36.30 6.56 -25.83
N GLN N 90 36.01 6.20 -27.09
CA GLN N 90 37.04 6.25 -28.13
C GLN N 90 37.30 7.68 -28.59
N LEU N 91 36.25 8.51 -28.65
CA LEU N 91 36.43 9.90 -29.05
C LEU N 91 37.30 10.65 -28.05
N VAL N 92 37.06 10.46 -26.76
CA VAL N 92 37.89 11.08 -25.73
C VAL N 92 39.10 10.19 -25.47
N SER N 93 40.30 10.79 -25.53
CA SER N 93 41.55 10.06 -25.42
C SER N 93 41.57 8.93 -26.44
N PRO N 94 41.69 9.23 -27.73
CA PRO N 94 41.59 8.18 -28.75
C PRO N 94 42.83 7.31 -28.84
N GLU N 95 44.01 7.91 -28.71
CA GLU N 95 45.30 7.27 -28.99
C GLU N 95 45.20 6.33 -30.19
N ALA N 96 44.59 6.83 -31.27
CA ALA N 96 44.34 6.02 -32.47
C ALA N 96 45.50 6.24 -33.45
N GLY N 97 46.42 5.29 -33.46
CA GLY N 97 47.53 5.36 -34.39
C GLY N 97 48.53 6.45 -34.03
N VAL N 98 49.33 6.80 -35.04
CA VAL N 98 50.35 7.84 -34.91
C VAL N 98 49.78 9.14 -35.47
N THR N 99 49.67 10.16 -34.62
CA THR N 99 49.14 11.44 -35.05
C THR N 99 50.10 12.13 -36.02
N SER N 100 51.38 12.21 -35.65
CA SER N 100 52.40 12.83 -36.49
C SER N 100 53.66 11.98 -36.42
N ILE N 101 54.30 11.80 -37.57
CA ILE N 101 55.54 11.04 -37.67
C ILE N 101 56.63 12.02 -38.05
N ASN N 102 57.49 12.35 -37.08
CA ASN N 102 58.55 13.36 -37.25
C ASN N 102 57.96 14.66 -37.78
N GLY N 103 56.86 15.09 -37.16
CA GLY N 103 56.21 16.33 -37.53
C GLY N 103 55.54 16.33 -38.88
N LYS N 104 55.17 15.16 -39.40
CA LYS N 104 54.54 15.04 -40.71
C LYS N 104 53.21 14.30 -40.58
N THR N 105 52.20 14.79 -41.30
CA THR N 105 50.88 14.21 -41.28
C THR N 105 50.38 13.99 -42.71
N GLY N 106 49.40 13.10 -42.84
CA GLY N 106 48.87 12.78 -44.14
C GLY N 106 49.75 11.79 -44.89
N ILE N 107 49.54 11.75 -46.21
CA ILE N 107 50.34 10.87 -47.07
C ILE N 107 51.74 11.47 -47.19
N VAL N 108 52.74 10.74 -46.69
CA VAL N 108 54.12 11.20 -46.65
C VAL N 108 55.03 10.05 -47.06
N ASP N 109 56.06 10.37 -47.85
CA ASP N 109 57.05 9.39 -48.29
C ASP N 109 58.39 9.70 -47.63
N LEU N 110 59.06 8.67 -47.13
CA LEU N 110 60.33 8.81 -46.44
C LEU N 110 61.35 7.84 -47.04
N PHE N 111 62.59 8.31 -47.12
CA PHE N 111 63.71 7.51 -47.60
C PHE N 111 64.81 7.48 -46.54
N ALA N 112 65.94 6.85 -46.90
CA ALA N 112 67.08 6.80 -45.99
C ALA N 112 67.64 8.19 -45.72
N SER N 113 67.74 9.02 -46.76
CA SER N 113 68.22 10.39 -46.58
C SER N 113 67.28 11.18 -45.67
N ASP N 114 65.98 11.00 -45.84
CA ASP N 114 65.01 11.63 -44.94
C ASP N 114 65.12 11.09 -43.53
N LEU N 115 65.58 9.85 -43.37
CA LEU N 115 65.75 9.23 -42.06
C LEU N 115 67.17 9.35 -41.53
N ASP N 116 67.93 10.33 -42.02
CA ASP N 116 69.35 10.53 -41.71
C ASP N 116 70.10 9.19 -41.67
N ALA N 117 69.88 8.39 -42.72
CA ALA N 117 70.44 7.05 -42.81
C ALA N 117 71.18 6.89 -44.14
N ALA N 118 72.12 5.96 -44.16
CA ALA N 118 72.89 5.71 -45.36
C ALA N 118 72.06 4.92 -46.37
N GLU N 119 72.20 5.30 -47.65
CA GLU N 119 71.49 4.60 -48.72
C GLU N 119 72.09 3.21 -48.94
N ILE N 120 71.28 2.32 -49.51
CA ILE N 120 71.77 0.98 -49.84
C ILE N 120 72.91 1.06 -50.86
N ASN N 121 72.73 1.86 -51.90
CA ASN N 121 73.75 2.06 -52.93
C ASN N 121 74.51 3.35 -52.61
N HIS N 122 75.42 3.25 -51.63
CA HIS N 122 76.21 4.38 -51.18
C HIS N 122 77.68 4.00 -51.12
N THR N 123 78.53 4.99 -51.28
CA THR N 123 79.97 4.82 -51.22
C THR N 123 80.51 5.34 -49.88
N HIS N 124 81.83 5.26 -49.73
CA HIS N 124 82.49 5.69 -48.50
C HIS N 124 83.75 6.47 -48.86
N ALA N 125 84.19 7.30 -47.92
CA ALA N 125 85.40 8.08 -48.13
C ALA N 125 86.61 7.18 -48.29
N GLU N 126 87.49 7.54 -49.21
CA GLU N 126 88.69 6.75 -49.47
C GLU N 126 89.61 6.76 -48.26
N ALA N 127 90.25 5.63 -47.99
CA ALA N 127 91.15 5.52 -46.86
C ALA N 127 92.37 6.40 -47.07
N THR N 128 92.74 7.14 -46.03
CA THR N 128 93.88 8.04 -46.06
C THR N 128 94.88 7.65 -44.97
N THR N 129 95.92 8.46 -44.80
CA THR N 129 96.93 8.20 -43.79
C THR N 129 96.43 8.46 -42.37
N THR N 130 95.28 9.11 -42.22
CA THR N 130 94.73 9.41 -40.90
C THR N 130 93.35 8.82 -40.66
N GLU N 131 92.59 8.49 -41.71
CA GLU N 131 91.26 7.92 -41.57
C GLU N 131 91.11 6.71 -42.48
N SER N 132 90.43 5.69 -41.97
CA SER N 132 90.18 4.48 -42.75
C SER N 132 89.02 4.69 -43.71
N GLY N 133 88.88 3.76 -44.64
CA GLY N 133 87.80 3.85 -45.62
C GLY N 133 88.06 2.88 -46.78
N PHE N 134 87.44 3.22 -47.91
CA PHE N 134 87.57 2.39 -49.10
C PHE N 134 88.98 2.50 -49.68
N LEU N 135 89.37 1.47 -50.44
CA LEU N 135 90.66 1.45 -51.11
C LEU N 135 90.58 2.21 -52.43
N SER N 136 91.52 3.13 -52.63
CA SER N 136 91.52 3.94 -53.84
C SER N 136 91.92 3.10 -55.05
N ILE N 137 91.54 3.60 -56.24
CA ILE N 137 91.88 2.91 -57.48
C ILE N 137 93.39 2.90 -57.69
N ASP N 138 94.04 4.03 -57.43
CA ASP N 138 95.49 4.11 -57.62
C ASP N 138 96.22 3.16 -56.67
N ASP N 139 95.76 3.07 -55.43
CA ASP N 139 96.38 2.13 -54.48
C ASP N 139 96.23 0.70 -54.94
N LYS N 140 95.03 0.34 -55.43
CA LYS N 140 94.82 -1.02 -55.94
C LYS N 140 95.71 -1.32 -57.14
N GLU N 141 95.83 -0.36 -58.05
CA GLU N 141 96.69 -0.55 -59.22
C GLU N 141 98.15 -0.70 -58.82
N LYS N 142 98.61 0.11 -57.85
CA LYS N 142 99.98 0.00 -57.38
C LYS N 142 100.22 -1.35 -56.71
N LEU N 143 99.26 -1.82 -55.91
CA LEU N 143 99.41 -3.11 -55.26
C LEU N 143 99.45 -4.24 -56.29
N ASP N 144 98.60 -4.16 -57.32
CA ASP N 144 98.60 -5.18 -58.36
C ASP N 144 99.90 -5.17 -59.15
N ALA N 145 100.43 -3.99 -59.45
CA ALA N 145 101.67 -3.90 -60.23
C ALA N 145 102.89 -4.30 -59.42
N ILE N 146 102.81 -4.25 -58.09
CA ILE N 146 103.94 -4.61 -57.25
C ILE N 146 104.02 -6.12 -57.09
N THR O 2 -59.56 -9.22 -23.32
CA THR O 2 -60.68 -8.29 -23.44
C THR O 2 -60.89 -7.52 -22.14
N LYS O 3 -61.85 -7.95 -21.34
CA LYS O 3 -62.16 -7.27 -20.09
C LYS O 3 -61.04 -7.49 -19.07
N ILE O 4 -60.84 -6.48 -18.23
CA ILE O 4 -59.83 -6.51 -17.18
C ILE O 4 -60.51 -6.82 -15.87
N VAL O 5 -59.98 -7.81 -15.13
CA VAL O 5 -60.49 -8.16 -13.82
C VAL O 5 -59.39 -7.93 -12.79
N LYS O 6 -59.81 -7.63 -11.57
CA LYS O 6 -58.90 -7.45 -10.45
C LYS O 6 -59.14 -8.59 -9.44
N MET O 7 -58.06 -9.27 -9.08
CA MET O 7 -58.17 -10.38 -8.16
C MET O 7 -58.06 -9.91 -6.71
N SER O 8 -58.45 -10.80 -5.79
CA SER O 8 -58.44 -10.45 -4.38
C SER O 8 -58.32 -11.72 -3.56
N GLU O 9 -57.83 -11.57 -2.33
CA GLU O 9 -57.72 -12.67 -1.38
C GLU O 9 -58.37 -12.24 -0.07
N LYS O 10 -59.17 -13.14 0.51
CA LYS O 10 -59.90 -12.84 1.73
C LYS O 10 -58.98 -12.95 2.93
N ASN O 11 -58.83 -11.84 3.66
CA ASN O 11 -58.07 -11.85 4.90
C ASN O 11 -58.88 -12.54 5.99
N GLU O 12 -58.19 -12.90 7.09
CA GLU O 12 -58.85 -13.57 8.19
C GLU O 12 -59.99 -12.73 8.76
N HIS O 13 -59.78 -11.41 8.85
CA HIS O 13 -60.76 -10.50 9.43
C HIS O 13 -61.93 -10.20 8.50
N GLY O 14 -62.04 -10.90 7.38
CA GLY O 14 -63.12 -10.69 6.45
C GLY O 14 -62.87 -9.64 5.39
N THR O 15 -61.75 -8.92 5.45
CA THR O 15 -61.43 -7.92 4.46
C THR O 15 -60.91 -8.57 3.19
N LEU O 16 -60.94 -7.82 2.10
CA LEU O 16 -60.47 -8.27 0.80
C LEU O 16 -59.20 -7.52 0.43
N GLU O 17 -58.15 -8.26 0.10
CA GLU O 17 -56.88 -7.68 -0.31
C GLU O 17 -56.57 -8.13 -1.73
N GLN O 18 -56.30 -7.16 -2.60
CA GLN O 18 -55.97 -7.48 -3.99
C GLN O 18 -54.59 -8.12 -4.07
N PHE O 19 -54.50 -9.25 -4.77
CA PHE O 19 -53.23 -9.92 -5.00
C PHE O 19 -52.90 -9.87 -6.49
N TYR O 20 -51.64 -9.57 -6.80
CA TYR O 20 -51.21 -9.39 -8.18
C TYR O 20 -50.62 -10.70 -8.70
N PRO O 21 -51.23 -11.32 -9.70
CA PRO O 21 -50.68 -12.57 -10.24
C PRO O 21 -49.29 -12.36 -10.84
N GLU O 22 -48.48 -13.42 -10.80
CA GLU O 22 -47.13 -13.38 -11.33
C GLU O 22 -47.09 -13.93 -12.74
N THR O 23 -46.60 -13.12 -13.67
CA THR O 23 -46.52 -13.47 -15.09
C THR O 23 -45.08 -13.31 -15.56
N HIS O 24 -44.89 -13.47 -16.87
CA HIS O 24 -43.61 -13.26 -17.52
C HIS O 24 -43.76 -12.16 -18.56
N ALA O 25 -42.63 -11.51 -18.88
CA ALA O 25 -42.67 -10.40 -19.82
C ALA O 25 -42.71 -10.89 -21.25
N GLU O 26 -43.62 -11.82 -21.53
CA GLU O 26 -43.91 -12.26 -22.89
C GLU O 26 -45.42 -12.35 -23.05
N ALA O 27 -46.11 -12.55 -21.92
CA ALA O 27 -47.57 -12.57 -21.93
C ALA O 27 -48.14 -11.16 -22.03
N VAL O 28 -47.48 -10.18 -21.42
CA VAL O 28 -47.93 -8.80 -21.50
C VAL O 28 -47.82 -8.33 -22.94
N LYS O 29 -48.89 -7.71 -23.43
CA LYS O 29 -48.96 -7.26 -24.82
C LYS O 29 -48.76 -5.75 -24.87
N GLY O 30 -47.79 -5.32 -25.68
CA GLY O 30 -47.51 -3.91 -25.82
C GLY O 30 -46.75 -3.27 -24.68
N LEU O 31 -46.07 -4.07 -23.86
CA LEU O 31 -45.34 -3.49 -22.72
C LEU O 31 -44.09 -2.76 -23.17
N VAL O 32 -43.55 -3.12 -24.34
CA VAL O 32 -42.35 -2.50 -24.92
C VAL O 32 -41.19 -2.54 -23.94
N SER O 33 -40.72 -3.74 -23.60
CA SER O 33 -39.46 -3.86 -22.88
C SER O 33 -38.32 -3.38 -23.78
N VAL O 34 -37.31 -2.74 -23.17
CA VAL O 34 -36.37 -2.03 -24.01
C VAL O 34 -35.21 -2.93 -24.45
N SER O 35 -34.26 -3.23 -23.56
CA SER O 35 -33.31 -4.30 -23.87
C SER O 35 -32.80 -5.04 -22.64
N GLU O 36 -32.81 -4.37 -21.49
CA GLU O 36 -32.09 -4.77 -20.27
C GLU O 36 -30.59 -4.58 -20.42
N GLU O 37 -30.12 -4.23 -21.60
CA GLU O 37 -28.70 -3.98 -21.80
C GLU O 37 -28.43 -2.64 -22.47
N GLU O 38 -29.31 -2.19 -23.38
CA GLU O 38 -29.21 -0.82 -23.89
C GLU O 38 -29.54 0.20 -22.82
N LYS O 39 -30.13 -0.23 -21.70
CA LYS O 39 -30.24 0.63 -20.54
C LYS O 39 -28.87 1.12 -20.10
N THR O 40 -27.87 0.25 -20.15
CA THR O 40 -26.51 0.65 -19.78
C THR O 40 -25.96 1.70 -20.73
N ILE O 41 -26.18 1.52 -22.04
CA ILE O 41 -25.64 2.48 -23.00
C ILE O 41 -26.36 3.81 -22.90
N TRP O 42 -27.66 3.79 -22.57
CA TRP O 42 -28.36 5.04 -22.31
C TRP O 42 -27.85 5.71 -21.04
N ASP O 43 -27.58 4.93 -20.00
CA ASP O 43 -27.14 5.50 -18.73
C ASP O 43 -25.74 6.11 -18.85
N GLN O 44 -24.84 5.44 -19.57
CA GLN O 44 -23.46 5.92 -19.63
C GLN O 44 -23.37 7.22 -20.43
N LYS O 45 -24.04 7.26 -21.59
CA LYS O 45 -24.07 8.36 -22.55
C LYS O 45 -23.11 9.51 -22.24
N GLU O 46 -23.65 10.63 -21.76
CA GLU O 46 -22.82 11.76 -21.35
C GLU O 46 -23.61 12.79 -20.57
N SER O 47 -23.11 13.21 -19.41
CA SER O 47 -23.75 14.24 -18.61
C SER O 47 -23.15 15.61 -18.93
N THR O 48 -23.76 16.65 -18.33
CA THR O 48 -23.25 18.00 -18.50
C THR O 48 -21.87 18.15 -17.89
N ALA O 49 -21.67 17.60 -16.69
CA ALA O 49 -20.39 17.71 -16.01
C ALA O 49 -19.29 17.03 -16.82
N GLY O 50 -19.59 15.89 -17.43
CA GLY O 50 -18.60 15.20 -18.25
C GLY O 50 -18.12 16.05 -19.40
N ALA O 51 -19.04 16.63 -20.16
CA ALA O 51 -18.67 17.46 -21.30
C ALA O 51 -17.89 18.69 -20.85
N GLU O 52 -18.38 19.37 -19.80
CA GLU O 52 -17.71 20.57 -19.33
C GLU O 52 -16.30 20.25 -18.84
N GLN O 53 -16.14 19.12 -18.15
CA GLN O 53 -14.83 18.74 -17.63
C GLN O 53 -13.88 18.30 -18.74
N LYS O 54 -14.39 17.62 -19.77
CA LYS O 54 -13.51 17.26 -20.89
C LYS O 54 -13.04 18.51 -21.63
N ALA O 55 -13.94 19.48 -21.84
CA ALA O 55 -13.53 20.73 -22.46
C ALA O 55 -12.53 21.49 -21.58
N ASN O 56 -12.75 21.46 -20.26
CA ASN O 56 -11.83 22.13 -19.33
C ASN O 56 -10.46 21.47 -19.38
N THR O 57 -10.41 20.14 -19.44
CA THR O 57 -9.13 19.44 -19.55
C THR O 57 -8.43 19.78 -20.86
N ALA O 58 -9.18 19.87 -21.95
CA ALA O 58 -8.57 20.27 -23.22
C ALA O 58 -7.99 21.69 -23.13
N LEU O 59 -8.72 22.61 -22.50
CA LEU O 59 -8.21 23.96 -22.33
C LEU O 59 -6.95 23.98 -21.49
N ASN O 60 -6.92 23.21 -20.39
CA ASN O 60 -5.73 23.16 -19.55
C ASN O 60 -4.56 22.54 -20.30
N SER O 61 -4.83 21.55 -21.15
CA SER O 61 -3.77 20.97 -21.97
C SER O 61 -3.20 22.01 -22.93
N ALA O 62 -4.06 22.83 -23.52
CA ALA O 62 -3.58 23.90 -24.39
C ALA O 62 -2.72 24.90 -23.62
N LYS O 63 -3.17 25.27 -22.41
CA LYS O 63 -2.39 26.18 -21.57
C LYS O 63 -1.02 25.59 -21.26
N ASP O 64 -0.99 24.30 -20.89
CA ASP O 64 0.27 23.64 -20.59
C ASP O 64 1.17 23.62 -21.81
N TYR O 65 0.60 23.35 -22.99
CA TYR O 65 1.38 23.31 -24.22
C TYR O 65 2.04 24.66 -24.51
N VAL O 66 1.26 25.74 -24.45
CA VAL O 66 1.83 27.05 -24.76
C VAL O 66 2.83 27.46 -23.70
N ASP O 67 2.57 27.15 -22.43
CA ASP O 67 3.52 27.50 -21.38
C ASP O 67 4.82 26.73 -21.51
N THR O 68 4.75 25.45 -21.87
CA THR O 68 5.95 24.64 -22.05
C THR O 68 6.75 25.12 -23.25
N ILE O 69 6.06 25.58 -24.30
CA ILE O 69 6.77 26.21 -25.41
C ILE O 69 7.47 27.48 -24.93
N GLY O 70 6.78 28.28 -24.12
CA GLY O 70 7.34 29.54 -23.68
C GLY O 70 8.55 29.39 -22.79
N GLU O 71 8.51 28.47 -21.84
CA GLU O 71 9.63 28.31 -20.92
C GLU O 71 10.86 27.71 -21.58
N GLY O 72 10.67 26.91 -22.64
CA GLY O 72 11.79 26.40 -23.40
C GLY O 72 12.51 25.25 -22.73
N THR O 73 13.34 24.57 -23.51
CA THR O 73 14.18 23.48 -23.04
C THR O 73 15.64 23.83 -23.31
N VAL O 74 16.48 23.70 -22.29
CA VAL O 74 17.88 24.05 -22.44
C VAL O 74 18.58 23.03 -23.32
N ILE O 75 19.28 23.52 -24.33
CA ILE O 75 20.04 22.65 -25.23
C ILE O 75 21.44 22.40 -24.69
N PHE O 76 22.11 23.43 -24.21
CA PHE O 76 23.42 23.29 -23.61
C PHE O 76 23.60 24.33 -22.51
N LYS O 77 23.94 23.86 -21.32
CA LYS O 77 24.26 24.71 -20.18
C LYS O 77 25.66 24.36 -19.69
N GLY O 78 26.50 25.36 -19.52
CA GLY O 78 27.89 25.16 -19.19
C GLY O 78 28.76 26.30 -19.67
N ALA O 79 29.83 26.00 -20.41
CA ALA O 79 30.65 27.04 -21.02
C ALA O 79 31.62 26.40 -22.01
N ASN O 80 31.81 27.07 -23.14
CA ASN O 80 32.83 26.68 -24.11
C ASN O 80 33.05 27.83 -25.07
N LEU O 81 34.25 27.86 -25.66
CA LEU O 81 34.60 28.94 -26.58
C LEU O 81 33.76 28.89 -27.85
N MET O 82 33.17 27.74 -28.17
CA MET O 82 32.44 27.52 -29.42
C MET O 82 33.30 27.89 -30.62
N GLY O 83 34.40 27.16 -30.75
CA GLY O 83 35.36 27.35 -31.82
C GLY O 83 35.08 26.45 -33.01
N ALA O 84 36.13 26.15 -33.76
CA ALA O 84 36.00 25.28 -34.93
C ALA O 84 35.77 23.84 -34.49
N GLY O 85 34.75 23.21 -35.07
CA GLY O 85 34.49 21.80 -34.83
C GLY O 85 33.31 21.51 -33.93
N GLN O 86 33.16 22.28 -32.85
CA GLN O 86 32.05 22.07 -31.94
C GLN O 86 30.73 22.39 -32.63
N SER O 87 29.70 21.60 -32.32
CA SER O 87 28.40 21.78 -32.93
C SER O 87 27.35 21.17 -32.01
N PHE O 88 26.09 21.53 -32.26
CA PHE O 88 24.95 20.99 -31.54
C PHE O 88 23.84 20.68 -32.53
N LYS O 89 23.14 19.57 -32.30
CA LYS O 89 22.07 19.11 -33.17
C LYS O 89 20.86 18.74 -32.33
N TRP O 90 19.69 18.81 -32.94
CA TRP O 90 18.45 18.46 -32.28
C TRP O 90 17.39 18.14 -33.32
N ASP O 91 16.30 17.52 -32.86
CA ASP O 91 15.16 17.27 -33.72
C ASP O 91 14.50 18.59 -34.10
N ALA O 92 14.13 18.70 -35.38
CA ALA O 92 13.55 19.95 -35.88
C ALA O 92 12.19 20.22 -35.24
N SER O 93 11.47 19.17 -34.86
CA SER O 93 10.14 19.36 -34.28
C SER O 93 10.20 20.02 -32.91
N LYS O 94 11.35 19.99 -32.24
CA LYS O 94 11.47 20.67 -30.95
C LYS O 94 11.47 22.18 -31.12
N LEU O 95 11.80 22.67 -32.32
CA LEU O 95 11.80 24.09 -32.60
C LEU O 95 10.39 24.54 -32.96
N LYS O 96 9.80 25.39 -32.11
CA LYS O 96 8.51 26.00 -32.39
C LYS O 96 8.57 27.51 -32.55
N PHE O 97 9.46 28.19 -31.83
CA PHE O 97 9.62 29.63 -31.95
C PHE O 97 11.00 30.03 -32.44
N GLY O 98 12.05 29.51 -31.82
CA GLY O 98 13.40 29.86 -32.26
C GLY O 98 14.43 29.38 -31.26
N MET O 99 15.62 29.99 -31.35
CA MET O 99 16.74 29.65 -30.51
C MET O 99 17.28 30.90 -29.83
N THR O 100 17.86 30.72 -28.65
CA THR O 100 18.43 31.82 -27.87
C THR O 100 19.83 31.45 -27.41
N LEU O 101 20.76 32.39 -27.53
CA LEU O 101 22.15 32.17 -27.19
C LEU O 101 22.58 33.21 -26.15
N LEU O 102 23.27 32.74 -25.10
CA LEU O 102 23.74 33.60 -24.02
C LEU O 102 25.24 33.43 -23.89
N PHE O 103 25.96 34.56 -23.92
CA PHE O 103 27.41 34.59 -23.86
C PHE O 103 27.84 35.36 -22.61
N SER O 104 29.07 35.12 -22.17
CA SER O 104 29.59 35.76 -20.98
C SER O 104 31.08 35.99 -21.11
N ARG O 105 31.64 36.69 -20.12
CA ARG O 105 33.08 36.92 -20.06
C ARG O 105 33.80 35.63 -19.71
N TYR O 106 35.02 35.47 -20.24
CA TYR O 106 35.81 34.27 -20.07
C TYR O 106 37.25 34.64 -19.81
N ASP O 107 38.03 33.65 -19.37
CA ASP O 107 39.46 33.82 -19.11
C ASP O 107 40.23 32.85 -19.98
N ALA O 108 41.15 33.38 -20.79
CA ALA O 108 41.98 32.53 -21.64
C ALA O 108 43.01 31.76 -20.82
N ALA O 109 43.68 32.45 -19.89
CA ALA O 109 44.73 31.79 -19.11
C ALA O 109 44.16 30.86 -18.07
N ASN O 110 43.11 31.28 -17.36
CA ASN O 110 42.57 30.49 -16.26
C ASN O 110 41.54 29.46 -16.73
N ASN O 111 40.90 29.67 -17.87
CA ASN O 111 39.89 28.75 -18.40
C ASN O 111 38.74 28.54 -17.43
N THR O 112 38.38 29.59 -16.68
CA THR O 112 37.22 29.51 -15.81
C THR O 112 36.16 30.51 -16.28
N PRO O 113 34.90 30.08 -16.33
CA PRO O 113 33.85 30.92 -16.91
C PRO O 113 33.31 31.98 -15.96
N GLN O 114 33.95 33.15 -15.92
CA GLN O 114 33.46 34.26 -15.11
C GLN O 114 31.98 34.52 -15.40
N ASP O 115 31.26 35.03 -14.39
CA ASP O 115 29.82 35.21 -14.47
C ASP O 115 29.49 36.69 -14.32
N TYR O 116 29.57 37.42 -15.43
CA TYR O 116 29.13 38.80 -15.54
C TYR O 116 29.33 39.23 -17.00
N TYR O 117 28.83 40.42 -17.32
CA TYR O 117 28.91 40.98 -18.67
C TYR O 117 28.28 40.05 -19.69
N TYR O 118 27.10 39.52 -19.37
CA TYR O 118 26.39 38.62 -20.26
C TYR O 118 25.90 39.36 -21.51
N HIS O 119 25.50 38.58 -22.51
CA HIS O 119 25.00 39.13 -23.77
C HIS O 119 24.10 38.09 -24.43
N SER O 120 22.91 38.50 -24.83
CA SER O 120 21.91 37.57 -25.34
C SER O 120 21.57 37.88 -26.79
N VAL O 121 21.25 36.83 -27.55
CA VAL O 121 20.79 36.97 -28.93
C VAL O 121 19.69 35.95 -29.17
N PHE O 122 18.74 36.33 -30.03
CA PHE O 122 17.55 35.53 -30.30
C PHE O 122 17.35 35.41 -31.80
N LEU O 123 17.17 34.17 -32.28
CA LEU O 123 16.90 33.89 -33.68
C LEU O 123 15.53 33.24 -33.81
N SER O 124 14.70 33.77 -34.69
CA SER O 124 13.34 33.30 -34.88
C SER O 124 13.30 32.11 -35.84
N LYS O 125 12.15 31.45 -35.87
CA LYS O 125 12.00 30.26 -36.71
C LYS O 125 12.06 30.61 -38.19
N ALA O 126 11.43 31.70 -38.61
CA ALA O 126 11.50 32.11 -40.01
C ALA O 126 12.93 32.48 -40.39
N GLN O 127 13.61 33.23 -39.53
CA GLN O 127 15.02 33.54 -39.76
C GLN O 127 15.85 32.26 -39.78
N LEU O 128 15.47 31.29 -38.95
CA LEU O 128 16.17 30.01 -38.92
C LEU O 128 16.03 29.27 -40.24
N VAL O 129 14.82 29.26 -40.80
CA VAL O 129 14.59 28.60 -42.09
C VAL O 129 15.35 29.32 -43.19
N GLU O 130 15.33 30.65 -43.18
CA GLU O 130 16.07 31.40 -44.18
C GLU O 130 17.57 31.20 -44.04
N LEU O 131 18.06 31.00 -42.82
CA LEU O 131 19.49 30.81 -42.54
C LEU O 131 19.85 29.34 -42.39
N ALA O 132 19.26 28.44 -43.18
CA ALA O 132 19.57 27.03 -43.06
C ALA O 132 21.06 26.79 -43.24
N GLY O 133 21.75 26.44 -42.16
CA GLY O 133 23.17 26.21 -42.20
C GLY O 133 24.00 27.40 -42.62
N LYS O 134 23.52 28.62 -42.39
CA LYS O 134 24.21 29.81 -42.85
C LYS O 134 24.86 30.56 -41.69
N GLY O 135 25.69 31.54 -42.04
CA GLY O 135 26.54 32.20 -41.07
C GLY O 135 25.88 33.42 -40.43
N ILE O 136 26.14 33.59 -39.13
CA ILE O 136 25.67 34.74 -38.36
C ILE O 136 26.82 35.23 -37.51
N LEU O 137 27.05 36.55 -37.54
CA LEU O 137 28.10 37.19 -36.76
C LEU O 137 27.47 37.97 -35.62
N VAL O 138 27.88 37.68 -34.40
CA VAL O 138 27.36 38.33 -33.21
C VAL O 138 28.52 39.05 -32.53
N GLN O 139 28.44 40.38 -32.48
CA GLN O 139 29.33 41.18 -31.68
C GLN O 139 28.92 41.13 -30.22
N MET O 140 29.85 41.46 -29.33
CA MET O 140 29.63 41.39 -27.89
C MET O 140 30.30 42.58 -27.22
N PRO O 141 29.82 42.99 -26.05
CA PRO O 141 30.41 44.15 -25.37
C PRO O 141 31.87 43.91 -25.02
N SER O 142 32.67 44.97 -25.08
CA SER O 142 34.07 44.91 -24.70
C SER O 142 34.57 46.32 -24.44
N THR O 143 35.74 46.42 -23.82
CA THR O 143 36.37 47.72 -23.63
C THR O 143 36.80 48.32 -24.96
N THR O 144 37.02 47.49 -25.97
CA THR O 144 37.38 47.94 -27.31
C THR O 144 36.60 47.11 -28.33
N TYR O 145 36.37 47.72 -29.49
CA TYR O 145 35.57 47.05 -30.53
C TYR O 145 36.33 45.85 -31.07
N GLY O 146 35.63 44.72 -31.17
CA GLY O 146 36.21 43.51 -31.72
C GLY O 146 35.63 42.26 -31.08
N ASP O 147 36.44 41.21 -30.99
CA ASP O 147 36.12 39.94 -30.31
C ASP O 147 34.74 39.40 -30.72
N ARG O 148 34.47 39.50 -32.03
CA ARG O 148 33.23 38.98 -32.59
C ARG O 148 33.14 37.46 -32.44
N LYS O 149 31.95 36.93 -32.66
CA LYS O 149 31.74 35.49 -32.65
C LYS O 149 30.97 35.07 -33.90
N TYR O 150 31.53 34.12 -34.64
CA TYR O 150 30.93 33.61 -35.86
C TYR O 150 30.28 32.27 -35.57
N LEU O 151 29.05 32.08 -36.03
CA LEU O 151 28.36 30.82 -35.84
C LEU O 151 27.69 30.41 -37.15
N TYR O 152 27.54 29.11 -37.34
CA TYR O 152 26.75 28.57 -38.44
C TYR O 152 25.48 28.01 -37.83
N VAL O 153 24.34 28.50 -38.29
CA VAL O 153 23.06 28.26 -37.65
C VAL O 153 22.14 27.57 -38.65
N SER O 154 21.16 26.83 -38.11
CA SER O 154 20.21 26.09 -38.93
C SER O 154 19.03 25.70 -38.05
N THR O 155 17.93 25.33 -38.71
CA THR O 155 16.74 24.90 -37.99
C THR O 155 16.97 23.61 -37.22
N THR O 156 17.97 22.83 -37.62
CA THR O 156 18.28 21.57 -36.94
C THR O 156 19.37 21.72 -35.90
N GLY O 157 20.26 22.69 -36.03
CA GLY O 157 21.32 22.85 -35.07
C GLY O 157 22.25 23.97 -35.44
N LEU O 158 23.37 24.04 -34.72
CA LEU O 158 24.36 25.08 -34.91
C LEU O 158 25.76 24.47 -34.93
N SER O 159 26.72 25.25 -35.44
CA SER O 159 28.12 24.82 -35.49
C SER O 159 29.00 26.00 -35.09
N GLY O 160 30.31 25.85 -35.31
CA GLY O 160 31.26 26.88 -34.94
C GLY O 160 32.15 27.33 -36.09
N HIS O 161 33.22 28.05 -35.77
CA HIS O 161 34.13 28.58 -36.78
C HIS O 161 35.50 28.78 -36.14
N PHE O 162 36.54 28.83 -36.97
CA PHE O 162 37.89 28.95 -36.47
C PHE O 162 38.30 30.41 -36.29
N ASP O 163 37.44 31.20 -35.65
CA ASP O 163 37.75 32.59 -35.32
C ASP O 163 37.42 32.85 -33.86
N ASN O 164 36.48 32.07 -33.32
CA ASN O 164 36.13 32.22 -31.90
C ASN O 164 37.28 31.81 -30.99
N SER O 165 38.19 30.97 -31.48
CA SER O 165 39.35 30.61 -30.68
C SER O 165 40.30 31.78 -30.51
N ASN O 166 40.35 32.68 -31.50
CA ASN O 166 41.19 33.88 -31.38
C ASN O 166 40.71 34.76 -30.22
N TYR O 167 39.40 34.93 -30.10
CA TYR O 167 38.81 35.77 -29.05
C TYR O 167 38.40 34.89 -27.86
N ALA O 168 39.42 34.38 -27.17
CA ALA O 168 39.20 33.48 -26.05
C ALA O 168 38.66 34.18 -24.81
N ALA O 169 38.60 35.51 -24.80
CA ALA O 169 38.13 36.23 -23.63
C ALA O 169 36.62 36.09 -23.42
N TRP O 170 35.89 35.56 -24.38
CA TRP O 170 34.45 35.40 -24.26
C TRP O 170 34.04 34.02 -24.74
N ALA O 171 32.99 33.48 -24.15
CA ALA O 171 32.54 32.13 -24.44
C ALA O 171 31.03 32.07 -24.46
N LEU O 172 30.50 31.11 -25.21
CA LEU O 172 29.07 30.89 -25.28
C LEU O 172 28.61 30.24 -23.99
N ARG O 173 27.98 31.04 -23.11
CA ARG O 173 27.60 30.54 -21.79
C ARG O 173 26.57 29.43 -21.90
N GLN O 174 25.58 29.57 -22.77
CA GLN O 174 24.53 28.56 -22.90
C GLN O 174 23.74 28.81 -24.17
N VAL O 175 23.01 27.78 -24.59
CA VAL O 175 22.09 27.88 -25.73
C VAL O 175 20.81 27.14 -25.38
N THR O 176 19.68 27.80 -25.57
CA THR O 176 18.36 27.23 -25.30
C THR O 176 17.50 27.29 -26.55
N ILE O 177 16.44 26.49 -26.54
CA ILE O 177 15.50 26.39 -27.66
C ILE O 177 14.10 26.65 -27.14
N MET O 178 13.25 27.16 -28.02
CA MET O 178 11.85 27.42 -27.68
C MET O 178 11.02 27.65 -28.93
#